data_2LNU
#
_entry.id   2LNU
#
_entity_poly.entity_id   1
_entity_poly.type   'polypeptide(L)'
_entity_poly.pdbx_seq_one_letter_code
;MDEDTEDWETQLQANRDEKDRFFSEHRQSPIPPEERDDFDGLSYFDPDPDYRVEATVTVHETPESVDLETSDDRTVRYLH
VATLSFDLDGESRDLHAFRQAADESRTLFVPFRDKTTGQQSYDGGRYMELEPDRDLSDGDEITLDFNLAYSPFCAYSDTF
SCPLPPESNWLETAVTAGERTDLEHHHHHH
;
_entity_poly.pdbx_strand_id   A
#
# COMPACT_ATOMS: atom_id res chain seq x y z
N MET A 1 -16.88 -4.28 16.64
CA MET A 1 -16.23 -3.51 15.55
C MET A 1 -15.99 -2.06 15.99
N ASP A 2 -17.04 -1.37 16.47
CA ASP A 2 -17.02 0.07 16.79
C ASP A 2 -15.90 0.47 17.79
N GLU A 3 -15.43 -0.52 18.57
CA GLU A 3 -14.46 -0.33 19.66
C GLU A 3 -13.07 -0.06 19.06
N ASP A 4 -12.67 -0.96 18.15
CA ASP A 4 -11.35 -0.89 17.46
C ASP A 4 -11.39 0.10 16.30
N THR A 5 -12.60 0.31 15.72
CA THR A 5 -12.77 1.12 14.50
C THR A 5 -12.77 2.62 14.80
N GLU A 6 -13.28 3.03 15.98
CA GLU A 6 -13.14 4.44 16.45
C GLU A 6 -11.65 4.81 16.65
N ASP A 7 -10.85 3.80 17.09
CA ASP A 7 -9.40 3.93 17.25
C ASP A 7 -8.69 3.89 15.88
N TRP A 8 -9.22 3.07 14.98
CA TRP A 8 -8.81 3.04 13.57
C TRP A 8 -9.02 4.43 12.92
N GLU A 9 -10.06 5.16 13.36
CA GLU A 9 -10.32 6.55 12.91
C GLU A 9 -9.37 7.54 13.60
N THR A 10 -8.94 7.21 14.84
CA THR A 10 -7.97 8.03 15.60
C THR A 10 -6.62 8.06 14.87
N GLN A 11 -6.09 6.86 14.55
CA GLN A 11 -4.86 6.72 13.77
C GLN A 11 -5.05 7.27 12.34
N LEU A 12 -6.29 7.22 11.80
CA LEU A 12 -6.58 7.53 10.37
C LEU A 12 -6.61 9.03 10.08
N GLN A 13 -7.24 9.84 10.95
CA GLN A 13 -7.23 11.31 10.81
C GLN A 13 -5.79 11.86 10.82
N ALA A 14 -4.91 11.19 11.58
CA ALA A 14 -3.46 11.47 11.58
C ALA A 14 -2.78 10.86 10.33
N ASN A 15 -3.23 9.65 9.95
CA ASN A 15 -2.66 8.82 8.87
C ASN A 15 -2.72 9.58 7.53
N ARG A 16 -3.96 9.83 7.06
CA ARG A 16 -4.23 10.52 5.78
C ARG A 16 -3.49 11.88 5.71
N ASP A 17 -3.38 12.54 6.88
CA ASP A 17 -2.81 13.88 7.03
C ASP A 17 -1.26 13.86 6.89
N GLU A 18 -0.61 12.89 7.55
CA GLU A 18 0.86 12.76 7.54
C GLU A 18 1.35 12.17 6.20
N LYS A 19 0.55 11.24 5.61
CA LYS A 19 0.85 10.64 4.28
C LYS A 19 0.71 11.69 3.17
N ASP A 20 -0.30 12.57 3.32
CA ASP A 20 -0.54 13.69 2.38
C ASP A 20 0.68 14.63 2.32
N ARG A 21 1.19 15.02 3.50
CA ARG A 21 2.32 15.95 3.60
C ARG A 21 3.67 15.22 3.43
N PHE A 22 3.65 13.88 3.43
CA PHE A 22 4.82 13.08 2.99
C PHE A 22 5.07 13.28 1.49
N PHE A 23 3.96 13.40 0.73
CA PHE A 23 3.99 13.60 -0.73
C PHE A 23 4.06 15.09 -1.13
N SER A 24 3.93 16.01 -0.15
CA SER A 24 3.85 17.47 -0.43
C SER A 24 5.02 18.26 0.20
N GLU A 25 5.40 17.91 1.44
CA GLU A 25 6.34 18.69 2.28
C GLU A 25 7.65 17.92 2.51
N HIS A 26 7.51 16.62 2.88
CA HIS A 26 8.65 15.73 3.14
C HIS A 26 9.42 15.49 1.83
N ARG A 27 8.69 14.94 0.86
CA ARG A 27 9.15 14.83 -0.52
C ARG A 27 8.28 15.73 -1.39
N GLN A 28 8.92 16.40 -2.35
CA GLN A 28 8.24 17.21 -3.37
C GLN A 28 7.32 16.32 -4.22
N SER A 29 6.20 16.92 -4.71
CA SER A 29 5.08 16.18 -5.32
C SER A 29 5.53 15.23 -6.45
N PRO A 30 5.26 13.87 -6.32
CA PRO A 30 5.57 12.86 -7.37
C PRO A 30 4.49 12.83 -8.46
N ILE A 31 3.34 13.44 -8.15
CA ILE A 31 2.25 13.66 -9.09
C ILE A 31 2.75 14.62 -10.21
N PRO A 32 2.77 14.17 -11.52
CA PRO A 32 3.33 14.97 -12.66
C PRO A 32 2.85 16.43 -12.69
N PRO A 33 3.67 17.39 -13.24
CA PRO A 33 3.23 18.79 -13.47
C PRO A 33 1.94 18.85 -14.32
N GLU A 34 1.84 17.88 -15.25
CA GLU A 34 0.69 17.70 -16.15
C GLU A 34 -0.54 17.23 -15.36
N GLU A 35 -0.36 16.17 -14.55
CA GLU A 35 -1.43 15.55 -13.75
C GLU A 35 -1.97 16.53 -12.68
N ARG A 36 -1.05 17.11 -11.87
CA ARG A 36 -1.41 17.99 -10.75
C ARG A 36 -1.79 19.41 -11.22
N ASP A 37 -1.72 19.65 -12.56
CA ASP A 37 -2.23 20.89 -13.16
C ASP A 37 -3.73 21.05 -12.87
N ASP A 38 -4.51 19.99 -13.12
CA ASP A 38 -5.96 19.96 -12.82
C ASP A 38 -6.23 19.37 -11.41
N PHE A 39 -5.47 18.32 -11.05
CA PHE A 39 -5.65 17.55 -9.78
C PHE A 39 -4.71 18.09 -8.70
N ASP A 40 -5.02 17.84 -7.42
CA ASP A 40 -4.11 18.20 -6.32
C ASP A 40 -4.32 17.27 -5.13
N GLY A 41 -3.41 16.31 -4.96
CA GLY A 41 -3.42 15.41 -3.81
C GLY A 41 -2.76 14.08 -4.09
N LEU A 42 -2.39 13.38 -3.00
CA LEU A 42 -2.05 11.95 -3.02
C LEU A 42 -3.35 11.22 -3.41
N SER A 43 -3.39 10.56 -4.58
CA SER A 43 -4.59 9.81 -5.02
C SER A 43 -4.93 8.75 -3.95
N TYR A 44 -6.11 8.94 -3.35
CA TYR A 44 -6.51 8.30 -2.10
C TYR A 44 -7.90 7.69 -2.27
N PHE A 45 -8.08 6.49 -1.74
CA PHE A 45 -9.40 5.86 -1.64
C PHE A 45 -10.01 6.30 -0.31
N ASP A 46 -11.33 6.50 -0.27
CA ASP A 46 -12.02 6.98 0.94
C ASP A 46 -12.20 5.78 1.91
N PRO A 47 -12.08 6.01 3.26
CA PRO A 47 -12.11 4.92 4.28
C PRO A 47 -13.34 4.00 4.15
N ASP A 48 -13.09 2.77 3.69
CA ASP A 48 -14.12 1.76 3.47
C ASP A 48 -13.80 0.50 4.33
N PRO A 49 -14.65 0.18 5.35
CA PRO A 49 -14.39 -0.95 6.29
C PRO A 49 -14.44 -2.35 5.62
N ASP A 50 -15.12 -2.45 4.45
CA ASP A 50 -15.20 -3.74 3.69
C ASP A 50 -13.86 -4.08 3.01
N TYR A 51 -13.05 -3.04 2.73
CA TYR A 51 -11.67 -3.21 2.21
C TYR A 51 -10.65 -3.01 3.32
N ARG A 52 -11.15 -3.00 4.56
CA ARG A 52 -10.33 -3.14 5.77
C ARG A 52 -10.48 -4.61 6.22
N VAL A 53 -9.46 -5.45 5.95
CA VAL A 53 -9.52 -6.90 6.20
C VAL A 53 -8.50 -7.28 7.31
N GLU A 54 -8.58 -8.53 7.80
CA GLU A 54 -7.69 -9.03 8.87
C GLU A 54 -6.89 -10.24 8.36
N ALA A 55 -5.57 -10.20 8.58
CA ALA A 55 -4.62 -11.19 8.03
C ALA A 55 -3.74 -11.78 9.13
N THR A 56 -3.37 -13.06 8.95
CA THR A 56 -2.46 -13.76 9.85
C THR A 56 -1.03 -13.65 9.28
N VAL A 57 -0.12 -13.11 10.10
CA VAL A 57 1.27 -12.86 9.73
C VAL A 57 2.08 -14.17 9.78
N THR A 58 2.77 -14.46 8.67
CA THR A 58 3.62 -15.63 8.52
C THR A 58 5.05 -15.14 8.24
N VAL A 59 5.87 -15.06 9.29
CA VAL A 59 7.19 -14.40 9.23
C VAL A 59 8.27 -15.41 8.82
N HIS A 60 9.02 -15.05 7.79
CA HIS A 60 10.11 -15.85 7.23
C HIS A 60 11.42 -15.43 7.90
N GLU A 61 12.13 -16.43 8.45
CA GLU A 61 13.34 -16.22 9.27
C GLU A 61 14.59 -15.92 8.41
N THR A 62 14.51 -16.31 7.12
CA THR A 62 15.57 -16.05 6.14
C THR A 62 14.95 -15.25 4.96
N PRO A 63 15.11 -13.88 4.96
CA PRO A 63 14.42 -13.01 3.98
C PRO A 63 15.18 -12.85 2.63
N GLU A 64 14.44 -12.99 1.51
CA GLU A 64 14.98 -12.79 0.14
C GLU A 64 14.97 -11.29 -0.24
N SER A 65 15.77 -10.94 -1.26
CA SER A 65 15.92 -9.55 -1.73
C SER A 65 14.90 -9.23 -2.86
N VAL A 66 13.97 -8.29 -2.58
CA VAL A 66 12.90 -7.88 -3.53
C VAL A 66 12.98 -6.36 -3.77
N ASP A 67 13.29 -5.95 -5.01
CA ASP A 67 13.47 -4.51 -5.36
C ASP A 67 12.11 -3.83 -5.49
N LEU A 68 11.85 -2.84 -4.60
CA LEU A 68 10.62 -2.02 -4.62
C LEU A 68 11.01 -0.53 -4.62
N GLU A 69 10.02 0.36 -4.77
CA GLU A 69 10.26 1.80 -4.93
C GLU A 69 10.44 2.51 -3.57
N THR A 70 11.19 3.62 -3.59
CA THR A 70 11.27 4.57 -2.47
C THR A 70 10.89 5.97 -2.95
N SER A 71 10.83 6.93 -2.02
CA SER A 71 10.31 8.30 -2.25
C SER A 71 11.44 9.26 -2.71
N ASP A 72 12.56 8.69 -3.14
CA ASP A 72 13.83 9.42 -3.32
C ASP A 72 14.34 9.24 -4.77
N ASP A 73 13.39 9.29 -5.74
CA ASP A 73 13.64 9.11 -7.22
C ASP A 73 14.46 7.84 -7.53
N ARG A 74 14.37 6.85 -6.62
CA ARG A 74 15.30 5.72 -6.56
C ARG A 74 14.51 4.41 -6.42
N THR A 75 15.25 3.30 -6.47
CA THR A 75 14.72 1.94 -6.30
C THR A 75 15.67 1.26 -5.30
N VAL A 76 15.09 0.57 -4.32
CA VAL A 76 15.84 0.04 -3.17
C VAL A 76 15.42 -1.40 -2.89
N ARG A 77 16.39 -2.20 -2.46
CA ARG A 77 16.20 -3.60 -2.10
C ARG A 77 15.46 -3.70 -0.76
N TYR A 78 14.38 -4.45 -0.76
CA TYR A 78 13.62 -4.85 0.43
C TYR A 78 13.94 -6.30 0.79
N LEU A 79 13.55 -6.70 1.99
CA LEU A 79 13.70 -8.08 2.48
C LEU A 79 12.32 -8.67 2.79
N HIS A 80 12.06 -9.89 2.29
CA HIS A 80 10.78 -10.58 2.49
C HIS A 80 10.75 -11.21 3.88
N VAL A 81 10.12 -10.49 4.80
CA VAL A 81 10.08 -10.86 6.23
C VAL A 81 8.75 -11.51 6.61
N ALA A 82 7.68 -11.25 5.84
CA ALA A 82 6.34 -11.75 6.19
C ALA A 82 5.48 -11.98 4.95
N THR A 83 4.43 -12.80 5.14
CA THR A 83 3.33 -12.96 4.17
C THR A 83 2.02 -12.92 4.98
N LEU A 84 1.08 -12.11 4.50
CA LEU A 84 -0.14 -11.76 5.24
C LEU A 84 -1.33 -12.44 4.53
N SER A 85 -1.80 -13.55 5.10
CA SER A 85 -2.89 -14.34 4.52
C SER A 85 -4.23 -13.95 5.17
N PHE A 86 -5.20 -13.57 4.34
CA PHE A 86 -6.51 -13.06 4.75
C PHE A 86 -7.59 -13.60 3.82
N ASP A 87 -8.86 -13.37 4.17
CA ASP A 87 -9.99 -13.62 3.27
C ASP A 87 -10.33 -12.32 2.54
N LEU A 88 -10.62 -12.44 1.24
CA LEU A 88 -11.06 -11.35 0.37
C LEU A 88 -11.63 -11.96 -0.91
N ASP A 89 -12.89 -11.62 -1.21
CA ASP A 89 -13.61 -12.05 -2.43
C ASP A 89 -13.83 -13.60 -2.41
N GLY A 90 -14.30 -14.07 -1.24
CA GLY A 90 -14.78 -15.44 -1.09
C GLY A 90 -13.69 -16.50 -0.92
N GLU A 91 -12.41 -16.07 -0.89
CA GLU A 91 -11.26 -16.99 -0.78
C GLU A 91 -10.07 -16.34 -0.07
N SER A 92 -9.09 -17.16 0.30
CA SER A 92 -7.89 -16.71 0.99
C SER A 92 -6.88 -16.12 -0.01
N ARG A 93 -6.68 -14.80 0.07
CA ARG A 93 -5.66 -14.06 -0.69
C ARG A 93 -4.43 -13.85 0.20
N ASP A 94 -3.23 -13.71 -0.38
CA ASP A 94 -2.01 -13.41 0.40
C ASP A 94 -1.23 -12.24 -0.23
N LEU A 95 -0.71 -11.35 0.64
CA LEU A 95 0.16 -10.23 0.25
C LEU A 95 1.43 -10.28 1.08
N HIS A 96 2.58 -10.18 0.43
CA HIS A 96 3.88 -10.33 1.10
C HIS A 96 4.32 -8.96 1.64
N ALA A 97 4.74 -8.94 2.91
CA ALA A 97 5.15 -7.72 3.62
C ALA A 97 6.68 -7.67 3.66
N PHE A 98 7.23 -6.56 3.16
CA PHE A 98 8.67 -6.36 3.06
C PHE A 98 9.07 -5.09 3.84
N ARG A 99 10.38 -4.96 4.06
CA ARG A 99 10.98 -3.76 4.68
C ARG A 99 12.45 -3.70 4.21
N GLN A 100 12.94 -2.47 3.90
CA GLN A 100 14.19 -2.24 3.14
C GLN A 100 15.37 -3.13 3.59
N ALA A 101 15.99 -2.80 4.73
CA ALA A 101 17.05 -3.65 5.30
C ALA A 101 16.63 -4.20 6.69
N ALA A 102 16.70 -3.33 7.71
CA ALA A 102 16.45 -3.70 9.10
C ALA A 102 15.50 -2.70 9.77
N ASP A 103 14.46 -2.28 9.02
CA ASP A 103 13.44 -1.30 9.50
C ASP A 103 12.88 -1.70 10.89
N GLU A 104 12.67 -0.70 11.74
CA GLU A 104 11.95 -0.84 13.01
C GLU A 104 10.97 0.34 13.21
N SER A 105 10.77 1.13 12.14
CA SER A 105 9.81 2.26 12.09
C SER A 105 8.40 1.75 11.70
N ARG A 106 8.20 0.41 11.81
CA ARG A 106 6.92 -0.28 11.57
C ARG A 106 6.54 -0.29 10.07
N THR A 107 7.45 0.19 9.20
CA THR A 107 7.12 0.51 7.82
C THR A 107 7.15 -0.77 6.95
N LEU A 108 5.98 -1.43 6.88
CA LEU A 108 5.76 -2.61 6.05
C LEU A 108 5.15 -2.16 4.73
N PHE A 109 5.80 -2.53 3.63
CA PHE A 109 5.37 -2.17 2.28
C PHE A 109 4.83 -3.42 1.57
N VAL A 110 3.54 -3.40 1.23
CA VAL A 110 2.86 -4.51 0.53
C VAL A 110 2.34 -4.01 -0.84
N PRO A 111 2.80 -4.63 -1.97
CA PRO A 111 2.16 -4.43 -3.27
C PRO A 111 0.97 -5.40 -3.46
N PHE A 112 -0.06 -4.95 -4.17
CA PHE A 112 -1.15 -5.83 -4.59
C PHE A 112 -1.67 -5.37 -5.96
N ARG A 113 -1.59 -6.25 -6.97
CA ARG A 113 -2.02 -5.93 -8.33
C ARG A 113 -3.37 -6.60 -8.58
N ASP A 114 -4.41 -5.79 -8.80
CA ASP A 114 -5.80 -6.25 -8.77
C ASP A 114 -6.44 -6.02 -10.16
N LYS A 115 -7.79 -5.99 -10.24
CA LYS A 115 -8.50 -5.80 -11.53
C LYS A 115 -8.62 -4.31 -11.92
N THR A 116 -8.47 -3.36 -10.96
CA THR A 116 -8.60 -1.91 -11.27
C THR A 116 -7.28 -1.35 -11.80
N THR A 117 -6.16 -2.08 -11.60
CA THR A 117 -4.84 -1.74 -12.14
C THR A 117 -4.88 -1.54 -13.68
N GLY A 118 -4.77 -0.28 -14.13
CA GLY A 118 -4.76 0.06 -15.56
C GLY A 118 -6.16 0.09 -16.18
N GLN A 119 -7.19 0.10 -15.31
CA GLN A 119 -8.61 0.04 -15.71
C GLN A 119 -9.38 1.18 -15.04
N GLN A 120 -9.62 1.03 -13.71
CA GLN A 120 -10.32 2.04 -12.89
C GLN A 120 -9.28 2.91 -12.15
N SER A 121 -8.03 2.46 -12.22
CA SER A 121 -6.86 3.08 -11.56
C SER A 121 -5.68 3.01 -12.54
N TYR A 122 -4.55 3.64 -12.18
CA TYR A 122 -3.34 3.65 -13.03
C TYR A 122 -2.64 2.26 -12.94
N ASP A 123 -1.93 1.87 -14.03
CA ASP A 123 -1.27 0.56 -14.13
C ASP A 123 0.04 0.53 -13.32
N GLY A 124 0.55 -0.68 -13.03
CA GLY A 124 1.69 -0.89 -12.14
C GLY A 124 1.29 -1.67 -10.91
N GLY A 125 0.03 -1.49 -10.50
CA GLY A 125 -0.54 -2.13 -9.32
C GLY A 125 -1.16 -1.11 -8.39
N ARG A 126 -1.61 -1.60 -7.24
CA ARG A 126 -2.03 -0.78 -6.11
C ARG A 126 -1.04 -1.03 -4.99
N TYR A 127 -0.54 0.03 -4.36
CA TYR A 127 0.55 -0.07 -3.37
C TYR A 127 0.06 0.45 -2.03
N MET A 128 0.36 -0.31 -0.97
CA MET A 128 -0.22 -0.11 0.35
C MET A 128 0.89 -0.21 1.41
N GLU A 129 0.80 0.61 2.46
CA GLU A 129 1.82 0.68 3.51
C GLU A 129 1.15 0.63 4.89
N LEU A 130 1.59 -0.34 5.73
CA LEU A 130 1.10 -0.52 7.10
C LEU A 130 2.17 -0.08 8.08
N GLU A 131 1.74 0.52 9.20
CA GLU A 131 2.60 0.80 10.35
C GLU A 131 1.88 0.30 11.62
N PRO A 132 2.04 -1.04 11.95
CA PRO A 132 1.35 -1.71 13.08
C PRO A 132 1.71 -1.14 14.47
N ASP A 133 0.96 -1.61 15.48
CA ASP A 133 1.12 -1.24 16.90
C ASP A 133 2.51 -1.68 17.45
N ARG A 134 3.06 -2.73 16.84
CA ARG A 134 4.28 -3.42 17.32
C ARG A 134 4.97 -4.12 16.14
N ASP A 135 6.07 -4.85 16.41
CA ASP A 135 6.73 -5.66 15.37
C ASP A 135 6.05 -7.02 15.28
N LEU A 136 5.87 -7.50 14.05
CA LEU A 136 5.09 -8.71 13.77
C LEU A 136 6.01 -9.95 13.78
N SER A 137 5.53 -11.02 14.39
CA SER A 137 6.17 -12.35 14.40
C SER A 137 5.14 -13.37 13.90
N ASP A 138 5.62 -14.57 13.55
CA ASP A 138 4.75 -15.65 13.04
C ASP A 138 3.67 -16.01 14.09
N GLY A 139 2.40 -15.71 13.75
CA GLY A 139 1.26 -15.98 14.63
C GLY A 139 0.45 -14.72 14.95
N ASP A 140 1.09 -13.53 14.83
CA ASP A 140 0.41 -12.22 15.00
C ASP A 140 -0.64 -11.99 13.90
N GLU A 141 -1.53 -11.01 14.13
CA GLU A 141 -2.50 -10.56 13.11
C GLU A 141 -2.25 -9.09 12.77
N ILE A 142 -2.73 -8.67 11.58
CA ILE A 142 -2.49 -7.33 11.02
C ILE A 142 -3.69 -6.94 10.12
N THR A 143 -4.05 -5.65 10.17
CA THR A 143 -5.19 -5.10 9.43
C THR A 143 -4.72 -4.50 8.08
N LEU A 144 -5.23 -5.05 6.95
CA LEU A 144 -4.84 -4.65 5.58
C LEU A 144 -5.92 -3.69 5.02
N ASP A 145 -5.65 -2.39 5.09
CA ASP A 145 -6.53 -1.34 4.56
C ASP A 145 -6.23 -1.04 3.09
N PHE A 146 -6.93 -1.72 2.18
CA PHE A 146 -6.81 -1.47 0.71
C PHE A 146 -7.54 -0.18 0.34
N ASN A 147 -8.43 0.24 1.25
CA ASN A 147 -9.19 1.50 1.14
C ASN A 147 -8.30 2.71 1.49
N LEU A 148 -7.05 2.45 1.92
CA LEU A 148 -6.05 3.50 2.16
C LEU A 148 -4.85 3.30 1.22
N ALA A 149 -5.05 2.57 0.10
CA ALA A 149 -3.97 2.29 -0.86
C ALA A 149 -3.56 3.56 -1.62
N TYR A 150 -2.26 3.85 -1.57
CA TYR A 150 -1.69 5.14 -1.97
C TYR A 150 -1.30 5.15 -3.45
N SER A 151 -1.27 6.35 -4.04
CA SER A 151 -0.66 6.59 -5.35
C SER A 151 0.86 6.27 -5.32
N PRO A 152 1.35 5.27 -6.11
CA PRO A 152 2.79 4.93 -6.15
C PRO A 152 3.58 5.90 -7.05
N PHE A 153 4.77 6.26 -6.57
CA PHE A 153 5.70 7.18 -7.24
C PHE A 153 6.02 6.74 -8.69
N CYS A 154 6.07 5.41 -8.93
CA CYS A 154 6.40 4.83 -10.24
C CYS A 154 5.30 5.09 -11.28
N ALA A 155 4.04 4.80 -10.91
CA ALA A 155 2.87 4.93 -11.81
C ALA A 155 2.61 6.40 -12.21
N TYR A 156 3.13 7.34 -11.42
CA TYR A 156 2.98 8.78 -11.69
C TYR A 156 4.25 9.38 -12.33
N SER A 157 5.43 8.90 -11.93
CA SER A 157 6.70 9.39 -12.48
C SER A 157 7.50 8.23 -13.07
N ASP A 158 7.69 8.27 -14.40
CA ASP A 158 8.40 7.22 -15.18
C ASP A 158 9.90 7.16 -14.85
N THR A 159 10.41 8.20 -14.16
CA THR A 159 11.81 8.28 -13.69
C THR A 159 12.05 7.38 -12.45
N PHE A 160 11.00 6.71 -11.94
CA PHE A 160 11.12 5.70 -10.87
C PHE A 160 11.00 4.33 -11.54
N SER A 161 12.02 3.47 -11.39
CA SER A 161 11.95 2.06 -11.85
C SER A 161 10.93 1.34 -10.97
N CYS A 162 9.87 0.79 -11.61
CA CYS A 162 8.70 0.27 -10.91
C CYS A 162 9.06 -1.00 -10.12
N PRO A 163 8.48 -1.20 -8.89
CA PRO A 163 8.73 -2.39 -8.05
C PRO A 163 8.52 -3.71 -8.79
N LEU A 164 9.13 -4.78 -8.28
CA LEU A 164 9.02 -6.13 -8.84
C LEU A 164 8.21 -7.00 -7.86
N PRO A 165 6.85 -7.03 -7.99
CA PRO A 165 5.99 -7.79 -7.07
C PRO A 165 5.93 -9.28 -7.46
N PRO A 166 6.08 -10.23 -6.48
CA PRO A 166 5.90 -11.68 -6.72
C PRO A 166 4.51 -12.01 -7.32
N GLU A 167 4.45 -13.10 -8.07
CA GLU A 167 3.21 -13.60 -8.71
C GLU A 167 2.10 -13.87 -7.67
N SER A 168 2.52 -14.11 -6.42
CA SER A 168 1.65 -14.52 -5.31
C SER A 168 0.81 -13.35 -4.73
N ASN A 169 1.22 -12.07 -4.97
CA ASN A 169 0.48 -10.90 -4.42
C ASN A 169 -0.46 -10.27 -5.47
N TRP A 170 -0.59 -10.96 -6.62
CA TRP A 170 -1.47 -10.51 -7.71
C TRP A 170 -2.89 -11.02 -7.40
N LEU A 171 -3.81 -10.10 -7.04
CA LEU A 171 -5.16 -10.43 -6.59
C LEU A 171 -6.11 -10.47 -7.80
N GLU A 172 -6.86 -11.57 -7.96
CA GLU A 172 -7.82 -11.74 -9.06
C GLU A 172 -9.21 -11.26 -8.60
N THR A 173 -9.25 -9.99 -8.18
CA THR A 173 -10.47 -9.31 -7.72
C THR A 173 -10.27 -7.78 -7.84
N ALA A 174 -11.38 -7.04 -7.96
CA ALA A 174 -11.33 -5.57 -8.05
C ALA A 174 -11.42 -4.95 -6.66
N VAL A 175 -10.53 -4.00 -6.38
CA VAL A 175 -10.52 -3.21 -5.16
C VAL A 175 -11.05 -1.82 -5.50
N THR A 176 -12.38 -1.66 -5.39
CA THR A 176 -13.08 -0.41 -5.64
C THR A 176 -13.58 0.15 -4.31
N ALA A 177 -12.93 1.23 -3.85
CA ALA A 177 -13.25 1.90 -2.57
C ALA A 177 -13.05 3.40 -2.75
N GLY A 178 -13.97 4.20 -2.18
CA GLY A 178 -13.95 5.66 -2.37
C GLY A 178 -13.90 6.11 -3.82
N GLU A 179 -13.22 7.25 -4.07
CA GLU A 179 -12.96 7.76 -5.43
C GLU A 179 -11.92 6.90 -6.17
N ARG A 180 -12.02 6.88 -7.49
CA ARG A 180 -11.06 6.19 -8.38
C ARG A 180 -9.98 7.20 -8.85
N THR A 181 -9.27 6.85 -9.94
CA THR A 181 -8.30 7.75 -10.59
C THR A 181 -8.29 7.44 -12.10
N ASP A 182 -8.70 8.43 -12.89
CA ASP A 182 -8.89 8.28 -14.34
C ASP A 182 -7.56 8.52 -15.07
N LEU A 183 -6.82 7.42 -15.28
CA LEU A 183 -5.58 7.42 -16.08
C LEU A 183 -5.86 7.88 -17.53
N GLU A 184 -7.06 7.55 -18.04
CA GLU A 184 -7.54 7.95 -19.36
C GLU A 184 -8.38 9.24 -19.22
N HIS A 185 -7.69 10.36 -18.96
CA HIS A 185 -8.31 11.67 -18.69
C HIS A 185 -9.14 12.15 -19.91
N MET A 1 -17.80 -2.24 18.55
CA MET A 1 -17.57 -1.85 17.13
C MET A 1 -16.96 -0.44 17.06
N ASP A 2 -17.59 0.52 17.78
CA ASP A 2 -17.21 1.94 17.73
C ASP A 2 -15.79 2.15 18.24
N GLU A 3 -15.48 1.54 19.39
CA GLU A 3 -14.14 1.55 20.07
C GLU A 3 -13.00 1.39 19.03
N ASP A 4 -13.21 0.42 18.12
CA ASP A 4 -12.29 0.10 17.02
C ASP A 4 -12.36 1.16 15.90
N THR A 5 -13.57 1.37 15.34
CA THR A 5 -13.77 2.10 14.06
C THR A 5 -13.61 3.63 14.20
N GLU A 6 -14.13 4.20 15.30
CA GLU A 6 -13.94 5.64 15.63
C GLU A 6 -12.43 5.98 15.73
N ASP A 7 -11.64 4.99 16.19
CA ASP A 7 -10.19 5.12 16.36
C ASP A 7 -9.49 4.89 15.02
N TRP A 8 -10.05 3.96 14.22
CA TRP A 8 -9.58 3.67 12.84
C TRP A 8 -9.69 4.92 11.95
N GLU A 9 -10.72 5.77 12.18
CA GLU A 9 -10.91 7.02 11.44
C GLU A 9 -10.14 8.19 12.10
N THR A 10 -9.82 8.06 13.42
CA THR A 10 -8.97 9.03 14.14
C THR A 10 -7.53 8.99 13.60
N GLN A 11 -6.92 7.78 13.60
CA GLN A 11 -5.57 7.57 13.05
C GLN A 11 -5.55 7.81 11.54
N LEU A 12 -6.71 7.63 10.87
CA LEU A 12 -6.84 7.77 9.42
C LEU A 12 -6.54 9.19 8.93
N GLN A 13 -6.93 10.21 9.72
CA GLN A 13 -6.59 11.60 9.36
C GLN A 13 -5.06 11.75 9.36
N ALA A 14 -4.38 11.08 10.33
CA ALA A 14 -2.91 11.05 10.40
C ALA A 14 -2.32 10.29 9.20
N ASN A 15 -2.99 9.18 8.77
CA ASN A 15 -2.59 8.39 7.58
C ASN A 15 -2.50 9.27 6.32
N ARG A 16 -3.55 10.08 6.08
CA ARG A 16 -3.63 10.95 4.88
C ARG A 16 -2.78 12.23 5.07
N ASP A 17 -2.64 12.70 6.34
CA ASP A 17 -1.85 13.91 6.68
C ASP A 17 -0.36 13.70 6.42
N GLU A 18 0.18 12.58 6.97
CA GLU A 18 1.60 12.23 6.81
C GLU A 18 1.96 12.04 5.32
N LYS A 19 1.02 11.45 4.54
CA LYS A 19 1.21 11.23 3.10
C LYS A 19 1.13 12.54 2.31
N ASP A 20 0.25 13.46 2.75
CA ASP A 20 0.09 14.79 2.14
C ASP A 20 1.40 15.58 2.26
N ARG A 21 1.98 15.58 3.48
CA ARG A 21 3.22 16.31 3.76
C ARG A 21 4.45 15.49 3.34
N PHE A 22 4.27 14.18 3.07
CA PHE A 22 5.31 13.36 2.42
C PHE A 22 5.51 13.85 0.98
N PHE A 23 4.40 14.14 0.31
CA PHE A 23 4.38 14.61 -1.09
C PHE A 23 4.61 16.15 -1.17
N SER A 24 4.38 16.89 -0.08
CA SER A 24 4.50 18.36 -0.09
C SER A 24 5.83 18.87 0.53
N GLU A 25 6.26 18.26 1.65
CA GLU A 25 7.32 18.84 2.53
C GLU A 25 8.57 17.93 2.57
N HIS A 26 8.33 16.62 2.83
CA HIS A 26 9.40 15.62 2.98
C HIS A 26 10.12 15.41 1.64
N ARG A 27 9.32 15.11 0.63
CA ARG A 27 9.74 14.92 -0.75
C ARG A 27 8.82 15.73 -1.67
N GLN A 28 9.37 16.11 -2.82
CA GLN A 28 8.59 16.64 -3.95
C GLN A 28 7.50 15.62 -4.37
N SER A 29 6.29 16.12 -4.65
CA SER A 29 5.17 15.28 -5.12
C SER A 29 5.49 14.67 -6.50
N PRO A 30 5.40 13.30 -6.63
CA PRO A 30 5.60 12.58 -7.91
C PRO A 30 4.54 12.95 -8.96
N ILE A 31 3.44 13.56 -8.49
CA ILE A 31 2.37 14.07 -9.36
C ILE A 31 2.98 15.15 -10.30
N PRO A 32 3.00 14.92 -11.64
CA PRO A 32 3.71 15.79 -12.64
C PRO A 32 3.23 17.27 -12.61
N PRO A 33 4.06 18.26 -13.12
CA PRO A 33 3.85 19.72 -12.89
C PRO A 33 2.44 20.24 -13.26
N GLU A 34 1.96 19.87 -14.46
CA GLU A 34 0.65 20.31 -14.96
C GLU A 34 -0.49 19.60 -14.21
N GLU A 35 -0.26 18.31 -13.82
CA GLU A 35 -1.25 17.55 -13.04
C GLU A 35 -1.41 18.14 -11.62
N ARG A 36 -0.26 18.39 -10.95
CA ARG A 36 -0.25 18.78 -9.52
C ARG A 36 -0.68 20.24 -9.31
N ASP A 37 -0.64 21.04 -10.39
CA ASP A 37 -1.08 22.45 -10.34
C ASP A 37 -2.58 22.55 -10.04
N ASP A 38 -3.35 21.56 -10.54
CA ASP A 38 -4.82 21.51 -10.39
C ASP A 38 -5.29 20.24 -9.65
N PHE A 39 -4.33 19.40 -9.15
CA PHE A 39 -4.69 18.07 -8.59
C PHE A 39 -5.53 18.19 -7.31
N ASP A 40 -6.37 17.18 -7.08
CA ASP A 40 -7.15 17.04 -5.85
C ASP A 40 -6.21 16.49 -4.75
N GLY A 41 -6.65 16.52 -3.47
CA GLY A 41 -5.85 16.03 -2.31
C GLY A 41 -5.28 14.60 -2.51
N LEU A 42 -4.47 14.14 -1.52
CA LEU A 42 -3.70 12.88 -1.61
C LEU A 42 -4.60 11.72 -2.06
N SER A 43 -4.46 11.34 -3.35
CA SER A 43 -5.30 10.35 -4.00
C SER A 43 -5.11 8.95 -3.39
N TYR A 44 -6.21 8.43 -2.83
CA TYR A 44 -6.33 7.04 -2.40
C TYR A 44 -7.80 6.61 -2.45
N PHE A 45 -8.08 5.37 -2.03
CA PHE A 45 -9.43 4.79 -2.06
C PHE A 45 -10.28 5.34 -0.89
N ASP A 46 -11.62 5.15 -0.95
CA ASP A 46 -12.52 5.57 0.13
C ASP A 46 -12.49 4.51 1.25
N PRO A 47 -12.19 4.92 2.53
CA PRO A 47 -12.07 3.99 3.68
C PRO A 47 -13.40 3.30 4.05
N ASP A 48 -13.51 1.99 3.77
CA ASP A 48 -14.70 1.18 4.11
C ASP A 48 -14.30 0.12 5.16
N PRO A 49 -14.99 0.07 6.35
CA PRO A 49 -14.64 -0.83 7.47
C PRO A 49 -14.92 -2.32 7.20
N ASP A 50 -15.92 -2.60 6.34
CA ASP A 50 -16.34 -3.98 6.00
C ASP A 50 -15.44 -4.58 4.92
N TYR A 51 -14.80 -3.70 4.13
CA TYR A 51 -13.91 -4.09 3.01
C TYR A 51 -12.53 -4.47 3.58
N ARG A 52 -12.26 -3.91 4.77
CA ARG A 52 -11.12 -4.24 5.63
C ARG A 52 -11.22 -5.71 6.13
N VAL A 53 -10.14 -6.49 5.95
CA VAL A 53 -10.10 -7.92 6.33
C VAL A 53 -9.02 -8.14 7.41
N GLU A 54 -9.04 -9.29 8.09
CA GLU A 54 -7.98 -9.70 9.04
C GLU A 54 -7.03 -10.70 8.36
N ALA A 55 -5.76 -10.74 8.80
CA ALA A 55 -4.72 -11.60 8.20
C ALA A 55 -3.75 -12.14 9.26
N THR A 56 -3.28 -13.37 9.06
CA THR A 56 -2.28 -14.03 9.90
C THR A 56 -0.88 -13.84 9.28
N VAL A 57 0.03 -13.24 10.05
CA VAL A 57 1.41 -12.93 9.63
C VAL A 57 2.27 -14.20 9.57
N THR A 58 3.10 -14.31 8.54
CA THR A 58 4.07 -15.40 8.38
C THR A 58 5.46 -14.77 8.17
N VAL A 59 6.25 -14.67 9.26
CA VAL A 59 7.55 -13.98 9.23
C VAL A 59 8.66 -14.95 8.83
N HIS A 60 9.52 -14.51 7.90
CA HIS A 60 10.58 -15.34 7.31
C HIS A 60 11.92 -15.03 7.97
N GLU A 61 12.59 -16.10 8.44
CA GLU A 61 13.93 -16.01 9.03
C GLU A 61 15.00 -15.95 7.93
N THR A 62 14.59 -16.23 6.67
CA THR A 62 15.44 -16.11 5.48
C THR A 62 14.74 -15.18 4.44
N PRO A 63 14.91 -13.83 4.56
CA PRO A 63 14.24 -12.84 3.65
C PRO A 63 14.98 -12.71 2.30
N GLU A 64 14.20 -12.72 1.19
CA GLU A 64 14.75 -12.56 -0.17
C GLU A 64 14.91 -11.06 -0.54
N SER A 65 15.73 -10.79 -1.55
CA SER A 65 16.03 -9.44 -2.02
C SER A 65 15.02 -9.03 -3.12
N VAL A 66 14.12 -8.09 -2.78
CA VAL A 66 13.04 -7.60 -3.68
C VAL A 66 13.35 -6.15 -4.11
N ASP A 67 13.60 -5.95 -5.41
CA ASP A 67 13.95 -4.62 -5.96
C ASP A 67 12.68 -3.78 -6.16
N LEU A 68 12.55 -2.70 -5.38
CA LEU A 68 11.41 -1.75 -5.47
C LEU A 68 11.94 -0.31 -5.62
N GLU A 69 11.02 0.64 -5.80
CA GLU A 69 11.35 2.08 -5.84
C GLU A 69 11.58 2.61 -4.41
N THR A 70 12.41 3.65 -4.31
CA THR A 70 12.45 4.53 -3.15
C THR A 70 12.03 5.95 -3.59
N SER A 71 11.89 6.87 -2.61
CA SER A 71 11.37 8.23 -2.84
C SER A 71 12.25 9.02 -3.84
N ASP A 72 13.59 8.90 -3.71
CA ASP A 72 14.56 9.52 -4.64
C ASP A 72 14.77 8.70 -5.94
N ASP A 73 13.66 8.25 -6.57
CA ASP A 73 13.59 7.61 -7.92
C ASP A 73 14.66 6.53 -8.20
N ARG A 74 15.17 5.92 -7.13
CA ARG A 74 16.25 4.91 -7.19
C ARG A 74 15.62 3.50 -7.07
N THR A 75 16.46 2.47 -7.23
CA THR A 75 16.07 1.07 -7.06
C THR A 75 16.91 0.53 -5.91
N VAL A 76 16.27 -0.13 -4.94
CA VAL A 76 16.93 -0.63 -3.72
C VAL A 76 16.37 -1.99 -3.32
N ARG A 77 17.23 -2.78 -2.68
CA ARG A 77 16.90 -4.09 -2.14
C ARG A 77 15.96 -3.92 -0.93
N TYR A 78 14.88 -4.72 -0.91
CA TYR A 78 13.99 -4.89 0.25
C TYR A 78 14.12 -6.33 0.76
N LEU A 79 14.14 -6.49 2.08
CA LEU A 79 14.17 -7.81 2.72
C LEU A 79 12.74 -8.22 3.06
N HIS A 80 12.28 -9.32 2.40
CA HIS A 80 10.92 -9.84 2.59
C HIS A 80 10.81 -10.48 3.99
N VAL A 81 10.27 -9.70 4.93
CA VAL A 81 10.24 -10.08 6.36
C VAL A 81 8.97 -10.85 6.73
N ALA A 82 7.86 -10.63 5.99
CA ALA A 82 6.57 -11.25 6.35
C ALA A 82 5.67 -11.45 5.12
N THR A 83 4.69 -12.36 5.27
CA THR A 83 3.61 -12.56 4.31
C THR A 83 2.30 -12.61 5.10
N LEU A 84 1.36 -11.73 4.76
CA LEU A 84 0.13 -11.53 5.52
C LEU A 84 -0.98 -12.33 4.83
N SER A 85 -1.26 -13.53 5.35
CA SER A 85 -2.15 -14.52 4.72
C SER A 85 -3.59 -14.36 5.23
N PHE A 86 -4.55 -14.23 4.30
CA PHE A 86 -5.95 -13.95 4.59
C PHE A 86 -6.88 -14.57 3.54
N ASP A 87 -8.20 -14.43 3.77
CA ASP A 87 -9.22 -14.76 2.78
C ASP A 87 -9.82 -13.46 2.25
N LEU A 88 -10.08 -13.44 0.94
CA LEU A 88 -10.67 -12.30 0.23
C LEU A 88 -11.31 -12.85 -1.04
N ASP A 89 -12.61 -12.52 -1.25
CA ASP A 89 -13.39 -12.94 -2.45
C ASP A 89 -13.63 -14.48 -2.42
N GLY A 90 -13.50 -15.08 -1.22
CA GLY A 90 -13.62 -16.53 -1.06
C GLY A 90 -12.40 -17.33 -1.52
N GLU A 91 -11.24 -16.66 -1.68
CA GLU A 91 -9.97 -17.31 -2.07
C GLU A 91 -8.86 -16.87 -1.09
N SER A 92 -7.83 -17.69 -0.95
CA SER A 92 -6.73 -17.47 0.00
C SER A 92 -5.70 -16.49 -0.60
N ARG A 93 -5.85 -15.19 -0.28
CA ARG A 93 -4.95 -14.12 -0.75
C ARG A 93 -3.96 -13.72 0.34
N ASP A 94 -2.72 -13.41 -0.07
CA ASP A 94 -1.67 -12.97 0.84
C ASP A 94 -0.86 -11.81 0.25
N LEU A 95 -0.63 -10.75 1.05
CA LEU A 95 0.20 -9.59 0.65
C LEU A 95 1.53 -9.66 1.37
N HIS A 96 2.63 -9.48 0.63
CA HIS A 96 3.99 -9.66 1.16
C HIS A 96 4.51 -8.33 1.72
N ALA A 97 4.92 -8.37 3.00
CA ALA A 97 5.39 -7.22 3.76
C ALA A 97 6.92 -7.23 3.82
N PHE A 98 7.52 -6.11 3.39
CA PHE A 98 8.99 -5.93 3.37
C PHE A 98 9.37 -4.48 3.71
N ARG A 99 10.67 -4.29 3.89
CA ARG A 99 11.30 -2.99 4.19
C ARG A 99 12.72 -3.02 3.60
N GLN A 100 13.33 -1.85 3.35
CA GLN A 100 14.62 -1.75 2.61
C GLN A 100 15.71 -2.71 3.18
N ALA A 101 16.29 -2.40 4.34
CA ALA A 101 17.25 -3.33 4.99
C ALA A 101 16.73 -3.82 6.34
N ALA A 102 16.83 -2.98 7.38
CA ALA A 102 16.66 -3.41 8.78
C ALA A 102 15.69 -2.50 9.55
N ASP A 103 14.58 -2.10 8.91
CA ASP A 103 13.56 -1.24 9.56
C ASP A 103 12.94 -1.99 10.75
N GLU A 104 12.79 -1.27 11.85
CA GLU A 104 12.19 -1.76 13.11
C GLU A 104 11.16 -0.73 13.61
N SER A 105 10.93 0.32 12.80
CA SER A 105 9.99 1.41 13.09
C SER A 105 8.56 1.07 12.57
N ARG A 106 8.35 -0.25 12.30
CA ARG A 106 7.03 -0.87 12.04
C ARG A 106 6.53 -0.59 10.62
N THR A 107 7.34 0.06 9.78
CA THR A 107 6.91 0.50 8.45
C THR A 107 6.97 -0.68 7.46
N LEU A 108 5.83 -1.39 7.34
CA LEU A 108 5.69 -2.50 6.40
C LEU A 108 5.09 -1.98 5.09
N PHE A 109 5.74 -2.34 3.98
CA PHE A 109 5.32 -1.96 2.64
C PHE A 109 4.63 -3.16 2.00
N VAL A 110 3.31 -3.06 1.77
CA VAL A 110 2.50 -4.14 1.15
C VAL A 110 1.78 -3.65 -0.13
N PRO A 111 2.46 -3.67 -1.31
CA PRO A 111 1.79 -3.42 -2.59
C PRO A 111 0.88 -4.60 -2.95
N PHE A 112 -0.15 -4.34 -3.77
CA PHE A 112 -1.00 -5.41 -4.31
C PHE A 112 -1.39 -5.08 -5.75
N ARG A 113 -1.74 -6.12 -6.50
CA ARG A 113 -2.20 -6.01 -7.88
C ARG A 113 -3.56 -6.70 -8.02
N ASP A 114 -4.60 -5.92 -8.31
CA ASP A 114 -5.99 -6.42 -8.34
C ASP A 114 -6.51 -6.38 -9.79
N LYS A 115 -7.85 -6.54 -9.98
CA LYS A 115 -8.46 -6.56 -11.33
C LYS A 115 -8.85 -5.17 -11.82
N THR A 116 -8.89 -4.19 -10.89
CA THR A 116 -9.04 -2.77 -11.25
C THR A 116 -7.72 -2.23 -11.85
N THR A 117 -6.58 -2.83 -11.42
CA THR A 117 -5.23 -2.54 -11.91
C THR A 117 -5.10 -2.99 -13.39
N GLY A 118 -4.50 -2.12 -14.21
CA GLY A 118 -4.31 -2.39 -15.64
C GLY A 118 -5.56 -2.16 -16.49
N GLN A 119 -6.71 -1.83 -15.84
CA GLN A 119 -8.02 -1.70 -16.51
C GLN A 119 -8.63 -0.30 -16.28
N GLN A 120 -8.97 -0.02 -15.01
CA GLN A 120 -9.50 1.29 -14.56
C GLN A 120 -8.62 1.81 -13.40
N SER A 121 -7.36 1.40 -13.47
CA SER A 121 -6.25 1.83 -12.61
C SER A 121 -4.96 1.44 -13.35
N TYR A 122 -3.82 2.07 -13.03
CA TYR A 122 -2.54 1.83 -13.74
C TYR A 122 -2.01 0.43 -13.42
N ASP A 123 -1.24 -0.14 -14.36
CA ASP A 123 -0.65 -1.48 -14.22
C ASP A 123 0.49 -1.49 -13.18
N GLY A 124 1.02 -2.68 -12.89
CA GLY A 124 1.88 -2.88 -11.75
C GLY A 124 1.03 -3.16 -10.53
N GLY A 125 0.52 -2.10 -9.90
CA GLY A 125 -0.47 -2.23 -8.82
C GLY A 125 -0.68 -0.95 -8.06
N ARG A 126 -1.29 -1.06 -6.87
CA ARG A 126 -1.50 0.05 -5.92
C ARG A 126 -0.72 -0.31 -4.66
N TYR A 127 0.08 0.62 -4.11
CA TYR A 127 0.86 0.34 -2.90
C TYR A 127 0.02 0.68 -1.66
N MET A 128 0.05 -0.23 -0.69
CA MET A 128 -0.66 -0.11 0.57
C MET A 128 0.41 -0.12 1.66
N GLU A 129 0.29 0.73 2.68
CA GLU A 129 1.28 0.80 3.76
C GLU A 129 0.57 0.68 5.11
N LEU A 130 1.04 -0.26 5.94
CA LEU A 130 0.55 -0.46 7.32
C LEU A 130 1.74 -0.47 8.28
N GLU A 131 1.48 0.02 9.49
CA GLU A 131 2.44 0.08 10.59
C GLU A 131 1.79 -0.54 11.82
N PRO A 132 2.10 -1.85 12.12
CA PRO A 132 1.56 -2.55 13.32
C PRO A 132 1.94 -1.84 14.63
N ASP A 133 1.13 -2.10 15.66
CA ASP A 133 1.30 -1.50 17.00
C ASP A 133 2.58 -2.03 17.71
N ARG A 134 3.07 -3.18 17.21
CA ARG A 134 4.16 -3.95 17.82
C ARG A 134 4.88 -4.77 16.74
N ASP A 135 5.87 -5.57 17.17
CA ASP A 135 6.63 -6.44 16.26
C ASP A 135 5.81 -7.69 15.93
N LEU A 136 5.73 -8.03 14.63
CA LEU A 136 4.97 -9.19 14.15
C LEU A 136 5.87 -10.42 14.06
N SER A 137 5.32 -11.58 14.42
CA SER A 137 5.99 -12.89 14.31
C SER A 137 5.13 -13.86 13.46
N ASP A 138 5.63 -15.09 13.23
CA ASP A 138 4.87 -16.12 12.50
C ASP A 138 3.75 -16.68 13.42
N GLY A 139 2.49 -16.46 13.01
CA GLY A 139 1.32 -16.84 13.80
C GLY A 139 0.70 -15.64 14.52
N ASP A 140 1.29 -14.45 14.30
CA ASP A 140 0.79 -13.16 14.83
C ASP A 140 -0.34 -12.66 13.90
N GLU A 141 -1.15 -11.69 14.36
CA GLU A 141 -2.24 -11.11 13.54
C GLU A 141 -1.86 -9.70 13.00
N ILE A 142 -2.61 -9.26 11.96
CA ILE A 142 -2.46 -7.93 11.33
C ILE A 142 -3.77 -7.59 10.58
N THR A 143 -4.12 -6.30 10.51
CA THR A 143 -5.35 -5.81 9.87
C THR A 143 -5.01 -5.20 8.49
N LEU A 144 -5.80 -5.57 7.45
CA LEU A 144 -5.52 -5.26 6.03
C LEU A 144 -6.70 -4.46 5.42
N ASP A 145 -6.60 -3.13 5.47
CA ASP A 145 -7.59 -2.21 4.86
C ASP A 145 -7.03 -1.67 3.54
N PHE A 146 -7.39 -2.35 2.44
CA PHE A 146 -6.93 -2.03 1.06
C PHE A 146 -7.46 -0.67 0.58
N ASN A 147 -8.48 -0.19 1.29
CA ASN A 147 -9.13 1.09 1.04
C ASN A 147 -8.23 2.26 1.43
N LEU A 148 -7.12 1.97 2.14
CA LEU A 148 -6.12 2.99 2.51
C LEU A 148 -4.89 2.89 1.58
N ALA A 149 -5.06 2.22 0.41
CA ALA A 149 -3.98 2.12 -0.60
C ALA A 149 -3.91 3.42 -1.42
N TYR A 150 -2.68 3.86 -1.69
CA TYR A 150 -2.41 5.22 -2.22
C TYR A 150 -1.95 5.13 -3.69
N SER A 151 -2.04 6.27 -4.39
CA SER A 151 -1.55 6.43 -5.77
C SER A 151 0.01 6.36 -5.83
N PRO A 152 0.59 5.31 -6.52
CA PRO A 152 2.06 5.04 -6.54
C PRO A 152 2.90 6.16 -7.16
N PHE A 153 4.01 6.49 -6.47
CA PHE A 153 5.04 7.44 -6.92
C PHE A 153 5.44 7.21 -8.41
N CYS A 154 5.85 5.96 -8.71
CA CYS A 154 6.36 5.59 -10.04
C CYS A 154 5.31 5.72 -11.14
N ALA A 155 4.03 5.43 -10.81
CA ALA A 155 2.91 5.51 -11.78
C ALA A 155 2.90 6.85 -12.52
N TYR A 156 3.01 7.94 -11.74
CA TYR A 156 2.98 9.31 -12.26
C TYR A 156 4.38 9.78 -12.73
N SER A 157 5.46 9.12 -12.26
CA SER A 157 6.84 9.55 -12.53
C SER A 157 7.68 8.42 -13.19
N ASP A 158 8.03 8.64 -14.47
CA ASP A 158 8.75 7.65 -15.30
C ASP A 158 10.19 7.40 -14.82
N THR A 159 10.79 8.39 -14.13
CA THR A 159 12.19 8.31 -13.65
C THR A 159 12.33 7.37 -12.43
N PHE A 160 11.20 6.87 -11.89
CA PHE A 160 11.19 5.90 -10.79
C PHE A 160 11.11 4.48 -11.38
N SER A 161 11.64 3.49 -10.66
CA SER A 161 11.59 2.07 -11.06
C SER A 161 10.46 1.39 -10.29
N CYS A 162 9.37 0.99 -11.00
CA CYS A 162 8.09 0.60 -10.37
C CYS A 162 8.24 -0.64 -9.48
N PRO A 163 7.53 -0.69 -8.31
CA PRO A 163 7.55 -1.87 -7.41
C PRO A 163 7.01 -3.11 -8.14
N LEU A 164 7.64 -4.26 -7.92
CA LEU A 164 7.25 -5.53 -8.53
C LEU A 164 6.41 -6.31 -7.49
N PRO A 165 5.05 -6.38 -7.66
CA PRO A 165 4.19 -7.17 -6.77
C PRO A 165 4.35 -8.68 -7.10
N PRO A 166 4.73 -9.54 -6.09
CA PRO A 166 4.92 -11.00 -6.31
C PRO A 166 3.61 -11.66 -6.77
N GLU A 167 3.72 -12.74 -7.57
CA GLU A 167 2.57 -13.43 -8.19
C GLU A 167 1.53 -13.92 -7.14
N SER A 168 2.00 -14.17 -5.92
CA SER A 168 1.18 -14.62 -4.79
C SER A 168 0.22 -13.53 -4.26
N ASN A 169 0.55 -12.24 -4.49
CA ASN A 169 -0.20 -11.10 -3.91
C ASN A 169 -1.23 -10.54 -4.91
N TRP A 170 -1.31 -11.17 -6.10
CA TRP A 170 -2.24 -10.77 -7.16
C TRP A 170 -3.67 -11.18 -6.75
N LEU A 171 -4.51 -10.17 -6.46
CA LEU A 171 -5.90 -10.38 -6.06
C LEU A 171 -6.73 -10.58 -7.34
N GLU A 172 -7.40 -11.74 -7.48
CA GLU A 172 -8.29 -12.04 -8.61
C GLU A 172 -9.71 -11.52 -8.28
N THR A 173 -9.74 -10.23 -7.93
CA THR A 173 -10.93 -9.47 -7.57
C THR A 173 -10.59 -7.97 -7.69
N ALA A 174 -11.61 -7.14 -7.92
CA ALA A 174 -11.45 -5.69 -8.05
C ALA A 174 -11.64 -5.07 -6.67
N VAL A 175 -10.73 -4.15 -6.26
CA VAL A 175 -10.89 -3.45 -4.98
C VAL A 175 -11.69 -2.17 -5.24
N THR A 176 -13.02 -2.32 -5.19
CA THR A 176 -13.98 -1.26 -5.41
C THR A 176 -14.23 -0.49 -4.11
N ALA A 177 -13.41 0.54 -3.87
CA ALA A 177 -13.52 1.41 -2.70
C ALA A 177 -13.63 2.86 -3.18
N GLY A 178 -14.83 3.44 -2.95
CA GLY A 178 -15.20 4.76 -3.47
C GLY A 178 -15.00 4.95 -4.98
N GLU A 179 -15.02 6.22 -5.40
CA GLU A 179 -14.69 6.62 -6.78
C GLU A 179 -13.49 7.58 -6.74
N ARG A 180 -12.35 7.13 -7.29
CA ARG A 180 -11.16 7.96 -7.45
C ARG A 180 -10.66 7.84 -8.88
N THR A 181 -10.13 8.94 -9.44
CA THR A 181 -9.74 9.01 -10.84
C THR A 181 -8.20 9.00 -10.94
N ASP A 182 -7.65 7.83 -11.32
CA ASP A 182 -6.24 7.66 -11.67
C ASP A 182 -6.06 8.11 -13.14
N LEU A 183 -6.06 9.44 -13.32
CA LEU A 183 -6.32 10.09 -14.63
C LEU A 183 -5.18 9.87 -15.65
N GLU A 184 -3.94 10.26 -15.32
CA GLU A 184 -2.81 10.25 -16.29
C GLU A 184 -1.53 9.74 -15.61
N HIS A 185 -0.81 8.88 -16.36
CA HIS A 185 0.35 8.10 -15.87
C HIS A 185 1.06 7.44 -17.08
N MET A 1 -18.27 -1.70 20.90
CA MET A 1 -16.80 -1.55 20.79
C MET A 1 -16.46 -0.23 20.05
N ASP A 2 -17.24 0.83 20.36
CA ASP A 2 -17.11 2.17 19.73
C ASP A 2 -15.71 2.74 19.94
N GLU A 3 -15.20 2.50 21.16
CA GLU A 3 -13.83 2.81 21.58
C GLU A 3 -12.81 2.37 20.50
N ASP A 4 -12.93 1.10 20.08
CA ASP A 4 -12.05 0.49 19.07
C ASP A 4 -12.36 1.04 17.66
N THR A 5 -13.66 1.25 17.36
CA THR A 5 -14.13 1.68 16.04
C THR A 5 -13.50 3.02 15.63
N GLU A 6 -13.59 4.00 16.56
CA GLU A 6 -13.04 5.35 16.36
C GLU A 6 -11.53 5.36 16.53
N ASP A 7 -10.98 4.40 17.33
CA ASP A 7 -9.54 4.28 17.60
C ASP A 7 -8.74 4.07 16.31
N TRP A 8 -9.30 3.20 15.44
CA TRP A 8 -8.86 3.05 14.03
C TRP A 8 -8.69 4.44 13.39
N GLU A 9 -9.76 5.25 13.39
CA GLU A 9 -9.77 6.56 12.73
C GLU A 9 -8.93 7.61 13.52
N THR A 10 -8.71 7.38 14.83
CA THR A 10 -7.96 8.30 15.69
C THR A 10 -6.47 8.29 15.32
N GLN A 11 -5.89 7.09 15.17
CA GLN A 11 -4.51 6.94 14.63
C GLN A 11 -4.48 7.22 13.11
N LEU A 12 -5.59 6.91 12.41
CA LEU A 12 -5.66 6.99 10.94
C LEU A 12 -5.58 8.44 10.44
N GLN A 13 -6.26 9.37 11.11
CA GLN A 13 -6.25 10.82 10.73
C GLN A 13 -4.83 11.42 10.84
N ALA A 14 -3.90 10.66 11.48
CA ALA A 14 -2.48 10.98 11.52
C ALA A 14 -1.72 10.21 10.40
N ASN A 15 -2.12 8.93 10.19
CA ASN A 15 -1.50 8.04 9.17
C ASN A 15 -1.70 8.59 7.74
N ARG A 16 -2.96 8.61 7.27
CA ARG A 16 -3.31 9.09 5.90
C ARG A 16 -2.94 10.58 5.70
N ASP A 17 -2.80 11.31 6.82
CA ASP A 17 -2.42 12.73 6.82
C ASP A 17 -0.95 12.91 6.40
N GLU A 18 -0.02 12.24 7.12
CA GLU A 18 1.43 12.33 6.83
C GLU A 18 1.77 11.80 5.43
N LYS A 19 1.01 10.79 4.98
CA LYS A 19 1.22 10.13 3.68
C LYS A 19 0.65 10.99 2.52
N ASP A 20 -0.36 11.84 2.82
CA ASP A 20 -0.97 12.75 1.84
C ASP A 20 -0.13 14.04 1.69
N ARG A 21 0.35 14.56 2.83
CA ARG A 21 1.20 15.79 2.87
C ARG A 21 2.63 15.44 2.43
N PHE A 22 2.92 14.14 2.33
CA PHE A 22 4.19 13.59 1.85
C PHE A 22 4.54 14.16 0.46
N PHE A 23 3.56 14.10 -0.43
CA PHE A 23 3.69 14.56 -1.83
C PHE A 23 3.69 16.11 -1.92
N SER A 24 3.11 16.77 -0.91
CA SER A 24 2.94 18.23 -0.88
C SER A 24 4.13 18.94 -0.24
N GLU A 25 4.76 18.31 0.79
CA GLU A 25 5.75 18.98 1.66
C GLU A 25 7.10 18.23 1.67
N HIS A 26 7.06 16.92 2.00
CA HIS A 26 8.28 16.11 2.26
C HIS A 26 9.06 15.83 0.95
N ARG A 27 8.30 15.52 -0.10
CA ARG A 27 8.81 15.13 -1.41
C ARG A 27 8.08 15.94 -2.48
N GLN A 28 8.81 16.30 -3.55
CA GLN A 28 8.21 16.88 -4.76
C GLN A 28 7.38 15.78 -5.46
N SER A 29 6.07 16.02 -5.56
CA SER A 29 5.10 15.05 -6.09
C SER A 29 5.41 14.64 -7.56
N PRO A 30 5.40 13.30 -7.86
CA PRO A 30 5.73 12.73 -9.20
C PRO A 30 4.70 13.08 -10.28
N ILE A 31 3.56 13.67 -9.85
CA ILE A 31 2.43 14.04 -10.73
C ILE A 31 2.94 14.91 -11.92
N PRO A 32 2.90 14.38 -13.20
CA PRO A 32 3.39 15.11 -14.42
C PRO A 32 2.79 16.53 -14.58
N PRO A 33 3.49 17.47 -15.30
CA PRO A 33 3.04 18.88 -15.48
C PRO A 33 1.60 18.99 -16.06
N GLU A 34 1.31 18.24 -17.14
CA GLU A 34 -0.02 18.24 -17.78
C GLU A 34 -1.07 17.65 -16.83
N GLU A 35 -0.66 16.57 -16.12
CA GLU A 35 -1.53 15.82 -15.21
C GLU A 35 -2.05 16.74 -14.08
N ARG A 36 -1.14 17.31 -13.29
CA ARG A 36 -1.48 18.15 -12.11
C ARG A 36 -2.12 19.49 -12.52
N ASP A 37 -1.94 19.90 -13.79
CA ASP A 37 -2.48 21.18 -14.32
C ASP A 37 -4.01 21.18 -14.26
N ASP A 38 -4.62 20.15 -14.86
CA ASP A 38 -6.10 20.02 -14.93
C ASP A 38 -6.64 19.14 -13.80
N PHE A 39 -5.88 18.09 -13.43
CA PHE A 39 -6.30 17.12 -12.40
C PHE A 39 -5.86 17.58 -11.02
N ASP A 40 -6.56 17.03 -10.02
CA ASP A 40 -6.44 17.39 -8.61
C ASP A 40 -5.25 16.64 -7.99
N GLY A 41 -4.91 17.00 -6.74
CA GLY A 41 -3.95 16.26 -5.90
C GLY A 41 -4.25 14.76 -5.75
N LEU A 42 -3.80 14.17 -4.63
CA LEU A 42 -3.79 12.71 -4.47
C LEU A 42 -5.21 12.10 -4.46
N SER A 43 -5.60 11.53 -5.61
CA SER A 43 -6.82 10.75 -5.74
C SER A 43 -6.48 9.27 -5.48
N TYR A 44 -7.07 8.73 -4.41
CA TYR A 44 -6.89 7.33 -4.00
C TYR A 44 -8.17 6.83 -3.30
N PHE A 45 -8.09 5.65 -2.68
CA PHE A 45 -9.25 5.00 -2.02
C PHE A 45 -9.57 5.72 -0.69
N ASP A 46 -10.87 5.85 -0.39
CA ASP A 46 -11.34 6.46 0.87
C ASP A 46 -11.60 5.34 1.90
N PRO A 47 -11.19 5.54 3.21
CA PRO A 47 -11.41 4.55 4.29
C PRO A 47 -12.87 4.05 4.41
N ASP A 48 -13.10 2.78 4.02
CA ASP A 48 -14.38 2.06 4.28
C ASP A 48 -14.14 1.02 5.38
N PRO A 49 -14.89 1.06 6.53
CA PRO A 49 -14.74 0.08 7.64
C PRO A 49 -15.07 -1.36 7.18
N ASP A 50 -16.13 -1.46 6.36
CA ASP A 50 -16.68 -2.73 5.85
C ASP A 50 -15.72 -3.48 4.94
N TYR A 51 -14.79 -2.75 4.31
CA TYR A 51 -13.87 -3.31 3.30
C TYR A 51 -12.60 -3.87 3.97
N ARG A 52 -12.36 -3.44 5.22
CA ARG A 52 -11.19 -3.84 6.01
C ARG A 52 -11.32 -5.31 6.48
N VAL A 53 -10.31 -6.15 6.15
CA VAL A 53 -10.30 -7.60 6.46
C VAL A 53 -9.21 -7.88 7.50
N GLU A 54 -9.00 -9.16 7.86
CA GLU A 54 -7.90 -9.57 8.77
C GLU A 54 -7.04 -10.66 8.10
N ALA A 55 -5.76 -10.72 8.47
CA ALA A 55 -4.77 -11.62 7.84
C ALA A 55 -3.81 -12.19 8.87
N THR A 56 -3.36 -13.43 8.65
CA THR A 56 -2.32 -14.07 9.47
C THR A 56 -0.95 -13.81 8.82
N VAL A 57 -0.01 -13.32 9.63
CA VAL A 57 1.35 -12.98 9.20
C VAL A 57 2.17 -14.27 8.98
N THR A 58 2.77 -14.38 7.79
CA THR A 58 3.61 -15.52 7.42
C THR A 58 5.06 -15.02 7.27
N VAL A 59 5.81 -15.07 8.37
CA VAL A 59 7.16 -14.52 8.43
C VAL A 59 8.16 -15.54 7.89
N HIS A 60 8.99 -15.10 6.94
CA HIS A 60 10.04 -15.89 6.31
C HIS A 60 11.28 -15.86 7.19
N GLU A 61 11.64 -17.04 7.73
CA GLU A 61 12.78 -17.24 8.65
C GLU A 61 14.10 -16.68 8.09
N THR A 62 14.29 -16.83 6.78
CA THR A 62 15.43 -16.30 6.04
C THR A 62 14.94 -15.25 5.01
N PRO A 63 15.10 -13.91 5.30
CA PRO A 63 14.56 -12.83 4.44
C PRO A 63 15.32 -12.69 3.09
N GLU A 64 14.59 -12.76 1.97
CA GLU A 64 15.16 -12.70 0.61
C GLU A 64 15.18 -11.25 0.07
N SER A 65 16.20 -10.91 -0.73
CA SER A 65 16.38 -9.57 -1.31
C SER A 65 15.44 -9.34 -2.51
N VAL A 66 14.59 -8.31 -2.41
CA VAL A 66 13.63 -7.90 -3.44
C VAL A 66 13.84 -6.39 -3.72
N ASP A 67 14.15 -6.03 -4.97
CA ASP A 67 14.45 -4.62 -5.34
C ASP A 67 13.14 -3.87 -5.54
N LEU A 68 12.86 -2.91 -4.65
CA LEU A 68 11.63 -2.10 -4.70
C LEU A 68 11.98 -0.61 -4.73
N GLU A 69 10.96 0.21 -5.03
CA GLU A 69 11.08 1.66 -4.99
C GLU A 69 11.20 2.15 -3.53
N THR A 70 11.99 3.18 -3.32
CA THR A 70 11.88 4.04 -2.14
C THR A 70 11.33 5.39 -2.61
N SER A 71 10.77 6.15 -1.68
CA SER A 71 10.03 7.37 -1.98
C SER A 71 10.92 8.44 -2.68
N ASP A 72 12.18 8.53 -2.21
CA ASP A 72 13.21 9.42 -2.77
C ASP A 72 13.83 8.90 -4.10
N ASP A 73 12.94 8.57 -5.10
CA ASP A 73 13.30 8.26 -6.54
C ASP A 73 14.00 6.91 -6.76
N ARG A 74 14.63 6.39 -5.73
CA ARG A 74 15.78 5.47 -5.83
C ARG A 74 15.31 4.00 -5.78
N THR A 75 16.25 3.06 -6.00
CA THR A 75 15.98 1.62 -5.92
C THR A 75 16.85 1.10 -4.79
N VAL A 76 16.24 0.40 -3.84
CA VAL A 76 16.91 -0.10 -2.64
C VAL A 76 16.43 -1.52 -2.37
N ARG A 77 17.36 -2.34 -1.84
CA ARG A 77 17.08 -3.72 -1.44
C ARG A 77 16.13 -3.72 -0.25
N TYR A 78 14.99 -4.41 -0.40
CA TYR A 78 14.07 -4.74 0.70
C TYR A 78 14.27 -6.22 1.06
N LEU A 79 14.29 -6.51 2.35
CA LEU A 79 14.31 -7.87 2.88
C LEU A 79 12.87 -8.32 3.14
N HIS A 80 12.49 -9.44 2.51
CA HIS A 80 11.14 -10.00 2.62
C HIS A 80 11.01 -10.74 3.96
N VAL A 81 10.40 -10.04 4.93
CA VAL A 81 10.29 -10.54 6.30
C VAL A 81 8.97 -11.26 6.54
N ALA A 82 7.89 -10.81 5.89
CA ALA A 82 6.53 -11.30 6.19
C ALA A 82 5.67 -11.39 4.92
N THR A 83 4.57 -12.14 5.03
CA THR A 83 3.53 -12.24 4.00
C THR A 83 2.16 -12.35 4.70
N LEU A 84 1.38 -11.27 4.66
CA LEU A 84 0.08 -11.18 5.33
C LEU A 84 -0.96 -11.95 4.48
N SER A 85 -1.27 -13.19 4.91
CA SER A 85 -2.14 -14.13 4.20
C SER A 85 -3.59 -14.07 4.74
N PHE A 86 -4.56 -13.93 3.81
CA PHE A 86 -5.99 -13.72 4.12
C PHE A 86 -6.86 -14.32 3.01
N ASP A 87 -8.17 -14.06 3.07
CA ASP A 87 -9.12 -14.37 2.00
C ASP A 87 -9.72 -13.05 1.47
N LEU A 88 -9.98 -12.98 0.16
CA LEU A 88 -10.60 -11.82 -0.49
C LEU A 88 -11.32 -12.29 -1.74
N ASP A 89 -12.57 -11.80 -1.94
CA ASP A 89 -13.45 -12.13 -3.08
C ASP A 89 -14.01 -13.58 -2.95
N GLY A 90 -13.13 -14.55 -3.07
CA GLY A 90 -13.46 -15.98 -2.89
C GLY A 90 -12.23 -16.85 -3.05
N GLU A 91 -11.05 -16.25 -2.81
CA GLU A 91 -9.75 -16.88 -3.02
C GLU A 91 -8.78 -16.50 -1.88
N SER A 92 -7.76 -17.34 -1.66
CA SER A 92 -6.72 -17.11 -0.64
C SER A 92 -5.69 -16.11 -1.19
N ARG A 93 -5.86 -14.82 -0.84
CA ARG A 93 -4.96 -13.75 -1.24
C ARG A 93 -3.95 -13.44 -0.14
N ASP A 94 -2.70 -13.20 -0.53
CA ASP A 94 -1.62 -12.81 0.38
C ASP A 94 -0.92 -11.58 -0.17
N LEU A 95 -0.46 -10.71 0.74
CA LEU A 95 0.34 -9.53 0.41
C LEU A 95 1.66 -9.61 1.16
N HIS A 96 2.76 -9.40 0.46
CA HIS A 96 4.10 -9.61 1.02
C HIS A 96 4.56 -8.30 1.68
N ALA A 97 4.95 -8.39 2.95
CA ALA A 97 5.35 -7.24 3.76
C ALA A 97 6.86 -7.21 3.84
N PHE A 98 7.46 -6.14 3.31
CA PHE A 98 8.91 -5.96 3.26
C PHE A 98 9.32 -4.76 4.12
N ARG A 99 10.64 -4.58 4.23
CA ARG A 99 11.28 -3.37 4.78
C ARG A 99 12.73 -3.40 4.33
N GLN A 100 13.36 -2.22 4.19
CA GLN A 100 14.65 -2.05 3.48
C GLN A 100 15.75 -3.01 4.00
N ALA A 101 16.34 -2.77 5.18
CA ALA A 101 17.35 -3.68 5.75
C ALA A 101 16.89 -4.30 7.08
N ALA A 102 16.98 -3.54 8.18
CA ALA A 102 16.76 -4.05 9.54
C ALA A 102 15.73 -3.20 10.29
N ASP A 103 14.67 -2.76 9.58
CA ASP A 103 13.61 -1.93 10.19
C ASP A 103 12.81 -2.76 11.21
N GLU A 104 12.42 -2.10 12.31
CA GLU A 104 11.57 -2.66 13.34
C GLU A 104 10.66 -1.56 13.92
N SER A 105 10.53 -0.45 13.16
CA SER A 105 9.60 0.67 13.45
C SER A 105 8.17 0.35 12.94
N ARG A 106 7.92 -0.97 12.70
CA ARG A 106 6.60 -1.56 12.43
C ARG A 106 6.19 -1.35 10.97
N THR A 107 7.09 -0.80 10.15
CA THR A 107 6.79 -0.37 8.78
C THR A 107 6.77 -1.57 7.82
N LEU A 108 5.55 -2.10 7.60
CA LEU A 108 5.29 -3.21 6.69
C LEU A 108 4.82 -2.66 5.33
N PHE A 109 5.61 -2.91 4.29
CA PHE A 109 5.33 -2.43 2.93
C PHE A 109 4.67 -3.56 2.14
N VAL A 110 3.34 -3.47 1.92
CA VAL A 110 2.60 -4.49 1.14
C VAL A 110 2.09 -3.88 -0.18
N PRO A 111 2.63 -4.31 -1.36
CA PRO A 111 2.02 -4.01 -2.66
C PRO A 111 0.79 -4.91 -2.89
N PHE A 112 -0.32 -4.33 -3.39
CA PHE A 112 -1.45 -5.12 -3.90
C PHE A 112 -1.79 -4.65 -5.32
N ARG A 113 -1.67 -5.55 -6.28
CA ARG A 113 -2.01 -5.29 -7.69
C ARG A 113 -3.32 -6.02 -7.99
N ASP A 114 -4.39 -5.30 -8.32
CA ASP A 114 -5.71 -5.90 -8.57
C ASP A 114 -6.12 -5.64 -10.03
N LYS A 115 -7.37 -5.99 -10.39
CA LYS A 115 -7.83 -5.98 -11.80
C LYS A 115 -8.01 -4.55 -12.37
N THR A 116 -8.15 -3.54 -11.50
CA THR A 116 -8.41 -2.14 -11.92
C THR A 116 -7.12 -1.40 -12.38
N THR A 117 -5.96 -2.13 -12.44
CA THR A 117 -4.66 -1.58 -12.90
C THR A 117 -4.77 -0.88 -14.27
N GLY A 118 -4.53 0.44 -14.28
CA GLY A 118 -4.47 1.23 -15.51
C GLY A 118 -5.86 1.60 -16.04
N GLN A 119 -6.86 1.62 -15.14
CA GLN A 119 -8.25 2.03 -15.45
C GLN A 119 -8.80 2.89 -14.29
N GLN A 120 -9.23 2.23 -13.20
CA GLN A 120 -9.78 2.91 -12.01
C GLN A 120 -8.63 3.21 -11.03
N SER A 121 -7.67 2.27 -11.00
CA SER A 121 -6.39 2.44 -10.30
C SER A 121 -5.29 2.66 -11.34
N TYR A 122 -4.09 2.99 -10.85
CA TYR A 122 -2.93 3.32 -11.68
C TYR A 122 -2.11 2.06 -12.04
N ASP A 123 -1.17 2.25 -12.99
CA ASP A 123 -0.30 1.17 -13.51
C ASP A 123 0.64 0.59 -12.45
N GLY A 124 1.22 -0.58 -12.77
CA GLY A 124 2.17 -1.28 -11.91
C GLY A 124 1.48 -2.05 -10.80
N GLY A 125 1.09 -1.32 -9.76
CA GLY A 125 0.38 -1.87 -8.62
C GLY A 125 -0.02 -0.77 -7.67
N ARG A 126 -0.78 -1.12 -6.64
CA ARG A 126 -1.04 -0.23 -5.48
C ARG A 126 -0.11 -0.70 -4.40
N TYR A 127 0.05 0.10 -3.35
CA TYR A 127 0.77 -0.33 -2.17
C TYR A 127 0.25 0.38 -0.94
N MET A 128 -0.09 -0.45 0.03
CA MET A 128 -0.63 -0.07 1.32
C MET A 128 0.48 -0.27 2.36
N GLU A 129 0.53 0.57 3.40
CA GLU A 129 1.64 0.57 4.37
C GLU A 129 1.08 0.53 5.80
N LEU A 130 1.37 -0.58 6.51
CA LEU A 130 0.85 -0.82 7.87
C LEU A 130 1.95 -0.54 8.89
N GLU A 131 1.55 -0.12 10.09
CA GLU A 131 2.42 -0.06 11.27
C GLU A 131 1.63 -0.60 12.48
N PRO A 132 1.73 -1.93 12.79
CA PRO A 132 1.13 -2.53 14.02
C PRO A 132 1.73 -1.92 15.30
N ASP A 133 1.11 -2.24 16.44
CA ASP A 133 1.61 -1.82 17.76
C ASP A 133 2.95 -2.51 18.05
N ARG A 134 2.90 -3.85 18.06
CA ARG A 134 4.05 -4.70 18.42
C ARG A 134 4.61 -5.42 17.18
N ASP A 135 5.73 -6.14 17.38
CA ASP A 135 6.43 -6.86 16.29
C ASP A 135 5.74 -8.20 16.03
N LEU A 136 5.60 -8.55 14.74
CA LEU A 136 4.81 -9.71 14.31
C LEU A 136 5.73 -10.87 13.95
N SER A 137 5.25 -12.09 14.20
CA SER A 137 5.92 -13.35 13.86
C SER A 137 4.97 -14.23 13.03
N ASP A 138 5.47 -15.36 12.50
CA ASP A 138 4.63 -16.31 11.76
C ASP A 138 3.62 -16.97 12.73
N GLY A 139 2.37 -16.52 12.66
CA GLY A 139 1.32 -16.95 13.60
C GLY A 139 0.50 -15.77 14.10
N ASP A 140 1.14 -14.59 14.23
CA ASP A 140 0.48 -13.32 14.60
C ASP A 140 -0.57 -12.93 13.54
N GLU A 141 -1.50 -12.08 13.91
CA GLU A 141 -2.52 -11.53 12.98
C GLU A 141 -2.33 -10.01 12.81
N ILE A 142 -2.99 -9.45 11.79
CA ILE A 142 -2.84 -8.05 11.37
C ILE A 142 -4.07 -7.64 10.55
N THR A 143 -4.48 -6.37 10.64
CA THR A 143 -5.73 -5.87 10.02
C THR A 143 -5.40 -5.14 8.69
N LEU A 144 -6.02 -5.56 7.56
CA LEU A 144 -5.66 -5.14 6.19
C LEU A 144 -6.79 -4.27 5.59
N ASP A 145 -6.55 -2.95 5.57
CA ASP A 145 -7.44 -1.95 4.96
C ASP A 145 -6.80 -1.41 3.68
N PHE A 146 -7.21 -2.00 2.53
CA PHE A 146 -6.72 -1.64 1.18
C PHE A 146 -7.20 -0.24 0.76
N ASN A 147 -8.12 0.32 1.55
CA ASN A 147 -8.69 1.64 1.37
C ASN A 147 -7.71 2.76 1.79
N LEU A 148 -6.57 2.37 2.41
CA LEU A 148 -5.51 3.32 2.79
C LEU A 148 -4.36 3.26 1.77
N ALA A 149 -4.63 2.75 0.56
CA ALA A 149 -3.63 2.64 -0.51
C ALA A 149 -3.23 4.02 -1.04
N TYR A 150 -1.94 4.18 -1.33
CA TYR A 150 -1.35 5.49 -1.71
C TYR A 150 -1.08 5.50 -3.21
N SER A 151 -1.40 6.63 -3.86
CA SER A 151 -1.21 6.84 -5.30
C SER A 151 0.27 6.60 -5.72
N PRO A 152 0.54 5.63 -6.66
CA PRO A 152 1.91 5.14 -6.97
C PRO A 152 2.82 6.18 -7.64
N PHE A 153 3.97 6.50 -7.00
CA PHE A 153 5.01 7.39 -7.55
C PHE A 153 5.37 7.07 -9.02
N CYS A 154 5.67 5.79 -9.26
CA CYS A 154 6.21 5.31 -10.54
C CYS A 154 5.17 5.40 -11.68
N ALA A 155 3.90 5.09 -11.37
CA ALA A 155 2.77 5.21 -12.33
C ALA A 155 2.60 6.64 -12.85
N TYR A 156 2.86 7.63 -11.97
CA TYR A 156 2.89 9.06 -12.36
C TYR A 156 4.17 9.42 -13.14
N SER A 157 5.33 8.91 -12.68
CA SER A 157 6.64 9.39 -13.18
C SER A 157 7.62 8.21 -13.29
N ASP A 158 8.22 8.04 -14.48
CA ASP A 158 9.12 6.90 -14.77
C ASP A 158 10.54 7.15 -14.21
N THR A 159 10.82 8.42 -13.86
CA THR A 159 12.08 8.82 -13.21
C THR A 159 12.18 8.20 -11.79
N PHE A 160 11.01 7.82 -11.24
CA PHE A 160 10.91 7.00 -10.03
C PHE A 160 10.94 5.54 -10.49
N SER A 161 12.00 4.82 -10.12
CA SER A 161 12.22 3.43 -10.54
C SER A 161 11.20 2.49 -9.87
N CYS A 162 10.44 1.73 -10.69
CA CYS A 162 9.29 0.94 -10.24
C CYS A 162 9.70 -0.27 -9.38
N PRO A 163 8.81 -0.69 -8.41
CA PRO A 163 8.99 -1.92 -7.63
C PRO A 163 8.56 -3.15 -8.45
N LEU A 164 8.90 -4.34 -7.97
CA LEU A 164 8.44 -5.61 -8.58
C LEU A 164 7.50 -6.29 -7.56
N PRO A 165 6.15 -6.11 -7.69
CA PRO A 165 5.18 -6.91 -6.92
C PRO A 165 5.17 -8.37 -7.45
N PRO A 166 5.43 -9.39 -6.58
CA PRO A 166 5.34 -10.82 -6.97
C PRO A 166 3.92 -11.21 -7.43
N GLU A 167 3.84 -12.24 -8.28
CA GLU A 167 2.56 -12.75 -8.83
C GLU A 167 1.62 -13.25 -7.70
N SER A 168 2.21 -13.62 -6.56
CA SER A 168 1.49 -14.17 -5.41
C SER A 168 0.63 -13.09 -4.69
N ASN A 169 0.94 -11.78 -4.88
CA ASN A 169 0.15 -10.67 -4.25
C ASN A 169 -0.89 -10.09 -5.22
N TRP A 170 -1.03 -10.71 -6.40
CA TRP A 170 -1.99 -10.26 -7.43
C TRP A 170 -3.41 -10.71 -7.04
N LEU A 171 -4.29 -9.74 -6.83
CA LEU A 171 -5.70 -9.96 -6.50
C LEU A 171 -6.49 -10.09 -7.81
N GLU A 172 -7.12 -11.25 -8.08
CA GLU A 172 -7.97 -11.44 -9.27
C GLU A 172 -9.41 -11.02 -8.93
N THR A 173 -9.52 -9.75 -8.53
CA THR A 173 -10.77 -9.11 -8.14
C THR A 173 -10.61 -7.58 -8.27
N ALA A 174 -11.72 -6.87 -8.51
CA ALA A 174 -11.71 -5.42 -8.64
C ALA A 174 -11.89 -4.79 -7.25
N VAL A 175 -10.88 -4.01 -6.81
CA VAL A 175 -10.92 -3.30 -5.52
C VAL A 175 -11.53 -1.91 -5.77
N THR A 176 -12.86 -1.86 -5.62
CA THR A 176 -13.62 -0.61 -5.73
C THR A 176 -13.95 -0.09 -4.32
N ALA A 177 -13.20 0.94 -3.90
CA ALA A 177 -13.33 1.54 -2.57
C ALA A 177 -13.06 3.05 -2.67
N GLY A 178 -13.89 3.86 -1.96
CA GLY A 178 -13.83 5.32 -2.07
C GLY A 178 -13.91 5.83 -3.50
N GLU A 179 -13.19 6.94 -3.78
CA GLU A 179 -13.07 7.50 -5.14
C GLU A 179 -11.89 6.84 -5.92
N ARG A 180 -11.92 6.96 -7.25
CA ARG A 180 -10.91 6.39 -8.17
C ARG A 180 -10.67 7.38 -9.31
N THR A 181 -9.47 7.36 -9.91
CA THR A 181 -9.24 8.04 -11.21
C THR A 181 -10.17 7.47 -12.33
N ASP A 182 -11.10 8.32 -12.79
CA ASP A 182 -12.07 8.00 -13.85
C ASP A 182 -11.67 8.70 -15.17
N LEU A 183 -12.09 8.10 -16.30
CA LEU A 183 -11.76 8.59 -17.65
C LEU A 183 -12.45 9.94 -17.97
N GLU A 184 -13.59 10.19 -17.32
CA GLU A 184 -14.39 11.43 -17.50
C GLU A 184 -14.36 12.28 -16.22
N HIS A 185 -14.76 13.56 -16.36
CA HIS A 185 -14.92 14.49 -15.22
C HIS A 185 -16.41 14.48 -14.79
N MET A 1 -16.56 -2.84 22.26
CA MET A 1 -15.19 -2.29 22.10
C MET A 1 -15.01 -1.75 20.68
N ASP A 2 -15.30 -0.45 20.52
CA ASP A 2 -15.17 0.29 19.24
C ASP A 2 -13.94 1.21 19.28
N GLU A 3 -13.35 1.32 20.48
CA GLU A 3 -12.17 2.15 20.78
C GLU A 3 -10.97 1.87 19.84
N ASP A 4 -10.89 0.62 19.32
CA ASP A 4 -9.85 0.23 18.35
C ASP A 4 -10.09 0.92 16.99
N THR A 5 -11.37 1.02 16.59
CA THR A 5 -11.77 1.53 15.28
C THR A 5 -11.80 3.09 15.24
N GLU A 6 -12.07 3.73 16.40
CA GLU A 6 -11.99 5.20 16.52
C GLU A 6 -10.51 5.65 16.55
N ASP A 7 -9.63 4.76 17.06
CA ASP A 7 -8.17 4.96 17.07
C ASP A 7 -7.62 4.77 15.64
N TRP A 8 -8.27 3.85 14.91
CA TRP A 8 -8.05 3.64 13.47
C TRP A 8 -8.45 4.90 12.65
N GLU A 9 -9.52 5.57 13.09
CA GLU A 9 -9.98 6.84 12.49
C GLU A 9 -9.00 7.98 12.81
N THR A 10 -8.45 7.94 14.03
CA THR A 10 -7.45 8.91 14.52
C THR A 10 -6.15 8.83 13.68
N GLN A 11 -5.61 7.60 13.47
CA GLN A 11 -4.41 7.39 12.63
C GLN A 11 -4.70 7.64 11.14
N LEU A 12 -5.97 7.49 10.73
CA LEU A 12 -6.43 7.72 9.34
C LEU A 12 -6.29 9.21 8.95
N GLN A 13 -6.88 10.11 9.77
CA GLN A 13 -6.83 11.56 9.50
C GLN A 13 -5.40 12.10 9.67
N ALA A 14 -4.57 11.36 10.44
CA ALA A 14 -3.13 11.62 10.56
C ALA A 14 -2.41 11.26 9.24
N ASN A 15 -2.76 10.07 8.67
CA ASN A 15 -2.20 9.58 7.38
C ASN A 15 -2.38 10.61 6.26
N ARG A 16 -3.65 10.87 5.86
CA ARG A 16 -3.98 11.77 4.71
C ARG A 16 -3.44 13.22 4.91
N ASP A 17 -3.25 13.61 6.19
CA ASP A 17 -2.61 14.88 6.58
C ASP A 17 -1.11 14.93 6.19
N GLU A 18 -0.30 14.08 6.84
CA GLU A 18 1.18 14.16 6.77
C GLU A 18 1.75 13.45 5.52
N LYS A 19 0.96 12.54 4.94
CA LYS A 19 1.37 11.80 3.72
C LYS A 19 1.28 12.75 2.50
N ASP A 20 0.36 13.74 2.59
CA ASP A 20 0.25 14.80 1.56
C ASP A 20 1.53 15.63 1.53
N ARG A 21 2.01 16.07 2.72
CA ARG A 21 3.16 16.98 2.81
C ARG A 21 4.48 16.20 2.62
N PHE A 22 4.42 14.88 2.76
CA PHE A 22 5.52 13.98 2.36
C PHE A 22 5.70 14.05 0.83
N PHE A 23 4.57 13.99 0.10
CA PHE A 23 4.55 14.07 -1.38
C PHE A 23 4.60 15.54 -1.88
N SER A 24 4.48 16.52 -0.96
CA SER A 24 4.49 17.97 -1.33
C SER A 24 5.85 18.62 -1.01
N GLU A 25 6.28 18.49 0.25
CA GLU A 25 7.39 19.30 0.83
C GLU A 25 8.67 18.46 0.91
N HIS A 26 8.53 17.21 1.41
CA HIS A 26 9.67 16.28 1.56
C HIS A 26 10.17 15.82 0.18
N ARG A 27 9.22 15.43 -0.68
CA ARG A 27 9.48 15.03 -2.07
C ARG A 27 8.51 15.76 -2.99
N GLN A 28 8.90 15.92 -4.26
CA GLN A 28 8.04 16.44 -5.32
C GLN A 28 6.84 15.48 -5.55
N SER A 29 5.66 16.06 -5.84
CA SER A 29 4.45 15.27 -6.16
C SER A 29 4.70 14.32 -7.36
N PRO A 30 4.47 12.96 -7.20
CA PRO A 30 4.60 11.98 -8.30
C PRO A 30 3.50 12.19 -9.35
N ILE A 31 2.33 12.71 -8.91
CA ILE A 31 1.21 13.05 -9.81
C ILE A 31 1.67 14.21 -10.73
N PRO A 32 1.74 13.99 -12.09
CA PRO A 32 2.21 15.02 -13.07
C PRO A 32 1.51 16.40 -12.94
N PRO A 33 2.23 17.54 -13.22
CA PRO A 33 1.67 18.93 -13.08
C PRO A 33 0.32 19.12 -13.79
N GLU A 34 0.21 18.53 -14.98
CA GLU A 34 -1.00 18.61 -15.84
C GLU A 34 -2.10 17.71 -15.28
N GLU A 35 -1.70 16.54 -14.75
CA GLU A 35 -2.63 15.55 -14.16
C GLU A 35 -3.36 16.13 -12.94
N ARG A 36 -2.59 16.69 -11.98
CA ARG A 36 -3.14 17.24 -10.73
C ARG A 36 -3.74 18.65 -10.94
N ASP A 37 -3.68 19.18 -12.18
CA ASP A 37 -4.33 20.46 -12.54
C ASP A 37 -5.79 20.20 -12.99
N ASP A 38 -5.96 19.29 -13.96
CA ASP A 38 -7.29 18.98 -14.55
C ASP A 38 -8.10 18.02 -13.65
N PHE A 39 -7.40 17.06 -13.06
CA PHE A 39 -7.93 16.17 -12.01
C PHE A 39 -7.44 16.70 -10.66
N ASP A 40 -8.04 16.22 -9.57
CA ASP A 40 -7.63 16.61 -8.21
C ASP A 40 -6.23 16.00 -7.90
N GLY A 41 -5.58 16.52 -6.84
CA GLY A 41 -4.25 16.08 -6.38
C GLY A 41 -4.10 14.59 -6.04
N LEU A 42 -3.18 14.31 -5.08
CA LEU A 42 -2.82 12.93 -4.65
C LEU A 42 -4.07 12.07 -4.40
N SER A 43 -4.40 11.18 -5.35
CA SER A 43 -5.59 10.33 -5.26
C SER A 43 -5.44 9.32 -4.10
N TYR A 44 -6.28 9.48 -3.07
CA TYR A 44 -6.26 8.65 -1.86
C TYR A 44 -7.63 8.01 -1.68
N PHE A 45 -7.65 6.77 -1.21
CA PHE A 45 -8.89 6.03 -1.00
C PHE A 45 -9.47 6.40 0.38
N ASP A 46 -10.80 6.44 0.44
CA ASP A 46 -11.57 6.90 1.60
C ASP A 46 -12.05 5.67 2.42
N PRO A 47 -12.10 5.75 3.79
CA PRO A 47 -12.48 4.62 4.70
C PRO A 47 -13.77 3.85 4.30
N ASP A 48 -13.57 2.61 3.82
CA ASP A 48 -14.62 1.57 3.71
C ASP A 48 -14.38 0.51 4.81
N PRO A 49 -15.01 0.67 6.03
CA PRO A 49 -14.88 -0.31 7.14
C PRO A 49 -15.28 -1.77 6.74
N ASP A 50 -16.37 -1.88 5.96
CA ASP A 50 -16.91 -3.19 5.50
C ASP A 50 -15.99 -3.89 4.47
N TYR A 51 -15.17 -3.11 3.75
CA TYR A 51 -14.29 -3.67 2.69
C TYR A 51 -12.92 -4.11 3.28
N ARG A 52 -12.63 -3.63 4.49
CA ARG A 52 -11.40 -3.95 5.25
C ARG A 52 -11.37 -5.46 5.63
N VAL A 53 -10.21 -6.16 5.40
CA VAL A 53 -10.08 -7.61 5.68
C VAL A 53 -9.00 -7.88 6.76
N GLU A 54 -9.00 -9.12 7.28
CA GLU A 54 -7.96 -9.61 8.23
C GLU A 54 -7.06 -10.64 7.52
N ALA A 55 -5.80 -10.79 8.01
CA ALA A 55 -4.82 -11.73 7.44
C ALA A 55 -3.93 -12.33 8.54
N THR A 56 -3.58 -13.61 8.39
CA THR A 56 -2.66 -14.31 9.29
C THR A 56 -1.22 -14.16 8.77
N VAL A 57 -0.33 -13.63 9.62
CA VAL A 57 1.08 -13.40 9.31
C VAL A 57 1.88 -14.73 9.32
N THR A 58 2.75 -14.90 8.32
CA THR A 58 3.67 -16.03 8.23
C THR A 58 5.09 -15.50 7.98
N VAL A 59 5.94 -15.57 9.01
CA VAL A 59 7.27 -14.95 9.01
C VAL A 59 8.30 -15.94 8.48
N HIS A 60 9.16 -15.45 7.57
CA HIS A 60 10.23 -16.23 6.95
C HIS A 60 11.50 -16.12 7.79
N GLU A 61 11.96 -17.25 8.35
CA GLU A 61 13.20 -17.36 9.17
C GLU A 61 14.43 -16.84 8.39
N THR A 62 14.39 -17.05 7.05
CA THR A 62 15.39 -16.57 6.12
C THR A 62 14.70 -15.60 5.11
N PRO A 63 14.75 -14.24 5.37
CA PRO A 63 14.10 -13.25 4.50
C PRO A 63 14.82 -13.12 3.13
N GLU A 64 14.05 -13.29 2.03
CA GLU A 64 14.60 -13.20 0.67
C GLU A 64 14.78 -11.73 0.26
N SER A 65 15.70 -11.48 -0.68
CA SER A 65 16.02 -10.15 -1.18
C SER A 65 15.11 -9.80 -2.37
N VAL A 66 14.18 -8.86 -2.15
CA VAL A 66 13.21 -8.41 -3.14
C VAL A 66 13.50 -6.93 -3.45
N ASP A 67 13.92 -6.63 -4.69
CA ASP A 67 14.28 -5.27 -5.10
C ASP A 67 12.99 -4.48 -5.37
N LEU A 68 12.77 -3.43 -4.56
CA LEU A 68 11.62 -2.52 -4.70
C LEU A 68 12.14 -1.08 -4.73
N GLU A 69 11.25 -0.14 -5.01
CA GLU A 69 11.56 1.30 -4.91
C GLU A 69 11.35 1.79 -3.46
N THR A 70 12.07 2.85 -3.09
CA THR A 70 11.82 3.59 -1.85
C THR A 70 11.09 4.91 -2.18
N SER A 71 10.75 5.66 -1.14
CA SER A 71 9.93 6.88 -1.23
C SER A 71 10.79 8.13 -1.56
N ASP A 72 11.99 7.91 -2.13
CA ASP A 72 13.05 8.94 -2.26
C ASP A 72 13.68 8.87 -3.67
N ASP A 73 12.87 8.43 -4.67
CA ASP A 73 13.26 8.36 -6.11
C ASP A 73 14.43 7.37 -6.35
N ARG A 74 14.61 6.40 -5.45
CA ARG A 74 15.77 5.47 -5.48
C ARG A 74 15.28 4.00 -5.44
N THR A 75 16.20 3.06 -5.69
CA THR A 75 15.91 1.61 -5.67
C THR A 75 16.72 1.02 -4.53
N VAL A 76 16.08 0.19 -3.70
CA VAL A 76 16.72 -0.43 -2.52
C VAL A 76 16.21 -1.86 -2.33
N ARG A 77 17.11 -2.72 -1.87
CA ARG A 77 16.82 -4.11 -1.49
C ARG A 77 15.91 -4.10 -0.25
N TYR A 78 14.79 -4.83 -0.34
CA TYR A 78 13.90 -5.11 0.80
C TYR A 78 14.09 -6.56 1.25
N LEU A 79 13.91 -6.82 2.54
CA LEU A 79 13.90 -8.17 3.10
C LEU A 79 12.45 -8.59 3.35
N HIS A 80 12.09 -9.77 2.81
CA HIS A 80 10.76 -10.34 2.95
C HIS A 80 10.64 -11.00 4.32
N VAL A 81 10.04 -10.27 5.25
CA VAL A 81 9.97 -10.68 6.66
C VAL A 81 8.69 -11.45 6.94
N ALA A 82 7.61 -11.13 6.23
CA ALA A 82 6.28 -11.71 6.50
C ALA A 82 5.48 -11.95 5.21
N THR A 83 4.49 -12.84 5.30
CA THR A 83 3.50 -13.07 4.24
C THR A 83 2.11 -13.06 4.90
N LEU A 84 1.27 -12.12 4.47
CA LEU A 84 -0.06 -11.89 5.06
C LEU A 84 -1.08 -12.67 4.21
N SER A 85 -1.47 -13.85 4.70
CA SER A 85 -2.35 -14.77 3.96
C SER A 85 -3.81 -14.56 4.40
N PHE A 86 -4.74 -14.50 3.42
CA PHE A 86 -6.16 -14.20 3.65
C PHE A 86 -7.02 -14.58 2.44
N ASP A 87 -8.30 -14.19 2.49
CA ASP A 87 -9.27 -14.38 1.41
C ASP A 87 -9.95 -13.02 1.09
N LEU A 88 -10.22 -12.81 -0.20
CA LEU A 88 -10.89 -11.59 -0.71
C LEU A 88 -11.73 -11.98 -1.93
N ASP A 89 -13.03 -11.58 -1.91
CA ASP A 89 -14.00 -11.78 -3.01
C ASP A 89 -14.42 -13.26 -3.16
N GLY A 90 -13.53 -14.08 -3.73
CA GLY A 90 -13.76 -15.52 -3.95
C GLY A 90 -12.47 -16.28 -4.18
N GLU A 91 -11.34 -15.65 -3.77
CA GLU A 91 -9.99 -16.19 -3.98
C GLU A 91 -9.09 -15.88 -2.77
N SER A 92 -8.21 -16.82 -2.43
CA SER A 92 -7.27 -16.69 -1.31
C SER A 92 -6.06 -15.85 -1.75
N ARG A 93 -5.92 -14.67 -1.14
CA ARG A 93 -4.89 -13.68 -1.50
C ARG A 93 -3.74 -13.67 -0.48
N ASP A 94 -2.51 -13.47 -0.97
CA ASP A 94 -1.31 -13.25 -0.13
C ASP A 94 -0.71 -11.88 -0.48
N LEU A 95 -0.43 -11.05 0.53
CA LEU A 95 0.35 -9.81 0.37
C LEU A 95 1.62 -9.94 1.19
N HIS A 96 2.77 -9.85 0.53
CA HIS A 96 4.07 -10.09 1.16
C HIS A 96 4.57 -8.78 1.77
N ALA A 97 4.91 -8.84 3.06
CA ALA A 97 5.24 -7.66 3.88
C ALA A 97 6.75 -7.57 4.01
N PHE A 98 7.30 -6.44 3.56
CA PHE A 98 8.75 -6.22 3.54
C PHE A 98 9.13 -5.01 4.39
N ARG A 99 10.45 -4.82 4.52
CA ARG A 99 11.09 -3.61 5.04
C ARG A 99 12.56 -3.66 4.61
N GLN A 100 13.15 -2.48 4.31
CA GLN A 100 14.42 -2.36 3.55
C GLN A 100 15.55 -3.29 4.10
N ALA A 101 16.11 -2.97 5.27
CA ALA A 101 17.11 -3.85 5.92
C ALA A 101 16.62 -4.39 7.26
N ALA A 102 16.67 -3.54 8.30
CA ALA A 102 16.45 -3.96 9.70
C ALA A 102 15.44 -3.04 10.42
N ASP A 103 14.37 -2.63 9.70
CA ASP A 103 13.35 -1.72 10.26
C ASP A 103 12.61 -2.39 11.43
N GLU A 104 12.34 -1.59 12.48
CA GLU A 104 11.57 -2.01 13.67
C GLU A 104 10.65 -0.85 14.10
N SER A 105 10.33 0.04 13.13
CA SER A 105 9.37 1.15 13.30
C SER A 105 7.93 0.69 12.89
N ARG A 106 7.75 -0.64 12.81
CA ARG A 106 6.47 -1.32 12.43
C ARG A 106 6.15 -1.12 10.93
N THR A 107 7.08 -0.51 10.18
CA THR A 107 6.82 -0.02 8.82
C THR A 107 6.93 -1.19 7.81
N LEU A 108 5.75 -1.71 7.42
CA LEU A 108 5.63 -2.85 6.49
C LEU A 108 5.01 -2.38 5.18
N PHE A 109 5.74 -2.57 4.09
CA PHE A 109 5.34 -2.12 2.75
C PHE A 109 4.78 -3.31 1.97
N VAL A 110 3.48 -3.25 1.63
CA VAL A 110 2.80 -4.23 0.76
C VAL A 110 2.22 -3.51 -0.48
N PRO A 111 2.81 -3.73 -1.69
CA PRO A 111 2.13 -3.38 -2.96
C PRO A 111 1.08 -4.45 -3.31
N PHE A 112 -0.05 -4.03 -3.90
CA PHE A 112 -1.08 -4.97 -4.42
C PHE A 112 -1.62 -4.47 -5.77
N ARG A 113 -1.48 -5.30 -6.81
CA ARG A 113 -1.94 -4.97 -8.17
C ARG A 113 -3.26 -5.71 -8.44
N ASP A 114 -4.37 -4.97 -8.62
CA ASP A 114 -5.73 -5.56 -8.69
C ASP A 114 -6.36 -5.25 -10.07
N LYS A 115 -7.69 -5.50 -10.21
CA LYS A 115 -8.39 -5.31 -11.51
C LYS A 115 -8.73 -3.84 -11.83
N THR A 116 -8.56 -2.91 -10.86
CA THR A 116 -8.68 -1.47 -11.15
C THR A 116 -7.38 -0.97 -11.82
N THR A 117 -6.27 -1.67 -11.51
CA THR A 117 -4.93 -1.33 -12.00
C THR A 117 -4.82 -1.58 -13.52
N GLY A 118 -4.61 -0.50 -14.29
CA GLY A 118 -4.65 -0.54 -15.75
C GLY A 118 -6.01 -0.12 -16.31
N GLN A 119 -7.10 -0.47 -15.57
CA GLN A 119 -8.49 -0.23 -16.02
C GLN A 119 -9.02 1.12 -15.47
N GLN A 120 -9.73 1.10 -14.31
CA GLN A 120 -10.34 2.32 -13.70
C GLN A 120 -9.36 2.97 -12.68
N SER A 121 -8.07 2.72 -12.90
CA SER A 121 -6.94 3.36 -12.23
C SER A 121 -5.70 3.05 -13.08
N TYR A 122 -4.63 3.86 -12.95
CA TYR A 122 -3.37 3.65 -13.70
C TYR A 122 -2.66 2.33 -13.28
N ASP A 123 -1.63 1.94 -14.03
CA ASP A 123 -0.88 0.68 -13.82
C ASP A 123 0.08 0.80 -12.60
N GLY A 124 1.02 -0.16 -12.43
CA GLY A 124 2.04 -0.09 -11.37
C GLY A 124 1.61 -0.82 -10.10
N GLY A 125 0.37 -0.56 -9.66
CA GLY A 125 -0.20 -1.17 -8.45
C GLY A 125 -0.69 -0.13 -7.45
N ARG A 126 -1.24 -0.62 -6.33
CA ARG A 126 -1.66 0.21 -5.20
C ARG A 126 -0.59 0.03 -4.11
N TYR A 127 -0.13 1.14 -3.54
CA TYR A 127 0.92 1.12 -2.50
C TYR A 127 0.21 1.22 -1.15
N MET A 128 0.50 0.27 -0.26
CA MET A 128 -0.21 0.16 1.02
C MET A 128 0.82 -0.15 2.11
N GLU A 129 0.67 0.49 3.27
CA GLU A 129 1.67 0.41 4.34
C GLU A 129 0.97 0.28 5.69
N LEU A 130 1.35 -0.76 6.46
CA LEU A 130 0.75 -1.07 7.76
C LEU A 130 1.79 -0.79 8.85
N GLU A 131 1.37 -0.12 9.92
CA GLU A 131 2.20 0.08 11.13
C GLU A 131 1.39 -0.39 12.36
N PRO A 132 1.46 -1.74 12.68
CA PRO A 132 0.74 -2.36 13.84
C PRO A 132 1.20 -1.82 15.21
N ASP A 133 0.49 -2.21 16.28
CA ASP A 133 0.81 -1.80 17.67
C ASP A 133 2.02 -2.60 18.21
N ARG A 134 2.34 -3.71 17.53
CA ARG A 134 3.43 -4.63 17.91
C ARG A 134 3.91 -5.36 16.65
N ASP A 135 5.16 -5.89 16.70
CA ASP A 135 5.82 -6.43 15.50
C ASP A 135 5.23 -7.81 15.16
N LEU A 136 4.96 -8.04 13.87
CA LEU A 136 4.20 -9.20 13.39
C LEU A 136 5.08 -10.47 13.40
N SER A 137 4.70 -11.43 14.24
CA SER A 137 5.42 -12.71 14.44
C SER A 137 4.78 -13.82 13.58
N ASP A 138 5.37 -15.03 13.60
CA ASP A 138 4.87 -16.18 12.81
C ASP A 138 3.64 -16.79 13.52
N GLY A 139 2.47 -16.67 12.87
CA GLY A 139 1.19 -17.10 13.46
C GLY A 139 0.38 -15.93 14.04
N ASP A 140 0.88 -14.70 13.80
CA ASP A 140 0.24 -13.43 14.25
C ASP A 140 -0.94 -13.09 13.31
N GLU A 141 -1.72 -12.04 13.61
CA GLU A 141 -2.70 -11.48 12.65
C GLU A 141 -2.46 -9.97 12.43
N ILE A 142 -3.09 -9.45 11.37
CA ILE A 142 -2.98 -8.04 10.95
C ILE A 142 -4.17 -7.69 10.04
N THR A 143 -4.61 -6.42 10.06
CA THR A 143 -5.77 -5.97 9.27
C THR A 143 -5.26 -5.21 8.02
N LEU A 144 -5.68 -5.67 6.82
CA LEU A 144 -5.22 -5.14 5.51
C LEU A 144 -6.18 -4.06 5.00
N ASP A 145 -5.77 -2.80 5.16
CA ASP A 145 -6.54 -1.62 4.76
C ASP A 145 -6.27 -1.21 3.30
N PHE A 146 -7.01 -1.80 2.37
CA PHE A 146 -6.94 -1.45 0.93
C PHE A 146 -7.53 -0.04 0.71
N ASN A 147 -8.52 0.28 1.57
CA ASN A 147 -9.20 1.58 1.59
C ASN A 147 -8.32 2.72 2.12
N LEU A 148 -7.14 2.41 2.70
CA LEU A 148 -6.19 3.45 3.19
C LEU A 148 -4.88 3.42 2.36
N ALA A 149 -4.92 2.81 1.16
CA ALA A 149 -3.76 2.75 0.25
C ALA A 149 -3.44 4.14 -0.33
N TYR A 150 -2.15 4.45 -0.39
CA TYR A 150 -1.62 5.78 -0.76
C TYR A 150 -1.37 5.88 -2.26
N SER A 151 -1.39 7.13 -2.78
CA SER A 151 -1.05 7.46 -4.17
C SER A 151 0.24 6.75 -4.67
N PRO A 152 0.19 6.08 -5.88
CA PRO A 152 1.39 5.49 -6.54
C PRO A 152 2.53 6.51 -6.79
N PHE A 153 3.71 5.95 -7.11
CA PHE A 153 4.95 6.74 -7.26
C PHE A 153 5.45 6.62 -8.72
N CYS A 154 5.77 5.37 -9.12
CA CYS A 154 6.34 5.08 -10.45
C CYS A 154 5.27 5.17 -11.55
N ALA A 155 4.05 4.70 -11.22
CA ALA A 155 2.89 4.72 -12.14
C ALA A 155 2.62 6.11 -12.76
N TYR A 156 2.86 7.14 -11.95
CA TYR A 156 2.67 8.55 -12.35
C TYR A 156 3.98 9.21 -12.82
N SER A 157 5.15 8.70 -12.36
CA SER A 157 6.47 9.30 -12.72
C SER A 157 7.59 8.24 -12.72
N ASP A 158 8.32 8.14 -13.86
CA ASP A 158 9.43 7.17 -14.05
C ASP A 158 10.71 7.59 -13.29
N THR A 159 10.70 8.81 -12.71
CA THR A 159 11.76 9.28 -11.78
C THR A 159 11.82 8.39 -10.52
N PHE A 160 10.71 7.68 -10.22
CA PHE A 160 10.67 6.60 -9.24
C PHE A 160 10.77 5.28 -10.02
N SER A 161 11.62 4.37 -9.55
CA SER A 161 11.93 3.10 -10.21
C SER A 161 10.76 2.11 -10.11
N CYS A 162 10.54 1.31 -11.17
CA CYS A 162 9.52 0.27 -11.16
C CYS A 162 10.00 -0.87 -10.24
N PRO A 163 9.25 -1.21 -9.14
CA PRO A 163 9.63 -2.30 -8.22
C PRO A 163 9.40 -3.67 -8.87
N LEU A 164 9.94 -4.75 -8.27
CA LEU A 164 9.68 -6.12 -8.72
C LEU A 164 8.55 -6.69 -7.85
N PRO A 165 7.26 -6.70 -8.35
CA PRO A 165 6.12 -7.18 -7.56
C PRO A 165 6.18 -8.70 -7.35
N PRO A 166 6.13 -9.19 -6.07
CA PRO A 166 6.04 -10.64 -5.77
C PRO A 166 4.72 -11.17 -6.35
N GLU A 167 4.78 -12.09 -7.33
CA GLU A 167 3.61 -12.53 -8.16
C GLU A 167 2.33 -12.88 -7.34
N SER A 168 2.51 -13.20 -6.06
CA SER A 168 1.42 -13.51 -5.11
C SER A 168 0.55 -12.27 -4.74
N ASN A 169 1.04 -11.05 -5.02
CA ASN A 169 0.41 -9.79 -4.56
C ASN A 169 -0.59 -9.29 -5.62
N TRP A 170 -0.62 -9.98 -6.76
CA TRP A 170 -1.54 -9.70 -7.86
C TRP A 170 -2.93 -10.23 -7.51
N LEU A 171 -3.85 -9.33 -7.16
CA LEU A 171 -5.23 -9.69 -6.80
C LEU A 171 -6.03 -9.77 -8.12
N GLU A 172 -6.55 -10.95 -8.47
CA GLU A 172 -7.35 -11.16 -9.71
C GLU A 172 -8.83 -10.82 -9.40
N THR A 173 -9.03 -9.65 -8.78
CA THR A 173 -10.31 -9.19 -8.26
C THR A 173 -10.32 -7.66 -8.18
N ALA A 174 -11.52 -7.08 -8.32
CA ALA A 174 -11.71 -5.62 -8.32
C ALA A 174 -11.83 -5.13 -6.88
N VAL A 175 -10.83 -4.36 -6.42
CA VAL A 175 -10.85 -3.74 -5.10
C VAL A 175 -11.59 -2.40 -5.22
N THR A 176 -12.92 -2.44 -5.01
CA THR A 176 -13.77 -1.25 -4.98
C THR A 176 -13.74 -0.66 -3.56
N ALA A 177 -12.72 0.16 -3.31
CA ALA A 177 -12.49 0.80 -2.01
C ALA A 177 -12.03 2.24 -2.23
N GLY A 178 -12.70 3.18 -1.55
CA GLY A 178 -12.51 4.61 -1.76
C GLY A 178 -12.92 5.11 -3.12
N GLU A 179 -12.48 6.34 -3.43
CA GLU A 179 -12.75 7.01 -4.72
C GLU A 179 -11.82 6.39 -5.80
N ARG A 180 -12.31 6.29 -7.04
CA ARG A 180 -11.60 5.63 -8.16
C ARG A 180 -11.79 6.47 -9.43
N THR A 181 -10.68 6.69 -10.18
CA THR A 181 -10.72 7.37 -11.49
C THR A 181 -11.68 6.64 -12.48
N ASP A 182 -12.82 7.27 -12.76
CA ASP A 182 -13.85 6.75 -13.69
C ASP A 182 -13.27 6.57 -15.13
N LEU A 183 -13.92 5.72 -15.95
CA LEU A 183 -13.44 5.38 -17.32
C LEU A 183 -13.35 6.64 -18.23
N GLU A 184 -14.14 7.68 -17.92
CA GLU A 184 -13.99 9.01 -18.51
C GLU A 184 -13.79 10.04 -17.38
N HIS A 185 -13.36 11.25 -17.78
CA HIS A 185 -13.06 12.38 -16.86
C HIS A 185 -14.25 12.67 -15.89
N MET A 1 -21.23 -0.16 17.44
CA MET A 1 -20.04 0.05 18.28
C MET A 1 -18.90 0.67 17.44
N ASP A 2 -18.92 2.01 17.37
CA ASP A 2 -17.98 2.80 16.55
C ASP A 2 -16.85 3.37 17.42
N GLU A 3 -16.84 3.02 18.72
CA GLU A 3 -15.82 3.48 19.69
C GLU A 3 -14.45 2.86 19.38
N ASP A 4 -14.48 1.61 18.86
CA ASP A 4 -13.30 0.87 18.41
C ASP A 4 -12.83 1.41 17.05
N THR A 5 -13.81 1.60 16.16
CA THR A 5 -13.57 1.97 14.75
C THR A 5 -13.09 3.43 14.60
N GLU A 6 -13.46 4.30 15.58
CA GLU A 6 -13.00 5.71 15.60
C GLU A 6 -11.51 5.80 15.93
N ASP A 7 -10.98 4.78 16.64
CA ASP A 7 -9.54 4.72 16.97
C ASP A 7 -8.72 4.35 15.71
N TRP A 8 -9.29 3.49 14.86
CA TRP A 8 -8.81 3.29 13.47
C TRP A 8 -8.84 4.62 12.68
N GLU A 9 -9.91 5.40 12.87
CA GLU A 9 -10.06 6.71 12.19
C GLU A 9 -9.14 7.78 12.86
N THR A 10 -8.65 7.47 14.09
CA THR A 10 -7.67 8.31 14.82
C THR A 10 -6.26 8.13 14.22
N GLN A 11 -5.82 6.85 14.04
CA GLN A 11 -4.55 6.58 13.34
C GLN A 11 -4.62 7.10 11.90
N LEU A 12 -5.82 7.02 11.28
CA LEU A 12 -6.07 7.45 9.90
C LEU A 12 -5.87 8.97 9.74
N GLN A 13 -6.49 9.79 10.63
CA GLN A 13 -6.37 11.26 10.53
C GLN A 13 -4.90 11.70 10.71
N ALA A 14 -4.13 10.90 11.48
CA ALA A 14 -2.68 11.10 11.66
C ALA A 14 -1.90 10.70 10.39
N ASN A 15 -2.22 9.51 9.81
CA ASN A 15 -1.58 8.98 8.57
C ASN A 15 -1.73 9.97 7.41
N ARG A 16 -2.99 10.33 7.10
CA ARG A 16 -3.33 11.20 5.94
C ARG A 16 -2.73 12.62 6.09
N ASP A 17 -2.48 13.03 7.35
CA ASP A 17 -1.85 14.32 7.69
C ASP A 17 -0.33 14.28 7.38
N GLU A 18 0.39 13.33 8.01
CA GLU A 18 1.87 13.23 7.92
C GLU A 18 2.33 12.82 6.50
N LYS A 19 1.48 12.04 5.81
CA LYS A 19 1.78 11.52 4.46
C LYS A 19 1.27 12.46 3.36
N ASP A 20 0.48 13.49 3.72
CA ASP A 20 0.10 14.57 2.78
C ASP A 20 1.29 15.54 2.60
N ARG A 21 1.96 15.87 3.72
CA ARG A 21 3.16 16.74 3.71
C ARG A 21 4.39 15.94 3.27
N PHE A 22 4.25 14.62 3.18
CA PHE A 22 5.27 13.75 2.60
C PHE A 22 5.31 13.93 1.07
N PHE A 23 4.15 14.25 0.48
CA PHE A 23 4.01 14.49 -0.97
C PHE A 23 4.09 16.00 -1.30
N SER A 24 4.09 16.86 -0.25
CA SER A 24 4.20 18.32 -0.43
C SER A 24 5.60 18.86 -0.05
N GLU A 25 6.04 18.56 1.19
CA GLU A 25 7.23 19.19 1.81
C GLU A 25 8.45 18.25 1.74
N HIS A 26 8.24 16.96 2.06
CA HIS A 26 9.34 15.98 2.14
C HIS A 26 9.82 15.57 0.73
N ARG A 27 8.91 14.99 -0.05
CA ARG A 27 9.14 14.59 -1.45
C ARG A 27 8.08 15.29 -2.31
N GLN A 28 8.39 15.54 -3.59
CA GLN A 28 7.45 16.15 -4.52
C GLN A 28 6.36 15.14 -4.92
N SER A 29 5.10 15.61 -5.05
CA SER A 29 3.96 14.77 -5.45
C SER A 29 4.17 14.12 -6.84
N PRO A 30 4.03 12.75 -6.95
CA PRO A 30 4.22 12.01 -8.23
C PRO A 30 3.19 12.41 -9.29
N ILE A 31 2.10 13.05 -8.84
CA ILE A 31 1.10 13.66 -9.74
C ILE A 31 1.82 14.80 -10.52
N PRO A 32 2.15 14.61 -11.86
CA PRO A 32 3.04 15.53 -12.63
C PRO A 32 2.52 16.99 -12.65
N PRO A 33 3.43 18.04 -12.77
CA PRO A 33 3.06 19.49 -12.71
C PRO A 33 1.78 19.86 -13.51
N GLU A 34 1.61 19.26 -14.70
CA GLU A 34 0.41 19.44 -15.54
C GLU A 34 -0.83 18.80 -14.90
N GLU A 35 -0.67 17.56 -14.42
CA GLU A 35 -1.77 16.75 -13.86
C GLU A 35 -2.28 17.32 -12.53
N ARG A 36 -1.33 17.72 -11.64
CA ARG A 36 -1.66 18.17 -10.26
C ARG A 36 -2.26 19.58 -10.25
N ASP A 37 -2.25 20.24 -11.41
CA ASP A 37 -2.97 21.49 -11.62
C ASP A 37 -4.49 21.22 -11.60
N ASP A 38 -4.89 20.06 -12.16
CA ASP A 38 -6.29 19.59 -12.14
C ASP A 38 -6.61 18.74 -10.90
N PHE A 39 -5.64 17.92 -10.44
CA PHE A 39 -5.78 17.11 -9.22
C PHE A 39 -4.83 17.64 -8.15
N ASP A 40 -5.35 18.42 -7.19
CA ASP A 40 -4.53 18.98 -6.09
C ASP A 40 -4.82 18.19 -4.82
N GLY A 41 -4.07 17.08 -4.65
CA GLY A 41 -4.20 16.22 -3.49
C GLY A 41 -3.81 14.79 -3.80
N LEU A 42 -3.71 13.97 -2.76
CA LEU A 42 -3.47 12.52 -2.87
C LEU A 42 -4.66 11.83 -3.55
N SER A 43 -4.57 11.55 -4.87
CA SER A 43 -5.60 10.75 -5.56
C SER A 43 -5.49 9.28 -5.10
N TYR A 44 -6.49 8.81 -4.33
CA TYR A 44 -6.47 7.45 -3.75
C TYR A 44 -7.89 7.03 -3.31
N PHE A 45 -7.97 5.86 -2.66
CA PHE A 45 -9.23 5.25 -2.23
C PHE A 45 -9.66 5.85 -0.88
N ASP A 46 -10.97 6.07 -0.70
CA ASP A 46 -11.53 6.63 0.56
C ASP A 46 -11.59 5.53 1.63
N PRO A 47 -11.45 5.91 2.96
CA PRO A 47 -11.61 4.95 4.09
C PRO A 47 -12.98 4.23 4.02
N ASP A 48 -12.95 2.96 3.60
CA ASP A 48 -14.14 2.15 3.36
C ASP A 48 -14.06 0.89 4.25
N PRO A 49 -14.71 0.91 5.46
CA PRO A 49 -14.72 -0.25 6.39
C PRO A 49 -15.26 -1.56 5.76
N ASP A 50 -16.09 -1.42 4.70
CA ASP A 50 -16.64 -2.57 3.95
C ASP A 50 -15.53 -3.39 3.26
N TYR A 51 -14.47 -2.71 2.77
CA TYR A 51 -13.38 -3.38 2.02
C TYR A 51 -12.19 -3.73 2.97
N ARG A 52 -12.29 -3.28 4.24
CA ARG A 52 -11.24 -3.55 5.26
C ARG A 52 -11.20 -5.05 5.62
N VAL A 53 -10.00 -5.67 5.54
CA VAL A 53 -9.79 -7.08 5.91
C VAL A 53 -8.55 -7.18 6.83
N GLU A 54 -8.26 -8.40 7.31
CA GLU A 54 -7.09 -8.66 8.17
C GLU A 54 -6.48 -10.05 7.86
N ALA A 55 -5.15 -10.18 8.02
CA ALA A 55 -4.38 -11.36 7.61
C ALA A 55 -3.55 -11.95 8.77
N THR A 56 -3.11 -13.20 8.58
CA THR A 56 -2.20 -13.91 9.48
C THR A 56 -0.77 -13.85 8.87
N VAL A 57 0.21 -13.53 9.71
CA VAL A 57 1.59 -13.29 9.28
C VAL A 57 2.37 -14.62 9.16
N THR A 58 3.15 -14.75 8.08
CA THR A 58 4.00 -15.89 7.80
C THR A 58 5.43 -15.39 7.58
N VAL A 59 6.24 -15.36 8.65
CA VAL A 59 7.56 -14.74 8.63
C VAL A 59 8.60 -15.74 8.10
N HIS A 60 9.39 -15.28 7.12
CA HIS A 60 10.51 -16.04 6.59
C HIS A 60 11.75 -15.67 7.41
N GLU A 61 12.05 -16.55 8.38
CA GLU A 61 13.17 -16.38 9.33
C GLU A 61 14.54 -16.32 8.61
N THR A 62 14.56 -16.79 7.36
CA THR A 62 15.65 -16.57 6.41
C THR A 62 15.11 -15.66 5.26
N PRO A 63 15.20 -14.28 5.39
CA PRO A 63 14.58 -13.33 4.44
C PRO A 63 15.39 -13.15 3.13
N GLU A 64 14.72 -13.33 1.96
CA GLU A 64 15.36 -13.14 0.63
C GLU A 64 15.39 -11.64 0.23
N SER A 65 16.00 -11.35 -0.92
CA SER A 65 16.17 -9.97 -1.42
C SER A 65 15.23 -9.73 -2.63
N VAL A 66 14.32 -8.75 -2.50
CA VAL A 66 13.37 -8.35 -3.56
C VAL A 66 13.52 -6.83 -3.80
N ASP A 67 13.88 -6.42 -5.02
CA ASP A 67 14.10 -4.99 -5.34
C ASP A 67 12.76 -4.31 -5.64
N LEU A 68 12.39 -3.34 -4.79
CA LEU A 68 11.17 -2.52 -4.93
C LEU A 68 11.57 -1.05 -4.86
N GLU A 69 10.66 -0.12 -5.19
CA GLU A 69 10.90 1.31 -4.97
C GLU A 69 10.56 1.68 -3.52
N THR A 70 11.23 2.71 -3.04
CA THR A 70 10.93 3.35 -1.76
C THR A 70 10.17 4.66 -2.05
N SER A 71 9.74 5.33 -0.97
CA SER A 71 8.95 6.59 -1.04
C SER A 71 9.88 7.83 -1.15
N ASP A 72 11.12 7.59 -1.62
CA ASP A 72 12.24 8.54 -1.55
C ASP A 72 12.79 8.85 -2.97
N ASP A 73 12.00 8.49 -4.01
CA ASP A 73 12.38 8.61 -5.44
C ASP A 73 13.66 7.79 -5.74
N ARG A 74 13.75 6.59 -5.15
CA ARG A 74 14.94 5.73 -5.26
C ARG A 74 14.50 4.26 -5.48
N THR A 75 15.47 3.38 -5.78
CA THR A 75 15.25 1.94 -5.98
C THR A 75 16.15 1.23 -4.97
N VAL A 76 15.58 0.33 -4.18
CA VAL A 76 16.30 -0.27 -3.03
C VAL A 76 15.90 -1.74 -2.84
N ARG A 77 16.82 -2.50 -2.25
CA ARG A 77 16.62 -3.90 -1.91
C ARG A 77 15.79 -3.98 -0.63
N TYR A 78 14.69 -4.72 -0.72
CA TYR A 78 13.84 -5.08 0.43
C TYR A 78 14.14 -6.52 0.84
N LEU A 79 13.93 -6.83 2.11
CA LEU A 79 14.00 -8.20 2.62
C LEU A 79 12.58 -8.73 2.77
N HIS A 80 12.34 -9.93 2.20
CA HIS A 80 11.05 -10.59 2.33
C HIS A 80 10.98 -11.22 3.71
N VAL A 81 10.34 -10.48 4.62
CA VAL A 81 10.28 -10.85 6.03
C VAL A 81 9.00 -11.59 6.37
N ALA A 82 7.91 -11.32 5.61
CA ALA A 82 6.60 -11.91 5.92
C ALA A 82 5.75 -12.08 4.66
N THR A 83 4.72 -12.94 4.78
CA THR A 83 3.63 -13.05 3.81
C THR A 83 2.31 -13.08 4.60
N LEU A 84 1.41 -12.17 4.25
CA LEU A 84 0.18 -11.91 4.98
C LEU A 84 -0.98 -12.65 4.27
N SER A 85 -1.40 -13.79 4.83
CA SER A 85 -2.43 -14.66 4.25
C SER A 85 -3.81 -14.36 4.87
N PHE A 86 -4.77 -14.01 4.01
CA PHE A 86 -6.13 -13.60 4.41
C PHE A 86 -7.17 -14.16 3.43
N ASP A 87 -8.42 -13.71 3.59
CA ASP A 87 -9.52 -13.98 2.67
C ASP A 87 -10.03 -12.64 2.12
N LEU A 88 -10.28 -12.59 0.81
CA LEU A 88 -10.78 -11.40 0.11
C LEU A 88 -11.43 -11.86 -1.20
N ASP A 89 -12.52 -11.17 -1.60
CA ASP A 89 -13.30 -11.44 -2.82
C ASP A 89 -14.20 -12.69 -2.65
N GLY A 90 -13.56 -13.86 -2.56
CA GLY A 90 -14.26 -15.13 -2.34
C GLY A 90 -13.31 -16.29 -2.10
N GLU A 91 -12.01 -16.00 -1.92
CA GLU A 91 -10.96 -17.02 -1.73
C GLU A 91 -9.81 -16.46 -0.90
N SER A 92 -8.92 -17.37 -0.47
CA SER A 92 -7.75 -17.02 0.34
C SER A 92 -6.72 -16.30 -0.54
N ARG A 93 -6.49 -15.02 -0.24
CA ARG A 93 -5.53 -14.16 -0.94
C ARG A 93 -4.29 -13.98 -0.05
N ASP A 94 -3.13 -13.67 -0.65
CA ASP A 94 -1.89 -13.41 0.12
C ASP A 94 -1.11 -12.24 -0.49
N LEU A 95 -0.58 -11.39 0.39
CA LEU A 95 0.26 -10.23 0.03
C LEU A 95 1.52 -10.27 0.87
N HIS A 96 2.69 -10.16 0.23
CA HIS A 96 3.97 -10.34 0.92
C HIS A 96 4.42 -9.02 1.52
N ALA A 97 4.86 -9.05 2.79
CA ALA A 97 5.28 -7.86 3.53
C ALA A 97 6.81 -7.81 3.56
N PHE A 98 7.34 -6.66 3.15
CA PHE A 98 8.79 -6.42 3.08
C PHE A 98 9.15 -5.20 3.93
N ARG A 99 10.46 -4.95 4.05
CA ARG A 99 11.02 -3.73 4.64
C ARG A 99 12.51 -3.69 4.23
N GLN A 100 13.01 -2.47 3.92
CA GLN A 100 14.27 -2.28 3.17
C GLN A 100 15.46 -3.12 3.71
N ALA A 101 16.03 -2.71 4.85
CA ALA A 101 17.11 -3.48 5.49
C ALA A 101 16.70 -3.98 6.88
N ALA A 102 16.71 -3.10 7.89
CA ALA A 102 16.54 -3.47 9.30
C ALA A 102 15.47 -2.60 10.00
N ASP A 103 14.40 -2.27 9.25
CA ASP A 103 13.32 -1.37 9.73
C ASP A 103 12.72 -1.83 11.08
N GLU A 104 12.79 -0.95 12.07
CA GLU A 104 12.17 -1.15 13.40
C GLU A 104 11.02 -0.14 13.59
N SER A 105 10.80 0.72 12.57
CA SER A 105 9.78 1.80 12.59
C SER A 105 8.43 1.28 12.05
N ARG A 106 8.29 -0.08 11.99
CA ARG A 106 7.01 -0.79 11.70
C ARG A 106 6.55 -0.62 10.23
N THR A 107 7.40 0.00 9.40
CA THR A 107 7.04 0.39 8.03
C THR A 107 7.11 -0.82 7.09
N LEU A 108 5.98 -1.53 7.01
CA LEU A 108 5.80 -2.73 6.18
C LEU A 108 5.28 -2.33 4.81
N PHE A 109 6.03 -2.63 3.77
CA PHE A 109 5.70 -2.27 2.40
C PHE A 109 5.12 -3.51 1.70
N VAL A 110 3.79 -3.52 1.49
CA VAL A 110 3.09 -4.59 0.76
C VAL A 110 2.65 -4.07 -0.63
N PRO A 111 3.36 -4.46 -1.73
CA PRO A 111 2.82 -4.33 -3.08
C PRO A 111 1.61 -5.27 -3.27
N PHE A 112 0.60 -4.82 -3.99
CA PHE A 112 -0.54 -5.66 -4.38
C PHE A 112 -0.99 -5.29 -5.79
N ARG A 113 -1.18 -6.29 -6.65
CA ARG A 113 -1.59 -6.05 -8.04
C ARG A 113 -3.05 -6.50 -8.18
N ASP A 114 -3.97 -5.54 -8.32
CA ASP A 114 -5.42 -5.81 -8.27
C ASP A 114 -6.02 -5.42 -9.65
N LYS A 115 -7.36 -5.29 -9.77
CA LYS A 115 -8.00 -4.99 -11.07
C LYS A 115 -8.19 -3.47 -11.30
N THR A 116 -7.79 -2.60 -10.35
CA THR A 116 -7.63 -1.16 -10.65
C THR A 116 -6.27 -0.96 -11.33
N THR A 117 -5.35 -1.89 -11.04
CA THR A 117 -4.08 -2.04 -11.75
C THR A 117 -4.31 -2.87 -13.04
N GLY A 118 -3.65 -2.49 -14.15
CA GLY A 118 -3.80 -3.19 -15.43
C GLY A 118 -5.05 -2.78 -16.23
N GLN A 119 -6.17 -2.49 -15.52
CA GLN A 119 -7.45 -2.13 -16.16
C GLN A 119 -7.67 -0.62 -16.07
N GLN A 120 -8.07 -0.14 -14.86
CA GLN A 120 -8.52 1.26 -14.67
C GLN A 120 -7.36 2.24 -14.87
N SER A 121 -6.27 2.06 -14.12
CA SER A 121 -4.92 2.43 -14.57
C SER A 121 -4.35 1.24 -15.35
N TYR A 122 -3.94 1.48 -16.60
CA TYR A 122 -3.49 0.41 -17.52
C TYR A 122 -2.13 -0.19 -17.10
N ASP A 123 -1.28 0.64 -16.49
CA ASP A 123 0.01 0.17 -15.92
C ASP A 123 0.43 0.99 -14.69
N GLY A 124 1.58 0.59 -14.10
CA GLY A 124 2.04 1.17 -12.85
C GLY A 124 1.25 0.61 -11.68
N GLY A 125 1.78 -0.47 -11.05
CA GLY A 125 1.02 -1.24 -10.07
C GLY A 125 0.70 -0.53 -8.77
N ARG A 126 0.08 -1.28 -7.84
CA ARG A 126 -0.46 -0.73 -6.59
C ARG A 126 0.40 -1.23 -5.43
N TYR A 127 0.52 -0.40 -4.38
CA TYR A 127 1.25 -0.76 -3.17
C TYR A 127 0.69 0.01 -1.98
N MET A 128 0.97 -0.50 -0.79
CA MET A 128 0.30 -0.12 0.46
C MET A 128 1.32 -0.25 1.59
N GLU A 129 1.14 0.52 2.66
CA GLU A 129 2.12 0.62 3.76
C GLU A 129 1.39 0.56 5.13
N LEU A 130 1.82 -0.38 6.00
CA LEU A 130 1.23 -0.58 7.34
C LEU A 130 2.27 -0.19 8.39
N GLU A 131 1.82 0.27 9.56
CA GLU A 131 2.67 0.50 10.75
C GLU A 131 1.91 -0.01 12.01
N PRO A 132 2.03 -1.35 12.34
CA PRO A 132 1.39 -1.94 13.56
C PRO A 132 1.99 -1.42 14.87
N ASP A 133 1.31 -1.74 16.00
CA ASP A 133 1.80 -1.38 17.35
C ASP A 133 3.11 -2.15 17.64
N ARG A 134 2.99 -3.48 17.59
CA ARG A 134 4.12 -4.42 17.77
C ARG A 134 4.83 -4.67 16.43
N ASP A 135 5.93 -5.42 16.48
CA ASP A 135 6.55 -5.98 15.28
C ASP A 135 5.92 -7.36 15.03
N LEU A 136 5.75 -7.75 13.77
CA LEU A 136 5.03 -8.99 13.42
C LEU A 136 5.93 -10.22 13.56
N SER A 137 5.40 -11.25 14.22
CA SER A 137 6.05 -12.57 14.34
C SER A 137 5.31 -13.58 13.45
N ASP A 138 5.91 -14.75 13.23
CA ASP A 138 5.29 -15.83 12.44
C ASP A 138 4.12 -16.43 13.23
N GLY A 139 2.89 -16.08 12.83
CA GLY A 139 1.68 -16.51 13.53
C GLY A 139 0.99 -15.35 14.26
N ASP A 140 1.51 -14.12 14.09
CA ASP A 140 0.87 -12.89 14.58
C ASP A 140 -0.25 -12.52 13.58
N GLU A 141 -1.15 -11.62 13.96
CA GLU A 141 -2.14 -11.06 13.04
C GLU A 141 -1.80 -9.59 12.68
N ILE A 142 -2.46 -9.08 11.63
CA ILE A 142 -2.24 -7.70 11.11
C ILE A 142 -3.47 -7.29 10.25
N THR A 143 -3.87 -6.02 10.28
CA THR A 143 -5.03 -5.55 9.48
C THR A 143 -4.55 -4.94 8.14
N LEU A 144 -5.15 -5.38 7.02
CA LEU A 144 -4.78 -4.98 5.65
C LEU A 144 -5.85 -4.01 5.10
N ASP A 145 -5.61 -2.69 5.29
CA ASP A 145 -6.47 -1.62 4.76
C ASP A 145 -6.06 -1.24 3.33
N PHE A 146 -6.74 -1.84 2.33
CA PHE A 146 -6.56 -1.48 0.91
C PHE A 146 -7.39 -0.22 0.59
N ASN A 147 -8.37 0.01 1.46
CA ASN A 147 -9.20 1.21 1.45
C ASN A 147 -8.40 2.46 1.88
N LEU A 148 -7.22 2.25 2.49
CA LEU A 148 -6.28 3.33 2.85
C LEU A 148 -5.03 3.27 1.96
N ALA A 149 -5.15 2.64 0.77
CA ALA A 149 -4.02 2.50 -0.17
C ALA A 149 -3.66 3.86 -0.78
N TYR A 150 -2.36 4.19 -0.71
CA TYR A 150 -1.85 5.54 -0.99
C TYR A 150 -1.59 5.68 -2.49
N SER A 151 -1.68 6.94 -3.00
CA SER A 151 -1.36 7.31 -4.40
C SER A 151 -0.06 6.64 -4.90
N PRO A 152 -0.14 5.61 -5.82
CA PRO A 152 1.06 4.91 -6.32
C PRO A 152 1.93 5.85 -7.17
N PHE A 153 3.17 6.06 -6.69
CA PHE A 153 4.16 6.94 -7.31
C PHE A 153 4.39 6.63 -8.81
N CYS A 154 4.68 5.35 -9.11
CA CYS A 154 5.09 4.89 -10.46
C CYS A 154 3.96 5.04 -11.50
N ALA A 155 2.71 4.73 -11.09
CA ALA A 155 1.51 4.88 -11.93
C ALA A 155 1.38 6.32 -12.48
N TYR A 156 1.46 7.28 -11.56
CA TYR A 156 1.30 8.71 -11.89
C TYR A 156 2.61 9.36 -12.40
N SER A 157 3.77 8.70 -12.19
CA SER A 157 5.08 9.28 -12.58
C SER A 157 6.08 8.18 -12.97
N ASP A 158 6.59 8.25 -14.21
CA ASP A 158 7.52 7.23 -14.77
C ASP A 158 8.94 7.32 -14.15
N THR A 159 9.25 8.48 -13.51
CA THR A 159 10.57 8.75 -12.90
C THR A 159 10.90 7.74 -11.77
N PHE A 160 9.87 7.11 -11.20
CA PHE A 160 10.03 6.07 -10.17
C PHE A 160 10.20 4.71 -10.85
N SER A 161 11.03 3.84 -10.29
CA SER A 161 11.16 2.46 -10.77
C SER A 161 9.98 1.64 -10.21
N CYS A 162 9.12 1.06 -11.08
CA CYS A 162 7.92 0.34 -10.64
C CYS A 162 8.32 -0.95 -9.89
N PRO A 163 7.79 -1.17 -8.65
CA PRO A 163 8.19 -2.33 -7.83
C PRO A 163 7.62 -3.63 -8.41
N LEU A 164 8.51 -4.60 -8.73
CA LEU A 164 8.11 -5.94 -9.21
C LEU A 164 7.35 -6.68 -8.09
N PRO A 165 6.00 -6.89 -8.21
CA PRO A 165 5.20 -7.58 -7.19
C PRO A 165 5.45 -9.09 -7.24
N PRO A 166 5.68 -9.78 -6.07
CA PRO A 166 5.85 -11.25 -6.01
C PRO A 166 4.58 -11.93 -6.57
N GLU A 167 4.72 -12.69 -7.68
CA GLU A 167 3.58 -13.12 -8.55
C GLU A 167 2.39 -13.80 -7.81
N SER A 168 2.63 -14.30 -6.59
CA SER A 168 1.59 -14.91 -5.73
C SER A 168 0.67 -13.84 -5.07
N ASN A 169 0.96 -12.54 -5.29
CA ASN A 169 0.20 -11.42 -4.69
C ASN A 169 -0.75 -10.78 -5.72
N TRP A 170 -0.81 -11.38 -6.92
CA TRP A 170 -1.67 -10.93 -8.00
C TRP A 170 -3.14 -11.25 -7.64
N LEU A 171 -3.87 -10.24 -7.12
CA LEU A 171 -5.24 -10.40 -6.62
C LEU A 171 -6.19 -10.24 -7.81
N GLU A 172 -6.97 -11.29 -8.13
CA GLU A 172 -7.97 -11.23 -9.22
C GLU A 172 -9.28 -10.65 -8.67
N THR A 173 -9.19 -9.40 -8.19
CA THR A 173 -10.32 -8.62 -7.66
C THR A 173 -9.96 -7.13 -7.67
N ALA A 174 -10.96 -6.26 -7.86
CA ALA A 174 -10.77 -4.80 -7.91
C ALA A 174 -10.94 -4.21 -6.51
N VAL A 175 -9.95 -3.41 -6.08
CA VAL A 175 -10.03 -2.66 -4.82
C VAL A 175 -10.77 -1.34 -5.12
N THR A 176 -12.10 -1.40 -5.01
CA THR A 176 -12.97 -0.24 -5.14
C THR A 176 -13.47 0.19 -3.77
N ALA A 177 -12.86 1.26 -3.25
CA ALA A 177 -13.14 1.81 -1.92
C ALA A 177 -13.31 3.32 -2.06
N GLY A 178 -14.51 3.84 -1.79
CA GLY A 178 -14.85 5.23 -2.13
C GLY A 178 -14.67 5.48 -3.63
N GLU A 179 -14.20 6.69 -4.00
CA GLU A 179 -13.72 6.96 -5.36
C GLU A 179 -12.54 6.01 -5.70
N ARG A 180 -12.40 5.70 -7.00
CA ARG A 180 -11.40 4.72 -7.47
C ARG A 180 -10.71 5.24 -8.73
N THR A 181 -9.38 5.01 -8.82
CA THR A 181 -8.58 5.19 -10.05
C THR A 181 -9.33 4.68 -11.30
N ASP A 182 -9.24 5.46 -12.38
CA ASP A 182 -10.11 5.31 -13.57
C ASP A 182 -9.32 5.79 -14.82
N LEU A 183 -9.87 5.56 -16.03
CA LEU A 183 -9.15 5.86 -17.31
C LEU A 183 -8.87 7.38 -17.50
N GLU A 184 -9.49 8.24 -16.66
CA GLU A 184 -9.24 9.70 -16.67
C GLU A 184 -8.77 10.22 -15.28
N HIS A 185 -8.72 9.33 -14.27
CA HIS A 185 -8.43 9.70 -12.87
C HIS A 185 -7.16 8.96 -12.37
N MET A 1 -16.99 0.94 25.43
CA MET A 1 -15.70 0.49 24.87
C MET A 1 -15.75 0.60 23.33
N ASP A 2 -15.53 1.84 22.84
CA ASP A 2 -15.60 2.18 21.41
C ASP A 2 -14.19 2.37 20.82
N GLU A 3 -13.17 2.36 21.71
CA GLU A 3 -11.77 2.67 21.39
C GLU A 3 -11.26 1.97 20.13
N ASP A 4 -11.25 0.63 20.16
CA ASP A 4 -10.61 -0.20 19.10
C ASP A 4 -11.31 0.00 17.74
N THR A 5 -12.61 0.34 17.78
CA THR A 5 -13.43 0.52 16.57
C THR A 5 -13.15 1.90 15.93
N GLU A 6 -12.96 2.94 16.77
CA GLU A 6 -12.68 4.30 16.30
C GLU A 6 -11.18 4.50 16.04
N ASP A 7 -10.33 3.64 16.64
CA ASP A 7 -8.86 3.73 16.52
C ASP A 7 -8.42 3.61 15.07
N TRP A 8 -9.22 2.87 14.29
CA TRP A 8 -9.09 2.76 12.84
C TRP A 8 -9.02 4.16 12.18
N GLU A 9 -10.06 4.98 12.39
CA GLU A 9 -10.18 6.32 11.76
C GLU A 9 -9.33 7.38 12.52
N THR A 10 -9.04 7.12 13.81
CA THR A 10 -8.29 8.03 14.69
C THR A 10 -6.80 8.07 14.28
N GLN A 11 -6.18 6.87 14.15
CA GLN A 11 -4.80 6.76 13.63
C GLN A 11 -4.74 7.23 12.17
N LEU A 12 -5.82 6.93 11.42
CA LEU A 12 -5.89 7.16 9.97
C LEU A 12 -5.82 8.65 9.63
N GLN A 13 -6.61 9.50 10.33
CA GLN A 13 -6.66 10.95 10.03
C GLN A 13 -5.26 11.62 10.17
N ALA A 14 -4.40 11.01 11.01
CA ALA A 14 -2.99 11.46 11.18
C ALA A 14 -2.09 10.88 10.07
N ASN A 15 -2.29 9.59 9.74
CA ASN A 15 -1.55 8.86 8.68
C ASN A 15 -1.73 9.54 7.31
N ARG A 16 -3.00 9.68 6.88
CA ARG A 16 -3.35 10.34 5.60
C ARG A 16 -3.00 11.83 5.61
N ASP A 17 -2.87 12.46 6.80
CA ASP A 17 -2.51 13.89 6.90
C ASP A 17 -1.06 14.10 6.45
N GLU A 18 -0.14 13.38 7.12
CA GLU A 18 1.30 13.46 6.84
C GLU A 18 1.65 12.86 5.47
N LYS A 19 0.86 11.86 5.03
CA LYS A 19 1.13 11.13 3.79
C LYS A 19 0.54 11.87 2.56
N ASP A 20 -0.51 12.68 2.80
CA ASP A 20 -1.05 13.64 1.80
C ASP A 20 -0.05 14.77 1.56
N ARG A 21 0.37 15.39 2.67
CA ARG A 21 1.28 16.55 2.65
C ARG A 21 2.71 16.11 2.34
N PHE A 22 2.93 14.79 2.31
CA PHE A 22 4.21 14.18 1.89
C PHE A 22 4.65 14.70 0.51
N PHE A 23 3.71 14.73 -0.45
CA PHE A 23 3.97 15.22 -1.83
C PHE A 23 3.97 16.76 -1.92
N SER A 24 3.44 17.44 -0.90
CA SER A 24 3.26 18.91 -0.89
C SER A 24 4.35 19.61 -0.05
N GLU A 25 4.89 18.91 0.96
CA GLU A 25 5.74 19.50 2.02
C GLU A 25 7.09 18.78 2.12
N HIS A 26 7.02 17.44 2.31
CA HIS A 26 8.19 16.61 2.65
C HIS A 26 9.08 16.36 1.41
N ARG A 27 8.53 15.63 0.43
CA ARG A 27 9.18 15.37 -0.86
C ARG A 27 8.72 16.39 -1.91
N GLN A 28 9.59 16.65 -2.89
CA GLN A 28 9.21 17.29 -4.16
C GLN A 28 8.20 16.35 -4.88
N SER A 29 7.01 16.89 -5.22
CA SER A 29 5.94 16.10 -5.87
C SER A 29 6.46 15.40 -7.14
N PRO A 30 6.37 14.02 -7.22
CA PRO A 30 6.79 13.27 -8.43
C PRO A 30 5.87 13.51 -9.63
N ILE A 31 4.75 14.22 -9.38
CA ILE A 31 3.87 14.73 -10.43
C ILE A 31 4.67 15.75 -11.28
N PRO A 32 4.98 15.42 -12.58
CA PRO A 32 5.89 16.25 -13.46
C PRO A 32 5.51 17.77 -13.55
N PRO A 33 6.49 18.68 -13.95
CA PRO A 33 6.38 20.18 -13.80
C PRO A 33 5.07 20.79 -14.36
N GLU A 34 4.64 20.33 -15.53
CA GLU A 34 3.41 20.82 -16.19
C GLU A 34 2.18 20.05 -15.69
N GLU A 35 2.37 18.75 -15.34
CA GLU A 35 1.29 17.90 -14.81
C GLU A 35 0.80 18.38 -13.43
N ARG A 36 1.73 18.94 -12.62
CA ARG A 36 1.43 19.40 -11.24
C ARG A 36 0.68 20.75 -11.21
N ASP A 37 0.45 21.34 -12.40
CA ASP A 37 -0.33 22.59 -12.54
C ASP A 37 -1.73 22.47 -11.91
N ASP A 38 -2.39 21.33 -12.17
CA ASP A 38 -3.76 21.04 -11.69
C ASP A 38 -3.76 19.89 -10.65
N PHE A 39 -2.57 19.47 -10.14
CA PHE A 39 -2.50 18.32 -9.20
C PHE A 39 -3.30 18.62 -7.91
N ASP A 40 -4.17 17.69 -7.55
CA ASP A 40 -4.93 17.72 -6.30
C ASP A 40 -4.23 16.83 -5.26
N GLY A 41 -4.55 17.01 -3.96
CA GLY A 41 -3.99 16.20 -2.88
C GLY A 41 -4.24 14.70 -3.03
N LEU A 42 -3.63 13.89 -2.16
CA LEU A 42 -3.61 12.43 -2.32
C LEU A 42 -4.90 11.83 -1.78
N SER A 43 -5.92 11.81 -2.66
CA SER A 43 -7.15 11.08 -2.43
C SER A 43 -6.96 9.66 -3.01
N TYR A 44 -7.68 8.70 -2.44
CA TYR A 44 -7.57 7.29 -2.82
C TYR A 44 -8.92 6.61 -2.63
N PHE A 45 -8.94 5.26 -2.70
CA PHE A 45 -10.17 4.49 -2.44
C PHE A 45 -10.68 4.84 -1.03
N ASP A 46 -11.91 5.36 -0.94
CA ASP A 46 -12.38 6.07 0.28
C ASP A 46 -12.51 5.05 1.43
N PRO A 47 -11.91 5.37 2.64
CA PRO A 47 -11.83 4.44 3.79
C PRO A 47 -13.14 3.66 4.07
N ASP A 48 -13.13 2.37 3.75
CA ASP A 48 -14.28 1.48 3.89
C ASP A 48 -13.92 0.28 4.81
N PRO A 49 -14.52 0.21 6.03
CA PRO A 49 -14.22 -0.88 7.01
C PRO A 49 -14.94 -2.21 6.68
N ASP A 50 -15.87 -2.18 5.70
CA ASP A 50 -16.66 -3.37 5.31
C ASP A 50 -15.95 -4.19 4.21
N TYR A 51 -14.98 -3.57 3.53
CA TYR A 51 -14.13 -4.26 2.53
C TYR A 51 -12.83 -4.74 3.23
N ARG A 52 -12.51 -4.05 4.34
CA ARG A 52 -11.39 -4.38 5.23
C ARG A 52 -11.46 -5.84 5.72
N VAL A 53 -10.31 -6.52 5.65
CA VAL A 53 -10.17 -7.90 6.13
C VAL A 53 -9.06 -7.93 7.19
N GLU A 54 -8.73 -9.13 7.66
CA GLU A 54 -7.58 -9.38 8.54
C GLU A 54 -6.87 -10.66 8.08
N ALA A 55 -5.56 -10.74 8.34
CA ALA A 55 -4.71 -11.80 7.79
C ALA A 55 -3.78 -12.38 8.87
N THR A 56 -3.47 -13.68 8.76
CA THR A 56 -2.48 -14.32 9.64
C THR A 56 -1.09 -14.16 9.02
N VAL A 57 -0.16 -13.63 9.82
CA VAL A 57 1.21 -13.31 9.41
C VAL A 57 2.07 -14.58 9.30
N THR A 58 2.95 -14.60 8.30
CA THR A 58 3.89 -15.69 8.05
C THR A 58 5.31 -15.08 7.95
N VAL A 59 6.04 -15.02 9.07
CA VAL A 59 7.36 -14.37 9.11
C VAL A 59 8.44 -15.40 8.75
N HIS A 60 9.30 -15.03 7.81
CA HIS A 60 10.33 -15.90 7.25
C HIS A 60 11.65 -15.73 7.99
N GLU A 61 12.26 -16.86 8.39
CA GLU A 61 13.55 -16.89 9.11
C GLU A 61 14.70 -16.39 8.22
N THR A 62 14.48 -16.42 6.89
CA THR A 62 15.44 -15.91 5.90
C THR A 62 14.75 -14.87 4.98
N PRO A 63 14.94 -13.53 5.23
CA PRO A 63 14.45 -12.45 4.33
C PRO A 63 15.39 -12.22 3.12
N GLU A 64 14.83 -11.87 1.94
CA GLU A 64 15.63 -11.64 0.71
C GLU A 64 15.27 -10.33 -0.01
N SER A 65 16.16 -9.95 -0.96
CA SER A 65 16.09 -8.66 -1.67
C SER A 65 14.94 -8.60 -2.71
N VAL A 66 13.99 -7.67 -2.49
CA VAL A 66 12.84 -7.41 -3.37
C VAL A 66 12.85 -5.92 -3.73
N ASP A 67 13.01 -5.59 -5.02
CA ASP A 67 13.23 -4.20 -5.49
C ASP A 67 11.88 -3.49 -5.68
N LEU A 68 11.59 -2.50 -4.81
CA LEU A 68 10.32 -1.74 -4.82
C LEU A 68 10.59 -0.23 -4.98
N GLU A 69 9.72 0.49 -5.72
CA GLU A 69 9.87 1.94 -5.96
C GLU A 69 9.66 2.74 -4.65
N THR A 70 10.44 3.81 -4.50
CA THR A 70 10.41 4.67 -3.31
C THR A 70 10.12 6.14 -3.71
N SER A 71 10.20 7.06 -2.74
CA SER A 71 9.93 8.51 -2.96
C SER A 71 11.24 9.29 -3.18
N ASP A 72 12.32 8.58 -3.56
CA ASP A 72 13.68 9.15 -3.71
C ASP A 72 13.98 9.39 -5.19
N ASP A 73 12.90 9.52 -6.02
CA ASP A 73 12.99 9.69 -7.49
C ASP A 73 13.70 8.48 -8.13
N ARG A 74 13.63 7.34 -7.42
CA ARG A 74 14.48 6.16 -7.65
C ARG A 74 13.74 4.90 -7.09
N THR A 75 14.47 3.77 -6.97
CA THR A 75 13.94 2.45 -6.62
C THR A 75 14.97 1.81 -5.68
N VAL A 76 14.52 1.01 -4.70
CA VAL A 76 15.40 0.52 -3.59
C VAL A 76 15.05 -0.90 -3.14
N ARG A 77 15.99 -1.50 -2.41
CA ARG A 77 15.91 -2.87 -1.88
C ARG A 77 15.04 -2.89 -0.61
N TYR A 78 14.08 -3.81 -0.58
CA TYR A 78 13.29 -4.16 0.61
C TYR A 78 13.54 -5.64 0.95
N LEU A 79 13.63 -5.96 2.24
CA LEU A 79 13.77 -7.36 2.70
C LEU A 79 12.38 -7.94 2.97
N HIS A 80 12.11 -9.12 2.38
CA HIS A 80 10.84 -9.83 2.55
C HIS A 80 10.83 -10.52 3.92
N VAL A 81 10.20 -9.87 4.90
CA VAL A 81 10.18 -10.35 6.29
C VAL A 81 8.95 -11.22 6.57
N ALA A 82 7.82 -10.91 5.91
CA ALA A 82 6.55 -11.60 6.21
C ALA A 82 5.64 -11.68 4.98
N THR A 83 4.66 -12.58 5.05
CA THR A 83 3.56 -12.66 4.09
C THR A 83 2.24 -12.80 4.89
N LEU A 84 1.26 -11.97 4.55
CA LEU A 84 0.00 -11.86 5.28
C LEU A 84 -1.06 -12.67 4.52
N SER A 85 -1.37 -13.88 5.01
CA SER A 85 -2.26 -14.82 4.31
C SER A 85 -3.71 -14.71 4.85
N PHE A 86 -4.67 -14.71 3.91
CA PHE A 86 -6.10 -14.43 4.18
C PHE A 86 -6.94 -14.94 2.99
N ASP A 87 -8.23 -14.58 2.99
CA ASP A 87 -9.10 -14.76 1.81
C ASP A 87 -9.73 -13.41 1.44
N LEU A 88 -10.02 -13.24 0.16
CA LEU A 88 -10.70 -12.04 -0.38
C LEU A 88 -11.47 -12.50 -1.61
N ASP A 89 -12.79 -12.19 -1.66
CA ASP A 89 -13.70 -12.61 -2.76
C ASP A 89 -13.90 -14.15 -2.76
N GLY A 90 -13.62 -14.78 -1.60
CA GLY A 90 -13.69 -16.24 -1.47
C GLY A 90 -12.55 -17.00 -2.15
N GLU A 91 -11.41 -16.30 -2.42
CA GLU A 91 -10.19 -16.92 -2.94
C GLU A 91 -9.04 -16.61 -1.97
N SER A 92 -8.25 -17.64 -1.61
CA SER A 92 -7.17 -17.53 -0.61
C SER A 92 -6.04 -16.65 -1.17
N ARG A 93 -5.99 -15.40 -0.69
CA ARG A 93 -5.02 -14.37 -1.14
C ARG A 93 -3.96 -14.11 -0.08
N ASP A 94 -2.75 -13.76 -0.50
CA ASP A 94 -1.66 -13.37 0.42
C ASP A 94 -0.87 -12.17 -0.12
N LEU A 95 -0.63 -11.18 0.78
CA LEU A 95 0.11 -9.96 0.45
C LEU A 95 1.38 -9.89 1.28
N HIS A 96 2.51 -9.67 0.62
CA HIS A 96 3.81 -9.81 1.27
C HIS A 96 4.22 -8.47 1.90
N ALA A 97 4.67 -8.55 3.16
CA ALA A 97 5.06 -7.38 3.96
C ALA A 97 6.58 -7.26 3.96
N PHE A 98 7.08 -6.09 3.56
CA PHE A 98 8.52 -5.83 3.43
C PHE A 98 8.92 -4.61 4.27
N ARG A 99 10.23 -4.38 4.36
CA ARG A 99 10.82 -3.17 4.95
C ARG A 99 12.28 -3.11 4.47
N GLN A 100 12.79 -1.88 4.19
CA GLN A 100 14.03 -1.65 3.42
C GLN A 100 15.20 -2.55 3.87
N ALA A 101 15.79 -2.28 5.05
CA ALA A 101 16.83 -3.16 5.62
C ALA A 101 16.34 -3.77 6.95
N ALA A 102 16.40 -2.99 8.04
CA ALA A 102 16.20 -3.48 9.41
C ALA A 102 15.22 -2.62 10.21
N ASP A 103 14.13 -2.16 9.55
CA ASP A 103 13.13 -1.22 10.14
C ASP A 103 12.57 -1.72 11.49
N GLU A 104 12.55 -0.83 12.48
CA GLU A 104 12.00 -1.09 13.83
C GLU A 104 10.80 -0.16 14.13
N SER A 105 10.43 0.70 13.16
CA SER A 105 9.34 1.70 13.33
C SER A 105 7.95 1.12 13.01
N ARG A 106 7.84 -0.24 12.96
CA ARG A 106 6.59 -0.99 12.64
C ARG A 106 6.15 -0.75 11.18
N THR A 107 6.99 -0.06 10.40
CA THR A 107 6.64 0.43 9.06
C THR A 107 6.73 -0.71 8.04
N LEU A 108 5.61 -1.40 7.86
CA LEU A 108 5.50 -2.52 6.92
C LEU A 108 4.82 -2.03 5.65
N PHE A 109 5.46 -2.32 4.52
CA PHE A 109 5.00 -1.90 3.20
C PHE A 109 4.42 -3.13 2.50
N VAL A 110 3.09 -3.11 2.27
CA VAL A 110 2.38 -4.18 1.54
C VAL A 110 1.82 -3.64 0.20
N PRO A 111 2.64 -3.72 -0.90
CA PRO A 111 2.13 -3.44 -2.25
C PRO A 111 1.29 -4.63 -2.74
N PHE A 112 0.04 -4.37 -3.14
CA PHE A 112 -0.85 -5.40 -3.66
C PHE A 112 -1.25 -5.06 -5.09
N ARG A 113 -1.15 -6.05 -5.97
CA ARG A 113 -1.58 -5.93 -7.36
C ARG A 113 -2.92 -6.64 -7.51
N ASP A 114 -3.98 -5.90 -7.83
CA ASP A 114 -5.34 -6.45 -7.99
C ASP A 114 -5.83 -6.17 -9.43
N LYS A 115 -7.16 -6.23 -9.66
CA LYS A 115 -7.74 -6.02 -11.00
C LYS A 115 -7.98 -4.54 -11.33
N THR A 116 -7.91 -3.62 -10.34
CA THR A 116 -7.97 -2.17 -10.63
C THR A 116 -6.66 -1.71 -11.29
N THR A 117 -5.56 -2.39 -10.90
CA THR A 117 -4.19 -2.09 -11.35
C THR A 117 -4.08 -2.15 -12.90
N GLY A 118 -3.77 -0.98 -13.50
CA GLY A 118 -3.57 -0.84 -14.95
C GLY A 118 -4.83 -1.02 -15.80
N GLN A 119 -6.01 -1.09 -15.16
CA GLN A 119 -7.30 -1.35 -15.86
C GLN A 119 -8.29 -0.20 -15.57
N GLN A 120 -8.94 -0.23 -14.39
CA GLN A 120 -9.85 0.85 -13.92
C GLN A 120 -9.14 1.79 -12.92
N SER A 121 -7.80 1.73 -12.96
CA SER A 121 -6.89 2.51 -12.10
C SER A 121 -5.47 2.42 -12.68
N TYR A 122 -4.52 3.14 -12.07
CA TYR A 122 -3.14 3.29 -12.58
C TYR A 122 -2.32 1.98 -12.45
N ASP A 123 -1.28 1.85 -13.29
CA ASP A 123 -0.41 0.65 -13.34
C ASP A 123 0.70 0.75 -12.26
N GLY A 124 1.59 -0.27 -12.21
CA GLY A 124 2.62 -0.36 -11.17
C GLY A 124 2.15 -1.17 -9.99
N GLY A 125 0.89 -0.94 -9.59
CA GLY A 125 0.26 -1.64 -8.48
C GLY A 125 -0.50 -0.69 -7.59
N ARG A 126 -1.10 -1.25 -6.55
CA ARG A 126 -1.69 -0.48 -5.45
C ARG A 126 -0.72 -0.62 -4.28
N TYR A 127 -0.37 0.49 -3.62
CA TYR A 127 0.64 0.47 -2.54
C TYR A 127 -0.05 0.82 -1.24
N MET A 128 0.14 -0.01 -0.22
CA MET A 128 -0.58 0.11 1.04
C MET A 128 0.42 -0.06 2.17
N GLU A 129 0.24 0.69 3.27
CA GLU A 129 1.18 0.68 4.41
C GLU A 129 0.41 0.49 5.72
N LEU A 130 0.90 -0.44 6.55
CA LEU A 130 0.35 -0.72 7.89
C LEU A 130 1.49 -0.73 8.92
N GLU A 131 1.17 -0.19 10.11
CA GLU A 131 2.09 -0.16 11.25
C GLU A 131 1.38 -0.77 12.46
N PRO A 132 1.65 -2.10 12.76
CA PRO A 132 1.03 -2.81 13.92
C PRO A 132 1.47 -2.23 15.27
N ASP A 133 0.73 -2.62 16.32
CA ASP A 133 0.97 -2.17 17.70
C ASP A 133 2.34 -2.66 18.20
N ARG A 134 2.60 -3.95 18.03
CA ARG A 134 3.92 -4.57 18.24
C ARG A 134 4.41 -5.16 16.89
N ASP A 135 5.60 -5.79 16.87
CA ASP A 135 6.16 -6.32 15.61
C ASP A 135 5.53 -7.70 15.31
N LEU A 136 5.13 -7.92 14.05
CA LEU A 136 4.36 -9.12 13.66
C LEU A 136 5.24 -10.38 13.75
N SER A 137 4.70 -11.39 14.45
CA SER A 137 5.36 -12.69 14.64
C SER A 137 4.74 -13.73 13.67
N ASP A 138 5.38 -14.89 13.53
CA ASP A 138 4.88 -16.00 12.70
C ASP A 138 3.70 -16.69 13.42
N GLY A 139 2.48 -16.42 12.93
CA GLY A 139 1.24 -16.91 13.56
C GLY A 139 0.41 -15.77 14.15
N ASP A 140 1.00 -14.56 14.18
CA ASP A 140 0.33 -13.32 14.65
C ASP A 140 -0.75 -12.92 13.63
N GLU A 141 -1.65 -11.98 13.97
CA GLU A 141 -2.69 -11.49 13.03
C GLU A 141 -2.60 -9.96 12.88
N ILE A 142 -3.09 -9.44 11.74
CA ILE A 142 -2.91 -8.03 11.34
C ILE A 142 -4.12 -7.58 10.49
N THR A 143 -4.50 -6.30 10.60
CA THR A 143 -5.62 -5.72 9.82
C THR A 143 -5.12 -5.29 8.41
N LEU A 144 -5.92 -5.56 7.36
CA LEU A 144 -5.59 -5.26 5.95
C LEU A 144 -6.69 -4.36 5.33
N ASP A 145 -6.41 -3.04 5.24
CA ASP A 145 -7.30 -2.06 4.57
C ASP A 145 -6.82 -1.77 3.14
N PHE A 146 -7.46 -2.40 2.15
CA PHE A 146 -7.12 -2.21 0.73
C PHE A 146 -7.64 -0.87 0.19
N ASN A 147 -8.54 -0.26 0.97
CA ASN A 147 -9.03 1.10 0.70
C ASN A 147 -7.90 2.14 0.82
N LEU A 148 -6.94 1.90 1.74
CA LEU A 148 -5.83 2.85 2.01
C LEU A 148 -4.70 2.73 0.95
N ALA A 149 -5.05 2.40 -0.30
CA ALA A 149 -4.07 2.20 -1.39
C ALA A 149 -3.73 3.54 -2.10
N TYR A 150 -2.46 3.92 -2.02
CA TYR A 150 -1.93 5.23 -2.46
C TYR A 150 -1.47 5.16 -3.94
N SER A 151 -1.54 6.30 -4.64
CA SER A 151 -1.23 6.41 -6.10
C SER A 151 0.25 6.03 -6.44
N PRO A 152 0.49 5.34 -7.62
CA PRO A 152 1.83 4.78 -8.01
C PRO A 152 2.78 5.82 -8.61
N PHE A 153 4.00 5.92 -8.04
CA PHE A 153 5.09 6.73 -8.59
C PHE A 153 5.35 6.48 -10.10
N CYS A 154 5.54 5.22 -10.49
CA CYS A 154 5.85 4.85 -11.89
C CYS A 154 4.75 5.29 -12.88
N ALA A 155 3.48 5.23 -12.42
CA ALA A 155 2.29 5.60 -13.21
C ALA A 155 2.38 6.99 -13.88
N TYR A 156 2.42 8.03 -13.04
CA TYR A 156 2.40 9.44 -13.51
C TYR A 156 3.81 9.97 -13.85
N SER A 157 4.86 9.23 -13.43
CA SER A 157 6.26 9.62 -13.70
C SER A 157 7.11 8.36 -13.97
N ASP A 158 7.58 8.24 -15.22
CA ASP A 158 8.25 7.03 -15.75
C ASP A 158 9.72 6.89 -15.29
N THR A 159 10.21 7.89 -14.54
CA THR A 159 11.59 7.89 -14.01
C THR A 159 11.79 6.80 -12.93
N PHE A 160 10.70 6.28 -12.35
CA PHE A 160 10.75 5.26 -11.30
C PHE A 160 10.73 3.86 -11.94
N SER A 161 11.75 3.03 -11.66
CA SER A 161 11.76 1.63 -12.08
C SER A 161 10.68 0.87 -11.28
N CYS A 162 9.84 0.10 -11.97
CA CYS A 162 8.69 -0.60 -11.37
C CYS A 162 9.13 -1.64 -10.30
N PRO A 163 8.28 -1.89 -9.26
CA PRO A 163 8.55 -2.91 -8.20
C PRO A 163 8.57 -4.34 -8.74
N LEU A 164 9.02 -5.28 -7.89
CA LEU A 164 8.96 -6.73 -8.17
C LEU A 164 7.76 -7.32 -7.38
N PRO A 165 6.53 -7.41 -7.98
CA PRO A 165 5.37 -7.99 -7.29
C PRO A 165 5.32 -9.54 -7.47
N PRO A 166 5.32 -10.33 -6.35
CA PRO A 166 5.15 -11.79 -6.42
C PRO A 166 3.78 -12.18 -7.02
N GLU A 167 3.74 -13.33 -7.69
CA GLU A 167 2.54 -13.85 -8.37
C GLU A 167 1.43 -14.24 -7.38
N SER A 168 1.84 -14.54 -6.13
CA SER A 168 0.94 -14.89 -5.03
C SER A 168 0.23 -13.63 -4.46
N ASN A 169 0.76 -12.45 -4.82
CA ASN A 169 0.25 -11.14 -4.42
C ASN A 169 -0.86 -10.65 -5.37
N TRP A 170 -1.01 -11.34 -6.51
CA TRP A 170 -1.98 -10.97 -7.55
C TRP A 170 -3.40 -11.38 -7.13
N LEU A 171 -4.26 -10.38 -6.91
CA LEU A 171 -5.65 -10.59 -6.53
C LEU A 171 -6.48 -10.61 -7.82
N GLU A 172 -7.16 -11.75 -8.08
CA GLU A 172 -8.04 -11.88 -9.26
C GLU A 172 -9.45 -11.38 -8.89
N THR A 173 -9.47 -10.15 -8.34
CA THR A 173 -10.67 -9.44 -7.90
C THR A 173 -10.31 -7.93 -7.78
N ALA A 174 -11.32 -7.05 -7.96
CA ALA A 174 -11.11 -5.60 -8.00
C ALA A 174 -11.46 -4.97 -6.65
N VAL A 175 -10.60 -4.05 -6.18
CA VAL A 175 -10.77 -3.37 -4.91
C VAL A 175 -11.60 -2.09 -5.13
N THR A 176 -12.92 -2.25 -5.03
CA THR A 176 -13.87 -1.14 -5.01
C THR A 176 -14.28 -0.87 -3.55
N ALA A 177 -13.67 0.16 -2.96
CA ALA A 177 -13.91 0.57 -1.56
C ALA A 177 -14.16 2.07 -1.51
N GLY A 178 -15.35 2.47 -1.00
CA GLY A 178 -15.81 3.86 -1.02
C GLY A 178 -15.85 4.47 -2.42
N GLU A 179 -15.64 5.79 -2.50
CA GLU A 179 -15.41 6.50 -3.78
C GLU A 179 -14.01 6.13 -4.31
N ARG A 180 -13.82 6.25 -5.62
CA ARG A 180 -12.61 5.78 -6.32
C ARG A 180 -12.00 6.96 -7.08
N THR A 181 -10.67 7.15 -6.96
CA THR A 181 -9.88 8.03 -7.83
C THR A 181 -10.24 7.94 -9.33
N ASP A 182 -10.31 9.12 -9.97
CA ASP A 182 -10.63 9.28 -11.40
C ASP A 182 -9.49 8.80 -12.31
N LEU A 183 -9.76 8.84 -13.62
CA LEU A 183 -8.76 8.55 -14.66
C LEU A 183 -7.69 9.67 -14.71
N GLU A 184 -8.14 10.90 -14.41
CA GLU A 184 -7.32 12.13 -14.45
C GLU A 184 -6.50 12.29 -13.15
N HIS A 185 -7.08 11.84 -12.04
CA HIS A 185 -6.50 11.96 -10.70
C HIS A 185 -7.12 10.90 -9.76
N MET A 1 -17.02 -4.01 18.37
CA MET A 1 -17.50 -2.83 19.14
C MET A 1 -16.89 -1.55 18.56
N ASP A 2 -17.63 -0.43 18.64
CA ASP A 2 -17.18 0.89 18.15
C ASP A 2 -15.87 1.33 18.84
N GLU A 3 -15.75 0.97 20.14
CA GLU A 3 -14.56 1.26 20.98
C GLU A 3 -13.27 0.69 20.37
N ASP A 4 -13.40 -0.46 19.68
CA ASP A 4 -12.29 -1.16 19.02
C ASP A 4 -12.11 -0.64 17.57
N THR A 5 -13.23 -0.34 16.89
CA THR A 5 -13.24 0.11 15.47
C THR A 5 -12.55 1.49 15.31
N GLU A 6 -12.72 2.36 16.32
CA GLU A 6 -12.21 3.75 16.29
C GLU A 6 -10.68 3.81 16.51
N ASP A 7 -10.04 2.70 16.96
CA ASP A 7 -8.55 2.60 17.01
C ASP A 7 -7.97 2.70 15.60
N TRP A 8 -8.62 1.98 14.66
CA TRP A 8 -8.37 2.10 13.21
C TRP A 8 -8.39 3.59 12.80
N GLU A 9 -9.44 4.32 13.24
CA GLU A 9 -9.61 5.77 12.94
C GLU A 9 -8.51 6.63 13.61
N THR A 10 -8.02 6.22 14.80
CA THR A 10 -7.02 6.98 15.56
C THR A 10 -5.67 7.02 14.80
N GLN A 11 -5.14 5.83 14.49
CA GLN A 11 -3.90 5.67 13.69
C GLN A 11 -4.12 6.09 12.22
N LEU A 12 -5.39 6.09 11.77
CA LEU A 12 -5.78 6.43 10.39
C LEU A 12 -5.32 7.83 9.99
N GLN A 13 -5.54 8.80 10.91
CA GLN A 13 -5.33 10.23 10.63
C GLN A 13 -3.89 10.49 10.13
N ALA A 14 -2.91 9.77 10.70
CA ALA A 14 -1.49 9.89 10.32
C ALA A 14 -1.27 9.44 8.86
N ASN A 15 -1.97 8.37 8.46
CA ASN A 15 -1.82 7.75 7.12
C ASN A 15 -2.29 8.68 5.98
N ARG A 16 -2.96 9.80 6.30
CA ARG A 16 -3.16 10.92 5.34
C ARG A 16 -2.31 12.14 5.74
N ASP A 17 -2.17 12.37 7.06
CA ASP A 17 -1.54 13.59 7.64
C ASP A 17 -0.08 13.74 7.19
N GLU A 18 0.76 12.75 7.50
CA GLU A 18 2.18 12.75 7.15
C GLU A 18 2.38 12.48 5.64
N LYS A 19 1.52 11.59 5.07
CA LYS A 19 1.69 11.12 3.67
C LYS A 19 1.37 12.24 2.67
N ASP A 20 0.52 13.20 3.10
CA ASP A 20 0.14 14.39 2.31
C ASP A 20 1.35 15.31 2.12
N ARG A 21 1.95 15.69 3.25
CA ARG A 21 3.09 16.62 3.27
C ARG A 21 4.38 15.86 2.91
N PHE A 22 4.30 14.51 2.84
CA PHE A 22 5.35 13.67 2.30
C PHE A 22 5.52 13.94 0.79
N PHE A 23 4.39 14.04 0.09
CA PHE A 23 4.37 14.30 -1.36
C PHE A 23 4.53 15.81 -1.65
N SER A 24 4.11 16.66 -0.71
CA SER A 24 4.12 18.13 -0.89
C SER A 24 5.46 18.78 -0.48
N GLU A 25 6.05 18.34 0.66
CA GLU A 25 7.14 19.07 1.34
C GLU A 25 8.42 18.20 1.46
N HIS A 26 8.24 16.95 1.91
CA HIS A 26 9.34 16.03 2.28
C HIS A 26 10.04 15.44 1.03
N ARG A 27 9.21 14.97 0.08
CA ARG A 27 9.64 14.30 -1.17
C ARG A 27 8.90 14.91 -2.36
N GLN A 28 9.54 14.83 -3.53
CA GLN A 28 8.96 15.27 -4.81
C GLN A 28 7.63 14.53 -5.11
N SER A 29 6.56 15.31 -5.35
CA SER A 29 5.24 14.75 -5.71
C SER A 29 5.33 14.05 -7.08
N PRO A 30 4.99 12.72 -7.16
CA PRO A 30 4.95 12.01 -8.45
C PRO A 30 3.73 12.41 -9.29
N ILE A 31 2.69 12.95 -8.60
CA ILE A 31 1.45 13.46 -9.26
C ILE A 31 1.84 14.53 -10.31
N PRO A 32 1.69 14.23 -11.65
CA PRO A 32 2.20 15.10 -12.75
C PRO A 32 1.71 16.56 -12.63
N PRO A 33 2.60 17.60 -12.87
CA PRO A 33 2.21 19.02 -12.90
C PRO A 33 0.95 19.31 -13.79
N GLU A 34 0.79 18.51 -14.86
CA GLU A 34 -0.41 18.56 -15.74
C GLU A 34 -1.66 18.02 -15.02
N GLU A 35 -1.54 16.82 -14.40
CA GLU A 35 -2.68 16.09 -13.83
C GLU A 35 -3.17 16.70 -12.51
N ARG A 36 -2.26 17.28 -11.70
CA ARG A 36 -2.57 17.79 -10.34
C ARG A 36 -3.47 19.05 -10.36
N ASP A 37 -3.82 19.56 -11.56
CA ASP A 37 -4.79 20.67 -11.69
C ASP A 37 -6.22 20.11 -11.76
N ASP A 38 -6.45 19.16 -12.69
CA ASP A 38 -7.78 18.58 -12.98
C ASP A 38 -8.18 17.57 -11.90
N PHE A 39 -7.17 16.87 -11.41
CA PHE A 39 -7.27 15.94 -10.26
C PHE A 39 -6.65 16.64 -9.04
N ASP A 40 -7.06 16.23 -7.83
CA ASP A 40 -6.53 16.76 -6.56
C ASP A 40 -5.04 16.41 -6.37
N GLY A 41 -4.41 17.08 -5.38
CA GLY A 41 -3.07 16.76 -4.87
C GLY A 41 -2.90 15.30 -4.43
N LEU A 42 -2.10 15.07 -3.37
CA LEU A 42 -2.01 13.73 -2.74
C LEU A 42 -3.43 13.30 -2.31
N SER A 43 -4.06 12.54 -3.21
CA SER A 43 -5.41 11.99 -3.07
C SER A 43 -5.40 10.58 -3.67
N TYR A 44 -6.14 9.68 -3.04
CA TYR A 44 -6.08 8.23 -3.29
C TYR A 44 -7.37 7.57 -2.78
N PHE A 45 -7.34 6.23 -2.63
CA PHE A 45 -8.46 5.45 -2.08
C PHE A 45 -8.87 6.00 -0.69
N ASP A 46 -10.17 6.24 -0.51
CA ASP A 46 -10.72 6.85 0.72
C ASP A 46 -11.01 5.73 1.75
N PRO A 47 -10.61 5.90 3.05
CA PRO A 47 -10.74 4.86 4.12
C PRO A 47 -12.18 4.33 4.29
N ASP A 48 -12.40 3.09 3.88
CA ASP A 48 -13.73 2.47 3.88
C ASP A 48 -13.79 1.39 4.99
N PRO A 49 -14.57 1.64 6.09
CA PRO A 49 -14.66 0.70 7.24
C PRO A 49 -15.31 -0.66 6.89
N ASP A 50 -16.04 -0.71 5.76
CA ASP A 50 -16.83 -1.89 5.35
C ASP A 50 -16.00 -2.85 4.48
N TYR A 51 -15.09 -2.28 3.67
CA TYR A 51 -14.29 -3.04 2.70
C TYR A 51 -13.05 -3.65 3.40
N ARG A 52 -12.71 -3.09 4.57
CA ARG A 52 -11.58 -3.49 5.41
C ARG A 52 -11.66 -4.97 5.83
N VAL A 53 -10.53 -5.70 5.71
CA VAL A 53 -10.41 -7.12 6.15
C VAL A 53 -9.28 -7.24 7.19
N GLU A 54 -9.18 -8.41 7.83
CA GLU A 54 -8.06 -8.77 8.73
C GLU A 54 -7.25 -9.93 8.09
N ALA A 55 -5.96 -10.02 8.45
CA ALA A 55 -5.05 -11.06 7.93
C ALA A 55 -4.15 -11.60 9.04
N THR A 56 -3.75 -12.86 8.90
CA THR A 56 -2.81 -13.54 9.79
C THR A 56 -1.39 -13.41 9.22
N VAL A 57 -0.46 -12.92 10.06
CA VAL A 57 0.94 -12.68 9.69
C VAL A 57 1.72 -14.01 9.64
N THR A 58 2.63 -14.13 8.67
CA THR A 58 3.51 -15.29 8.48
C THR A 58 4.95 -14.77 8.31
N VAL A 59 5.73 -14.78 9.41
CA VAL A 59 7.05 -14.12 9.43
C VAL A 59 8.13 -15.09 8.97
N HIS A 60 8.96 -14.63 8.01
CA HIS A 60 10.02 -15.41 7.40
C HIS A 60 11.34 -15.16 8.16
N GLU A 61 11.83 -16.24 8.81
CA GLU A 61 13.13 -16.24 9.52
C GLU A 61 14.29 -16.03 8.52
N THR A 62 14.04 -16.39 7.25
CA THR A 62 14.98 -16.24 6.14
C THR A 62 14.37 -15.30 5.07
N PRO A 63 14.63 -13.95 5.17
CA PRO A 63 14.09 -12.95 4.22
C PRO A 63 14.87 -12.89 2.88
N GLU A 64 14.14 -12.90 1.75
CA GLU A 64 14.74 -12.76 0.40
C GLU A 64 14.82 -11.27 0.00
N SER A 65 15.69 -10.97 -0.99
CA SER A 65 15.94 -9.60 -1.46
C SER A 65 15.08 -9.29 -2.70
N VAL A 66 14.24 -8.23 -2.59
CA VAL A 66 13.30 -7.79 -3.63
C VAL A 66 13.49 -6.27 -3.84
N ASP A 67 13.85 -5.83 -5.07
CA ASP A 67 14.16 -4.41 -5.32
C ASP A 67 12.85 -3.63 -5.62
N LEU A 68 12.56 -2.62 -4.77
CA LEU A 68 11.28 -1.85 -4.83
C LEU A 68 11.56 -0.34 -4.69
N GLU A 69 10.56 0.47 -5.09
CA GLU A 69 10.54 1.92 -4.82
C GLU A 69 10.48 2.17 -3.31
N THR A 70 11.36 3.04 -2.82
CA THR A 70 11.48 3.33 -1.38
C THR A 70 10.98 4.75 -1.05
N SER A 71 11.20 5.15 0.22
CA SER A 71 10.71 6.40 0.81
C SER A 71 11.75 7.53 0.58
N ASP A 72 12.75 7.24 -0.28
CA ASP A 72 13.94 8.07 -0.52
C ASP A 72 14.05 8.45 -2.02
N ASP A 73 12.96 8.22 -2.80
CA ASP A 73 12.87 8.45 -4.28
C ASP A 73 13.70 7.43 -5.11
N ARG A 74 14.32 6.47 -4.42
CA ARG A 74 15.29 5.53 -5.01
C ARG A 74 14.63 4.15 -5.25
N THR A 75 15.42 3.19 -5.73
CA THR A 75 15.04 1.78 -5.84
C THR A 75 16.10 1.01 -5.05
N VAL A 76 15.66 0.19 -4.09
CA VAL A 76 16.54 -0.40 -3.07
C VAL A 76 16.13 -1.83 -2.74
N ARG A 77 17.08 -2.55 -2.16
CA ARG A 77 16.91 -3.91 -1.65
C ARG A 77 15.92 -3.88 -0.47
N TYR A 78 14.84 -4.65 -0.58
CA TYR A 78 13.90 -4.93 0.52
C TYR A 78 14.05 -6.40 0.97
N LEU A 79 13.91 -6.66 2.26
CA LEU A 79 13.90 -8.01 2.84
C LEU A 79 12.46 -8.41 3.17
N HIS A 80 12.02 -9.54 2.59
CA HIS A 80 10.67 -10.08 2.81
C HIS A 80 10.58 -10.67 4.23
N VAL A 81 10.01 -9.89 5.14
CA VAL A 81 9.96 -10.22 6.58
C VAL A 81 8.66 -10.94 6.97
N ALA A 82 7.55 -10.68 6.25
CA ALA A 82 6.24 -11.27 6.60
C ALA A 82 5.34 -11.42 5.38
N THR A 83 4.34 -12.30 5.49
CA THR A 83 3.26 -12.43 4.51
C THR A 83 1.90 -12.39 5.25
N LEU A 84 1.03 -11.49 4.81
CA LEU A 84 -0.28 -11.26 5.44
C LEU A 84 -1.32 -12.08 4.68
N SER A 85 -1.69 -13.25 5.23
CA SER A 85 -2.58 -14.23 4.60
C SER A 85 -4.05 -14.01 5.01
N PHE A 86 -4.95 -13.98 4.01
CA PHE A 86 -6.39 -13.68 4.20
C PHE A 86 -7.21 -14.20 3.01
N ASP A 87 -8.50 -13.84 2.95
CA ASP A 87 -9.35 -14.08 1.78
C ASP A 87 -10.08 -12.77 1.40
N LEU A 88 -10.42 -12.63 0.11
CA LEU A 88 -11.11 -11.46 -0.42
C LEU A 88 -11.90 -11.89 -1.67
N ASP A 89 -13.18 -11.44 -1.74
CA ASP A 89 -14.11 -11.68 -2.88
C ASP A 89 -14.58 -13.15 -2.92
N GLY A 90 -13.69 -14.06 -3.35
CA GLY A 90 -13.98 -15.47 -3.43
C GLY A 90 -12.71 -16.30 -3.62
N GLU A 91 -11.57 -15.72 -3.23
CA GLU A 91 -10.24 -16.29 -3.42
C GLU A 91 -9.31 -15.98 -2.23
N SER A 92 -8.44 -16.95 -1.91
CA SER A 92 -7.48 -16.85 -0.81
C SER A 92 -6.31 -15.96 -1.25
N ARG A 93 -6.28 -14.72 -0.75
CA ARG A 93 -5.27 -13.70 -1.15
C ARG A 93 -4.23 -13.50 -0.04
N ASP A 94 -2.97 -13.25 -0.45
CA ASP A 94 -1.88 -12.92 0.49
C ASP A 94 -1.04 -11.76 -0.07
N LEU A 95 -0.57 -10.88 0.83
CA LEU A 95 0.28 -9.72 0.48
C LEU A 95 1.64 -9.87 1.17
N HIS A 96 2.72 -9.59 0.42
CA HIS A 96 4.09 -9.75 0.92
C HIS A 96 4.57 -8.43 1.52
N ALA A 97 4.98 -8.48 2.79
CA ALA A 97 5.40 -7.31 3.58
C ALA A 97 6.93 -7.31 3.70
N PHE A 98 7.56 -6.21 3.25
CA PHE A 98 9.02 -6.06 3.27
C PHE A 98 9.39 -4.69 3.88
N ARG A 99 10.71 -4.48 4.00
CA ARG A 99 11.32 -3.21 4.44
C ARG A 99 12.80 -3.22 4.02
N GLN A 100 13.43 -2.04 3.88
CA GLN A 100 14.75 -1.88 3.21
C GLN A 100 15.82 -2.86 3.76
N ALA A 101 16.33 -2.61 4.97
CA ALA A 101 17.24 -3.56 5.65
C ALA A 101 16.64 -4.07 6.96
N ALA A 102 16.70 -3.22 8.01
CA ALA A 102 16.45 -3.62 9.40
C ALA A 102 15.49 -2.65 10.10
N ASP A 103 14.44 -2.20 9.37
CA ASP A 103 13.47 -1.22 9.91
C ASP A 103 12.76 -1.79 11.15
N GLU A 104 12.60 -0.93 12.16
CA GLU A 104 11.89 -1.25 13.41
C GLU A 104 10.88 -0.14 13.74
N SER A 105 10.66 0.76 12.76
CA SER A 105 9.66 1.85 12.84
C SER A 105 8.26 1.33 12.42
N ARG A 106 8.12 -0.04 12.38
CA ARG A 106 6.85 -0.75 12.12
C ARG A 106 6.38 -0.56 10.66
N THR A 107 7.26 0.01 9.82
CA THR A 107 6.94 0.41 8.45
C THR A 107 7.02 -0.80 7.52
N LEU A 108 5.85 -1.38 7.22
CA LEU A 108 5.70 -2.56 6.34
C LEU A 108 5.09 -2.12 5.01
N PHE A 109 5.79 -2.40 3.91
CA PHE A 109 5.36 -1.98 2.57
C PHE A 109 4.81 -3.21 1.82
N VAL A 110 3.49 -3.19 1.51
CA VAL A 110 2.82 -4.22 0.69
C VAL A 110 2.30 -3.57 -0.63
N PRO A 111 3.12 -3.61 -1.74
CA PRO A 111 2.63 -3.24 -3.07
C PRO A 111 1.83 -4.42 -3.68
N PHE A 112 0.60 -4.14 -4.15
CA PHE A 112 -0.27 -5.14 -4.76
C PHE A 112 -0.88 -4.61 -6.06
N ARG A 113 -1.60 -5.48 -6.77
CA ARG A 113 -2.27 -5.14 -8.05
C ARG A 113 -3.57 -5.94 -8.15
N ASP A 114 -4.65 -5.28 -8.54
CA ASP A 114 -5.99 -5.88 -8.68
C ASP A 114 -6.47 -5.74 -10.15
N LYS A 115 -7.79 -5.92 -10.40
CA LYS A 115 -8.34 -5.88 -11.78
C LYS A 115 -8.59 -4.45 -12.31
N THR A 116 -8.51 -3.42 -11.44
CA THR A 116 -8.54 -2.01 -11.90
C THR A 116 -7.19 -1.66 -12.54
N THR A 117 -6.11 -2.33 -12.09
CA THR A 117 -4.76 -2.11 -12.59
C THR A 117 -4.64 -2.61 -14.05
N GLY A 118 -4.15 -1.73 -14.94
CA GLY A 118 -3.99 -2.03 -16.37
C GLY A 118 -5.30 -2.17 -17.15
N GLN A 119 -6.47 -1.96 -16.48
CA GLN A 119 -7.81 -2.09 -17.11
C GLN A 119 -8.63 -0.79 -16.88
N GLN A 120 -9.06 -0.57 -15.60
CA GLN A 120 -9.75 0.68 -15.17
C GLN A 120 -8.71 1.79 -14.82
N SER A 121 -7.48 1.57 -15.29
CA SER A 121 -6.31 2.40 -15.05
C SER A 121 -5.31 2.06 -16.16
N TYR A 122 -4.59 3.07 -16.70
CA TYR A 122 -3.49 2.82 -17.68
C TYR A 122 -2.49 1.82 -17.06
N ASP A 123 -2.04 2.18 -15.86
CA ASP A 123 -1.33 1.27 -14.96
C ASP A 123 -2.09 1.26 -13.63
N GLY A 124 -1.87 2.30 -12.79
CA GLY A 124 -2.53 2.39 -11.50
C GLY A 124 -2.21 1.19 -10.61
N GLY A 125 -0.92 1.07 -10.24
CA GLY A 125 -0.49 0.08 -9.26
C GLY A 125 -0.99 0.45 -7.87
N ARG A 126 -1.20 -0.54 -6.99
CA ARG A 126 -1.73 -0.25 -5.65
C ARG A 126 -0.54 -0.33 -4.67
N TYR A 127 -0.38 0.72 -3.86
CA TYR A 127 0.69 0.81 -2.86
C TYR A 127 0.03 0.92 -1.51
N MET A 128 0.42 0.08 -0.56
CA MET A 128 -0.22 0.03 0.77
C MET A 128 0.89 -0.13 1.83
N GLU A 129 0.76 0.59 2.94
CA GLU A 129 1.76 0.58 4.02
C GLU A 129 1.05 0.48 5.38
N LEU A 130 1.48 -0.47 6.21
CA LEU A 130 0.90 -0.69 7.55
C LEU A 130 1.99 -0.41 8.58
N GLU A 131 1.63 0.31 9.63
CA GLU A 131 2.50 0.58 10.77
C GLU A 131 1.75 0.22 12.06
N PRO A 132 1.85 -1.09 12.50
CA PRO A 132 1.24 -1.56 13.77
C PRO A 132 1.89 -0.89 15.00
N ASP A 133 1.26 -1.07 16.17
CA ASP A 133 1.79 -0.60 17.45
C ASP A 133 3.08 -1.38 17.79
N ARG A 134 2.92 -2.70 17.91
CA ARG A 134 4.02 -3.62 18.22
C ARG A 134 4.46 -4.39 16.96
N ASP A 135 5.53 -5.18 17.09
CA ASP A 135 6.08 -5.96 15.97
C ASP A 135 5.23 -7.22 15.72
N LEU A 136 4.93 -7.49 14.45
CA LEU A 136 4.09 -8.64 14.06
C LEU A 136 4.91 -9.93 14.10
N SER A 137 4.37 -10.93 14.82
CA SER A 137 4.98 -12.25 14.98
C SER A 137 4.39 -13.23 13.95
N ASP A 138 5.07 -14.38 13.76
CA ASP A 138 4.54 -15.49 12.93
C ASP A 138 3.35 -16.13 13.68
N GLY A 139 2.14 -15.90 13.15
CA GLY A 139 0.89 -16.35 13.77
C GLY A 139 0.09 -15.21 14.39
N ASP A 140 0.65 -13.98 14.35
CA ASP A 140 -0.01 -12.76 14.86
C ASP A 140 -1.10 -12.32 13.87
N GLU A 141 -1.91 -11.30 14.20
CA GLU A 141 -2.94 -10.74 13.29
C GLU A 141 -2.66 -9.25 13.02
N ILE A 142 -3.21 -8.75 11.91
CA ILE A 142 -3.00 -7.37 11.43
C ILE A 142 -4.22 -6.90 10.61
N THR A 143 -4.56 -5.61 10.74
CA THR A 143 -5.64 -4.96 10.00
C THR A 143 -5.18 -4.59 8.57
N LEU A 144 -5.93 -5.05 7.54
CA LEU A 144 -5.61 -4.80 6.11
C LEU A 144 -6.72 -3.94 5.50
N ASP A 145 -6.52 -2.61 5.50
CA ASP A 145 -7.44 -1.66 4.85
C ASP A 145 -6.82 -1.23 3.50
N PHE A 146 -7.20 -1.94 2.42
CA PHE A 146 -6.72 -1.66 1.03
C PHE A 146 -7.22 -0.29 0.52
N ASN A 147 -8.16 0.25 1.27
CA ASN A 147 -8.79 1.55 1.02
C ASN A 147 -7.86 2.69 1.50
N LEU A 148 -6.66 2.31 2.00
CA LEU A 148 -5.53 3.23 2.27
C LEU A 148 -4.45 3.05 1.19
N ALA A 149 -4.84 2.62 -0.02
CA ALA A 149 -3.88 2.45 -1.13
C ALA A 149 -3.47 3.84 -1.67
N TYR A 150 -2.20 4.20 -1.41
CA TYR A 150 -1.64 5.53 -1.65
C TYR A 150 -1.28 5.71 -3.14
N SER A 151 -1.33 6.97 -3.59
CA SER A 151 -0.99 7.39 -4.96
C SER A 151 0.32 6.74 -5.49
N PRO A 152 0.27 6.07 -6.69
CA PRO A 152 1.43 5.37 -7.29
C PRO A 152 2.53 6.34 -7.78
N PHE A 153 3.75 6.21 -7.22
CA PHE A 153 4.94 6.87 -7.77
C PHE A 153 5.19 6.54 -9.25
N CYS A 154 5.28 5.23 -9.57
CA CYS A 154 5.62 4.71 -10.90
C CYS A 154 4.67 5.20 -12.02
N ALA A 155 3.36 4.90 -11.88
CA ALA A 155 2.34 5.22 -12.91
C ALA A 155 2.18 6.73 -13.15
N TYR A 156 2.61 7.55 -12.18
CA TYR A 156 2.46 9.01 -12.24
C TYR A 156 3.81 9.70 -12.57
N SER A 157 4.95 8.98 -12.44
CA SER A 157 6.27 9.52 -12.80
C SER A 157 7.22 8.39 -13.25
N ASP A 158 7.78 8.56 -14.46
CA ASP A 158 8.70 7.58 -15.08
C ASP A 158 10.14 7.72 -14.56
N THR A 159 10.41 8.77 -13.77
CA THR A 159 11.72 8.97 -13.09
C THR A 159 11.93 7.87 -12.02
N PHE A 160 10.82 7.30 -11.52
CA PHE A 160 10.86 6.19 -10.56
C PHE A 160 10.86 4.88 -11.37
N SER A 161 11.73 3.93 -10.99
CA SER A 161 11.80 2.61 -11.65
C SER A 161 10.56 1.78 -11.26
N CYS A 162 9.95 1.07 -12.24
CA CYS A 162 8.73 0.28 -12.01
C CYS A 162 9.12 -1.09 -11.42
N PRO A 163 8.81 -1.37 -10.11
CA PRO A 163 9.23 -2.62 -9.47
C PRO A 163 8.26 -3.77 -9.83
N LEU A 164 8.82 -4.96 -10.07
CA LEU A 164 8.05 -6.18 -10.30
C LEU A 164 7.53 -6.73 -8.96
N PRO A 165 6.20 -6.63 -8.67
CA PRO A 165 5.63 -7.16 -7.42
C PRO A 165 5.45 -8.70 -7.51
N PRO A 166 5.79 -9.48 -6.43
CA PRO A 166 5.68 -10.97 -6.42
C PRO A 166 4.29 -11.48 -6.90
N GLU A 167 4.32 -12.68 -7.52
CA GLU A 167 3.15 -13.29 -8.17
C GLU A 167 1.96 -13.50 -7.21
N SER A 168 2.29 -13.70 -5.92
CA SER A 168 1.31 -14.05 -4.88
C SER A 168 0.46 -12.84 -4.42
N ASN A 169 0.90 -11.58 -4.71
CA ASN A 169 0.14 -10.37 -4.26
C ASN A 169 -0.78 -9.88 -5.39
N TRP A 170 -0.79 -10.60 -6.53
CA TRP A 170 -1.67 -10.29 -7.67
C TRP A 170 -3.08 -10.80 -7.35
N LEU A 171 -3.99 -9.87 -7.04
CA LEU A 171 -5.38 -10.18 -6.70
C LEU A 171 -6.15 -10.30 -8.01
N GLU A 172 -6.74 -11.48 -8.29
CA GLU A 172 -7.54 -11.72 -9.51
C GLU A 172 -9.02 -11.30 -9.26
N THR A 173 -9.15 -10.08 -8.71
CA THR A 173 -10.40 -9.48 -8.28
C THR A 173 -10.21 -7.95 -8.19
N ALA A 174 -11.29 -7.17 -8.18
CA ALA A 174 -11.22 -5.70 -8.15
C ALA A 174 -11.35 -5.17 -6.71
N VAL A 175 -10.48 -4.21 -6.35
CA VAL A 175 -10.53 -3.49 -5.08
C VAL A 175 -11.19 -2.13 -5.34
N THR A 176 -12.51 -2.08 -5.20
CA THR A 176 -13.32 -0.87 -5.39
C THR A 176 -13.57 -0.19 -4.03
N ALA A 177 -12.92 0.95 -3.81
CA ALA A 177 -13.04 1.73 -2.57
C ALA A 177 -12.65 3.18 -2.83
N GLY A 178 -13.37 4.11 -2.18
CA GLY A 178 -13.09 5.54 -2.29
C GLY A 178 -12.97 6.05 -3.73
N GLU A 179 -12.07 7.03 -3.92
CA GLU A 179 -11.72 7.54 -5.24
C GLU A 179 -10.81 6.53 -5.97
N ARG A 180 -11.04 6.39 -7.28
CA ARG A 180 -10.32 5.46 -8.17
C ARG A 180 -9.02 6.13 -8.72
N THR A 181 -8.46 5.54 -9.79
CA THR A 181 -7.32 6.09 -10.54
C THR A 181 -7.67 5.99 -12.05
N ASP A 182 -7.83 7.15 -12.72
CA ASP A 182 -8.34 7.24 -14.11
C ASP A 182 -7.57 6.35 -15.11
N LEU A 183 -8.34 5.79 -16.06
CA LEU A 183 -7.84 4.88 -17.09
C LEU A 183 -7.06 5.61 -18.18
N GLU A 184 -7.52 6.83 -18.52
CA GLU A 184 -6.95 7.62 -19.62
C GLU A 184 -5.65 8.32 -19.20
N HIS A 185 -5.65 8.83 -17.96
CA HIS A 185 -4.50 9.50 -17.31
C HIS A 185 -3.93 10.65 -18.21
N MET A 1 -17.38 -2.11 19.15
CA MET A 1 -18.03 -0.83 19.54
C MET A 1 -17.37 0.34 18.77
N ASP A 2 -18.16 1.41 18.53
CA ASP A 2 -17.69 2.64 17.83
C ASP A 2 -16.48 3.29 18.53
N GLU A 3 -16.42 3.13 19.87
CA GLU A 3 -15.30 3.61 20.72
C GLU A 3 -13.93 3.07 20.24
N ASP A 4 -13.89 1.78 19.85
CA ASP A 4 -12.65 1.16 19.33
C ASP A 4 -12.56 1.26 17.79
N THR A 5 -13.72 1.36 17.11
CA THR A 5 -13.78 1.48 15.64
C THR A 5 -13.09 2.79 15.16
N GLU A 6 -13.22 3.87 15.95
CA GLU A 6 -12.63 5.18 15.63
C GLU A 6 -11.09 5.18 15.81
N ASP A 7 -10.56 4.23 16.59
CA ASP A 7 -9.09 4.05 16.81
C ASP A 7 -8.39 3.75 15.47
N TRP A 8 -9.06 2.94 14.64
CA TRP A 8 -8.69 2.73 13.23
C TRP A 8 -8.46 4.07 12.50
N GLU A 9 -9.42 5.02 12.61
CA GLU A 9 -9.32 6.32 11.93
C GLU A 9 -8.32 7.26 12.66
N THR A 10 -8.06 6.98 13.96
CA THR A 10 -7.13 7.77 14.77
C THR A 10 -5.67 7.51 14.29
N GLN A 11 -5.30 6.23 14.19
CA GLN A 11 -4.01 5.82 13.62
C GLN A 11 -3.94 6.13 12.10
N LEU A 12 -5.10 6.06 11.40
CA LEU A 12 -5.19 6.34 9.95
C LEU A 12 -4.78 7.79 9.64
N GLN A 13 -5.38 8.76 10.37
CA GLN A 13 -5.12 10.19 10.14
C GLN A 13 -3.64 10.53 10.37
N ALA A 14 -3.05 9.92 11.40
CA ALA A 14 -1.62 10.09 11.71
C ALA A 14 -0.73 9.58 10.55
N ASN A 15 -1.05 8.35 10.06
CA ASN A 15 -0.36 7.72 8.91
C ASN A 15 -0.38 8.62 7.67
N ARG A 16 -1.59 8.90 7.17
CA ARG A 16 -1.80 9.57 5.87
C ARG A 16 -1.24 11.01 5.84
N ASP A 17 -1.32 11.72 6.98
CA ASP A 17 -0.82 13.10 7.09
C ASP A 17 0.72 13.16 7.09
N GLU A 18 1.40 12.14 7.64
CA GLU A 18 2.88 12.08 7.59
C GLU A 18 3.39 11.50 6.25
N LYS A 19 2.51 10.78 5.54
CA LYS A 19 2.76 10.35 4.15
C LYS A 19 2.58 11.55 3.20
N ASP A 20 1.63 12.44 3.55
CA ASP A 20 1.29 13.64 2.76
C ASP A 20 2.37 14.73 2.96
N ARG A 21 2.82 14.90 4.21
CA ARG A 21 3.85 15.91 4.57
C ARG A 21 5.17 15.59 3.86
N PHE A 22 5.41 14.28 3.64
CA PHE A 22 6.64 13.76 3.02
C PHE A 22 6.84 14.40 1.64
N PHE A 23 5.72 14.52 0.91
CA PHE A 23 5.69 15.11 -0.45
C PHE A 23 5.85 16.63 -0.39
N SER A 24 5.40 17.25 0.71
CA SER A 24 5.47 18.71 0.92
C SER A 24 6.85 19.15 1.43
N GLU A 25 7.47 18.34 2.31
CA GLU A 25 8.66 18.73 3.09
C GLU A 25 9.92 18.04 2.56
N HIS A 26 9.90 16.70 2.65
CA HIS A 26 11.10 15.85 2.51
C HIS A 26 11.51 15.74 1.03
N ARG A 27 10.58 15.24 0.21
CA ARG A 27 10.82 14.85 -1.17
C ARG A 27 9.77 15.55 -2.04
N GLN A 28 10.21 16.09 -3.19
CA GLN A 28 9.33 16.79 -4.16
C GLN A 28 8.22 15.84 -4.70
N SER A 29 6.96 16.33 -4.73
CA SER A 29 5.79 15.53 -5.11
C SER A 29 5.89 15.05 -6.59
N PRO A 30 5.78 13.72 -6.86
CA PRO A 30 5.71 13.17 -8.24
C PRO A 30 4.43 13.59 -8.97
N ILE A 31 3.35 13.79 -8.18
CA ILE A 31 2.01 14.13 -8.70
C ILE A 31 2.07 15.45 -9.50
N PRO A 32 1.94 15.42 -10.88
CA PRO A 32 2.09 16.63 -11.73
C PRO A 32 0.93 17.63 -11.52
N PRO A 33 1.14 18.95 -11.86
CA PRO A 33 0.13 20.03 -11.65
C PRO A 33 -1.15 19.85 -12.50
N GLU A 34 -1.12 18.87 -13.41
CA GLU A 34 -2.26 18.50 -14.25
C GLU A 34 -3.23 17.64 -13.43
N GLU A 35 -2.66 16.59 -12.79
CA GLU A 35 -3.42 15.69 -11.92
C GLU A 35 -3.99 16.41 -10.71
N ARG A 36 -3.12 16.94 -9.85
CA ARG A 36 -3.49 17.45 -8.51
C ARG A 36 -4.40 18.71 -8.53
N ASP A 37 -4.64 19.29 -9.72
CA ASP A 37 -5.47 20.50 -9.84
C ASP A 37 -6.97 20.15 -10.05
N ASP A 38 -7.28 19.30 -11.06
CA ASP A 38 -8.67 18.86 -11.34
C ASP A 38 -9.02 17.59 -10.57
N PHE A 39 -8.02 16.70 -10.45
CA PHE A 39 -8.09 15.46 -9.65
C PHE A 39 -7.38 15.75 -8.31
N ASP A 40 -7.59 14.92 -7.29
CA ASP A 40 -6.98 15.14 -5.98
C ASP A 40 -5.45 14.80 -6.03
N GLY A 41 -4.68 15.38 -5.08
CA GLY A 41 -3.22 15.17 -4.97
C GLY A 41 -2.83 13.75 -4.55
N LEU A 42 -1.69 13.59 -3.84
CA LEU A 42 -1.35 12.32 -3.16
C LEU A 42 -2.54 11.92 -2.28
N SER A 43 -3.12 10.77 -2.57
CA SER A 43 -4.44 10.40 -2.05
C SER A 43 -4.54 8.88 -1.98
N TYR A 44 -5.75 8.42 -1.73
CA TYR A 44 -6.10 7.01 -1.78
C TYR A 44 -7.62 6.86 -2.00
N PHE A 45 -8.04 5.66 -2.42
CA PHE A 45 -9.47 5.30 -2.58
C PHE A 45 -10.25 5.57 -1.25
N ASP A 46 -11.51 6.02 -1.33
CA ASP A 46 -12.26 6.54 -0.16
C ASP A 46 -12.45 5.41 0.90
N PRO A 47 -12.04 5.63 2.20
CA PRO A 47 -11.97 4.56 3.24
C PRO A 47 -13.29 3.77 3.41
N ASP A 48 -13.31 2.51 2.95
CA ASP A 48 -14.50 1.63 3.08
C ASP A 48 -14.22 0.49 4.08
N PRO A 49 -15.05 0.37 5.16
CA PRO A 49 -14.86 -0.66 6.20
C PRO A 49 -15.28 -2.08 5.75
N ASP A 50 -16.18 -2.17 4.76
CA ASP A 50 -16.73 -3.46 4.28
C ASP A 50 -15.78 -4.16 3.29
N TYR A 51 -14.88 -3.39 2.64
CA TYR A 51 -13.89 -3.96 1.72
C TYR A 51 -12.61 -4.36 2.48
N ARG A 52 -12.49 -3.81 3.71
CA ARG A 52 -11.44 -4.18 4.66
C ARG A 52 -11.47 -5.68 4.97
N VAL A 53 -10.28 -6.29 5.00
CA VAL A 53 -10.09 -7.67 5.44
C VAL A 53 -9.15 -7.66 6.66
N GLU A 54 -9.29 -8.68 7.50
CA GLU A 54 -8.36 -8.94 8.60
C GLU A 54 -7.35 -9.99 8.12
N ALA A 55 -6.05 -9.84 8.47
CA ALA A 55 -4.98 -10.71 7.94
C ALA A 55 -4.02 -11.11 9.06
N THR A 56 -3.61 -12.39 9.07
CA THR A 56 -2.64 -12.91 10.03
C THR A 56 -1.23 -12.75 9.45
N VAL A 57 -0.34 -12.12 10.24
CA VAL A 57 1.05 -11.88 9.84
C VAL A 57 1.84 -13.20 9.91
N THR A 58 2.50 -13.55 8.80
CA THR A 58 3.29 -14.78 8.65
C THR A 58 4.74 -14.39 8.34
N VAL A 59 5.59 -14.36 9.38
CA VAL A 59 6.96 -13.86 9.27
C VAL A 59 7.92 -15.03 9.06
N HIS A 60 8.81 -14.86 8.08
CA HIS A 60 9.75 -15.86 7.62
C HIS A 60 11.07 -15.67 8.35
N GLU A 61 11.62 -16.77 8.86
CA GLU A 61 12.91 -16.79 9.53
C GLU A 61 14.04 -16.68 8.50
N THR A 62 13.71 -16.95 7.22
CA THR A 62 14.63 -16.84 6.08
C THR A 62 14.06 -15.82 5.04
N PRO A 63 14.44 -14.50 5.15
CA PRO A 63 13.95 -13.44 4.24
C PRO A 63 14.76 -13.35 2.91
N GLU A 64 14.05 -13.24 1.76
CA GLU A 64 14.68 -13.11 0.42
C GLU A 64 14.81 -11.64 -0.02
N SER A 65 15.64 -11.38 -1.05
CA SER A 65 15.91 -10.04 -1.58
C SER A 65 14.96 -9.71 -2.75
N VAL A 66 14.10 -8.70 -2.54
CA VAL A 66 13.15 -8.20 -3.56
C VAL A 66 13.40 -6.70 -3.75
N ASP A 67 13.82 -6.29 -4.96
CA ASP A 67 14.21 -4.90 -5.24
C ASP A 67 12.97 -4.05 -5.52
N LEU A 68 12.71 -3.10 -4.60
CA LEU A 68 11.56 -2.18 -4.67
C LEU A 68 12.11 -0.74 -4.68
N GLU A 69 11.26 0.22 -5.05
CA GLU A 69 11.63 1.64 -5.00
C GLU A 69 11.57 2.15 -3.56
N THR A 70 12.37 3.18 -3.29
CA THR A 70 12.15 4.07 -2.17
C THR A 70 11.43 5.33 -2.70
N SER A 71 10.85 6.10 -1.79
CA SER A 71 10.01 7.27 -2.11
C SER A 71 10.78 8.36 -2.88
N ASP A 72 12.11 8.47 -2.67
CA ASP A 72 13.01 9.39 -3.40
C ASP A 72 13.45 8.82 -4.79
N ASP A 73 12.48 8.26 -5.56
CA ASP A 73 12.68 7.88 -7.00
C ASP A 73 13.71 6.74 -7.23
N ARG A 74 14.37 6.31 -6.16
CA ARG A 74 15.60 5.50 -6.22
C ARG A 74 15.24 4.01 -6.02
N THR A 75 16.25 3.13 -6.02
CA THR A 75 16.05 1.67 -5.90
C THR A 75 16.87 1.15 -4.73
N VAL A 76 16.24 0.28 -3.94
CA VAL A 76 16.83 -0.30 -2.73
C VAL A 76 16.30 -1.73 -2.54
N ARG A 77 17.16 -2.60 -2.01
CA ARG A 77 16.82 -3.99 -1.71
C ARG A 77 15.94 -4.03 -0.46
N TYR A 78 14.82 -4.75 -0.57
CA TYR A 78 13.95 -5.10 0.55
C TYR A 78 14.10 -6.58 0.88
N LEU A 79 13.81 -6.94 2.14
CA LEU A 79 13.76 -8.33 2.60
C LEU A 79 12.31 -8.74 2.79
N HIS A 80 11.90 -9.85 2.15
CA HIS A 80 10.59 -10.46 2.36
C HIS A 80 10.58 -11.11 3.72
N VAL A 81 10.02 -10.39 4.68
CA VAL A 81 9.91 -10.84 6.06
C VAL A 81 8.51 -11.44 6.26
N ALA A 82 7.45 -10.64 6.04
CA ALA A 82 6.09 -11.04 6.42
C ALA A 82 5.23 -11.28 5.19
N THR A 83 4.18 -12.06 5.38
CA THR A 83 3.12 -12.29 4.39
C THR A 83 1.78 -12.26 5.15
N LEU A 84 0.88 -11.39 4.71
CA LEU A 84 -0.37 -11.12 5.41
C LEU A 84 -1.43 -12.06 4.81
N SER A 85 -1.71 -13.15 5.54
CA SER A 85 -2.58 -14.24 5.11
C SER A 85 -4.06 -13.92 5.37
N PHE A 86 -4.89 -14.00 4.33
CA PHE A 86 -6.34 -13.71 4.42
C PHE A 86 -7.07 -14.37 3.22
N ASP A 87 -8.35 -14.05 3.08
CA ASP A 87 -9.15 -14.43 1.89
C ASP A 87 -9.86 -13.18 1.34
N LEU A 88 -9.99 -13.13 0.02
CA LEU A 88 -10.65 -12.02 -0.69
C LEU A 88 -11.31 -12.57 -1.96
N ASP A 89 -12.54 -12.13 -2.24
CA ASP A 89 -13.33 -12.48 -3.44
C ASP A 89 -13.84 -13.94 -3.39
N GLY A 90 -12.93 -14.88 -3.67
CA GLY A 90 -13.24 -16.30 -3.69
C GLY A 90 -11.97 -17.15 -3.67
N GLU A 91 -10.87 -16.56 -3.16
CA GLU A 91 -9.54 -17.18 -3.14
C GLU A 91 -8.75 -16.77 -1.87
N SER A 92 -7.79 -17.64 -1.49
CA SER A 92 -6.87 -17.41 -0.37
C SER A 92 -5.83 -16.35 -0.79
N ARG A 93 -6.13 -15.09 -0.47
CA ARG A 93 -5.28 -13.94 -0.84
C ARG A 93 -4.25 -13.58 0.23
N ASP A 94 -3.08 -13.14 -0.25
CA ASP A 94 -1.96 -12.74 0.61
C ASP A 94 -1.20 -11.55 0.00
N LEU A 95 -0.70 -10.69 0.89
CA LEU A 95 0.13 -9.52 0.52
C LEU A 95 1.48 -9.62 1.22
N HIS A 96 2.58 -9.45 0.47
CA HIS A 96 3.93 -9.64 0.98
C HIS A 96 4.45 -8.32 1.57
N ALA A 97 4.80 -8.36 2.85
CA ALA A 97 5.24 -7.20 3.62
C ALA A 97 6.75 -7.23 3.72
N PHE A 98 7.39 -6.20 3.16
CA PHE A 98 8.83 -6.09 3.08
C PHE A 98 9.33 -4.91 3.91
N ARG A 99 10.64 -4.90 4.12
CA ARG A 99 11.38 -3.78 4.74
C ARG A 99 12.87 -3.98 4.41
N GLN A 100 13.58 -2.87 4.12
CA GLN A 100 14.89 -2.87 3.44
C GLN A 100 15.91 -3.89 4.01
N ALA A 101 16.45 -3.62 5.22
CA ALA A 101 17.35 -4.56 5.91
C ALA A 101 16.73 -5.08 7.22
N ALA A 102 16.77 -4.23 8.27
CA ALA A 102 16.42 -4.62 9.65
C ALA A 102 15.48 -3.57 10.29
N ASP A 103 14.52 -3.06 9.49
CA ASP A 103 13.62 -1.93 9.88
C ASP A 103 12.97 -2.11 11.26
N GLU A 104 13.05 -1.04 12.07
CA GLU A 104 12.42 -0.94 13.39
C GLU A 104 11.29 0.12 13.38
N SER A 105 11.14 0.83 12.23
CA SER A 105 10.18 1.95 12.06
C SER A 105 8.75 1.46 11.69
N ARG A 106 8.49 0.14 11.93
CA ARG A 106 7.15 -0.52 11.80
C ARG A 106 6.66 -0.53 10.33
N THR A 107 7.58 -0.23 9.39
CA THR A 107 7.28 -0.03 7.98
C THR A 107 7.16 -1.38 7.26
N LEU A 108 5.91 -1.86 7.14
CA LEU A 108 5.55 -3.02 6.33
C LEU A 108 4.99 -2.53 4.99
N PHE A 109 5.77 -2.73 3.93
CA PHE A 109 5.41 -2.28 2.58
C PHE A 109 4.80 -3.47 1.82
N VAL A 110 3.48 -3.42 1.54
CA VAL A 110 2.79 -4.49 0.80
C VAL A 110 2.30 -3.95 -0.57
N PRO A 111 3.06 -4.18 -1.68
CA PRO A 111 2.53 -3.93 -3.02
C PRO A 111 1.42 -4.95 -3.35
N PHE A 112 0.44 -4.54 -4.14
CA PHE A 112 -0.58 -5.44 -4.67
C PHE A 112 -1.00 -4.96 -6.06
N ARG A 113 -1.38 -5.87 -6.93
CA ARG A 113 -1.87 -5.52 -8.26
C ARG A 113 -3.14 -6.30 -8.53
N ASP A 114 -4.17 -5.60 -8.96
CA ASP A 114 -5.53 -6.13 -9.15
C ASP A 114 -5.93 -6.02 -10.64
N LYS A 115 -7.15 -6.43 -10.96
CA LYS A 115 -7.63 -6.52 -12.35
C LYS A 115 -8.26 -5.20 -12.83
N THR A 116 -8.60 -4.30 -11.88
CA THR A 116 -9.09 -2.95 -12.21
C THR A 116 -7.91 -1.96 -12.42
N THR A 117 -6.69 -2.36 -11.98
CA THR A 117 -5.45 -1.63 -12.29
C THR A 117 -5.15 -1.74 -13.80
N GLY A 118 -4.83 -0.59 -14.42
CA GLY A 118 -4.55 -0.51 -15.86
C GLY A 118 -5.78 -0.55 -16.76
N GLN A 119 -6.96 -0.77 -16.16
CA GLN A 119 -8.23 -0.96 -16.90
C GLN A 119 -9.21 0.15 -16.48
N GLN A 120 -9.63 0.12 -15.21
CA GLN A 120 -10.54 1.11 -14.60
C GLN A 120 -9.76 2.12 -13.73
N SER A 121 -8.43 2.18 -13.96
CA SER A 121 -7.50 3.07 -13.25
C SER A 121 -6.12 3.02 -13.93
N TYR A 122 -5.17 3.81 -13.43
CA TYR A 122 -3.76 3.82 -13.90
C TYR A 122 -3.11 2.43 -13.80
N ASP A 123 -2.14 2.18 -14.68
CA ASP A 123 -1.35 0.94 -14.72
C ASP A 123 -0.11 1.02 -13.80
N GLY A 124 0.81 0.05 -13.93
CA GLY A 124 2.01 -0.04 -13.08
C GLY A 124 1.81 -0.98 -11.90
N GLY A 125 0.66 -0.84 -11.24
CA GLY A 125 0.31 -1.59 -10.05
C GLY A 125 -0.05 -0.65 -8.91
N ARG A 126 -0.53 -1.22 -7.80
CA ARG A 126 -0.84 -0.45 -6.57
C ARG A 126 0.20 -0.84 -5.50
N TYR A 127 0.35 -0.01 -4.47
CA TYR A 127 1.08 -0.39 -3.27
C TYR A 127 0.51 0.27 -2.01
N MET A 128 0.24 -0.60 -1.04
CA MET A 128 -0.19 -0.29 0.32
C MET A 128 1.06 -0.25 1.23
N GLU A 129 0.98 0.54 2.31
CA GLU A 129 2.07 0.64 3.30
C GLU A 129 1.46 0.85 4.70
N LEU A 130 1.70 -0.12 5.60
CA LEU A 130 1.14 -0.14 6.96
C LEU A 130 2.27 0.11 7.96
N GLU A 131 1.95 0.86 9.02
CA GLU A 131 2.86 1.12 10.14
C GLU A 131 2.08 0.92 11.46
N PRO A 132 2.02 -0.35 11.99
CA PRO A 132 1.31 -0.70 13.27
C PRO A 132 1.89 0.00 14.51
N ASP A 133 1.17 -0.13 15.64
CA ASP A 133 1.57 0.45 16.95
C ASP A 133 2.89 -0.16 17.40
N ARG A 134 2.92 -1.50 17.47
CA ARG A 134 4.14 -2.27 17.79
C ARG A 134 4.53 -3.12 16.57
N ASP A 135 5.65 -3.86 16.68
CA ASP A 135 6.20 -4.67 15.57
C ASP A 135 5.48 -6.02 15.49
N LEU A 136 5.22 -6.52 14.27
CA LEU A 136 4.40 -7.71 14.04
C LEU A 136 5.27 -8.93 13.71
N SER A 137 4.85 -10.09 14.23
CA SER A 137 5.57 -11.38 14.12
C SER A 137 4.59 -12.45 13.60
N ASP A 138 5.11 -13.66 13.35
CA ASP A 138 4.29 -14.82 12.94
C ASP A 138 3.31 -15.20 14.07
N GLY A 139 2.06 -14.75 13.95
CA GLY A 139 1.02 -15.00 14.96
C GLY A 139 0.25 -13.74 15.33
N ASP A 140 0.84 -12.57 15.00
CA ASP A 140 0.13 -11.28 15.07
C ASP A 140 -0.91 -11.18 13.96
N GLU A 141 -1.83 -10.24 14.09
CA GLU A 141 -2.79 -9.87 13.03
C GLU A 141 -2.65 -8.39 12.68
N ILE A 142 -3.23 -8.00 11.53
CA ILE A 142 -3.08 -6.65 10.96
C ILE A 142 -4.32 -6.32 10.10
N THR A 143 -4.66 -5.02 10.05
CA THR A 143 -5.85 -4.49 9.36
C THR A 143 -5.49 -4.06 7.93
N LEU A 144 -6.27 -4.51 6.92
CA LEU A 144 -5.98 -4.30 5.48
C LEU A 144 -7.21 -3.66 4.79
N ASP A 145 -7.24 -2.33 4.72
CA ASP A 145 -8.20 -1.60 3.90
C ASP A 145 -7.50 -1.25 2.58
N PHE A 146 -7.85 -1.96 1.49
CA PHE A 146 -7.24 -1.74 0.14
C PHE A 146 -7.62 -0.37 -0.46
N ASN A 147 -8.57 0.30 0.21
CA ASN A 147 -8.95 1.67 -0.10
C ASN A 147 -7.84 2.65 0.32
N LEU A 148 -7.09 2.31 1.38
CA LEU A 148 -6.00 3.16 1.91
C LEU A 148 -4.71 3.04 1.04
N ALA A 149 -4.82 2.39 -0.14
CA ALA A 149 -3.72 2.25 -1.11
C ALA A 149 -3.39 3.61 -1.76
N TYR A 150 -2.14 4.03 -1.59
CA TYR A 150 -1.70 5.40 -1.91
C TYR A 150 -1.46 5.52 -3.41
N SER A 151 -1.89 6.66 -3.99
CA SER A 151 -1.71 6.99 -5.41
C SER A 151 -0.25 6.74 -5.88
N PRO A 152 -0.01 5.62 -6.67
CA PRO A 152 1.35 5.10 -6.91
C PRO A 152 2.24 6.07 -7.69
N PHE A 153 3.42 6.38 -7.10
CA PHE A 153 4.51 7.19 -7.73
C PHE A 153 4.75 6.84 -9.22
N CYS A 154 4.81 5.53 -9.51
CA CYS A 154 5.04 5.00 -10.86
C CYS A 154 4.01 5.51 -11.88
N ALA A 155 2.74 5.39 -11.51
CA ALA A 155 1.60 5.74 -12.38
C ALA A 155 1.49 7.25 -12.67
N TYR A 156 2.02 8.06 -11.74
CA TYR A 156 1.97 9.54 -11.83
C TYR A 156 3.29 10.13 -12.33
N SER A 157 4.37 9.32 -12.31
CA SER A 157 5.69 9.68 -12.84
C SER A 157 6.43 8.40 -13.26
N ASP A 158 6.64 8.25 -14.57
CA ASP A 158 7.25 7.04 -15.18
C ASP A 158 8.75 6.91 -14.86
N THR A 159 9.33 7.97 -14.29
CA THR A 159 10.73 8.00 -13.84
C THR A 159 10.97 7.07 -12.63
N PHE A 160 9.90 6.75 -11.87
CA PHE A 160 10.01 5.94 -10.64
C PHE A 160 10.16 4.46 -10.99
N SER A 161 11.20 3.83 -10.42
CA SER A 161 11.55 2.43 -10.66
C SER A 161 10.51 1.55 -9.97
N CYS A 162 9.58 0.95 -10.76
CA CYS A 162 8.39 0.26 -10.22
C CYS A 162 8.80 -0.92 -9.30
N PRO A 163 8.21 -1.02 -8.06
CA PRO A 163 8.62 -2.07 -7.11
C PRO A 163 8.25 -3.47 -7.66
N LEU A 164 9.28 -4.34 -7.85
CA LEU A 164 9.13 -5.72 -8.33
C LEU A 164 8.09 -6.48 -7.47
N PRO A 165 6.86 -6.78 -8.02
CA PRO A 165 5.83 -7.47 -7.25
C PRO A 165 5.94 -9.02 -7.41
N PRO A 166 6.12 -9.79 -6.28
CA PRO A 166 6.08 -11.27 -6.33
C PRO A 166 4.65 -11.74 -6.69
N GLU A 167 4.51 -12.62 -7.69
CA GLU A 167 3.20 -12.95 -8.34
C GLU A 167 2.07 -13.35 -7.33
N SER A 168 2.46 -13.74 -6.11
CA SER A 168 1.53 -14.17 -5.04
C SER A 168 0.84 -12.97 -4.32
N ASN A 169 1.29 -11.73 -4.59
CA ASN A 169 0.72 -10.49 -3.99
C ASN A 169 -0.37 -9.90 -4.90
N TRP A 170 -0.49 -10.49 -6.11
CA TRP A 170 -1.47 -10.04 -7.10
C TRP A 170 -2.87 -10.52 -6.67
N LEU A 171 -3.79 -9.58 -6.48
CA LEU A 171 -5.18 -9.91 -6.23
C LEU A 171 -5.83 -10.24 -7.59
N GLU A 172 -6.19 -11.52 -7.80
CA GLU A 172 -6.75 -11.99 -9.09
C GLU A 172 -8.28 -11.76 -9.09
N THR A 173 -8.65 -10.52 -8.79
CA THR A 173 -10.02 -10.05 -8.71
C THR A 173 -10.05 -8.56 -9.00
N ALA A 174 -11.18 -8.07 -9.50
CA ALA A 174 -11.40 -6.65 -9.77
C ALA A 174 -11.68 -5.94 -8.44
N VAL A 175 -10.86 -4.93 -8.08
CA VAL A 175 -11.02 -4.16 -6.84
C VAL A 175 -11.72 -2.83 -7.17
N THR A 176 -13.05 -2.86 -7.13
CA THR A 176 -13.89 -1.66 -7.22
C THR A 176 -14.28 -1.23 -5.80
N ALA A 177 -13.49 -0.31 -5.25
CA ALA A 177 -13.65 0.22 -3.90
C ALA A 177 -13.01 1.60 -3.84
N GLY A 178 -13.64 2.52 -3.10
CA GLY A 178 -13.24 3.92 -3.09
C GLY A 178 -13.30 4.59 -4.47
N GLU A 179 -12.35 5.51 -4.73
CA GLU A 179 -12.26 6.29 -5.98
C GLU A 179 -12.33 5.38 -7.23
N ARG A 180 -13.37 5.64 -8.05
CA ARG A 180 -13.70 4.84 -9.24
C ARG A 180 -12.88 5.31 -10.46
N THR A 181 -13.34 4.89 -11.65
CA THR A 181 -12.79 5.30 -12.95
C THR A 181 -13.08 6.79 -13.17
N ASP A 182 -12.09 7.58 -13.62
CA ASP A 182 -12.27 9.00 -13.94
C ASP A 182 -12.98 9.17 -15.29
N LEU A 183 -13.18 10.43 -15.72
CA LEU A 183 -13.85 10.74 -16.98
C LEU A 183 -12.96 10.35 -18.20
N GLU A 184 -11.80 11.02 -18.38
CA GLU A 184 -10.96 10.92 -19.61
C GLU A 184 -9.55 11.48 -19.37
N HIS A 185 -8.55 10.60 -19.24
CA HIS A 185 -7.11 10.91 -19.37
C HIS A 185 -6.30 9.61 -19.09
N MET A 1 -19.90 -1.69 20.08
CA MET A 1 -18.80 -1.07 20.85
C MET A 1 -17.93 -0.24 19.90
N ASP A 2 -18.61 0.74 19.24
CA ASP A 2 -18.01 1.55 18.15
C ASP A 2 -16.83 2.41 18.61
N GLU A 3 -16.72 2.70 19.92
CA GLU A 3 -15.57 3.47 20.50
C GLU A 3 -14.23 2.78 20.19
N ASP A 4 -14.23 1.44 20.29
CA ASP A 4 -13.05 0.60 19.99
C ASP A 4 -12.75 0.59 18.47
N THR A 5 -13.83 0.64 17.66
CA THR A 5 -13.75 0.58 16.20
C THR A 5 -13.25 1.91 15.57
N GLU A 6 -13.76 3.04 16.10
CA GLU A 6 -13.46 4.40 15.56
C GLU A 6 -12.06 4.88 16.01
N ASP A 7 -11.41 4.08 16.86
CA ASP A 7 -9.99 4.29 17.24
C ASP A 7 -9.07 4.21 15.99
N TRP A 8 -9.49 3.37 15.02
CA TRP A 8 -8.95 3.32 13.65
C TRP A 8 -8.75 4.73 13.04
N GLU A 9 -9.84 5.52 12.92
CA GLU A 9 -9.81 6.85 12.29
C GLU A 9 -9.09 7.89 13.18
N THR A 10 -8.94 7.57 14.48
CA THR A 10 -8.32 8.45 15.47
C THR A 10 -6.82 8.64 15.18
N GLN A 11 -6.08 7.52 14.98
CA GLN A 11 -4.69 7.58 14.50
C GLN A 11 -4.65 7.97 13.00
N LEU A 12 -5.62 7.44 12.22
CA LEU A 12 -5.60 7.47 10.75
C LEU A 12 -5.65 8.90 10.18
N GLN A 13 -6.29 9.83 10.90
CA GLN A 13 -6.34 11.25 10.51
C GLN A 13 -4.92 11.81 10.29
N ALA A 14 -3.96 11.32 11.11
CA ALA A 14 -2.54 11.70 11.04
C ALA A 14 -1.77 10.76 10.10
N ASN A 15 -2.08 9.43 10.18
CA ASN A 15 -1.40 8.37 9.39
C ASN A 15 -1.54 8.58 7.87
N ARG A 16 -2.70 9.12 7.43
CA ARG A 16 -2.94 9.41 6.00
C ARG A 16 -2.37 10.80 5.66
N ASP A 17 -2.43 11.71 6.65
CA ASP A 17 -2.07 13.14 6.47
C ASP A 17 -0.60 13.30 6.14
N GLU A 18 0.26 12.48 6.78
CA GLU A 18 1.72 12.46 6.54
C GLU A 18 2.04 12.03 5.09
N LYS A 19 1.14 11.24 4.49
CA LYS A 19 1.29 10.72 3.13
C LYS A 19 0.73 11.71 2.09
N ASP A 20 -0.35 12.41 2.46
CA ASP A 20 -0.97 13.45 1.61
C ASP A 20 -0.07 14.70 1.57
N ARG A 21 0.62 14.98 2.71
CA ARG A 21 1.57 16.10 2.80
C ARG A 21 2.98 15.67 2.38
N PHE A 22 3.19 14.34 2.20
CA PHE A 22 4.45 13.82 1.64
C PHE A 22 4.67 14.39 0.22
N PHE A 23 3.63 14.25 -0.60
CA PHE A 23 3.64 14.73 -2.00
C PHE A 23 3.49 16.26 -2.07
N SER A 24 3.04 16.90 -0.98
CA SER A 24 2.70 18.35 -0.97
C SER A 24 3.82 19.20 -0.33
N GLU A 25 4.48 18.67 0.71
CA GLU A 25 5.37 19.46 1.61
C GLU A 25 6.77 18.83 1.67
N HIS A 26 6.84 17.50 1.93
CA HIS A 26 8.12 16.78 2.09
C HIS A 26 8.91 16.78 0.76
N ARG A 27 8.31 16.14 -0.25
CA ARG A 27 8.81 16.13 -1.65
C ARG A 27 7.79 16.83 -2.53
N GLN A 28 8.28 17.41 -3.65
CA GLN A 28 7.39 17.86 -4.73
C GLN A 28 6.84 16.61 -5.44
N SER A 29 5.52 16.58 -5.70
CA SER A 29 4.80 15.41 -6.21
C SER A 29 5.46 14.78 -7.47
N PRO A 30 5.76 13.43 -7.47
CA PRO A 30 6.05 12.67 -8.72
C PRO A 30 4.90 12.77 -9.73
N ILE A 31 3.69 13.11 -9.22
CA ILE A 31 2.50 13.40 -10.05
C ILE A 31 2.86 14.56 -11.02
N PRO A 32 2.78 14.36 -12.38
CA PRO A 32 3.18 15.40 -13.37
C PRO A 32 2.36 16.72 -13.20
N PRO A 33 2.99 17.92 -13.51
CA PRO A 33 2.46 19.27 -13.14
C PRO A 33 0.98 19.52 -13.53
N GLU A 34 0.64 19.18 -14.77
CA GLU A 34 -0.71 19.44 -15.34
C GLU A 34 -1.72 18.41 -14.83
N GLU A 35 -1.24 17.16 -14.57
CA GLU A 35 -2.08 16.09 -14.02
C GLU A 35 -2.60 16.45 -12.62
N ARG A 36 -1.67 16.86 -11.73
CA ARG A 36 -1.98 17.19 -10.32
C ARG A 36 -2.75 18.53 -10.21
N ASP A 37 -2.79 19.30 -11.30
CA ASP A 37 -3.52 20.59 -11.34
C ASP A 37 -5.04 20.35 -11.29
N ASP A 38 -5.49 19.28 -11.97
CA ASP A 38 -6.91 18.87 -11.98
C ASP A 38 -7.33 18.22 -10.66
N PHE A 39 -6.40 17.50 -10.03
CA PHE A 39 -6.67 16.74 -8.79
C PHE A 39 -5.93 17.38 -7.60
N ASP A 40 -6.66 18.11 -6.75
CA ASP A 40 -6.10 18.66 -5.51
C ASP A 40 -6.20 17.62 -4.39
N GLY A 41 -5.24 16.70 -4.40
CA GLY A 41 -5.14 15.65 -3.40
C GLY A 41 -4.55 14.38 -4.01
N LEU A 42 -4.18 13.41 -3.17
CA LEU A 42 -3.92 12.04 -3.64
C LEU A 42 -5.27 11.37 -3.91
N SER A 43 -5.80 11.59 -5.13
CA SER A 43 -7.09 11.05 -5.55
C SER A 43 -6.94 9.54 -5.75
N TYR A 44 -7.66 8.76 -4.93
CA TYR A 44 -7.54 7.30 -4.84
C TYR A 44 -8.63 6.74 -3.91
N PHE A 45 -8.47 5.47 -3.51
CA PHE A 45 -9.43 4.77 -2.62
C PHE A 45 -9.42 5.46 -1.25
N ASP A 46 -10.60 5.91 -0.81
CA ASP A 46 -10.75 6.64 0.46
C ASP A 46 -11.08 5.66 1.60
N PRO A 47 -10.37 5.76 2.79
CA PRO A 47 -10.54 4.86 3.97
C PRO A 47 -12.00 4.47 4.26
N ASP A 48 -12.34 3.20 3.95
CA ASP A 48 -13.69 2.66 4.15
C ASP A 48 -13.57 1.40 5.04
N PRO A 49 -14.35 1.29 6.16
CA PRO A 49 -14.32 0.09 7.04
C PRO A 49 -14.92 -1.18 6.38
N ASP A 50 -15.62 -0.99 5.25
CA ASP A 50 -16.28 -2.07 4.49
C ASP A 50 -15.27 -3.07 3.88
N TYR A 51 -14.25 -2.54 3.17
CA TYR A 51 -13.29 -3.41 2.42
C TYR A 51 -12.06 -3.78 3.30
N ARG A 52 -12.13 -3.41 4.59
CA ARG A 52 -11.09 -3.70 5.57
C ARG A 52 -11.11 -5.21 5.92
N VAL A 53 -9.98 -5.92 5.71
CA VAL A 53 -9.87 -7.38 6.01
C VAL A 53 -8.80 -7.62 7.08
N GLU A 54 -8.60 -8.88 7.48
CA GLU A 54 -7.57 -9.30 8.43
C GLU A 54 -6.77 -10.47 7.86
N ALA A 55 -5.50 -10.62 8.29
CA ALA A 55 -4.59 -11.65 7.77
C ALA A 55 -3.72 -12.25 8.89
N THR A 56 -3.37 -13.53 8.71
CA THR A 56 -2.42 -14.24 9.56
C THR A 56 -1.01 -14.06 8.96
N VAL A 57 -0.09 -13.53 9.78
CA VAL A 57 1.28 -13.21 9.35
C VAL A 57 2.12 -14.50 9.22
N THR A 58 2.85 -14.62 8.12
CA THR A 58 3.77 -15.73 7.88
C THR A 58 5.20 -15.17 7.76
N VAL A 59 5.93 -15.14 8.90
CA VAL A 59 7.25 -14.48 8.96
C VAL A 59 8.33 -15.49 8.54
N HIS A 60 9.20 -15.05 7.64
CA HIS A 60 10.33 -15.83 7.15
C HIS A 60 11.55 -15.55 8.02
N GLU A 61 12.02 -16.62 8.70
CA GLU A 61 13.20 -16.57 9.59
C GLU A 61 14.49 -16.22 8.79
N THR A 62 14.40 -16.38 7.45
CA THR A 62 15.43 -15.98 6.50
C THR A 62 14.84 -14.90 5.55
N PRO A 63 15.14 -13.57 5.77
CA PRO A 63 14.64 -12.48 4.90
C PRO A 63 15.39 -12.46 3.53
N GLU A 64 14.63 -12.52 2.42
CA GLU A 64 15.21 -12.62 1.05
C GLU A 64 15.00 -11.31 0.25
N SER A 65 15.91 -11.04 -0.70
CA SER A 65 16.02 -9.73 -1.37
C SER A 65 15.03 -9.59 -2.57
N VAL A 66 14.19 -8.54 -2.52
CA VAL A 66 13.21 -8.21 -3.58
C VAL A 66 13.35 -6.72 -3.97
N ASP A 67 13.48 -6.44 -5.28
CA ASP A 67 13.66 -5.06 -5.79
C ASP A 67 12.34 -4.28 -5.77
N LEU A 68 12.22 -3.30 -4.86
CA LEU A 68 11.05 -2.40 -4.78
C LEU A 68 11.55 -0.95 -4.75
N GLU A 69 10.84 -0.03 -5.43
CA GLU A 69 11.16 1.40 -5.38
C GLU A 69 10.76 2.00 -4.02
N THR A 70 11.53 2.99 -3.59
CA THR A 70 11.31 3.68 -2.31
C THR A 70 10.64 5.04 -2.57
N SER A 71 10.35 5.77 -1.48
CA SER A 71 9.73 7.10 -1.51
C SER A 71 10.83 8.19 -1.45
N ASP A 72 12.06 7.79 -1.79
CA ASP A 72 13.28 8.61 -1.65
C ASP A 72 13.98 8.68 -3.03
N ASP A 73 13.14 9.05 -4.05
CA ASP A 73 13.53 9.29 -5.47
C ASP A 73 14.48 8.22 -6.07
N ARG A 74 14.30 6.96 -5.66
CA ARG A 74 15.23 5.88 -6.04
C ARG A 74 14.51 4.51 -6.03
N THR A 75 15.29 3.44 -6.28
CA THR A 75 14.83 2.05 -6.29
C THR A 75 15.89 1.22 -5.55
N VAL A 76 15.44 0.33 -4.67
CA VAL A 76 16.30 -0.26 -3.61
C VAL A 76 15.92 -1.71 -3.31
N ARG A 77 16.85 -2.41 -2.65
CA ARG A 77 16.65 -3.77 -2.16
C ARG A 77 15.81 -3.74 -0.87
N TYR A 78 14.68 -4.44 -0.87
CA TYR A 78 13.88 -4.75 0.33
C TYR A 78 14.14 -6.20 0.76
N LEU A 79 13.93 -6.49 2.04
CA LEU A 79 13.98 -7.86 2.58
C LEU A 79 12.57 -8.34 2.92
N HIS A 80 12.26 -9.57 2.47
CA HIS A 80 10.95 -10.19 2.64
C HIS A 80 10.88 -10.83 4.03
N VAL A 81 10.23 -10.12 4.95
CA VAL A 81 10.16 -10.51 6.36
C VAL A 81 8.88 -11.27 6.68
N ALA A 82 7.79 -11.02 5.93
CA ALA A 82 6.46 -11.61 6.23
C ALA A 82 5.63 -11.82 4.96
N THR A 83 4.61 -12.67 5.09
CA THR A 83 3.59 -12.89 4.05
C THR A 83 2.22 -12.95 4.75
N LEU A 84 1.47 -11.86 4.64
CA LEU A 84 0.17 -11.71 5.29
C LEU A 84 -0.90 -12.51 4.50
N SER A 85 -1.21 -13.70 5.02
CA SER A 85 -2.10 -14.70 4.37
C SER A 85 -3.56 -14.53 4.85
N PHE A 86 -4.49 -14.42 3.89
CA PHE A 86 -5.92 -14.15 4.16
C PHE A 86 -6.79 -14.69 3.01
N ASP A 87 -8.08 -14.34 3.04
CA ASP A 87 -9.03 -14.65 1.95
C ASP A 87 -9.68 -13.33 1.49
N LEU A 88 -10.04 -13.27 0.21
CA LEU A 88 -10.66 -12.06 -0.38
C LEU A 88 -11.46 -12.47 -1.63
N ASP A 89 -12.68 -11.90 -1.77
CA ASP A 89 -13.63 -12.18 -2.89
C ASP A 89 -14.19 -13.63 -2.81
N GLY A 90 -13.33 -14.61 -3.11
CA GLY A 90 -13.63 -16.04 -2.99
C GLY A 90 -12.38 -16.89 -3.20
N GLU A 91 -11.21 -16.24 -3.08
CA GLU A 91 -9.88 -16.82 -3.40
C GLU A 91 -8.91 -16.52 -2.25
N SER A 92 -8.03 -17.50 -1.95
CA SER A 92 -7.05 -17.39 -0.87
C SER A 92 -5.90 -16.46 -1.30
N ARG A 93 -5.94 -15.21 -0.82
CA ARG A 93 -4.98 -14.17 -1.22
C ARG A 93 -3.93 -13.93 -0.12
N ASP A 94 -2.68 -13.78 -0.53
CA ASP A 94 -1.57 -13.45 0.37
C ASP A 94 -0.78 -12.24 -0.19
N LEU A 95 -0.52 -11.26 0.69
CA LEU A 95 0.30 -10.08 0.34
C LEU A 95 1.61 -10.17 1.11
N HIS A 96 2.71 -9.97 0.41
CA HIS A 96 4.04 -10.13 0.98
C HIS A 96 4.49 -8.78 1.60
N ALA A 97 4.93 -8.83 2.86
CA ALA A 97 5.35 -7.64 3.62
C ALA A 97 6.87 -7.59 3.67
N PHE A 98 7.42 -6.46 3.22
CA PHE A 98 8.87 -6.24 3.16
C PHE A 98 9.21 -4.95 3.93
N ARG A 99 10.51 -4.69 4.03
CA ARG A 99 11.06 -3.43 4.57
C ARG A 99 12.52 -3.31 4.13
N GLN A 100 13.02 -2.05 4.00
CA GLN A 100 14.30 -1.71 3.30
C GLN A 100 15.44 -2.72 3.58
N ALA A 101 16.07 -2.66 4.76
CA ALA A 101 17.02 -3.70 5.20
C ALA A 101 16.53 -4.38 6.48
N ALA A 102 16.68 -3.66 7.60
CA ALA A 102 16.48 -4.21 8.96
C ALA A 102 15.58 -3.29 9.78
N ASP A 103 14.54 -2.73 9.15
CA ASP A 103 13.64 -1.74 9.79
C ASP A 103 12.96 -2.33 11.03
N GLU A 104 12.88 -1.53 12.10
CA GLU A 104 12.26 -1.92 13.38
C GLU A 104 11.29 -0.82 13.84
N SER A 105 10.96 0.13 12.93
CA SER A 105 9.98 1.21 13.18
C SER A 105 8.55 0.76 12.78
N ARG A 106 8.37 -0.57 12.60
CA ARG A 106 7.05 -1.22 12.31
C ARG A 106 6.56 -0.87 10.88
N THR A 107 7.47 -0.31 10.07
CA THR A 107 7.15 0.16 8.71
C THR A 107 7.19 -1.04 7.74
N LEU A 108 6.02 -1.65 7.54
CA LEU A 108 5.83 -2.80 6.65
C LEU A 108 5.17 -2.35 5.35
N PHE A 109 5.85 -2.60 4.24
CA PHE A 109 5.40 -2.19 2.91
C PHE A 109 4.85 -3.44 2.19
N VAL A 110 3.54 -3.46 1.94
CA VAL A 110 2.88 -4.49 1.13
C VAL A 110 2.44 -3.88 -0.23
N PRO A 111 3.26 -4.07 -1.31
CA PRO A 111 2.78 -3.83 -2.66
C PRO A 111 1.86 -4.98 -3.07
N PHE A 112 0.64 -4.66 -3.52
CA PHE A 112 -0.27 -5.62 -4.13
C PHE A 112 -0.61 -5.17 -5.55
N ARG A 113 -1.53 -5.88 -6.21
CA ARG A 113 -2.07 -5.45 -7.51
C ARG A 113 -3.44 -6.09 -7.70
N ASP A 114 -4.46 -5.28 -8.00
CA ASP A 114 -5.84 -5.75 -8.16
C ASP A 114 -6.33 -5.43 -9.60
N LYS A 115 -7.64 -5.53 -9.84
CA LYS A 115 -8.23 -5.35 -11.18
C LYS A 115 -8.33 -3.86 -11.59
N THR A 116 -8.38 -2.93 -10.62
CA THR A 116 -8.50 -1.49 -10.93
C THR A 116 -7.16 -0.98 -11.50
N THR A 117 -6.05 -1.52 -10.96
CA THR A 117 -4.67 -1.12 -11.28
C THR A 117 -4.38 -1.34 -12.78
N GLY A 118 -3.91 -0.26 -13.45
CA GLY A 118 -3.67 -0.28 -14.90
C GLY A 118 -4.86 0.22 -15.72
N GLN A 119 -6.10 -0.05 -15.23
CA GLN A 119 -7.34 0.26 -15.95
C GLN A 119 -7.89 1.65 -15.54
N GLN A 120 -8.59 1.70 -14.38
CA GLN A 120 -9.19 2.93 -13.81
C GLN A 120 -8.26 3.53 -12.72
N SER A 121 -7.21 2.79 -12.41
CA SER A 121 -6.17 3.15 -11.43
C SER A 121 -4.81 3.03 -12.13
N TYR A 122 -3.78 3.68 -11.58
CA TYR A 122 -2.45 3.78 -12.20
C TYR A 122 -1.62 2.49 -11.98
N ASP A 123 -0.70 2.26 -12.94
CA ASP A 123 0.10 1.01 -13.05
C ASP A 123 1.35 1.07 -12.13
N GLY A 124 2.32 0.15 -12.35
CA GLY A 124 3.47 -0.05 -11.45
C GLY A 124 3.16 -1.06 -10.34
N GLY A 125 1.87 -1.12 -9.98
CA GLY A 125 1.36 -1.96 -8.92
C GLY A 125 0.35 -1.19 -8.09
N ARG A 126 0.10 -1.65 -6.88
CA ARG A 126 -0.74 -0.94 -5.92
C ARG A 126 0.05 -0.91 -4.61
N TYR A 127 0.18 0.29 -4.02
CA TYR A 127 1.14 0.53 -2.93
C TYR A 127 0.38 0.69 -1.62
N MET A 128 0.79 -0.05 -0.59
CA MET A 128 0.12 -0.01 0.73
C MET A 128 1.17 -0.24 1.82
N GLU A 129 0.98 0.38 2.98
CA GLU A 129 1.93 0.31 4.10
C GLU A 129 1.18 0.29 5.46
N LEU A 130 1.59 -0.64 6.34
CA LEU A 130 1.02 -0.82 7.69
C LEU A 130 2.11 -0.47 8.71
N GLU A 131 1.69 0.14 9.82
CA GLU A 131 2.58 0.43 10.97
C GLU A 131 1.87 -0.09 12.24
N PRO A 132 1.95 -1.45 12.52
CA PRO A 132 1.24 -2.09 13.66
C PRO A 132 1.79 -1.63 15.04
N ASP A 133 0.87 -1.46 16.01
CA ASP A 133 1.20 -1.11 17.41
C ASP A 133 2.09 -2.18 18.09
N ARG A 134 2.10 -3.39 17.54
CA ARG A 134 2.94 -4.51 18.02
C ARG A 134 3.68 -5.14 16.83
N ASP A 135 4.87 -5.70 17.08
CA ASP A 135 5.68 -6.32 16.03
C ASP A 135 5.12 -7.71 15.65
N LEU A 136 5.07 -7.99 14.35
CA LEU A 136 4.42 -9.21 13.81
C LEU A 136 5.40 -10.40 13.77
N SER A 137 4.96 -11.54 14.30
CA SER A 137 5.68 -12.83 14.26
C SER A 137 4.91 -13.85 13.38
N ASP A 138 5.46 -15.08 13.24
CA ASP A 138 4.85 -16.14 12.42
C ASP A 138 3.68 -16.78 13.20
N GLY A 139 2.45 -16.48 12.74
CA GLY A 139 1.21 -16.89 13.43
C GLY A 139 0.52 -15.72 14.11
N ASP A 140 1.08 -14.51 13.95
CA ASP A 140 0.54 -13.26 14.53
C ASP A 140 -0.64 -12.76 13.66
N GLU A 141 -1.43 -11.81 14.17
CA GLU A 141 -2.55 -11.20 13.42
C GLU A 141 -2.27 -9.73 13.05
N ILE A 142 -2.84 -9.29 11.91
CA ILE A 142 -2.70 -7.93 11.38
C ILE A 142 -3.95 -7.58 10.55
N THR A 143 -4.32 -6.29 10.50
CA THR A 143 -5.46 -5.82 9.71
C THR A 143 -4.94 -5.16 8.41
N LEU A 144 -5.48 -5.59 7.25
CA LEU A 144 -5.05 -5.12 5.91
C LEU A 144 -6.05 -4.08 5.38
N ASP A 145 -5.67 -2.80 5.47
CA ASP A 145 -6.45 -1.68 4.94
C ASP A 145 -6.00 -1.34 3.50
N PHE A 146 -6.63 -2.00 2.51
CA PHE A 146 -6.37 -1.73 1.06
C PHE A 146 -6.91 -0.34 0.65
N ASN A 147 -7.75 0.19 1.52
CA ASN A 147 -8.44 1.47 1.36
C ASN A 147 -7.49 2.66 1.63
N LEU A 148 -6.25 2.35 2.05
CA LEU A 148 -5.17 3.33 2.30
C LEU A 148 -4.07 3.16 1.23
N ALA A 149 -4.47 2.71 0.01
CA ALA A 149 -3.53 2.46 -1.08
C ALA A 149 -3.04 3.78 -1.72
N TYR A 150 -1.73 4.03 -1.58
CA TYR A 150 -1.09 5.30 -1.99
C TYR A 150 -0.80 5.32 -3.50
N SER A 151 -0.76 6.53 -4.07
CA SER A 151 -0.31 6.79 -5.44
C SER A 151 1.10 6.18 -5.76
N PRO A 152 1.28 5.59 -6.98
CA PRO A 152 2.58 5.09 -7.50
C PRO A 152 3.62 6.21 -7.70
N PHE A 153 4.84 5.79 -8.07
CA PHE A 153 5.98 6.69 -8.31
C PHE A 153 6.41 6.55 -9.78
N CYS A 154 6.66 5.28 -10.20
CA CYS A 154 7.09 4.94 -11.58
C CYS A 154 6.03 5.28 -12.64
N ALA A 155 4.74 5.05 -12.30
CA ALA A 155 3.62 5.30 -13.24
C ALA A 155 3.53 6.79 -13.63
N TYR A 156 3.80 7.67 -12.67
CA TYR A 156 3.74 9.12 -12.89
C TYR A 156 5.08 9.64 -13.47
N SER A 157 6.19 8.99 -13.09
CA SER A 157 7.55 9.41 -13.50
C SER A 157 8.41 8.17 -13.84
N ASP A 158 8.79 8.04 -15.13
CA ASP A 158 9.56 6.89 -15.66
C ASP A 158 11.01 6.85 -15.12
N THR A 159 11.42 7.92 -14.43
CA THR A 159 12.75 8.02 -13.79
C THR A 159 12.92 7.04 -12.60
N PHE A 160 11.80 6.45 -12.13
CA PHE A 160 11.81 5.41 -11.08
C PHE A 160 11.81 4.03 -11.78
N SER A 161 12.63 3.09 -11.27
CA SER A 161 12.59 1.70 -11.71
C SER A 161 11.48 1.01 -10.91
N CYS A 162 10.48 0.44 -11.62
CA CYS A 162 9.24 -0.07 -11.04
C CYS A 162 9.51 -1.23 -10.05
N PRO A 163 8.64 -1.41 -9.00
CA PRO A 163 8.84 -2.48 -8.00
C PRO A 163 8.48 -3.86 -8.60
N LEU A 164 8.95 -4.95 -7.98
CA LEU A 164 8.66 -6.31 -8.43
C LEU A 164 7.63 -6.90 -7.46
N PRO A 165 6.32 -6.93 -7.83
CA PRO A 165 5.30 -7.63 -7.05
C PRO A 165 5.27 -9.13 -7.44
N PRO A 166 5.48 -10.08 -6.46
CA PRO A 166 5.33 -11.53 -6.73
C PRO A 166 3.87 -11.87 -7.06
N GLU A 167 3.63 -12.63 -8.15
CA GLU A 167 2.27 -12.88 -8.74
C GLU A 167 1.22 -13.43 -7.72
N SER A 168 1.71 -13.92 -6.56
CA SER A 168 0.85 -14.41 -5.46
C SER A 168 -0.01 -13.29 -4.81
N ASN A 169 0.37 -12.02 -5.05
CA ASN A 169 -0.26 -10.84 -4.42
C ASN A 169 -1.39 -10.25 -5.31
N TRP A 170 -1.62 -10.87 -6.48
CA TRP A 170 -2.62 -10.41 -7.44
C TRP A 170 -4.02 -10.77 -6.95
N LEU A 171 -4.82 -9.73 -6.66
CA LEU A 171 -6.20 -9.87 -6.23
C LEU A 171 -7.05 -9.84 -7.51
N GLU A 172 -7.63 -10.97 -7.93
CA GLU A 172 -8.43 -11.04 -9.17
C GLU A 172 -9.89 -10.63 -8.85
N THR A 173 -9.98 -9.37 -8.40
CA THR A 173 -11.20 -8.69 -7.98
C THR A 173 -10.90 -7.18 -7.89
N ALA A 174 -11.94 -6.35 -7.92
CA ALA A 174 -11.77 -4.89 -7.87
C ALA A 174 -11.78 -4.43 -6.41
N VAL A 175 -10.78 -3.63 -6.03
CA VAL A 175 -10.74 -2.95 -4.73
C VAL A 175 -11.27 -1.53 -4.95
N THR A 176 -12.58 -1.35 -4.78
CA THR A 176 -13.23 -0.04 -4.85
C THR A 176 -13.74 0.33 -3.45
N ALA A 177 -13.17 1.40 -2.91
CA ALA A 177 -13.40 1.84 -1.52
C ALA A 177 -13.42 3.37 -1.49
N GLY A 178 -14.38 3.96 -0.76
CA GLY A 178 -14.61 5.41 -0.83
C GLY A 178 -14.93 5.87 -2.24
N GLU A 179 -14.44 7.05 -2.63
CA GLU A 179 -14.43 7.48 -4.03
C GLU A 179 -13.41 6.63 -4.84
N ARG A 180 -13.69 6.47 -6.15
CA ARG A 180 -12.87 5.67 -7.07
C ARG A 180 -12.34 6.57 -8.20
N THR A 181 -11.03 6.48 -8.48
CA THR A 181 -10.44 6.98 -9.71
C THR A 181 -10.99 6.28 -10.98
N ASP A 182 -10.91 7.01 -12.10
CA ASP A 182 -11.32 6.53 -13.44
C ASP A 182 -10.41 7.14 -14.51
N LEU A 183 -10.32 6.44 -15.63
CA LEU A 183 -9.64 6.91 -16.86
C LEU A 183 -10.32 8.18 -17.43
N GLU A 184 -11.66 8.27 -17.29
CA GLU A 184 -12.46 9.38 -17.84
C GLU A 184 -12.58 10.54 -16.83
N HIS A 185 -12.60 10.21 -15.53
CA HIS A 185 -12.75 11.18 -14.44
C HIS A 185 -11.64 10.91 -13.40
N MET A 1 -18.17 -3.76 15.65
CA MET A 1 -16.85 -3.33 15.14
C MET A 1 -16.57 -1.86 15.47
N ASP A 2 -17.60 -1.13 15.95
CA ASP A 2 -17.56 0.35 16.18
C ASP A 2 -16.38 0.77 17.07
N GLU A 3 -16.04 -0.11 18.02
CA GLU A 3 -14.99 0.12 19.04
C GLU A 3 -13.61 0.20 18.37
N ASP A 4 -13.40 -0.68 17.38
CA ASP A 4 -12.15 -0.78 16.62
C ASP A 4 -12.09 0.27 15.49
N THR A 5 -13.27 0.58 14.91
CA THR A 5 -13.37 1.43 13.71
C THR A 5 -13.18 2.93 14.06
N GLU A 6 -13.60 3.33 15.28
CA GLU A 6 -13.41 4.71 15.79
C GLU A 6 -11.91 4.98 16.09
N ASP A 7 -11.16 3.92 16.44
CA ASP A 7 -9.68 4.00 16.58
C ASP A 7 -9.03 3.97 15.19
N TRP A 8 -9.61 3.17 14.27
CA TRP A 8 -9.20 3.11 12.86
C TRP A 8 -9.17 4.51 12.23
N GLU A 9 -10.26 5.30 12.42
CA GLU A 9 -10.37 6.65 11.84
C GLU A 9 -9.40 7.65 12.51
N THR A 10 -8.92 7.34 13.72
CA THR A 10 -7.91 8.15 14.44
C THR A 10 -6.52 7.99 13.78
N GLN A 11 -6.01 6.75 13.73
CA GLN A 11 -4.72 6.43 13.09
C GLN A 11 -4.78 6.69 11.57
N LEU A 12 -5.99 6.60 10.99
CA LEU A 12 -6.28 6.83 9.56
C LEU A 12 -5.75 8.19 9.11
N GLN A 13 -6.28 9.28 9.72
CA GLN A 13 -5.95 10.65 9.30
C GLN A 13 -4.43 10.90 9.38
N ALA A 14 -3.77 10.30 10.39
CA ALA A 14 -2.31 10.36 10.57
C ALA A 14 -1.56 9.75 9.36
N ASN A 15 -1.96 8.52 8.99
CA ASN A 15 -1.34 7.73 7.90
C ASN A 15 -1.23 8.50 6.57
N ARG A 16 -2.23 9.35 6.25
CA ARG A 16 -2.19 10.19 5.01
C ARG A 16 -1.86 11.66 5.29
N ASP A 17 -1.83 12.09 6.56
CA ASP A 17 -1.40 13.47 6.91
C ASP A 17 0.11 13.63 6.74
N GLU A 18 0.85 12.64 7.25
CA GLU A 18 2.31 12.57 7.10
C GLU A 18 2.68 12.31 5.62
N LYS A 19 1.85 11.52 4.91
CA LYS A 19 1.97 11.30 3.46
C LYS A 19 1.65 12.58 2.66
N ASP A 20 0.69 13.36 3.17
CA ASP A 20 0.22 14.61 2.53
C ASP A 20 1.36 15.62 2.41
N ARG A 21 1.99 15.92 3.57
CA ARG A 21 3.08 16.93 3.62
C ARG A 21 4.40 16.34 3.10
N PHE A 22 4.48 14.99 2.99
CA PHE A 22 5.60 14.32 2.30
C PHE A 22 5.55 14.65 0.80
N PHE A 23 4.37 14.41 0.20
CA PHE A 23 4.13 14.58 -1.24
C PHE A 23 3.96 16.07 -1.62
N SER A 24 3.57 16.92 -0.67
CA SER A 24 3.35 18.35 -0.93
C SER A 24 4.59 19.19 -0.57
N GLU A 25 5.07 19.07 0.68
CA GLU A 25 6.05 20.02 1.26
C GLU A 25 7.50 19.47 1.27
N HIS A 26 7.64 18.17 1.59
CA HIS A 26 8.96 17.51 1.75
C HIS A 26 9.66 17.39 0.38
N ARG A 27 8.98 16.70 -0.53
CA ARG A 27 9.44 16.48 -1.90
C ARG A 27 8.27 16.85 -2.83
N GLN A 28 8.58 17.32 -4.05
CA GLN A 28 7.55 17.69 -5.04
C GLN A 28 6.70 16.45 -5.38
N SER A 29 5.37 16.62 -5.43
CA SER A 29 4.43 15.54 -5.73
C SER A 29 4.80 14.80 -7.05
N PRO A 30 5.02 13.44 -6.98
CA PRO A 30 5.24 12.57 -8.17
C PRO A 30 3.90 12.16 -8.84
N ILE A 31 2.86 12.98 -8.64
CA ILE A 31 1.54 12.80 -9.25
C ILE A 31 1.58 13.55 -10.59
N PRO A 32 1.02 12.97 -11.73
CA PRO A 32 1.07 13.57 -13.08
C PRO A 32 0.70 15.09 -13.06
N PRO A 33 1.53 16.00 -13.68
CA PRO A 33 1.36 17.48 -13.61
C PRO A 33 -0.09 17.97 -13.86
N GLU A 34 -0.78 17.30 -14.78
CA GLU A 34 -2.15 17.66 -15.19
C GLU A 34 -3.20 17.15 -14.18
N GLU A 35 -2.88 16.06 -13.47
CA GLU A 35 -3.77 15.49 -12.43
C GLU A 35 -3.64 16.25 -11.11
N ARG A 36 -2.39 16.53 -10.70
CA ARG A 36 -2.08 17.20 -9.42
C ARG A 36 -2.58 18.65 -9.40
N ASP A 37 -2.85 19.22 -10.59
CA ASP A 37 -3.49 20.54 -10.75
C ASP A 37 -4.77 20.65 -9.90
N ASP A 38 -5.53 19.54 -9.85
CA ASP A 38 -6.74 19.41 -9.02
C ASP A 38 -6.40 18.84 -7.62
N PHE A 39 -5.40 17.95 -7.54
CA PHE A 39 -5.07 17.20 -6.29
C PHE A 39 -3.69 17.59 -5.72
N ASP A 40 -3.68 18.31 -4.58
CA ASP A 40 -2.42 18.64 -3.86
C ASP A 40 -2.17 17.59 -2.77
N GLY A 41 -1.61 16.46 -3.21
CA GLY A 41 -1.28 15.34 -2.33
C GLY A 41 -1.43 14.02 -3.08
N LEU A 42 -1.63 12.93 -2.32
CA LEU A 42 -2.10 11.65 -2.87
C LEU A 42 -3.56 11.77 -3.33
N SER A 43 -3.79 11.57 -4.64
CA SER A 43 -5.13 11.25 -5.17
C SER A 43 -5.31 9.73 -5.04
N TYR A 44 -6.36 9.27 -4.32
CA TYR A 44 -6.52 7.83 -3.98
C TYR A 44 -7.97 7.51 -3.55
N PHE A 45 -8.16 6.28 -3.02
CA PHE A 45 -9.47 5.77 -2.60
C PHE A 45 -9.86 6.34 -1.23
N ASP A 46 -11.15 6.68 -1.01
CA ASP A 46 -11.62 7.21 0.29
C ASP A 46 -12.09 6.03 1.20
N PRO A 47 -12.01 6.19 2.57
CA PRO A 47 -12.17 5.06 3.53
C PRO A 47 -13.53 4.33 3.46
N ASP A 48 -13.50 3.02 3.22
CA ASP A 48 -14.67 2.15 3.32
C ASP A 48 -14.40 1.15 4.46
N PRO A 49 -15.12 1.25 5.62
CA PRO A 49 -14.86 0.39 6.82
C PRO A 49 -15.07 -1.12 6.55
N ASP A 50 -15.90 -1.46 5.55
CA ASP A 50 -16.26 -2.85 5.21
C ASP A 50 -15.29 -3.45 4.16
N TYR A 51 -14.51 -2.58 3.49
CA TYR A 51 -13.49 -3.00 2.49
C TYR A 51 -12.14 -3.24 3.19
N ARG A 52 -12.19 -3.23 4.52
CA ARG A 52 -11.07 -3.45 5.41
C ARG A 52 -11.16 -4.91 5.91
N VAL A 53 -10.12 -5.72 5.64
CA VAL A 53 -10.12 -7.16 5.96
C VAL A 53 -9.07 -7.47 7.04
N GLU A 54 -9.14 -8.67 7.59
CA GLU A 54 -8.20 -9.17 8.62
C GLU A 54 -7.20 -10.14 7.97
N ALA A 55 -5.93 -10.18 8.44
CA ALA A 55 -4.87 -11.01 7.83
C ALA A 55 -3.92 -11.59 8.90
N THR A 56 -3.70 -12.92 8.86
CA THR A 56 -2.76 -13.61 9.75
C THR A 56 -1.32 -13.47 9.23
N VAL A 57 -0.43 -12.97 10.09
CA VAL A 57 1.01 -12.75 9.80
C VAL A 57 1.78 -14.09 9.83
N THR A 58 2.73 -14.26 8.90
CA THR A 58 3.62 -15.42 8.81
C THR A 58 5.05 -14.93 8.55
N VAL A 59 5.90 -14.97 9.59
CA VAL A 59 7.27 -14.42 9.55
C VAL A 59 8.24 -15.49 9.05
N HIS A 60 9.21 -15.07 8.22
CA HIS A 60 10.19 -15.98 7.61
C HIS A 60 11.59 -15.72 8.17
N GLU A 61 12.23 -16.82 8.65
CA GLU A 61 13.54 -16.81 9.30
C GLU A 61 14.67 -16.56 8.29
N THR A 62 14.37 -16.81 6.99
CA THR A 62 15.28 -16.52 5.87
C THR A 62 14.56 -15.56 4.89
N PRO A 63 14.85 -14.23 4.96
CA PRO A 63 14.18 -13.22 4.08
C PRO A 63 14.75 -13.23 2.64
N GLU A 64 13.87 -13.32 1.63
CA GLU A 64 14.27 -13.21 0.20
C GLU A 64 14.39 -11.73 -0.21
N SER A 65 15.24 -11.45 -1.21
CA SER A 65 15.58 -10.08 -1.62
C SER A 65 14.68 -9.63 -2.79
N VAL A 66 13.77 -8.67 -2.50
CA VAL A 66 12.75 -8.18 -3.44
C VAL A 66 13.00 -6.69 -3.73
N ASP A 67 13.29 -6.36 -5.01
CA ASP A 67 13.62 -4.96 -5.41
C ASP A 67 12.33 -4.17 -5.62
N LEU A 68 12.13 -3.12 -4.81
CA LEU A 68 10.94 -2.25 -4.90
C LEU A 68 11.39 -0.80 -5.12
N GLU A 69 10.39 0.09 -5.34
CA GLU A 69 10.62 1.53 -5.51
C GLU A 69 10.92 2.20 -4.15
N THR A 70 11.65 3.31 -4.20
CA THR A 70 11.81 4.24 -3.07
C THR A 70 11.33 5.65 -3.48
N SER A 71 11.32 6.56 -2.50
CA SER A 71 10.82 7.92 -2.66
C SER A 71 11.55 8.70 -3.77
N ASP A 72 12.90 8.70 -3.77
CA ASP A 72 13.72 9.42 -4.77
C ASP A 72 14.02 8.57 -6.02
N ASP A 73 12.95 8.07 -6.67
CA ASP A 73 12.96 7.46 -8.05
C ASP A 73 13.93 6.29 -8.26
N ARG A 74 14.51 5.79 -7.17
CA ARG A 74 15.59 4.79 -7.22
C ARG A 74 15.00 3.38 -6.98
N THR A 75 15.82 2.34 -7.18
CA THR A 75 15.40 0.95 -7.01
C THR A 75 16.28 0.39 -5.90
N VAL A 76 15.66 -0.16 -4.86
CA VAL A 76 16.35 -0.56 -3.64
C VAL A 76 15.88 -1.95 -3.19
N ARG A 77 16.82 -2.68 -2.61
CA ARG A 77 16.63 -4.03 -2.09
C ARG A 77 15.77 -3.96 -0.82
N TYR A 78 14.69 -4.72 -0.80
CA TYR A 78 13.87 -4.99 0.40
C TYR A 78 14.05 -6.46 0.81
N LEU A 79 13.92 -6.72 2.10
CA LEU A 79 14.00 -8.07 2.68
C LEU A 79 12.60 -8.52 3.09
N HIS A 80 12.19 -9.71 2.63
CA HIS A 80 10.87 -10.26 2.88
C HIS A 80 10.82 -10.90 4.27
N VAL A 81 10.28 -10.15 5.22
CA VAL A 81 10.28 -10.54 6.63
C VAL A 81 8.98 -11.26 7.03
N ALA A 82 7.87 -10.94 6.36
CA ALA A 82 6.55 -11.52 6.71
C ALA A 82 5.64 -11.64 5.48
N THR A 83 4.59 -12.48 5.60
CA THR A 83 3.52 -12.60 4.60
C THR A 83 2.18 -12.58 5.36
N LEU A 84 1.29 -11.72 4.92
CA LEU A 84 0.00 -11.48 5.57
C LEU A 84 -1.07 -12.23 4.77
N SER A 85 -1.45 -13.42 5.24
CA SER A 85 -2.42 -14.31 4.58
C SER A 85 -3.85 -13.97 5.02
N PHE A 86 -4.77 -13.87 4.05
CA PHE A 86 -6.17 -13.45 4.30
C PHE A 86 -7.10 -13.94 3.21
N ASP A 87 -8.37 -13.56 3.35
CA ASP A 87 -9.42 -13.77 2.35
C ASP A 87 -9.89 -12.39 1.84
N LEU A 88 -10.17 -12.32 0.53
CA LEU A 88 -10.65 -11.11 -0.16
C LEU A 88 -11.38 -11.56 -1.41
N ASP A 89 -12.65 -11.11 -1.59
CA ASP A 89 -13.49 -11.44 -2.78
C ASP A 89 -13.81 -12.95 -2.85
N GLY A 90 -13.64 -13.65 -1.71
CA GLY A 90 -13.83 -15.10 -1.63
C GLY A 90 -12.67 -15.93 -2.15
N GLU A 91 -11.48 -15.31 -2.29
CA GLU A 91 -10.25 -16.01 -2.71
C GLU A 91 -9.14 -15.77 -1.66
N SER A 92 -8.37 -16.82 -1.36
CA SER A 92 -7.23 -16.76 -0.44
C SER A 92 -6.09 -15.92 -1.05
N ARG A 93 -5.98 -14.67 -0.59
CA ARG A 93 -4.97 -13.71 -1.03
C ARG A 93 -3.96 -13.45 0.08
N ASP A 94 -2.69 -13.24 -0.29
CA ASP A 94 -1.62 -12.90 0.67
C ASP A 94 -0.77 -11.74 0.16
N LEU A 95 -0.51 -10.75 1.03
CA LEU A 95 0.37 -9.61 0.72
C LEU A 95 1.64 -9.72 1.55
N HIS A 96 2.79 -9.60 0.90
CA HIS A 96 4.08 -9.82 1.54
C HIS A 96 4.60 -8.49 2.12
N ALA A 97 5.08 -8.53 3.38
CA ALA A 97 5.56 -7.37 4.13
C ALA A 97 7.09 -7.35 4.12
N PHE A 98 7.66 -6.19 3.75
CA PHE A 98 9.12 -6.03 3.61
C PHE A 98 9.60 -4.78 4.38
N ARG A 99 10.92 -4.60 4.35
CA ARG A 99 11.61 -3.34 4.73
C ARG A 99 13.00 -3.35 4.05
N GLN A 100 13.57 -2.16 3.81
CA GLN A 100 14.82 -1.99 3.03
C GLN A 100 15.97 -2.90 3.55
N ALA A 101 16.57 -2.55 4.70
CA ALA A 101 17.70 -3.32 5.26
C ALA A 101 17.36 -3.92 6.63
N ALA A 102 17.42 -3.09 7.70
CA ALA A 102 17.36 -3.57 9.09
C ALA A 102 16.34 -2.80 9.95
N ASP A 103 15.19 -2.44 9.35
CA ASP A 103 14.13 -1.68 10.07
C ASP A 103 13.56 -2.52 11.23
N GLU A 104 13.39 -1.85 12.38
CA GLU A 104 12.76 -2.42 13.60
C GLU A 104 11.69 -1.44 14.11
N SER A 105 11.45 -0.36 13.33
CA SER A 105 10.52 0.73 13.67
C SER A 105 9.08 0.41 13.18
N ARG A 106 8.82 -0.90 12.91
CA ARG A 106 7.47 -1.45 12.59
C ARG A 106 7.03 -1.12 11.16
N THR A 107 7.94 -0.56 10.34
CA THR A 107 7.60 -0.04 9.00
C THR A 107 7.47 -1.21 8.01
N LEU A 108 6.25 -1.76 7.93
CA LEU A 108 5.92 -2.86 7.02
C LEU A 108 5.39 -2.27 5.71
N PHE A 109 6.17 -2.46 4.65
CA PHE A 109 5.85 -1.96 3.32
C PHE A 109 5.22 -3.11 2.52
N VAL A 110 3.90 -3.03 2.26
CA VAL A 110 3.14 -4.08 1.55
C VAL A 110 2.57 -3.55 0.20
N PRO A 111 3.34 -3.67 -0.92
CA PRO A 111 2.81 -3.37 -2.26
C PRO A 111 1.80 -4.44 -2.70
N PHE A 112 0.79 -4.05 -3.47
CA PHE A 112 -0.17 -5.00 -4.05
C PHE A 112 -0.59 -4.53 -5.43
N ARG A 113 -0.74 -5.48 -6.34
CA ARG A 113 -1.13 -5.20 -7.73
C ARG A 113 -2.36 -6.04 -8.05
N ASP A 114 -3.50 -5.37 -8.22
CA ASP A 114 -4.80 -6.03 -8.44
C ASP A 114 -5.34 -5.57 -9.81
N LYS A 115 -6.66 -5.74 -10.04
CA LYS A 115 -7.28 -5.46 -11.36
C LYS A 115 -7.62 -3.98 -11.57
N THR A 116 -7.27 -3.10 -10.59
CA THR A 116 -7.32 -1.64 -10.79
C THR A 116 -6.29 -1.21 -11.86
N THR A 117 -5.27 -2.06 -12.07
CA THR A 117 -4.24 -1.86 -13.10
C THR A 117 -4.88 -1.96 -14.51
N GLY A 118 -5.00 -0.81 -15.18
CA GLY A 118 -5.65 -0.70 -16.50
C GLY A 118 -7.11 -0.21 -16.40
N GLN A 119 -7.65 -0.12 -15.16
CA GLN A 119 -9.06 0.26 -14.91
C GLN A 119 -9.15 1.58 -14.12
N GLN A 120 -9.04 1.51 -12.77
CA GLN A 120 -9.10 2.69 -11.87
C GLN A 120 -7.73 3.40 -11.78
N SER A 121 -6.73 2.75 -12.35
CA SER A 121 -5.36 3.25 -12.50
C SER A 121 -4.82 2.70 -13.82
N TYR A 122 -3.67 3.18 -14.27
CA TYR A 122 -3.00 2.66 -15.49
C TYR A 122 -2.08 1.47 -15.12
N ASP A 123 -1.08 1.20 -15.98
CA ASP A 123 -0.15 0.09 -15.81
C ASP A 123 0.89 0.44 -14.74
N GLY A 124 0.97 -0.40 -13.69
CA GLY A 124 1.89 -0.20 -12.59
C GLY A 124 1.47 -0.96 -11.34
N GLY A 125 0.29 -0.64 -10.80
CA GLY A 125 -0.23 -1.28 -9.58
C GLY A 125 -0.60 -0.27 -8.50
N ARG A 126 -0.72 -0.75 -7.25
CA ARG A 126 -0.92 0.09 -6.04
C ARG A 126 0.13 -0.29 -4.98
N TYR A 127 0.10 0.39 -3.82
CA TYR A 127 0.81 -0.09 -2.62
C TYR A 127 0.08 0.34 -1.34
N MET A 128 0.48 -0.30 -0.24
CA MET A 128 -0.02 -0.06 1.11
C MET A 128 1.18 0.04 2.07
N GLU A 129 1.06 0.86 3.11
CA GLU A 129 2.08 1.00 4.15
C GLU A 129 1.38 0.98 5.53
N LEU A 130 1.79 0.04 6.40
CA LEU A 130 1.21 -0.13 7.76
C LEU A 130 2.31 -0.32 8.80
N GLU A 131 2.02 0.12 10.04
CA GLU A 131 2.91 0.00 11.21
C GLU A 131 2.09 -0.49 12.42
N PRO A 132 2.33 -1.74 12.93
CA PRO A 132 1.67 -2.27 14.15
C PRO A 132 2.18 -1.65 15.47
N ASP A 133 1.48 -1.97 16.57
CA ASP A 133 1.79 -1.51 17.94
C ASP A 133 2.96 -2.34 18.57
N ARG A 134 3.24 -3.50 17.97
CA ARG A 134 4.25 -4.45 18.45
C ARG A 134 4.78 -5.29 17.28
N ASP A 135 5.73 -6.18 17.56
CA ASP A 135 6.27 -7.08 16.53
C ASP A 135 5.26 -8.20 16.22
N LEU A 136 4.87 -8.29 14.95
CA LEU A 136 3.90 -9.29 14.47
C LEU A 136 4.65 -10.58 14.12
N SER A 137 4.71 -11.50 15.08
CA SER A 137 5.27 -12.85 14.88
C SER A 137 4.25 -13.76 14.12
N ASP A 138 4.71 -14.97 13.72
CA ASP A 138 3.86 -15.92 12.96
C ASP A 138 2.75 -16.48 13.90
N GLY A 139 1.52 -15.99 13.71
CA GLY A 139 0.40 -16.30 14.60
C GLY A 139 -0.37 -15.05 14.98
N ASP A 140 0.32 -13.90 15.02
CA ASP A 140 -0.32 -12.57 15.16
C ASP A 140 -1.13 -12.24 13.90
N GLU A 141 -1.97 -11.21 13.97
CA GLU A 141 -2.80 -10.75 12.84
C GLU A 141 -2.57 -9.24 12.61
N ILE A 142 -3.13 -8.73 11.50
CA ILE A 142 -2.95 -7.34 11.04
C ILE A 142 -4.14 -6.94 10.14
N THR A 143 -4.45 -5.64 10.12
CA THR A 143 -5.59 -5.08 9.40
C THR A 143 -5.14 -4.56 8.02
N LEU A 144 -5.81 -5.02 6.94
CA LEU A 144 -5.47 -4.72 5.54
C LEU A 144 -6.65 -3.99 4.87
N ASP A 145 -6.58 -2.66 4.89
CA ASP A 145 -7.63 -1.77 4.35
C ASP A 145 -7.19 -1.21 3.00
N PHE A 146 -7.62 -1.88 1.92
CA PHE A 146 -7.22 -1.52 0.52
C PHE A 146 -7.98 -0.28 0.01
N ASN A 147 -8.97 0.13 0.82
CA ASN A 147 -9.69 1.40 0.64
C ASN A 147 -8.82 2.61 1.04
N LEU A 148 -7.63 2.32 1.62
CA LEU A 148 -6.64 3.32 2.03
C LEU A 148 -5.38 3.26 1.15
N ALA A 149 -5.46 2.53 0.02
CA ALA A 149 -4.31 2.27 -0.86
C ALA A 149 -3.73 3.56 -1.46
N TYR A 150 -2.41 3.74 -1.25
CA TYR A 150 -1.67 4.93 -1.68
C TYR A 150 -1.22 4.77 -3.14
N SER A 151 -1.14 5.90 -3.85
CA SER A 151 -0.66 5.94 -5.23
C SER A 151 0.86 5.74 -5.33
N PRO A 152 1.33 4.68 -6.07
CA PRO A 152 2.78 4.40 -6.24
C PRO A 152 3.48 5.49 -7.08
N PHE A 153 4.66 5.92 -6.63
CA PHE A 153 5.48 6.97 -7.28
C PHE A 153 5.75 6.61 -8.76
N CYS A 154 5.97 5.29 -9.00
CA CYS A 154 6.40 4.73 -10.29
C CYS A 154 5.39 4.96 -11.42
N ALA A 155 4.16 4.47 -11.24
CA ALA A 155 3.10 4.58 -12.27
C ALA A 155 2.76 6.04 -12.56
N TYR A 156 2.87 6.88 -11.52
CA TYR A 156 2.44 8.28 -11.55
C TYR A 156 3.53 9.23 -12.12
N SER A 157 4.79 8.75 -12.24
CA SER A 157 5.88 9.51 -12.92
C SER A 157 6.91 8.55 -13.56
N ASP A 158 7.22 8.79 -14.84
CA ASP A 158 8.07 7.94 -15.71
C ASP A 158 9.51 7.82 -15.18
N THR A 159 10.00 8.90 -14.54
CA THR A 159 11.39 9.00 -14.04
C THR A 159 11.63 8.07 -12.82
N PHE A 160 10.54 7.47 -12.29
CA PHE A 160 10.60 6.48 -11.20
C PHE A 160 10.54 5.07 -11.80
N SER A 161 11.38 4.15 -11.31
CA SER A 161 11.38 2.75 -11.75
C SER A 161 10.30 1.96 -10.96
N CYS A 162 9.58 1.07 -11.68
CA CYS A 162 8.49 0.25 -11.10
C CYS A 162 9.05 -0.86 -10.18
N PRO A 163 8.33 -1.21 -9.06
CA PRO A 163 8.71 -2.33 -8.18
C PRO A 163 8.63 -3.69 -8.90
N LEU A 164 9.22 -4.71 -8.26
CA LEU A 164 9.17 -6.10 -8.75
C LEU A 164 8.42 -6.92 -7.68
N PRO A 165 7.04 -6.95 -7.74
CA PRO A 165 6.22 -7.52 -6.67
C PRO A 165 6.09 -9.07 -6.79
N PRO A 166 6.23 -9.83 -5.65
CA PRO A 166 6.05 -11.30 -5.67
C PRO A 166 4.60 -11.65 -6.04
N GLU A 167 4.41 -12.16 -7.27
CA GLU A 167 3.10 -12.29 -7.97
C GLU A 167 1.97 -12.99 -7.16
N SER A 168 2.32 -13.64 -6.04
CA SER A 168 1.35 -14.18 -5.06
C SER A 168 0.56 -13.06 -4.33
N ASN A 169 1.02 -11.79 -4.49
CA ASN A 169 0.39 -10.60 -3.88
C ASN A 169 -0.62 -9.97 -4.86
N TRP A 170 -0.77 -10.60 -6.05
CA TRP A 170 -1.72 -10.15 -7.07
C TRP A 170 -3.13 -10.60 -6.69
N LEU A 171 -4.00 -9.62 -6.47
CA LEU A 171 -5.40 -9.87 -6.09
C LEU A 171 -6.19 -9.95 -7.41
N GLU A 172 -6.82 -11.12 -7.71
CA GLU A 172 -7.58 -11.29 -8.97
C GLU A 172 -9.02 -10.77 -8.77
N THR A 173 -9.08 -9.47 -8.44
CA THR A 173 -10.31 -8.73 -8.15
C THR A 173 -10.01 -7.22 -8.27
N ALA A 174 -11.03 -6.43 -8.56
CA ALA A 174 -10.90 -4.97 -8.72
C ALA A 174 -11.27 -4.29 -7.40
N VAL A 175 -10.21 -3.96 -6.62
CA VAL A 175 -10.35 -3.16 -5.39
C VAL A 175 -11.04 -1.80 -5.68
N THR A 176 -12.37 -1.83 -5.60
CA THR A 176 -13.24 -0.68 -5.86
C THR A 176 -13.75 -0.12 -4.52
N ALA A 177 -13.18 1.01 -4.11
CA ALA A 177 -13.51 1.64 -2.83
C ALA A 177 -13.55 3.16 -3.00
N GLY A 178 -14.69 3.77 -2.64
CA GLY A 178 -14.93 5.19 -2.85
C GLY A 178 -14.68 5.69 -4.27
N GLU A 179 -14.19 6.93 -4.37
CA GLU A 179 -13.72 7.53 -5.62
C GLU A 179 -12.29 7.07 -5.93
N ARG A 180 -11.90 7.21 -7.19
CA ARG A 180 -10.62 6.70 -7.73
C ARG A 180 -9.96 7.77 -8.61
N THR A 181 -8.61 7.85 -8.61
CA THR A 181 -7.81 8.53 -9.66
C THR A 181 -8.39 8.36 -11.08
N ASP A 182 -8.71 9.49 -11.74
CA ASP A 182 -9.31 9.49 -13.08
C ASP A 182 -8.24 9.19 -14.14
N LEU A 183 -8.68 8.55 -15.24
CA LEU A 183 -7.80 8.10 -16.33
C LEU A 183 -7.16 9.29 -17.10
N GLU A 184 -7.95 10.34 -17.36
CA GLU A 184 -7.50 11.49 -18.17
C GLU A 184 -6.60 12.41 -17.33
N HIS A 185 -5.28 12.35 -17.62
CA HIS A 185 -4.27 13.13 -16.89
C HIS A 185 -2.96 13.21 -17.74
N MET A 1 -18.01 -1.92 20.43
CA MET A 1 -18.58 -0.54 20.42
C MET A 1 -17.69 0.38 19.57
N ASP A 2 -18.23 1.56 19.19
CA ASP A 2 -17.55 2.52 18.28
C ASP A 2 -16.25 3.08 18.87
N GLU A 3 -16.12 3.06 20.21
CA GLU A 3 -14.94 3.59 20.94
C GLU A 3 -13.63 2.89 20.50
N ASP A 4 -13.75 1.59 20.21
CA ASP A 4 -12.61 0.77 19.73
C ASP A 4 -12.43 0.96 18.21
N THR A 5 -13.57 1.05 17.49
CA THR A 5 -13.61 1.14 16.01
C THR A 5 -13.08 2.50 15.49
N GLU A 6 -13.24 3.57 16.31
CA GLU A 6 -12.82 4.94 15.94
C GLU A 6 -11.31 5.14 16.13
N ASP A 7 -10.62 4.11 16.66
CA ASP A 7 -9.14 4.08 16.77
C ASP A 7 -8.52 3.93 15.37
N TRP A 8 -9.21 3.18 14.50
CA TRP A 8 -8.94 3.17 13.04
C TRP A 8 -9.05 4.58 12.46
N GLU A 9 -10.10 5.32 12.86
CA GLU A 9 -10.32 6.71 12.39
C GLU A 9 -9.23 7.66 12.96
N THR A 10 -8.72 7.32 14.16
CA THR A 10 -7.66 8.10 14.85
C THR A 10 -6.31 7.97 14.11
N GLN A 11 -5.91 6.73 13.76
CA GLN A 11 -4.70 6.47 12.94
C GLN A 11 -4.89 6.94 11.48
N LEU A 12 -6.16 6.95 11.00
CA LEU A 12 -6.51 7.37 9.62
C LEU A 12 -6.21 8.86 9.39
N GLN A 13 -6.77 9.72 10.27
CA GLN A 13 -6.58 11.18 10.19
C GLN A 13 -5.10 11.56 10.31
N ALA A 14 -4.31 10.74 11.04
CA ALA A 14 -2.87 10.92 11.21
C ALA A 14 -2.08 10.50 9.94
N ASN A 15 -2.48 9.35 9.33
CA ASN A 15 -1.94 8.85 8.03
C ASN A 15 -1.94 9.96 6.97
N ARG A 16 -3.13 10.52 6.73
CA ARG A 16 -3.35 11.54 5.69
C ARG A 16 -2.71 12.89 6.09
N ASP A 17 -2.74 13.21 7.41
CA ASP A 17 -2.20 14.48 7.95
C ASP A 17 -0.74 14.70 7.49
N GLU A 18 0.09 13.66 7.69
CA GLU A 18 1.52 13.72 7.37
C GLU A 18 1.81 13.35 5.89
N LYS A 19 1.13 12.30 5.36
CA LYS A 19 1.50 11.70 4.04
C LYS A 19 0.98 12.54 2.86
N ASP A 20 -0.24 13.09 3.01
CA ASP A 20 -0.88 13.94 1.97
C ASP A 20 -0.14 15.30 1.82
N ARG A 21 0.72 15.63 2.80
CA ARG A 21 1.63 16.80 2.69
C ARG A 21 3.09 16.37 2.46
N PHE A 22 3.41 15.10 2.78
CA PHE A 22 4.77 14.50 2.63
C PHE A 22 5.31 14.71 1.21
N PHE A 23 4.44 14.43 0.22
CA PHE A 23 4.78 14.54 -1.21
C PHE A 23 4.89 16.01 -1.69
N SER A 24 4.51 16.98 -0.85
CA SER A 24 4.55 18.42 -1.21
C SER A 24 5.47 19.24 -0.27
N GLU A 25 5.88 18.66 0.87
CA GLU A 25 6.62 19.38 1.94
C GLU A 25 7.99 18.71 2.18
N HIS A 26 7.94 17.41 2.52
CA HIS A 26 9.13 16.62 2.89
C HIS A 26 9.94 16.24 1.64
N ARG A 27 9.20 15.72 0.65
CA ARG A 27 9.71 15.14 -0.59
C ARG A 27 9.02 15.80 -1.78
N GLN A 28 9.71 15.80 -2.93
CA GLN A 28 9.14 16.31 -4.19
C GLN A 28 8.00 15.39 -4.68
N SER A 29 6.93 16.02 -5.20
CA SER A 29 5.78 15.32 -5.77
C SER A 29 6.17 14.46 -6.98
N PRO A 30 5.85 13.12 -6.96
CA PRO A 30 5.84 12.26 -8.16
C PRO A 30 4.64 12.60 -9.04
N ILE A 31 3.57 13.10 -8.39
CA ILE A 31 2.35 13.57 -9.07
C ILE A 31 2.72 14.72 -10.03
N PRO A 32 2.55 14.55 -11.39
CA PRO A 32 2.93 15.58 -12.38
C PRO A 32 2.22 16.93 -12.09
N PRO A 33 2.98 18.09 -12.17
CA PRO A 33 2.43 19.45 -12.01
C PRO A 33 1.17 19.70 -12.88
N GLU A 34 1.16 19.02 -14.03
CA GLU A 34 0.09 19.11 -15.03
C GLU A 34 -1.24 18.58 -14.48
N GLU A 35 -1.21 17.35 -13.93
CA GLU A 35 -2.42 16.66 -13.44
C GLU A 35 -2.85 17.13 -12.07
N ARG A 36 -1.89 17.50 -11.19
CA ARG A 36 -2.21 17.87 -9.77
C ARG A 36 -2.99 19.22 -9.69
N ASP A 37 -3.12 19.90 -10.84
CA ASP A 37 -3.97 21.10 -10.98
C ASP A 37 -5.47 20.68 -11.00
N ASP A 38 -5.77 19.59 -11.72
CA ASP A 38 -7.13 19.01 -11.77
C ASP A 38 -7.44 18.23 -10.48
N PHE A 39 -6.42 17.53 -9.98
CA PHE A 39 -6.52 16.71 -8.77
C PHE A 39 -6.34 17.56 -7.51
N ASP A 40 -6.86 17.03 -6.42
CA ASP A 40 -6.49 17.39 -5.04
C ASP A 40 -5.17 16.64 -4.70
N GLY A 41 -4.62 16.80 -3.49
CA GLY A 41 -3.49 15.97 -2.96
C GLY A 41 -3.59 14.44 -3.24
N LEU A 42 -2.97 13.62 -2.36
CA LEU A 42 -2.82 12.16 -2.63
C LEU A 42 -4.18 11.49 -2.85
N SER A 43 -4.42 11.10 -4.11
CA SER A 43 -5.62 10.35 -4.48
C SER A 43 -5.40 8.88 -4.09
N TYR A 44 -6.23 8.40 -3.17
CA TYR A 44 -6.21 7.02 -2.70
C TYR A 44 -7.65 6.50 -2.61
N PHE A 45 -7.81 5.27 -2.12
CA PHE A 45 -9.15 4.68 -1.92
C PHE A 45 -9.78 5.33 -0.69
N ASP A 46 -11.09 5.64 -0.75
CA ASP A 46 -11.80 6.35 0.32
C ASP A 46 -12.12 5.37 1.45
N PRO A 47 -11.86 5.72 2.77
CA PRO A 47 -12.01 4.80 3.92
C PRO A 47 -13.35 4.02 3.93
N ASP A 48 -13.27 2.75 3.52
CA ASP A 48 -14.42 1.86 3.29
C ASP A 48 -14.28 0.59 4.16
N PRO A 49 -15.17 0.36 5.17
CA PRO A 49 -15.09 -0.82 6.07
C PRO A 49 -15.57 -2.14 5.38
N ASP A 50 -16.43 -1.99 4.35
CA ASP A 50 -17.04 -3.11 3.61
C ASP A 50 -15.99 -3.99 2.89
N TYR A 51 -14.88 -3.36 2.46
CA TYR A 51 -13.79 -4.07 1.73
C TYR A 51 -12.61 -4.37 2.70
N ARG A 52 -12.64 -3.74 3.89
CA ARG A 52 -11.56 -3.84 4.89
C ARG A 52 -11.48 -5.27 5.48
N VAL A 53 -10.29 -5.88 5.45
CA VAL A 53 -10.06 -7.27 5.90
C VAL A 53 -8.95 -7.33 6.96
N GLU A 54 -8.72 -8.53 7.50
CA GLU A 54 -7.70 -8.81 8.53
C GLU A 54 -6.91 -10.07 8.11
N ALA A 55 -5.64 -10.20 8.56
CA ALA A 55 -4.71 -11.25 8.07
C ALA A 55 -3.77 -11.76 9.17
N THR A 56 -3.13 -12.91 8.92
CA THR A 56 -2.09 -13.48 9.78
C THR A 56 -0.70 -13.22 9.16
N VAL A 57 0.22 -12.72 10.00
CA VAL A 57 1.63 -12.48 9.65
C VAL A 57 2.39 -13.82 9.63
N THR A 58 2.94 -14.17 8.46
CA THR A 58 3.70 -15.42 8.28
C THR A 58 5.18 -15.06 8.04
N VAL A 59 6.00 -15.12 9.11
CA VAL A 59 7.38 -14.62 9.06
C VAL A 59 8.29 -15.71 8.50
N HIS A 60 9.06 -15.35 7.46
CA HIS A 60 9.98 -16.24 6.76
C HIS A 60 11.41 -16.02 7.28
N GLU A 61 12.09 -17.14 7.60
CA GLU A 61 13.43 -17.15 8.24
C GLU A 61 14.53 -16.69 7.27
N THR A 62 14.34 -16.97 5.97
CA THR A 62 15.30 -16.63 4.90
C THR A 62 14.64 -15.64 3.92
N PRO A 63 14.83 -14.29 4.13
CA PRO A 63 14.17 -13.25 3.31
C PRO A 63 14.87 -13.05 1.94
N GLU A 64 14.06 -13.09 0.86
CA GLU A 64 14.52 -12.89 -0.54
C GLU A 64 14.53 -11.39 -0.93
N SER A 65 15.41 -11.02 -1.87
CA SER A 65 15.64 -9.62 -2.26
C SER A 65 14.64 -9.19 -3.37
N VAL A 66 13.69 -8.31 -3.00
CA VAL A 66 12.58 -7.87 -3.86
C VAL A 66 12.65 -6.34 -4.05
N ASP A 67 12.89 -5.89 -5.30
CA ASP A 67 13.09 -4.45 -5.62
C ASP A 67 11.75 -3.71 -5.71
N LEU A 68 11.54 -2.77 -4.76
CA LEU A 68 10.29 -1.98 -4.65
C LEU A 68 10.62 -0.48 -4.60
N GLU A 69 9.65 0.36 -4.98
CA GLU A 69 9.80 1.83 -5.05
C GLU A 69 10.06 2.45 -3.66
N THR A 70 10.89 3.50 -3.62
CA THR A 70 11.04 4.37 -2.43
C THR A 70 10.66 5.80 -2.81
N SER A 71 10.64 6.71 -1.81
CA SER A 71 10.24 8.09 -2.01
C SER A 71 11.38 8.89 -2.65
N ASP A 72 12.59 8.80 -2.06
CA ASP A 72 13.84 9.49 -2.49
C ASP A 72 14.39 9.12 -3.90
N ASP A 73 13.58 9.37 -4.97
CA ASP A 73 14.05 9.42 -6.39
C ASP A 73 14.65 8.10 -6.91
N ARG A 74 14.34 6.97 -6.27
CA ARG A 74 15.05 5.71 -6.51
C ARG A 74 14.11 4.51 -6.31
N THR A 75 14.71 3.32 -6.37
CA THR A 75 14.09 2.03 -6.16
C THR A 75 15.11 1.22 -5.34
N VAL A 76 14.63 0.50 -4.34
CA VAL A 76 15.49 -0.07 -3.29
C VAL A 76 15.17 -1.55 -3.11
N ARG A 77 16.20 -2.31 -2.74
CA ARG A 77 16.08 -3.73 -2.42
C ARG A 77 15.38 -3.86 -1.07
N TYR A 78 14.28 -4.60 -1.07
CA TYR A 78 13.57 -5.04 0.14
C TYR A 78 13.91 -6.49 0.41
N LEU A 79 13.58 -6.95 1.61
CA LEU A 79 13.72 -8.35 2.03
C LEU A 79 12.34 -8.86 2.46
N HIS A 80 11.95 -10.05 1.96
CA HIS A 80 10.63 -10.63 2.22
C HIS A 80 10.63 -11.29 3.61
N VAL A 81 10.07 -10.57 4.59
CA VAL A 81 10.09 -10.98 5.99
C VAL A 81 8.78 -11.65 6.42
N ALA A 82 7.67 -11.31 5.73
CA ALA A 82 6.32 -11.78 6.13
C ALA A 82 5.40 -11.95 4.92
N THR A 83 4.37 -12.79 5.09
CA THR A 83 3.25 -12.93 4.15
C THR A 83 1.94 -12.82 4.94
N LEU A 84 1.24 -11.71 4.74
CA LEU A 84 -0.06 -11.44 5.37
C LEU A 84 -1.15 -12.21 4.61
N SER A 85 -1.57 -13.37 5.16
CA SER A 85 -2.55 -14.27 4.53
C SER A 85 -3.94 -14.11 5.16
N PHE A 86 -4.95 -13.88 4.31
CA PHE A 86 -6.32 -13.50 4.71
C PHE A 86 -7.36 -14.13 3.77
N ASP A 87 -8.63 -13.86 4.07
CA ASP A 87 -9.77 -14.20 3.20
C ASP A 87 -10.33 -12.89 2.62
N LEU A 88 -10.60 -12.91 1.31
CA LEU A 88 -11.15 -11.78 0.55
C LEU A 88 -11.73 -12.33 -0.77
N ASP A 89 -12.95 -11.89 -1.10
CA ASP A 89 -13.61 -12.14 -2.39
C ASP A 89 -14.07 -13.63 -2.51
N GLY A 90 -14.33 -14.26 -1.34
CA GLY A 90 -14.83 -15.64 -1.30
C GLY A 90 -13.75 -16.71 -1.40
N GLU A 91 -12.47 -16.29 -1.33
CA GLU A 91 -11.32 -17.21 -1.34
C GLU A 91 -10.17 -16.64 -0.49
N SER A 92 -9.09 -17.43 -0.35
CA SER A 92 -7.90 -17.01 0.39
C SER A 92 -6.99 -16.17 -0.53
N ARG A 93 -6.73 -14.92 -0.12
CA ARG A 93 -5.80 -14.00 -0.80
C ARG A 93 -4.62 -13.74 0.16
N ASP A 94 -3.45 -13.39 -0.38
CA ASP A 94 -2.27 -13.04 0.43
C ASP A 94 -1.49 -11.89 -0.20
N LEU A 95 -0.90 -11.06 0.67
CA LEU A 95 0.02 -9.98 0.31
C LEU A 95 1.30 -10.12 1.12
N HIS A 96 2.44 -9.96 0.47
CA HIS A 96 3.76 -10.16 1.09
C HIS A 96 4.24 -8.83 1.69
N ALA A 97 4.68 -8.87 2.96
CA ALA A 97 5.18 -7.71 3.71
C ALA A 97 6.70 -7.75 3.75
N PHE A 98 7.33 -6.63 3.40
CA PHE A 98 8.79 -6.53 3.25
C PHE A 98 9.36 -5.42 4.16
N ARG A 99 10.66 -5.55 4.50
CA ARG A 99 11.47 -4.51 5.20
C ARG A 99 12.73 -4.33 4.36
N GLN A 100 13.10 -3.06 4.03
CA GLN A 100 14.21 -2.74 3.08
C GLN A 100 15.49 -3.60 3.28
N ALA A 101 16.25 -3.36 4.35
CA ALA A 101 17.38 -4.22 4.73
C ALA A 101 17.09 -4.87 6.09
N ALA A 102 17.22 -4.07 7.16
CA ALA A 102 16.96 -4.50 8.55
C ALA A 102 16.08 -3.47 9.25
N ASP A 103 15.14 -2.86 8.48
CA ASP A 103 14.34 -1.69 8.93
C ASP A 103 13.52 -2.04 10.19
N GLU A 104 13.48 -1.10 11.16
CA GLU A 104 12.84 -1.29 12.49
C GLU A 104 11.75 -0.22 12.75
N SER A 105 11.38 0.56 11.71
CA SER A 105 10.36 1.62 11.80
C SER A 105 8.91 1.09 11.66
N ARG A 106 8.73 -0.25 11.83
CA ARG A 106 7.40 -0.95 11.80
C ARG A 106 6.75 -0.94 10.39
N THR A 107 7.40 -0.29 9.41
CA THR A 107 6.78 0.06 8.14
C THR A 107 6.72 -1.16 7.19
N LEU A 108 5.58 -1.88 7.24
CA LEU A 108 5.31 -3.01 6.37
C LEU A 108 4.81 -2.47 5.03
N PHE A 109 5.60 -2.70 4.00
CA PHE A 109 5.33 -2.20 2.65
C PHE A 109 4.79 -3.37 1.83
N VAL A 110 3.48 -3.33 1.50
CA VAL A 110 2.83 -4.38 0.68
C VAL A 110 2.34 -3.78 -0.66
N PRO A 111 3.20 -3.81 -1.73
CA PRO A 111 2.77 -3.44 -3.08
C PRO A 111 1.94 -4.59 -3.68
N PHE A 112 0.73 -4.28 -4.12
CA PHE A 112 -0.21 -5.26 -4.67
C PHE A 112 -0.67 -4.81 -6.04
N ARG A 113 -1.00 -5.77 -6.89
CA ARG A 113 -1.63 -5.52 -8.19
C ARG A 113 -2.98 -6.23 -8.21
N ASP A 114 -4.03 -5.50 -8.59
CA ASP A 114 -5.39 -6.06 -8.74
C ASP A 114 -5.78 -5.91 -10.23
N LYS A 115 -7.07 -6.16 -10.56
CA LYS A 115 -7.52 -6.21 -11.96
C LYS A 115 -7.74 -4.82 -12.58
N THR A 116 -7.88 -3.78 -11.74
CA THR A 116 -8.07 -2.39 -12.22
C THR A 116 -6.72 -1.74 -12.60
N THR A 117 -5.64 -2.15 -11.91
CA THR A 117 -4.28 -1.61 -12.10
C THR A 117 -3.76 -1.97 -13.50
N GLY A 118 -3.14 -0.98 -14.19
CA GLY A 118 -2.66 -1.15 -15.57
C GLY A 118 -3.76 -1.24 -16.63
N GLN A 119 -5.05 -1.29 -16.21
CA GLN A 119 -6.21 -1.44 -17.12
C GLN A 119 -7.01 -0.13 -17.15
N GLN A 120 -7.79 0.12 -16.09
CA GLN A 120 -8.58 1.36 -15.91
C GLN A 120 -7.91 2.29 -14.90
N SER A 121 -6.68 1.98 -14.53
CA SER A 121 -5.94 2.68 -13.46
C SER A 121 -4.44 2.60 -13.76
N TYR A 122 -3.67 3.35 -12.98
CA TYR A 122 -2.22 3.54 -13.17
C TYR A 122 -1.48 2.19 -13.24
N ASP A 123 -0.47 2.09 -14.12
CA ASP A 123 0.29 0.83 -14.33
C ASP A 123 1.16 0.45 -13.12
N GLY A 124 1.70 -0.78 -13.18
CA GLY A 124 2.56 -1.32 -12.13
C GLY A 124 1.78 -1.93 -10.99
N GLY A 125 1.52 -1.12 -9.95
CA GLY A 125 0.85 -1.59 -8.75
C GLY A 125 0.52 -0.45 -7.81
N ARG A 126 -0.28 -0.74 -6.78
CA ARG A 126 -0.63 0.22 -5.72
C ARG A 126 0.13 -0.25 -4.49
N TYR A 127 0.84 0.65 -3.80
CA TYR A 127 1.49 0.27 -2.55
C TYR A 127 0.54 0.57 -1.39
N MET A 128 0.49 -0.35 -0.45
CA MET A 128 -0.32 -0.23 0.75
C MET A 128 0.65 -0.33 1.94
N GLU A 129 0.57 0.63 2.86
CA GLU A 129 1.59 0.81 3.89
C GLU A 129 0.96 0.67 5.28
N LEU A 130 1.39 -0.36 6.03
CA LEU A 130 0.93 -0.62 7.40
C LEU A 130 2.05 -0.26 8.37
N GLU A 131 1.73 0.41 9.48
CA GLU A 131 2.67 0.60 10.60
C GLU A 131 1.96 0.18 11.90
N PRO A 132 2.10 -1.14 12.29
CA PRO A 132 1.49 -1.68 13.53
C PRO A 132 2.03 -0.97 14.80
N ASP A 133 1.25 -1.08 15.89
CA ASP A 133 1.56 -0.48 17.20
C ASP A 133 2.70 -1.25 17.89
N ARG A 134 3.01 -2.41 17.34
CA ARG A 134 4.00 -3.34 17.84
C ARG A 134 4.78 -3.92 16.65
N ASP A 135 5.83 -4.68 16.92
CA ASP A 135 6.52 -5.46 15.87
C ASP A 135 5.84 -6.82 15.78
N LEU A 136 5.59 -7.30 14.56
CA LEU A 136 4.76 -8.51 14.32
C LEU A 136 5.64 -9.76 14.16
N SER A 137 5.09 -10.91 14.58
CA SER A 137 5.75 -12.22 14.51
C SER A 137 4.88 -13.24 13.75
N ASP A 138 5.42 -14.44 13.52
CA ASP A 138 4.70 -15.54 12.85
C ASP A 138 3.58 -16.07 13.76
N GLY A 139 2.32 -15.80 13.37
CA GLY A 139 1.15 -16.17 14.17
C GLY A 139 0.41 -14.96 14.72
N ASP A 140 1.07 -13.79 14.64
CA ASP A 140 0.48 -12.49 15.02
C ASP A 140 -0.48 -12.05 13.90
N GLU A 141 -1.48 -11.20 14.21
CA GLU A 141 -2.44 -10.69 13.21
C GLU A 141 -2.12 -9.24 12.82
N ILE A 142 -2.80 -8.76 11.76
CA ILE A 142 -2.64 -7.39 11.22
C ILE A 142 -3.84 -7.08 10.30
N THR A 143 -4.34 -5.84 10.33
CA THR A 143 -5.51 -5.43 9.53
C THR A 143 -5.04 -4.76 8.21
N LEU A 144 -5.61 -5.21 7.07
CA LEU A 144 -5.19 -4.82 5.71
C LEU A 144 -6.22 -3.82 5.10
N ASP A 145 -5.89 -2.53 5.17
CA ASP A 145 -6.70 -1.44 4.59
C ASP A 145 -6.35 -1.18 3.11
N PHE A 146 -7.02 -1.88 2.18
CA PHE A 146 -6.88 -1.61 0.72
C PHE A 146 -7.71 -0.38 0.37
N ASN A 147 -8.64 -0.08 1.29
CA ASN A 147 -9.47 1.11 1.29
C ASN A 147 -8.68 2.37 1.68
N LEU A 148 -7.34 2.25 1.88
CA LEU A 148 -6.42 3.37 2.16
C LEU A 148 -5.13 3.24 1.30
N ALA A 149 -5.16 2.46 0.19
CA ALA A 149 -3.96 2.24 -0.67
C ALA A 149 -3.57 3.52 -1.44
N TYR A 150 -2.28 3.90 -1.35
CA TYR A 150 -1.80 5.28 -1.66
C TYR A 150 -1.25 5.41 -3.09
N SER A 151 -1.20 6.68 -3.58
CA SER A 151 -0.59 7.08 -4.87
C SER A 151 0.89 6.58 -5.03
N PRO A 152 1.17 5.60 -5.96
CA PRO A 152 2.53 5.07 -6.19
C PRO A 152 3.43 6.03 -7.02
N PHE A 153 4.61 6.36 -6.47
CA PHE A 153 5.65 7.19 -7.11
C PHE A 153 5.93 6.81 -8.58
N CYS A 154 6.11 5.50 -8.78
CA CYS A 154 6.50 4.91 -10.06
C CYS A 154 5.48 5.17 -11.18
N ALA A 155 4.20 4.94 -10.88
CA ALA A 155 3.11 5.12 -11.86
C ALA A 155 3.02 6.58 -12.36
N TYR A 156 3.18 7.53 -11.44
CA TYR A 156 3.06 8.97 -11.74
C TYR A 156 4.36 9.56 -12.34
N SER A 157 5.50 8.84 -12.22
CA SER A 157 6.80 9.30 -12.77
C SER A 157 7.71 8.09 -13.10
N ASP A 158 8.18 8.03 -14.36
CA ASP A 158 9.03 6.91 -14.87
C ASP A 158 10.50 7.04 -14.40
N THR A 159 10.81 8.15 -13.70
CA THR A 159 12.11 8.35 -13.04
C THR A 159 12.23 7.51 -11.75
N PHE A 160 11.10 6.92 -11.30
CA PHE A 160 11.08 5.92 -10.24
C PHE A 160 10.81 4.58 -10.94
N SER A 161 11.67 3.56 -10.78
CA SER A 161 11.42 2.23 -11.34
C SER A 161 10.31 1.55 -10.52
N CYS A 162 9.37 0.88 -11.22
CA CYS A 162 8.17 0.28 -10.62
C CYS A 162 8.54 -0.86 -9.65
N PRO A 163 7.77 -1.04 -8.52
CA PRO A 163 7.98 -2.18 -7.61
C PRO A 163 7.74 -3.52 -8.34
N LEU A 164 8.34 -4.59 -7.82
CA LEU A 164 8.22 -5.93 -8.39
C LEU A 164 7.43 -6.82 -7.39
N PRO A 165 6.06 -6.83 -7.45
CA PRO A 165 5.23 -7.67 -6.56
C PRO A 165 5.36 -9.16 -6.97
N PRO A 166 5.74 -10.08 -6.02
CA PRO A 166 5.69 -11.55 -6.25
C PRO A 166 4.34 -12.01 -6.85
N GLU A 167 4.41 -13.08 -7.66
CA GLU A 167 3.25 -13.64 -8.39
C GLU A 167 2.17 -14.20 -7.42
N SER A 168 2.59 -14.49 -6.17
CA SER A 168 1.72 -14.97 -5.09
C SER A 168 0.79 -13.86 -4.55
N ASN A 169 1.15 -12.56 -4.69
CA ASN A 169 0.36 -11.45 -4.10
C ASN A 169 -0.46 -10.72 -5.18
N TRP A 170 -0.40 -11.22 -6.43
CA TRP A 170 -1.20 -10.69 -7.54
C TRP A 170 -2.68 -11.08 -7.31
N LEU A 171 -3.51 -10.11 -6.92
CA LEU A 171 -4.90 -10.37 -6.53
C LEU A 171 -5.77 -10.46 -7.79
N GLU A 172 -6.38 -11.64 -8.00
CA GLU A 172 -7.31 -11.88 -9.13
C GLU A 172 -8.73 -11.41 -8.74
N THR A 173 -8.81 -10.13 -8.36
CA THR A 173 -10.05 -9.44 -7.97
C THR A 173 -9.83 -7.93 -8.11
N ALA A 174 -10.93 -7.17 -8.20
CA ALA A 174 -10.88 -5.70 -8.29
C ALA A 174 -11.01 -5.10 -6.89
N VAL A 175 -10.05 -4.23 -6.52
CA VAL A 175 -10.12 -3.46 -5.28
C VAL A 175 -10.98 -2.22 -5.54
N THR A 176 -12.30 -2.39 -5.33
CA THR A 176 -13.25 -1.30 -5.31
C THR A 176 -13.58 -0.96 -3.85
N ALA A 177 -13.06 0.19 -3.38
CA ALA A 177 -13.30 0.71 -2.03
C ALA A 177 -13.44 2.24 -2.07
N GLY A 178 -14.63 2.74 -1.70
CA GLY A 178 -14.97 4.17 -1.77
C GLY A 178 -14.69 4.81 -3.14
N GLU A 179 -14.35 6.12 -3.12
CA GLU A 179 -13.69 6.81 -4.26
C GLU A 179 -12.25 6.25 -4.42
N ARG A 180 -11.83 6.00 -5.65
CA ARG A 180 -10.59 5.25 -5.96
C ARG A 180 -9.54 6.17 -6.59
N THR A 181 -8.26 6.04 -6.16
CA THR A 181 -7.11 6.42 -7.03
C THR A 181 -7.31 5.93 -8.50
N ASP A 182 -7.51 6.92 -9.38
CA ASP A 182 -7.94 6.73 -10.77
C ASP A 182 -7.74 8.07 -11.50
N LEU A 183 -7.46 7.99 -12.81
CA LEU A 183 -7.10 9.17 -13.61
C LEU A 183 -8.31 10.08 -13.87
N GLU A 184 -9.52 9.49 -14.02
CA GLU A 184 -10.76 10.26 -14.30
C GLU A 184 -11.92 9.72 -13.43
N HIS A 185 -12.69 10.64 -12.81
CA HIS A 185 -13.86 10.30 -11.97
C HIS A 185 -14.77 11.56 -11.83
N MET A 1 -12.26 -3.41 21.61
CA MET A 1 -12.78 -2.24 22.37
C MET A 1 -12.76 -1.01 21.46
N ASP A 2 -13.55 0.03 21.83
CA ASP A 2 -13.73 1.27 21.02
C ASP A 2 -12.38 1.87 20.61
N GLU A 3 -11.50 2.02 21.61
CA GLU A 3 -10.13 2.55 21.48
C GLU A 3 -9.37 1.98 20.27
N ASP A 4 -9.15 0.65 20.27
CA ASP A 4 -8.32 -0.02 19.24
C ASP A 4 -9.07 -0.19 17.89
N THR A 5 -10.41 -0.01 17.91
CA THR A 5 -11.26 -0.11 16.71
C THR A 5 -11.18 1.21 15.91
N GLU A 6 -11.55 2.33 16.55
CA GLU A 6 -11.53 3.67 15.90
C GLU A 6 -10.09 4.16 15.64
N ASP A 7 -9.11 3.61 16.41
CA ASP A 7 -7.66 3.82 16.20
C ASP A 7 -7.22 3.60 14.73
N TRP A 8 -7.96 2.73 14.01
CA TRP A 8 -7.82 2.48 12.57
C TRP A 8 -7.72 3.80 11.75
N GLU A 9 -8.70 4.71 11.95
CA GLU A 9 -8.71 6.03 11.28
C GLU A 9 -7.81 7.06 11.99
N THR A 10 -7.58 6.85 13.30
CA THR A 10 -6.78 7.77 14.15
C THR A 10 -5.30 7.75 13.73
N GLN A 11 -4.72 6.55 13.61
CA GLN A 11 -3.38 6.38 13.05
C GLN A 11 -3.34 6.79 11.57
N LEU A 12 -4.42 6.47 10.81
CA LEU A 12 -4.51 6.72 9.35
C LEU A 12 -4.29 8.20 9.00
N GLN A 13 -4.97 9.10 9.72
CA GLN A 13 -4.90 10.56 9.46
C GLN A 13 -3.49 11.13 9.71
N ALA A 14 -2.60 10.33 10.34
CA ALA A 14 -1.18 10.66 10.56
C ALA A 14 -0.28 9.94 9.53
N ASN A 15 -0.60 8.65 9.28
CA ASN A 15 0.07 7.78 8.28
C ASN A 15 0.00 8.37 6.85
N ARG A 16 -1.07 9.13 6.57
CA ARG A 16 -1.23 9.82 5.28
C ARG A 16 -0.96 11.33 5.40
N ASP A 17 -0.91 11.85 6.65
CA ASP A 17 -0.51 13.27 6.92
C ASP A 17 0.97 13.47 6.57
N GLU A 18 1.80 12.48 6.96
CA GLU A 18 3.22 12.46 6.59
C GLU A 18 3.38 12.34 5.07
N LYS A 19 2.43 11.63 4.43
CA LYS A 19 2.35 11.47 2.97
C LYS A 19 1.81 12.75 2.27
N ASP A 20 1.01 13.53 3.01
CA ASP A 20 0.40 14.79 2.50
C ASP A 20 1.47 15.89 2.41
N ARG A 21 2.26 16.05 3.49
CA ARG A 21 3.38 17.02 3.53
C ARG A 21 4.57 16.53 2.70
N PHE A 22 4.64 15.19 2.51
CA PHE A 22 5.71 14.49 1.75
C PHE A 22 5.87 15.11 0.36
N PHE A 23 4.77 15.09 -0.40
CA PHE A 23 4.72 15.57 -1.81
C PHE A 23 4.94 17.10 -1.92
N SER A 24 4.94 17.80 -0.77
CA SER A 24 5.18 19.25 -0.71
C SER A 24 6.67 19.54 -0.42
N GLU A 25 7.23 18.91 0.64
CA GLU A 25 8.54 19.33 1.23
C GLU A 25 9.65 18.30 0.93
N HIS A 26 9.35 16.99 1.08
CA HIS A 26 10.34 15.90 0.93
C HIS A 26 10.53 15.56 -0.56
N ARG A 27 9.42 15.16 -1.20
CA ARG A 27 9.36 14.79 -2.61
C ARG A 27 8.64 15.89 -3.41
N GLN A 28 8.95 15.97 -4.70
CA GLN A 28 8.14 16.70 -5.69
C GLN A 28 6.98 15.78 -6.10
N SER A 29 5.73 16.29 -6.11
CA SER A 29 4.53 15.49 -6.43
C SER A 29 4.68 14.83 -7.84
N PRO A 30 4.65 13.44 -7.92
CA PRO A 30 4.81 12.71 -9.20
C PRO A 30 3.60 12.84 -10.14
N ILE A 31 2.47 13.32 -9.57
CA ILE A 31 1.27 13.63 -10.36
C ILE A 31 1.61 14.82 -11.31
N PRO A 32 1.64 14.63 -12.67
CA PRO A 32 2.02 15.70 -13.64
C PRO A 32 1.21 17.03 -13.44
N PRO A 33 1.87 18.24 -13.56
CA PRO A 33 1.25 19.58 -13.31
C PRO A 33 -0.17 19.76 -13.89
N GLU A 34 -0.40 19.29 -15.12
CA GLU A 34 -1.70 19.43 -15.80
C GLU A 34 -2.77 18.50 -15.18
N GLU A 35 -2.35 17.26 -14.85
CA GLU A 35 -3.21 16.21 -14.25
C GLU A 35 -3.69 16.59 -12.85
N ARG A 36 -2.75 17.09 -12.00
CA ARG A 36 -3.04 17.42 -10.59
C ARG A 36 -3.93 18.68 -10.44
N ASP A 37 -4.27 19.32 -11.57
CA ASP A 37 -5.28 20.39 -11.58
C ASP A 37 -6.69 19.81 -11.38
N ASP A 38 -7.01 18.75 -12.13
CA ASP A 38 -8.35 18.10 -12.09
C ASP A 38 -8.42 17.03 -11.00
N PHE A 39 -7.30 16.34 -10.79
CA PHE A 39 -7.19 15.26 -9.80
C PHE A 39 -6.40 15.79 -8.60
N ASP A 40 -6.85 15.43 -7.39
CA ASP A 40 -6.25 15.88 -6.12
C ASP A 40 -4.83 15.29 -5.93
N GLY A 41 -4.13 15.80 -4.91
CA GLY A 41 -2.96 15.15 -4.29
C GLY A 41 -3.15 13.64 -3.98
N LEU A 42 -2.58 13.17 -2.85
CA LEU A 42 -2.76 11.76 -2.43
C LEU A 42 -4.22 11.50 -1.97
N SER A 43 -5.07 11.35 -2.99
CA SER A 43 -6.46 10.94 -2.88
C SER A 43 -6.56 9.54 -3.51
N TYR A 44 -7.40 8.68 -2.95
CA TYR A 44 -7.36 7.24 -3.26
C TYR A 44 -8.70 6.57 -2.92
N PHE A 45 -8.69 5.22 -2.94
CA PHE A 45 -9.84 4.37 -2.55
C PHE A 45 -10.34 4.82 -1.16
N ASP A 46 -11.62 5.24 -1.07
CA ASP A 46 -12.18 5.86 0.15
C ASP A 46 -12.24 4.81 1.28
N PRO A 47 -11.63 5.10 2.48
CA PRO A 47 -11.58 4.16 3.63
C PRO A 47 -12.97 3.60 4.04
N ASP A 48 -13.20 2.30 3.71
CA ASP A 48 -14.44 1.60 4.06
C ASP A 48 -14.15 0.51 5.10
N PRO A 49 -14.70 0.61 6.36
CA PRO A 49 -14.75 -0.54 7.31
C PRO A 49 -15.55 -1.74 6.73
N ASP A 50 -16.42 -1.43 5.75
CA ASP A 50 -17.14 -2.43 4.93
C ASP A 50 -16.18 -3.34 4.14
N TYR A 51 -15.15 -2.74 3.53
CA TYR A 51 -14.19 -3.45 2.65
C TYR A 51 -13.06 -4.10 3.51
N ARG A 52 -12.99 -3.69 4.78
CA ARG A 52 -12.00 -4.20 5.75
C ARG A 52 -12.05 -5.74 5.89
N VAL A 53 -10.89 -6.39 5.73
CA VAL A 53 -10.73 -7.82 5.96
C VAL A 53 -9.63 -8.05 7.03
N GLU A 54 -9.45 -9.31 7.41
CA GLU A 54 -8.41 -9.74 8.38
C GLU A 54 -7.44 -10.70 7.67
N ALA A 55 -6.18 -10.76 8.14
CA ALA A 55 -5.16 -11.66 7.58
C ALA A 55 -4.26 -12.21 8.70
N THR A 56 -3.79 -13.44 8.51
CA THR A 56 -2.82 -14.09 9.40
C THR A 56 -1.39 -13.75 8.95
N VAL A 57 -0.59 -13.21 9.89
CA VAL A 57 0.84 -12.91 9.67
C VAL A 57 1.66 -14.21 9.67
N THR A 58 2.56 -14.36 8.69
CA THR A 58 3.49 -15.48 8.61
C THR A 58 4.91 -14.91 8.46
N VAL A 59 5.66 -14.88 9.57
CA VAL A 59 7.00 -14.25 9.61
C VAL A 59 8.03 -15.28 9.13
N HIS A 60 8.86 -14.88 8.16
CA HIS A 60 9.86 -15.76 7.53
C HIS A 60 11.20 -15.67 8.29
N GLU A 61 11.71 -16.86 8.68
CA GLU A 61 12.98 -17.03 9.42
C GLU A 61 14.17 -16.40 8.69
N THR A 62 14.11 -16.43 7.35
CA THR A 62 15.12 -15.84 6.46
C THR A 62 14.40 -14.84 5.53
N PRO A 63 14.41 -13.51 5.86
CA PRO A 63 13.81 -12.48 4.99
C PRO A 63 14.61 -12.33 3.66
N GLU A 64 13.93 -12.54 2.54
CA GLU A 64 14.55 -12.48 1.20
C GLU A 64 14.64 -11.03 0.71
N SER A 65 15.59 -10.79 -0.21
CA SER A 65 15.80 -9.48 -0.81
C SER A 65 14.83 -9.31 -1.99
N VAL A 66 14.00 -8.25 -1.94
CA VAL A 66 12.99 -7.94 -2.98
C VAL A 66 13.15 -6.48 -3.42
N ASP A 67 13.25 -6.26 -4.74
CA ASP A 67 13.43 -4.92 -5.33
C ASP A 67 12.07 -4.21 -5.39
N LEU A 68 11.87 -3.20 -4.52
CA LEU A 68 10.66 -2.35 -4.55
C LEU A 68 11.09 -0.88 -4.62
N GLU A 69 10.15 0.01 -5.03
CA GLU A 69 10.44 1.44 -5.16
C GLU A 69 10.65 2.07 -3.76
N THR A 70 11.59 3.01 -3.69
CA THR A 70 11.65 3.97 -2.57
C THR A 70 11.13 5.30 -3.08
N SER A 71 10.81 6.21 -2.15
CA SER A 71 10.33 7.55 -2.47
C SER A 71 11.41 8.34 -3.21
N ASP A 72 12.65 8.25 -2.70
CA ASP A 72 13.85 8.91 -3.28
C ASP A 72 14.30 8.35 -4.65
N ASP A 73 13.39 8.38 -5.65
CA ASP A 73 13.73 8.30 -7.11
C ASP A 73 14.27 6.93 -7.59
N ARG A 74 14.50 5.99 -6.66
CA ARG A 74 15.33 4.80 -6.90
C ARG A 74 14.52 3.51 -6.57
N THR A 75 15.20 2.36 -6.63
CA THR A 75 14.69 1.04 -6.27
C THR A 75 15.67 0.49 -5.24
N VAL A 76 15.15 -0.19 -4.23
CA VAL A 76 15.94 -0.57 -3.05
C VAL A 76 15.53 -1.94 -2.54
N ARG A 77 16.42 -2.51 -1.72
CA ARG A 77 16.26 -3.82 -1.10
C ARG A 77 15.24 -3.70 0.06
N TYR A 78 14.10 -4.36 -0.10
CA TYR A 78 13.14 -4.61 0.97
C TYR A 78 13.28 -6.07 1.43
N LEU A 79 13.28 -6.27 2.74
CA LEU A 79 13.34 -7.60 3.36
C LEU A 79 11.91 -8.13 3.55
N HIS A 80 11.63 -9.32 2.99
CA HIS A 80 10.33 -9.96 3.17
C HIS A 80 10.24 -10.53 4.58
N VAL A 81 9.61 -9.75 5.45
CA VAL A 81 9.51 -10.07 6.88
C VAL A 81 8.30 -10.97 7.15
N ALA A 82 7.21 -10.78 6.38
CA ALA A 82 5.95 -11.49 6.62
C ALA A 82 5.11 -11.63 5.35
N THR A 83 4.20 -12.62 5.36
CA THR A 83 3.13 -12.78 4.36
C THR A 83 1.79 -12.71 5.11
N LEU A 84 0.90 -11.83 4.65
CA LEU A 84 -0.41 -11.61 5.26
C LEU A 84 -1.44 -12.40 4.42
N SER A 85 -1.83 -13.58 4.95
CA SER A 85 -2.70 -14.54 4.25
C SER A 85 -4.17 -14.33 4.63
N PHE A 86 -5.05 -14.13 3.62
CA PHE A 86 -6.47 -13.82 3.83
C PHE A 86 -7.31 -14.36 2.65
N ASP A 87 -8.61 -14.00 2.68
CA ASP A 87 -9.55 -14.23 1.56
C ASP A 87 -10.18 -12.90 1.17
N LEU A 88 -10.49 -12.76 -0.12
CA LEU A 88 -11.07 -11.54 -0.69
C LEU A 88 -11.89 -11.91 -1.95
N ASP A 89 -13.11 -11.35 -2.03
CA ASP A 89 -14.04 -11.49 -3.18
C ASP A 89 -14.63 -12.92 -3.28
N GLY A 90 -13.83 -13.87 -3.77
CA GLY A 90 -14.27 -15.25 -3.97
C GLY A 90 -13.12 -16.25 -3.95
N GLU A 91 -11.90 -15.78 -3.60
CA GLU A 91 -10.67 -16.60 -3.59
C GLU A 91 -9.73 -16.17 -2.45
N SER A 92 -8.74 -17.03 -2.18
CA SER A 92 -7.68 -16.77 -1.21
C SER A 92 -6.67 -15.79 -1.82
N ARG A 93 -6.28 -14.76 -1.05
CA ARG A 93 -5.37 -13.70 -1.49
C ARG A 93 -4.27 -13.50 -0.44
N ASP A 94 -3.05 -13.19 -0.90
CA ASP A 94 -1.88 -12.90 -0.04
C ASP A 94 -1.32 -11.53 -0.38
N LEU A 95 -1.01 -10.73 0.66
CA LEU A 95 -0.22 -9.49 0.53
C LEU A 95 1.02 -9.63 1.40
N HIS A 96 2.19 -9.52 0.79
CA HIS A 96 3.46 -9.73 1.46
C HIS A 96 3.94 -8.40 2.04
N ALA A 97 4.35 -8.42 3.31
CA ALA A 97 4.79 -7.25 4.06
C ALA A 97 6.31 -7.22 4.07
N PHE A 98 6.88 -6.10 3.63
CA PHE A 98 8.33 -5.91 3.55
C PHE A 98 8.72 -4.62 4.26
N ARG A 99 9.99 -4.57 4.67
CA ARG A 99 10.60 -3.45 5.42
C ARG A 99 12.05 -3.31 4.92
N GLN A 100 12.44 -2.09 4.52
CA GLN A 100 13.71 -1.81 3.79
C GLN A 100 14.95 -2.52 4.38
N ALA A 101 15.48 -2.03 5.52
CA ALA A 101 16.65 -2.63 6.18
C ALA A 101 16.30 -3.10 7.60
N ALA A 102 16.22 -2.14 8.53
CA ALA A 102 15.99 -2.42 9.96
C ALA A 102 14.85 -1.56 10.53
N ASP A 103 13.76 -1.39 9.75
CA ASP A 103 12.59 -0.59 10.19
C ASP A 103 12.02 -1.12 11.51
N GLU A 104 11.88 -0.23 12.50
CA GLU A 104 11.25 -0.51 13.80
C GLU A 104 10.02 0.38 14.04
N SER A 105 9.59 1.14 13.00
CA SER A 105 8.43 2.05 13.08
C SER A 105 7.09 1.34 12.78
N ARG A 106 7.11 -0.03 12.76
CA ARG A 106 5.90 -0.89 12.50
C ARG A 106 5.41 -0.77 11.05
N THR A 107 6.22 -0.17 10.17
CA THR A 107 5.81 0.16 8.81
C THR A 107 5.84 -1.09 7.92
N LEU A 108 4.67 -1.72 7.79
CA LEU A 108 4.44 -2.85 6.88
C LEU A 108 4.10 -2.29 5.50
N PHE A 109 4.95 -2.56 4.55
CA PHE A 109 4.80 -2.09 3.18
C PHE A 109 4.30 -3.27 2.35
N VAL A 110 3.00 -3.29 2.01
CA VAL A 110 2.41 -4.33 1.14
C VAL A 110 2.03 -3.70 -0.24
N PRO A 111 2.96 -3.78 -1.24
CA PRO A 111 2.61 -3.42 -2.62
C PRO A 111 1.74 -4.53 -3.22
N PHE A 112 0.71 -4.13 -3.97
CA PHE A 112 -0.15 -5.05 -4.69
C PHE A 112 -0.41 -4.53 -6.10
N ARG A 113 -1.02 -5.37 -6.92
CA ARG A 113 -1.53 -4.99 -8.24
C ARG A 113 -2.81 -5.80 -8.50
N ASP A 114 -3.93 -5.10 -8.68
CA ASP A 114 -5.26 -5.72 -8.80
C ASP A 114 -5.84 -5.36 -10.19
N LYS A 115 -7.11 -5.71 -10.44
CA LYS A 115 -7.72 -5.58 -11.78
C LYS A 115 -8.15 -4.13 -12.10
N THR A 116 -8.21 -3.24 -11.08
CA THR A 116 -8.47 -1.81 -11.31
C THR A 116 -7.21 -1.12 -11.82
N THR A 117 -6.03 -1.65 -11.45
CA THR A 117 -4.74 -1.13 -11.92
C THR A 117 -4.61 -1.30 -13.46
N GLY A 118 -4.35 -0.17 -14.16
CA GLY A 118 -4.34 -0.13 -15.62
C GLY A 118 -5.72 0.11 -16.26
N GLN A 119 -6.80 -0.12 -15.47
CA GLN A 119 -8.20 0.06 -15.93
C GLN A 119 -8.85 1.28 -15.21
N GLN A 120 -9.33 1.05 -13.96
CA GLN A 120 -9.95 2.11 -13.13
C GLN A 120 -8.88 2.96 -12.40
N SER A 121 -7.62 2.58 -12.60
CA SER A 121 -6.46 3.21 -11.96
C SER A 121 -5.32 3.21 -12.99
N TYR A 122 -4.28 4.02 -12.76
CA TYR A 122 -3.09 4.03 -13.61
C TYR A 122 -2.24 2.77 -13.38
N ASP A 123 -1.44 2.42 -14.40
CA ASP A 123 -0.67 1.17 -14.44
C ASP A 123 0.67 1.33 -13.69
N GLY A 124 1.13 0.21 -13.10
CA GLY A 124 2.35 0.17 -12.29
C GLY A 124 2.11 -0.65 -11.05
N GLY A 125 0.93 -0.41 -10.44
CA GLY A 125 0.50 -1.09 -9.22
C GLY A 125 -0.17 -0.11 -8.26
N ARG A 126 -0.25 -0.53 -6.99
CA ARG A 126 -0.71 0.32 -5.89
C ARG A 126 -0.10 -0.22 -4.60
N TYR A 127 0.51 0.63 -3.77
CA TYR A 127 1.10 0.18 -2.50
C TYR A 127 0.13 0.52 -1.36
N MET A 128 0.18 -0.29 -0.30
CA MET A 128 -0.73 -0.19 0.84
C MET A 128 0.14 -0.30 2.11
N GLU A 129 -0.10 0.56 3.11
CA GLU A 129 0.77 0.67 4.28
C GLU A 129 -0.04 0.48 5.58
N LEU A 130 0.43 -0.47 6.43
CA LEU A 130 -0.18 -0.78 7.74
C LEU A 130 0.88 -0.53 8.83
N GLU A 131 0.44 -0.11 10.01
CA GLU A 131 1.29 -0.05 11.21
C GLU A 131 0.55 -0.70 12.40
N PRO A 132 0.91 -1.97 12.79
CA PRO A 132 0.32 -2.65 13.98
C PRO A 132 0.75 -1.97 15.29
N ASP A 133 -0.05 -2.21 16.34
CA ASP A 133 0.17 -1.65 17.69
C ASP A 133 1.27 -2.39 18.46
N ARG A 134 1.64 -3.57 17.95
CA ARG A 134 2.61 -4.47 18.59
C ARG A 134 3.46 -5.15 17.51
N ASP A 135 4.48 -5.90 17.95
CA ASP A 135 5.35 -6.68 17.05
C ASP A 135 4.62 -7.96 16.63
N LEU A 136 4.64 -8.26 15.32
CA LEU A 136 3.96 -9.43 14.75
C LEU A 136 4.89 -10.66 14.71
N SER A 137 4.37 -11.80 15.20
CA SER A 137 5.04 -13.10 15.13
C SER A 137 4.37 -13.98 14.06
N ASP A 138 4.97 -15.14 13.73
CA ASP A 138 4.34 -16.11 12.82
C ASP A 138 3.17 -16.82 13.55
N GLY A 139 1.96 -16.59 13.04
CA GLY A 139 0.72 -17.07 13.66
C GLY A 139 -0.10 -15.93 14.27
N ASP A 140 0.42 -14.68 14.14
CA ASP A 140 -0.28 -13.47 14.62
C ASP A 140 -1.35 -13.05 13.57
N GLU A 141 -2.15 -12.01 13.85
CA GLU A 141 -3.14 -11.46 12.89
C GLU A 141 -2.83 -9.98 12.58
N ILE A 142 -3.53 -9.42 11.56
CA ILE A 142 -3.34 -8.03 11.09
C ILE A 142 -4.57 -7.59 10.25
N THR A 143 -4.94 -6.29 10.33
CA THR A 143 -6.10 -5.73 9.64
C THR A 143 -5.69 -5.17 8.26
N LEU A 144 -6.36 -5.65 7.18
CA LEU A 144 -6.00 -5.33 5.77
C LEU A 144 -7.12 -4.46 5.13
N ASP A 145 -6.82 -3.18 4.93
CA ASP A 145 -7.71 -2.26 4.17
C ASP A 145 -6.99 -1.77 2.92
N PHE A 146 -7.44 -2.29 1.78
CA PHE A 146 -6.99 -1.88 0.41
C PHE A 146 -7.50 -0.46 0.08
N ASN A 147 -8.43 0.01 0.94
CA ASN A 147 -9.00 1.36 0.90
C ASN A 147 -8.13 2.36 1.69
N LEU A 148 -6.94 1.92 2.16
CA LEU A 148 -5.90 2.81 2.73
C LEU A 148 -4.66 2.82 1.81
N ALA A 149 -4.87 2.42 0.54
CA ALA A 149 -3.78 2.26 -0.44
C ALA A 149 -3.50 3.57 -1.18
N TYR A 150 -2.20 3.89 -1.34
CA TYR A 150 -1.74 5.19 -1.89
C TYR A 150 -1.20 4.98 -3.31
N SER A 151 -1.24 6.06 -4.10
CA SER A 151 -0.76 6.07 -5.48
C SER A 151 0.79 6.01 -5.54
N PRO A 152 1.38 5.00 -6.28
CA PRO A 152 2.86 4.85 -6.43
C PRO A 152 3.53 6.05 -7.12
N PHE A 153 4.71 6.42 -6.61
CA PHE A 153 5.58 7.45 -7.21
C PHE A 153 5.94 7.10 -8.66
N CYS A 154 6.29 5.82 -8.84
CA CYS A 154 6.82 5.29 -10.09
C CYS A 154 5.76 5.26 -11.20
N ALA A 155 4.55 4.76 -10.88
CA ALA A 155 3.44 4.67 -11.84
C ALA A 155 3.15 6.02 -12.52
N TYR A 156 3.11 7.09 -11.70
CA TYR A 156 2.79 8.46 -12.15
C TYR A 156 4.02 9.23 -12.67
N SER A 157 5.24 8.73 -12.42
CA SER A 157 6.50 9.34 -12.92
C SER A 157 7.61 8.28 -13.06
N ASP A 158 8.17 8.19 -14.28
CA ASP A 158 9.18 7.18 -14.65
C ASP A 158 10.56 7.49 -14.02
N THR A 159 10.75 8.78 -13.62
CA THR A 159 11.97 9.25 -12.94
C THR A 159 12.16 8.58 -11.56
N PHE A 160 11.06 8.06 -10.98
CA PHE A 160 11.11 7.19 -9.82
C PHE A 160 11.17 5.75 -10.35
N SER A 161 12.21 5.00 -9.96
CA SER A 161 12.47 3.64 -10.47
C SER A 161 11.45 2.66 -9.83
N CYS A 162 10.73 1.91 -10.69
CA CYS A 162 9.55 1.11 -10.29
C CYS A 162 9.91 -0.17 -9.51
N PRO A 163 8.93 -0.78 -8.75
CA PRO A 163 9.13 -2.08 -8.09
C PRO A 163 9.15 -3.24 -9.11
N LEU A 164 9.61 -4.40 -8.66
CA LEU A 164 9.47 -5.68 -9.37
C LEU A 164 8.47 -6.52 -8.54
N PRO A 165 7.11 -6.37 -8.79
CA PRO A 165 6.07 -7.04 -7.97
C PRO A 165 6.17 -8.58 -8.07
N PRO A 166 6.35 -9.29 -6.89
CA PRO A 166 6.35 -10.77 -6.86
C PRO A 166 4.94 -11.31 -7.21
N GLU A 167 4.88 -12.41 -7.97
CA GLU A 167 3.60 -12.94 -8.56
C GLU A 167 2.45 -13.10 -7.55
N SER A 168 2.80 -13.35 -6.27
CA SER A 168 1.83 -13.63 -5.20
C SER A 168 1.27 -12.35 -4.52
N ASN A 169 1.70 -11.15 -4.97
CA ASN A 169 1.13 -9.85 -4.49
C ASN A 169 0.07 -9.33 -5.49
N TRP A 170 -0.04 -10.02 -6.63
CA TRP A 170 -1.03 -9.68 -7.67
C TRP A 170 -2.41 -10.22 -7.23
N LEU A 171 -3.31 -9.31 -6.83
CA LEU A 171 -4.67 -9.67 -6.43
C LEU A 171 -5.48 -9.91 -7.70
N GLU A 172 -5.92 -11.18 -7.93
CA GLU A 172 -6.66 -11.57 -9.15
C GLU A 172 -8.18 -11.28 -8.98
N THR A 173 -8.47 -10.03 -8.61
CA THR A 173 -9.82 -9.50 -8.40
C THR A 173 -9.76 -7.96 -8.42
N ALA A 174 -10.91 -7.31 -8.63
CA ALA A 174 -11.02 -5.85 -8.71
C ALA A 174 -11.35 -5.27 -7.33
N VAL A 175 -10.54 -4.30 -6.89
CA VAL A 175 -10.77 -3.59 -5.62
C VAL A 175 -11.48 -2.27 -5.96
N THR A 176 -12.81 -2.31 -5.99
CA THR A 176 -13.65 -1.16 -6.34
C THR A 176 -14.01 -0.35 -5.07
N ALA A 177 -13.39 0.83 -4.93
CA ALA A 177 -13.61 1.72 -3.78
C ALA A 177 -13.22 3.16 -4.15
N GLY A 178 -13.89 4.12 -3.52
CA GLY A 178 -13.63 5.56 -3.72
C GLY A 178 -13.62 6.03 -5.16
N GLU A 179 -12.77 7.05 -5.42
CA GLU A 179 -12.57 7.61 -6.76
C GLU A 179 -11.58 6.76 -7.57
N ARG A 180 -11.79 6.74 -8.89
CA ARG A 180 -11.00 5.95 -9.84
C ARG A 180 -10.61 6.83 -11.05
N THR A 181 -9.32 6.78 -11.47
CA THR A 181 -8.88 7.41 -12.73
C THR A 181 -8.70 6.38 -13.87
N ASP A 182 -9.65 6.38 -14.83
CA ASP A 182 -9.50 5.62 -16.09
C ASP A 182 -8.78 6.48 -17.16
N LEU A 183 -8.78 6.01 -18.42
CA LEU A 183 -8.09 6.70 -19.54
C LEU A 183 -8.72 8.08 -19.85
N GLU A 184 -10.07 8.14 -19.83
CA GLU A 184 -10.83 9.38 -20.11
C GLU A 184 -11.03 10.20 -18.83
N HIS A 185 -11.21 11.52 -18.99
CA HIS A 185 -11.31 12.48 -17.88
C HIS A 185 -11.93 13.82 -18.38
N MET A 1 -19.26 -2.31 18.99
CA MET A 1 -18.35 -1.53 19.87
C MET A 1 -17.65 -0.45 19.04
N ASP A 2 -18.30 0.72 18.91
CA ASP A 2 -17.86 1.79 17.99
C ASP A 2 -16.50 2.40 18.40
N GLU A 3 -16.24 2.51 19.73
CA GLU A 3 -14.97 3.06 20.28
C GLU A 3 -13.73 2.33 19.72
N ASP A 4 -13.83 0.99 19.65
CA ASP A 4 -12.79 0.12 19.05
C ASP A 4 -12.64 0.42 17.56
N THR A 5 -13.79 0.42 16.88
CA THR A 5 -13.87 0.52 15.42
C THR A 5 -13.40 1.91 14.90
N GLU A 6 -13.58 2.96 15.73
CA GLU A 6 -13.22 4.36 15.36
C GLU A 6 -11.80 4.71 15.85
N ASP A 7 -11.23 3.86 16.75
CA ASP A 7 -9.82 3.98 17.21
C ASP A 7 -8.87 3.78 16.02
N TRP A 8 -9.29 2.85 15.11
CA TRP A 8 -8.77 2.73 13.73
C TRP A 8 -8.52 4.12 13.13
N GLU A 9 -9.61 4.91 12.99
CA GLU A 9 -9.61 6.25 12.38
C GLU A 9 -8.75 7.26 13.18
N THR A 10 -8.68 7.07 14.50
CA THR A 10 -8.06 8.01 15.44
C THR A 10 -6.52 8.09 15.21
N GLN A 11 -5.85 6.93 15.29
CA GLN A 11 -4.42 6.81 14.94
C GLN A 11 -4.18 6.98 13.43
N LEU A 12 -5.15 6.51 12.62
CA LEU A 12 -5.06 6.47 11.14
C LEU A 12 -4.87 7.87 10.54
N GLN A 13 -5.73 8.82 10.97
CA GLN A 13 -5.81 10.17 10.39
C GLN A 13 -4.48 10.94 10.48
N ALA A 14 -3.68 10.64 11.53
CA ALA A 14 -2.34 11.20 11.72
C ALA A 14 -1.33 10.59 10.73
N ASN A 15 -1.43 9.24 10.56
CA ASN A 15 -0.59 8.46 9.63
C ASN A 15 -0.83 8.88 8.17
N ARG A 16 -2.10 9.24 7.86
CA ARG A 16 -2.50 9.69 6.51
C ARG A 16 -1.96 11.09 6.28
N ASP A 17 -2.15 11.95 7.30
CA ASP A 17 -1.86 13.38 7.24
C ASP A 17 -0.41 13.66 6.82
N GLU A 18 0.54 13.03 7.53
CA GLU A 18 1.98 13.18 7.27
C GLU A 18 2.39 12.59 5.91
N LYS A 19 1.76 11.46 5.51
CA LYS A 19 2.08 10.78 4.24
C LYS A 19 1.43 11.53 3.04
N ASP A 20 0.36 12.28 3.34
CA ASP A 20 -0.36 13.10 2.35
C ASP A 20 0.47 14.36 2.02
N ARG A 21 0.82 15.12 3.09
CA ARG A 21 1.61 16.38 2.96
C ARG A 21 3.01 16.08 2.37
N PHE A 22 3.45 14.81 2.53
CA PHE A 22 4.76 14.32 2.01
C PHE A 22 4.85 14.51 0.47
N PHE A 23 3.75 14.19 -0.23
CA PHE A 23 3.65 14.25 -1.71
C PHE A 23 3.69 15.71 -2.27
N SER A 24 3.57 16.71 -1.38
CA SER A 24 3.54 18.15 -1.75
C SER A 24 4.69 18.96 -1.12
N GLU A 25 5.04 18.64 0.14
CA GLU A 25 5.95 19.46 0.96
C GLU A 25 7.37 18.92 0.92
N HIS A 26 7.50 17.58 0.99
CA HIS A 26 8.81 16.90 1.07
C HIS A 26 9.32 16.58 -0.35
N ARG A 27 8.57 15.73 -1.05
CA ARG A 27 8.94 15.21 -2.37
C ARG A 27 8.20 15.97 -3.46
N GLN A 28 8.92 16.21 -4.57
CA GLN A 28 8.33 16.73 -5.82
C GLN A 28 7.32 15.68 -6.33
N SER A 29 6.19 16.19 -6.84
CA SER A 29 4.98 15.41 -7.12
C SER A 29 5.27 14.10 -7.92
N PRO A 30 4.96 12.89 -7.31
CA PRO A 30 5.02 11.60 -8.02
C PRO A 30 3.79 11.38 -8.93
N ILE A 31 2.68 12.05 -8.57
CA ILE A 31 1.55 12.24 -9.47
C ILE A 31 1.86 13.49 -10.30
N PRO A 32 2.08 13.35 -11.67
CA PRO A 32 2.57 14.45 -12.56
C PRO A 32 2.02 15.86 -12.20
N PRO A 33 2.92 16.90 -12.06
CA PRO A 33 2.52 18.29 -11.67
C PRO A 33 1.33 18.85 -12.48
N GLU A 34 1.24 18.45 -13.77
CA GLU A 34 0.17 18.88 -14.69
C GLU A 34 -1.14 18.11 -14.42
N GLU A 35 -1.05 16.79 -14.14
CA GLU A 35 -2.23 15.94 -13.83
C GLU A 35 -2.89 16.42 -12.52
N ARG A 36 -2.08 16.63 -11.46
CA ARG A 36 -2.57 16.95 -10.11
C ARG A 36 -3.08 18.42 -10.00
N ASP A 37 -3.02 19.18 -11.10
CA ASP A 37 -3.66 20.51 -11.16
C ASP A 37 -5.19 20.37 -11.01
N ASP A 38 -5.75 19.39 -11.73
CA ASP A 38 -7.20 19.07 -11.70
C ASP A 38 -7.56 18.27 -10.43
N PHE A 39 -6.62 17.47 -9.94
CA PHE A 39 -6.79 16.60 -8.77
C PHE A 39 -6.37 17.32 -7.48
N ASP A 40 -6.84 16.78 -6.34
CA ASP A 40 -6.31 17.11 -5.00
C ASP A 40 -5.07 16.23 -4.72
N GLY A 41 -4.41 16.49 -3.57
CA GLY A 41 -3.19 15.78 -3.07
C GLY A 41 -3.13 14.23 -3.24
N LEU A 42 -2.52 13.53 -2.24
CA LEU A 42 -2.31 12.05 -2.29
C LEU A 42 -3.66 11.37 -2.64
N SER A 43 -3.81 11.01 -3.92
CA SER A 43 -4.99 10.32 -4.44
C SER A 43 -4.99 8.86 -3.96
N TYR A 44 -6.04 8.49 -3.21
CA TYR A 44 -6.26 7.12 -2.75
C TYR A 44 -7.77 6.86 -2.63
N PHE A 45 -8.15 5.72 -2.04
CA PHE A 45 -9.56 5.30 -1.93
C PHE A 45 -10.14 5.88 -0.63
N ASP A 46 -11.43 6.24 -0.63
CA ASP A 46 -12.04 6.98 0.50
C ASP A 46 -12.17 6.04 1.73
N PRO A 47 -11.60 6.43 2.93
CA PRO A 47 -11.45 5.56 4.14
C PRO A 47 -12.73 4.75 4.50
N ASP A 48 -12.67 3.44 4.23
CA ASP A 48 -13.80 2.52 4.32
C ASP A 48 -13.49 1.34 5.28
N PRO A 49 -14.33 1.10 6.35
CA PRO A 49 -14.16 -0.07 7.25
C PRO A 49 -14.76 -1.37 6.69
N ASP A 50 -15.56 -1.27 5.60
CA ASP A 50 -16.25 -2.45 5.00
C ASP A 50 -15.28 -3.35 4.23
N TYR A 51 -14.29 -2.73 3.56
CA TYR A 51 -13.29 -3.45 2.73
C TYR A 51 -12.05 -3.87 3.59
N ARG A 52 -12.18 -3.67 4.91
CA ARG A 52 -11.16 -3.99 5.91
C ARG A 52 -11.22 -5.48 6.30
N VAL A 53 -10.20 -6.25 5.91
CA VAL A 53 -10.13 -7.71 6.17
C VAL A 53 -8.94 -8.01 7.09
N GLU A 54 -9.12 -8.94 8.02
CA GLU A 54 -8.05 -9.37 8.95
C GLU A 54 -7.16 -10.45 8.29
N ALA A 55 -5.88 -10.51 8.70
CA ALA A 55 -4.89 -11.44 8.13
C ALA A 55 -3.93 -11.94 9.22
N THR A 56 -3.46 -13.19 9.07
CA THR A 56 -2.43 -13.78 9.95
C THR A 56 -1.04 -13.57 9.32
N VAL A 57 -0.13 -13.03 10.12
CA VAL A 57 1.27 -12.80 9.74
C VAL A 57 2.05 -14.12 9.75
N THR A 58 2.75 -14.39 8.65
CA THR A 58 3.64 -15.54 8.50
C THR A 58 5.05 -15.00 8.30
N VAL A 59 5.90 -15.05 9.33
CA VAL A 59 7.27 -14.49 9.27
C VAL A 59 8.25 -15.61 8.88
N HIS A 60 9.14 -15.29 7.92
CA HIS A 60 10.02 -16.28 7.27
C HIS A 60 11.44 -16.24 7.84
N GLU A 61 11.97 -17.44 8.15
CA GLU A 61 13.36 -17.66 8.60
C GLU A 61 14.37 -17.17 7.55
N THR A 62 13.99 -17.27 6.26
CA THR A 62 14.82 -16.87 5.12
C THR A 62 14.18 -15.64 4.41
N PRO A 63 14.57 -14.38 4.78
CA PRO A 63 14.10 -13.16 4.07
C PRO A 63 14.85 -12.98 2.72
N GLU A 64 14.09 -12.93 1.61
CA GLU A 64 14.66 -12.78 0.26
C GLU A 64 14.73 -11.28 -0.14
N SER A 65 15.64 -10.98 -1.08
CA SER A 65 15.91 -9.62 -1.55
C SER A 65 14.96 -9.29 -2.73
N VAL A 66 14.02 -8.36 -2.49
CA VAL A 66 12.99 -7.94 -3.45
C VAL A 66 13.12 -6.43 -3.68
N ASP A 67 13.48 -6.02 -4.91
CA ASP A 67 13.74 -4.61 -5.23
C ASP A 67 12.41 -3.88 -5.47
N LEU A 68 12.06 -2.95 -4.58
CA LEU A 68 10.76 -2.24 -4.62
C LEU A 68 10.96 -0.71 -4.63
N GLU A 69 9.85 0.03 -4.84
CA GLU A 69 9.86 1.49 -4.94
C GLU A 69 9.93 2.09 -3.53
N THR A 70 10.84 3.03 -3.34
CA THR A 70 10.97 3.81 -2.11
C THR A 70 10.49 5.25 -2.37
N SER A 71 10.50 6.08 -1.33
CA SER A 71 10.09 7.49 -1.39
C SER A 71 11.32 8.40 -1.69
N ASP A 72 12.38 7.78 -2.23
CA ASP A 72 13.67 8.43 -2.51
C ASP A 72 13.96 8.35 -4.04
N ASP A 73 12.89 8.58 -4.83
CA ASP A 73 12.91 8.70 -6.34
C ASP A 73 13.57 7.50 -7.05
N ARG A 74 13.53 6.32 -6.42
CA ARG A 74 14.40 5.20 -6.82
C ARG A 74 13.83 3.82 -6.39
N THR A 75 14.70 2.80 -6.51
CA THR A 75 14.40 1.42 -6.17
C THR A 75 15.49 0.98 -5.18
N VAL A 76 15.11 0.16 -4.20
CA VAL A 76 16.00 -0.32 -3.14
C VAL A 76 15.65 -1.75 -2.76
N ARG A 77 16.64 -2.45 -2.19
CA ARG A 77 16.52 -3.82 -1.70
C ARG A 77 15.59 -3.83 -0.46
N TYR A 78 14.50 -4.59 -0.55
CA TYR A 78 13.64 -4.91 0.61
C TYR A 78 13.88 -6.38 1.01
N LEU A 79 13.74 -6.68 2.30
CA LEU A 79 13.81 -8.04 2.83
C LEU A 79 12.39 -8.56 3.08
N HIS A 80 12.10 -9.78 2.58
CA HIS A 80 10.80 -10.41 2.76
C HIS A 80 10.71 -10.98 4.18
N VAL A 81 10.09 -10.20 5.06
CA VAL A 81 9.98 -10.57 6.48
C VAL A 81 8.71 -11.39 6.72
N ALA A 82 7.61 -11.06 6.02
CA ALA A 82 6.29 -11.64 6.31
C ALA A 82 5.43 -11.79 5.05
N THR A 83 4.38 -12.62 5.20
CA THR A 83 3.28 -12.76 4.24
C THR A 83 1.98 -12.74 5.03
N LEU A 84 1.03 -11.93 4.59
CA LEU A 84 -0.22 -11.67 5.30
C LEU A 84 -1.30 -12.51 4.62
N SER A 85 -1.68 -13.61 5.27
CA SER A 85 -2.62 -14.62 4.73
C SER A 85 -4.07 -14.25 5.10
N PHE A 86 -4.94 -14.14 4.09
CA PHE A 86 -6.35 -13.72 4.27
C PHE A 86 -7.22 -14.24 3.10
N ASP A 87 -8.49 -13.78 3.08
CA ASP A 87 -9.45 -14.07 2.01
C ASP A 87 -10.05 -12.73 1.53
N LEU A 88 -10.29 -12.64 0.21
CA LEU A 88 -10.80 -11.41 -0.43
C LEU A 88 -11.57 -11.78 -1.72
N ASP A 89 -12.70 -11.07 -1.96
CA ASP A 89 -13.55 -11.17 -3.17
C ASP A 89 -14.33 -12.51 -3.21
N GLY A 90 -13.62 -13.59 -3.53
CA GLY A 90 -14.18 -14.95 -3.51
C GLY A 90 -13.10 -16.02 -3.38
N GLU A 91 -11.83 -15.57 -3.27
CA GLU A 91 -10.63 -16.44 -3.24
C GLU A 91 -9.81 -16.14 -1.97
N SER A 92 -8.85 -17.03 -1.67
CA SER A 92 -7.85 -16.77 -0.62
C SER A 92 -6.72 -15.93 -1.23
N ARG A 93 -6.40 -14.78 -0.59
CA ARG A 93 -5.37 -13.83 -1.07
C ARG A 93 -4.27 -13.65 -0.03
N ASP A 94 -3.03 -13.53 -0.52
CA ASP A 94 -1.84 -13.27 0.29
C ASP A 94 -1.10 -12.05 -0.27
N LEU A 95 -0.74 -11.11 0.64
CA LEU A 95 0.11 -9.95 0.32
C LEU A 95 1.37 -10.02 1.18
N HIS A 96 2.52 -9.93 0.53
CA HIS A 96 3.82 -10.11 1.19
C HIS A 96 4.28 -8.75 1.76
N ALA A 97 4.68 -8.77 3.04
CA ALA A 97 5.11 -7.58 3.79
C ALA A 97 6.64 -7.54 3.83
N PHE A 98 7.20 -6.44 3.32
CA PHE A 98 8.64 -6.25 3.22
C PHE A 98 9.05 -4.97 3.98
N ARG A 99 10.37 -4.81 4.15
CA ARG A 99 10.99 -3.60 4.72
C ARG A 99 12.49 -3.63 4.37
N GLN A 100 13.06 -2.45 4.01
CA GLN A 100 14.33 -2.35 3.24
C GLN A 100 15.50 -3.21 3.79
N ALA A 101 16.11 -2.80 4.91
CA ALA A 101 17.18 -3.58 5.56
C ALA A 101 16.79 -4.00 6.99
N ALA A 102 16.87 -3.06 7.95
CA ALA A 102 16.72 -3.36 9.39
C ALA A 102 15.64 -2.45 10.02
N ASP A 103 14.53 -2.23 9.29
CA ASP A 103 13.44 -1.30 9.70
C ASP A 103 12.86 -1.68 11.08
N GLU A 104 12.83 -0.69 11.97
CA GLU A 104 12.15 -0.74 13.27
C GLU A 104 11.08 0.38 13.35
N SER A 105 10.88 1.08 12.22
CA SER A 105 9.90 2.18 12.09
C SER A 105 8.48 1.65 11.80
N ARG A 106 8.29 0.31 11.87
CA ARG A 106 6.98 -0.37 11.69
C ARG A 106 6.46 -0.22 10.24
N THR A 107 7.34 0.24 9.32
CA THR A 107 6.95 0.61 7.96
C THR A 107 6.90 -0.66 7.07
N LEU A 108 5.73 -1.29 7.05
CA LEU A 108 5.46 -2.48 6.24
C LEU A 108 5.00 -2.05 4.85
N PHE A 109 5.68 -2.57 3.84
CA PHE A 109 5.41 -2.26 2.45
C PHE A 109 4.82 -3.52 1.78
N VAL A 110 3.50 -3.50 1.49
CA VAL A 110 2.82 -4.60 0.76
C VAL A 110 2.42 -4.11 -0.66
N PRO A 111 3.24 -4.43 -1.70
CA PRO A 111 2.82 -4.25 -3.09
C PRO A 111 1.69 -5.23 -3.44
N PHE A 112 0.74 -4.78 -4.25
CA PHE A 112 -0.28 -5.64 -4.85
C PHE A 112 -0.50 -5.22 -6.30
N ARG A 113 -1.23 -6.05 -7.05
CA ARG A 113 -1.71 -5.71 -8.39
C ARG A 113 -3.13 -6.23 -8.54
N ASP A 114 -4.10 -5.32 -8.78
CA ASP A 114 -5.53 -5.67 -8.79
C ASP A 114 -6.10 -5.34 -10.20
N LYS A 115 -7.44 -5.27 -10.35
CA LYS A 115 -8.08 -5.07 -11.68
C LYS A 115 -8.21 -3.59 -12.08
N THR A 116 -7.78 -2.66 -11.20
CA THR A 116 -7.63 -1.24 -11.59
C THR A 116 -6.24 -1.04 -12.21
N THR A 117 -5.24 -1.80 -11.68
CA THR A 117 -3.84 -1.73 -12.11
C THR A 117 -3.68 -2.27 -13.55
N GLY A 118 -3.11 -1.45 -14.44
CA GLY A 118 -2.95 -1.78 -15.86
C GLY A 118 -4.16 -1.44 -16.74
N GLN A 119 -5.33 -1.16 -16.12
CA GLN A 119 -6.61 -0.98 -16.84
C GLN A 119 -7.07 0.50 -16.80
N GLN A 120 -7.58 0.95 -15.63
CA GLN A 120 -8.08 2.34 -15.42
C GLN A 120 -7.03 3.20 -14.65
N SER A 121 -5.79 2.69 -14.68
CA SER A 121 -4.60 3.28 -14.02
C SER A 121 -3.40 2.40 -14.39
N TYR A 122 -2.18 2.98 -14.41
CA TYR A 122 -0.98 2.27 -14.94
C TYR A 122 -0.50 1.12 -14.00
N ASP A 123 0.35 0.24 -14.57
CA ASP A 123 0.85 -0.98 -13.92
C ASP A 123 2.35 -0.83 -13.56
N GLY A 124 3.13 -1.94 -13.54
CA GLY A 124 4.54 -1.92 -13.13
C GLY A 124 4.67 -2.25 -11.64
N GLY A 125 3.71 -1.72 -10.86
CA GLY A 125 3.57 -2.03 -9.45
C GLY A 125 2.59 -1.08 -8.80
N ARG A 126 1.86 -1.58 -7.79
CA ARG A 126 0.99 -0.78 -6.91
C ARG A 126 1.31 -1.18 -5.48
N TYR A 127 1.06 -0.28 -4.52
CA TYR A 127 1.48 -0.51 -3.13
C TYR A 127 0.42 -0.05 -2.12
N MET A 128 0.54 -0.64 -0.93
CA MET A 128 -0.27 -0.35 0.25
C MET A 128 0.69 -0.44 1.46
N GLU A 129 0.53 0.42 2.47
CA GLU A 129 1.51 0.53 3.58
C GLU A 129 0.78 0.45 4.93
N LEU A 130 1.28 -0.42 5.82
CA LEU A 130 0.75 -0.61 7.18
C LEU A 130 1.80 -0.18 8.20
N GLU A 131 1.35 0.49 9.27
CA GLU A 131 2.19 0.85 10.43
C GLU A 131 1.50 0.26 11.68
N PRO A 132 1.83 -1.02 12.06
CA PRO A 132 1.19 -1.71 13.21
C PRO A 132 1.55 -1.07 14.57
N ASP A 133 0.71 -1.38 15.57
CA ASP A 133 0.80 -0.85 16.95
C ASP A 133 2.02 -1.42 17.69
N ARG A 134 2.51 -2.55 17.16
CA ARG A 134 3.67 -3.29 17.66
C ARG A 134 4.25 -4.08 16.49
N ASP A 135 5.49 -4.58 16.62
CA ASP A 135 6.18 -5.24 15.51
C ASP A 135 5.67 -6.68 15.37
N LEU A 136 5.54 -7.16 14.13
CA LEU A 136 4.79 -8.40 13.83
C LEU A 136 5.69 -9.64 13.92
N SER A 137 5.14 -10.67 14.57
CA SER A 137 5.80 -11.96 14.81
C SER A 137 5.12 -13.09 14.00
N ASP A 138 5.72 -14.29 14.02
CA ASP A 138 5.20 -15.46 13.30
C ASP A 138 3.98 -16.05 14.05
N GLY A 139 2.80 -15.88 13.44
CA GLY A 139 1.52 -16.28 14.05
C GLY A 139 0.76 -15.10 14.65
N ASP A 140 1.34 -13.90 14.57
CA ASP A 140 0.70 -12.63 15.00
C ASP A 140 -0.38 -12.24 13.96
N GLU A 141 -1.27 -11.30 14.28
CA GLU A 141 -2.30 -10.81 13.32
C GLU A 141 -1.99 -9.38 12.86
N ILE A 142 -2.70 -8.95 11.81
CA ILE A 142 -2.57 -7.61 11.19
C ILE A 142 -3.88 -7.29 10.44
N THR A 143 -4.18 -6.00 10.27
CA THR A 143 -5.40 -5.51 9.63
C THR A 143 -5.08 -4.92 8.23
N LEU A 144 -5.78 -5.41 7.19
CA LEU A 144 -5.54 -5.07 5.77
C LEU A 144 -6.77 -4.33 5.23
N ASP A 145 -6.78 -3.00 5.30
CA ASP A 145 -7.85 -2.17 4.72
C ASP A 145 -7.30 -1.41 3.49
N PHE A 146 -7.62 -1.96 2.32
CA PHE A 146 -7.08 -1.51 1.00
C PHE A 146 -7.67 -0.16 0.53
N ASN A 147 -8.50 0.48 1.37
CA ASN A 147 -8.93 1.88 1.14
C ASN A 147 -7.72 2.82 1.23
N LEU A 148 -6.75 2.43 2.08
CA LEU A 148 -5.50 3.19 2.33
C LEU A 148 -4.54 3.17 1.12
N ALA A 149 -4.86 2.34 0.11
CA ALA A 149 -3.93 2.06 -1.00
C ALA A 149 -3.71 3.30 -1.86
N TYR A 150 -2.43 3.58 -2.08
CA TYR A 150 -1.95 4.85 -2.64
C TYR A 150 -1.73 4.69 -4.14
N SER A 151 -1.86 5.81 -4.86
CA SER A 151 -1.41 5.90 -6.24
C SER A 151 0.15 5.77 -6.28
N PRO A 152 0.70 4.79 -7.09
CA PRO A 152 2.16 4.46 -7.06
C PRO A 152 3.03 5.57 -7.67
N PHE A 153 4.10 5.96 -6.92
CA PHE A 153 5.16 6.88 -7.38
C PHE A 153 5.60 6.57 -8.83
N CYS A 154 6.02 5.32 -9.04
CA CYS A 154 6.70 4.87 -10.27
C CYS A 154 5.74 4.78 -11.47
N ALA A 155 4.52 4.24 -11.22
CA ALA A 155 3.50 4.05 -12.28
C ALA A 155 3.12 5.38 -12.96
N TYR A 156 3.04 6.45 -12.16
CA TYR A 156 2.65 7.78 -12.63
C TYR A 156 3.86 8.65 -13.05
N SER A 157 5.06 8.33 -12.51
CA SER A 157 6.32 9.06 -12.85
C SER A 157 7.50 8.08 -12.95
N ASP A 158 8.12 8.02 -14.15
CA ASP A 158 9.21 7.06 -14.46
C ASP A 158 10.55 7.53 -13.86
N THR A 159 10.62 8.82 -13.46
CA THR A 159 11.75 9.38 -12.70
C THR A 159 11.91 8.67 -11.32
N PHE A 160 10.82 8.03 -10.87
CA PHE A 160 10.84 7.06 -9.76
C PHE A 160 11.03 5.66 -10.41
N SER A 161 12.14 4.99 -10.06
CA SER A 161 12.48 3.68 -10.65
C SER A 161 11.50 2.59 -10.15
N CYS A 162 11.06 1.71 -11.08
CA CYS A 162 9.88 0.84 -10.89
C CYS A 162 10.16 -0.33 -9.91
N PRO A 163 9.16 -0.75 -9.06
CA PRO A 163 9.29 -1.92 -8.18
C PRO A 163 9.20 -3.25 -8.94
N LEU A 164 9.58 -4.34 -8.26
CA LEU A 164 9.43 -5.72 -8.74
C LEU A 164 8.33 -6.40 -7.90
N PRO A 165 7.03 -6.32 -8.33
CA PRO A 165 5.93 -6.99 -7.61
C PRO A 165 5.90 -8.50 -7.97
N PRO A 166 5.67 -9.41 -6.98
CA PRO A 166 5.52 -10.86 -7.26
C PRO A 166 4.23 -11.18 -8.07
N GLU A 167 4.02 -12.47 -8.32
CA GLU A 167 2.79 -13.00 -8.94
C GLU A 167 1.76 -13.36 -7.85
N SER A 168 2.26 -13.68 -6.64
CA SER A 168 1.45 -14.16 -5.49
C SER A 168 0.52 -13.07 -4.90
N ASN A 169 0.85 -11.79 -5.17
CA ASN A 169 0.16 -10.62 -4.57
C ASN A 169 -0.96 -10.08 -5.49
N TRP A 170 -1.22 -10.80 -6.60
CA TRP A 170 -2.22 -10.40 -7.61
C TRP A 170 -3.63 -10.70 -7.10
N LEU A 171 -4.46 -9.64 -7.00
CA LEU A 171 -5.85 -9.72 -6.56
C LEU A 171 -6.75 -9.70 -7.81
N GLU A 172 -7.55 -10.76 -8.03
CA GLU A 172 -8.51 -10.84 -9.17
C GLU A 172 -9.84 -10.17 -8.74
N THR A 173 -9.71 -8.90 -8.36
CA THR A 173 -10.79 -8.03 -7.87
C THR A 173 -10.39 -6.57 -8.03
N ALA A 174 -11.36 -5.68 -8.17
CA ALA A 174 -11.12 -4.24 -8.27
C ALA A 174 -11.13 -3.65 -6.87
N VAL A 175 -9.93 -3.39 -6.32
CA VAL A 175 -9.76 -2.65 -5.07
C VAL A 175 -10.34 -1.24 -5.23
N THR A 176 -11.61 -1.13 -4.86
CA THR A 176 -12.36 0.13 -4.81
C THR A 176 -13.05 0.19 -3.45
N ALA A 177 -12.88 1.32 -2.76
CA ALA A 177 -13.44 1.55 -1.43
C ALA A 177 -13.78 3.04 -1.32
N GLY A 178 -15.05 3.35 -1.01
CA GLY A 178 -15.56 4.71 -1.14
C GLY A 178 -15.37 5.31 -2.55
N GLU A 179 -15.11 6.63 -2.60
CA GLU A 179 -14.72 7.35 -3.83
C GLU A 179 -13.37 6.84 -4.37
N ARG A 180 -13.21 6.94 -5.70
CA ARG A 180 -12.06 6.38 -6.45
C ARG A 180 -12.00 6.96 -7.88
N THR A 181 -10.89 6.61 -8.60
CA THR A 181 -10.77 6.78 -10.06
C THR A 181 -12.05 6.35 -10.81
N ASP A 182 -12.69 7.33 -11.45
CA ASP A 182 -13.93 7.17 -12.22
C ASP A 182 -13.85 8.06 -13.48
N LEU A 183 -14.58 7.67 -14.54
CA LEU A 183 -14.49 8.31 -15.88
C LEU A 183 -14.92 9.81 -15.85
N GLU A 184 -15.82 10.17 -14.91
CA GLU A 184 -16.34 11.54 -14.75
C GLU A 184 -16.41 11.93 -13.25
N HIS A 185 -15.23 12.00 -12.62
CA HIS A 185 -15.07 12.36 -11.20
C HIS A 185 -13.70 13.05 -10.98
N MET A 1 -18.96 -1.79 17.73
CA MET A 1 -18.66 -1.27 16.37
C MET A 1 -17.79 -0.02 16.46
N ASP A 2 -18.40 1.10 16.92
CA ASP A 2 -17.80 2.44 16.89
C ASP A 2 -16.53 2.53 17.75
N GLU A 3 -16.56 1.91 18.95
CA GLU A 3 -15.46 1.98 19.93
C GLU A 3 -14.18 1.26 19.41
N ASP A 4 -14.37 0.31 18.47
CA ASP A 4 -13.28 -0.43 17.83
C ASP A 4 -12.81 0.33 16.56
N THR A 5 -13.79 0.83 15.81
CA THR A 5 -13.57 1.46 14.50
C THR A 5 -12.87 2.84 14.65
N GLU A 6 -13.09 3.50 15.82
CA GLU A 6 -12.41 4.76 16.13
C GLU A 6 -10.89 4.53 16.27
N ASP A 7 -10.48 3.43 16.97
CA ASP A 7 -9.06 3.05 17.14
C ASP A 7 -8.39 2.74 15.79
N TRP A 8 -9.10 1.96 14.96
CA TRP A 8 -8.76 1.75 13.53
C TRP A 8 -8.39 3.09 12.85
N GLU A 9 -9.27 4.10 13.00
CA GLU A 9 -9.07 5.40 12.37
C GLU A 9 -8.15 6.33 13.21
N THR A 10 -7.88 5.99 14.50
CA THR A 10 -7.00 6.80 15.37
C THR A 10 -5.55 6.68 14.86
N GLN A 11 -5.08 5.43 14.69
CA GLN A 11 -3.78 5.16 14.04
C GLN A 11 -3.77 5.65 12.58
N LEU A 12 -4.87 5.38 11.85
CA LEU A 12 -4.98 5.68 10.40
C LEU A 12 -4.81 7.17 10.11
N GLN A 13 -5.62 8.02 10.78
CA GLN A 13 -5.66 9.47 10.55
C GLN A 13 -4.27 10.08 10.71
N ALA A 14 -3.50 9.59 11.69
CA ALA A 14 -2.13 10.03 11.94
C ALA A 14 -1.16 9.53 10.84
N ASN A 15 -1.25 8.21 10.56
CA ASN A 15 -0.37 7.49 9.60
C ASN A 15 -0.51 8.02 8.16
N ARG A 16 -1.68 8.60 7.82
CA ARG A 16 -1.96 9.10 6.44
C ARG A 16 -1.86 10.63 6.34
N ASP A 17 -2.06 11.34 7.48
CA ASP A 17 -1.99 12.83 7.53
C ASP A 17 -0.55 13.30 7.28
N GLU A 18 0.40 12.56 7.88
CA GLU A 18 1.82 12.75 7.64
C GLU A 18 2.16 12.47 6.16
N LYS A 19 1.49 11.46 5.55
CA LYS A 19 1.72 11.05 4.14
C LYS A 19 1.08 12.03 3.15
N ASP A 20 0.02 12.70 3.61
CA ASP A 20 -0.73 13.71 2.84
C ASP A 20 0.16 14.92 2.55
N ARG A 21 0.90 15.36 3.58
CA ARG A 21 1.85 16.48 3.47
C ARG A 21 3.26 15.98 3.13
N PHE A 22 3.51 14.67 3.26
CA PHE A 22 4.80 14.03 2.87
C PHE A 22 5.11 14.30 1.39
N PHE A 23 4.07 14.24 0.55
CA PHE A 23 4.20 14.50 -0.91
C PHE A 23 4.25 16.01 -1.21
N SER A 24 3.74 16.83 -0.27
CA SER A 24 3.55 18.28 -0.50
C SER A 24 4.79 19.11 -0.07
N GLU A 25 5.38 18.77 1.09
CA GLU A 25 6.46 19.60 1.72
C GLU A 25 7.74 18.78 1.99
N HIS A 26 7.58 17.58 2.58
CA HIS A 26 8.71 16.76 3.07
C HIS A 26 9.53 16.20 1.91
N ARG A 27 8.80 15.58 1.02
CA ARG A 27 9.31 14.90 -0.16
C ARG A 27 8.72 15.58 -1.40
N GLN A 28 9.47 15.50 -2.49
CA GLN A 28 9.00 15.94 -3.80
C GLN A 28 7.95 14.93 -4.32
N SER A 29 6.75 15.43 -4.64
CA SER A 29 5.61 14.64 -5.12
C SER A 29 5.96 13.79 -6.36
N PRO A 30 5.67 12.45 -6.33
CA PRO A 30 5.67 11.58 -7.53
C PRO A 30 4.64 12.01 -8.59
N ILE A 31 3.56 12.68 -8.13
CA ILE A 31 2.55 13.24 -9.04
C ILE A 31 3.21 14.34 -9.89
N PRO A 32 3.43 14.10 -11.23
CA PRO A 32 4.34 14.93 -12.07
C PRO A 32 3.89 16.41 -12.14
N PRO A 33 4.86 17.38 -12.30
CA PRO A 33 4.57 18.83 -12.28
C PRO A 33 3.45 19.25 -13.25
N GLU A 34 3.35 18.55 -14.39
CA GLU A 34 2.29 18.74 -15.39
C GLU A 34 0.90 18.34 -14.83
N GLU A 35 0.82 17.22 -14.10
CA GLU A 35 -0.44 16.69 -13.57
C GLU A 35 -0.88 17.40 -12.28
N ARG A 36 0.06 17.65 -11.32
CA ARG A 36 -0.28 18.12 -9.95
C ARG A 36 -0.85 19.56 -9.94
N ASP A 37 -0.79 20.23 -11.10
CA ASP A 37 -1.45 21.52 -11.36
C ASP A 37 -2.99 21.36 -11.30
N ASP A 38 -3.49 20.35 -12.05
CA ASP A 38 -4.94 20.03 -12.14
C ASP A 38 -5.35 19.04 -11.05
N PHE A 39 -4.44 18.12 -10.73
CA PHE A 39 -4.66 17.00 -9.81
C PHE A 39 -4.19 17.38 -8.40
N ASP A 40 -4.71 16.65 -7.42
CA ASP A 40 -4.44 16.85 -5.98
C ASP A 40 -3.42 15.80 -5.50
N GLY A 41 -2.97 15.97 -4.25
CA GLY A 41 -2.16 14.98 -3.49
C GLY A 41 -2.65 13.52 -3.55
N LEU A 42 -2.43 12.75 -2.46
CA LEU A 42 -2.74 11.31 -2.40
C LEU A 42 -4.24 11.07 -2.66
N SER A 43 -4.58 10.79 -3.92
CA SER A 43 -5.93 10.43 -4.35
C SER A 43 -6.09 8.91 -4.30
N TYR A 44 -7.08 8.43 -3.53
CA TYR A 44 -7.27 7.00 -3.25
C TYR A 44 -8.74 6.67 -2.94
N PHE A 45 -8.96 5.43 -2.49
CA PHE A 45 -10.29 4.90 -2.20
C PHE A 45 -10.66 5.31 -0.76
N ASP A 46 -11.90 5.80 -0.55
CA ASP A 46 -12.29 6.42 0.75
C ASP A 46 -12.46 5.31 1.82
N PRO A 47 -11.62 5.32 2.92
CA PRO A 47 -11.56 4.23 3.96
C PRO A 47 -12.93 3.65 4.39
N ASP A 48 -13.15 2.36 4.06
CA ASP A 48 -14.38 1.61 4.42
C ASP A 48 -14.03 0.62 5.54
N PRO A 49 -14.72 0.69 6.72
CA PRO A 49 -14.51 -0.28 7.84
C PRO A 49 -15.04 -1.70 7.51
N ASP A 50 -15.91 -1.78 6.48
CA ASP A 50 -16.48 -3.04 5.99
C ASP A 50 -15.61 -3.68 4.88
N TYR A 51 -14.72 -2.88 4.27
CA TYR A 51 -13.75 -3.39 3.27
C TYR A 51 -12.45 -3.82 4.00
N ARG A 52 -12.40 -3.51 5.31
CA ARG A 52 -11.34 -3.92 6.22
C ARG A 52 -11.28 -5.45 6.34
N VAL A 53 -10.09 -6.02 6.13
CA VAL A 53 -9.82 -7.45 6.36
C VAL A 53 -8.52 -7.55 7.18
N GLU A 54 -8.43 -8.51 8.08
CA GLU A 54 -7.20 -8.76 8.86
C GLU A 54 -6.53 -10.04 8.36
N ALA A 55 -5.18 -10.05 8.35
CA ALA A 55 -4.38 -11.11 7.73
C ALA A 55 -3.33 -11.63 8.72
N THR A 56 -3.08 -12.95 8.67
CA THR A 56 -2.15 -13.63 9.56
C THR A 56 -0.70 -13.43 9.07
N VAL A 57 0.12 -12.82 9.92
CA VAL A 57 1.53 -12.50 9.63
C VAL A 57 2.38 -13.77 9.69
N THR A 58 3.12 -14.03 8.60
CA THR A 58 3.99 -15.20 8.46
C THR A 58 5.42 -14.69 8.19
N VAL A 59 6.25 -14.65 9.24
CA VAL A 59 7.56 -13.99 9.19
C VAL A 59 8.60 -14.94 8.58
N HIS A 60 9.41 -14.40 7.67
CA HIS A 60 10.48 -15.15 7.00
C HIS A 60 11.76 -15.04 7.82
N GLU A 61 12.12 -16.16 8.48
CA GLU A 61 13.36 -16.34 9.27
C GLU A 61 14.62 -15.91 8.48
N THR A 62 14.57 -16.10 7.16
CA THR A 62 15.64 -15.72 6.23
C THR A 62 15.06 -14.74 5.18
N PRO A 63 15.13 -13.39 5.43
CA PRO A 63 14.52 -12.38 4.53
C PRO A 63 15.21 -12.31 3.15
N GLU A 64 14.43 -12.51 2.08
CA GLU A 64 14.95 -12.54 0.69
C GLU A 64 14.84 -11.14 0.05
N SER A 65 15.80 -10.82 -0.82
CA SER A 65 15.91 -9.49 -1.45
C SER A 65 14.91 -9.34 -2.62
N VAL A 66 14.03 -8.33 -2.54
CA VAL A 66 12.99 -8.03 -3.53
C VAL A 66 13.08 -6.54 -3.91
N ASP A 67 13.33 -6.23 -5.19
CA ASP A 67 13.57 -4.84 -5.64
C ASP A 67 12.24 -4.11 -5.84
N LEU A 68 11.96 -3.14 -4.97
CA LEU A 68 10.74 -2.32 -4.99
C LEU A 68 11.15 -0.85 -4.96
N GLU A 69 10.25 0.05 -5.36
CA GLU A 69 10.50 1.51 -5.32
C GLU A 69 10.26 2.04 -3.89
N THR A 70 11.04 3.07 -3.51
CA THR A 70 10.85 3.80 -2.24
C THR A 70 10.09 5.12 -2.51
N SER A 71 9.83 5.89 -1.43
CA SER A 71 9.09 7.17 -1.50
C SER A 71 10.02 8.37 -1.79
N ASP A 72 11.22 8.10 -2.36
CA ASP A 72 12.32 9.09 -2.44
C ASP A 72 12.97 9.04 -3.84
N ASP A 73 12.11 9.09 -4.90
CA ASP A 73 12.51 9.01 -6.35
C ASP A 73 13.06 7.63 -6.77
N ARG A 74 13.63 6.89 -5.82
CA ARG A 74 14.61 5.85 -6.08
C ARG A 74 13.92 4.47 -6.14
N THR A 75 14.73 3.44 -6.39
CA THR A 75 14.33 2.06 -6.43
C THR A 75 15.42 1.30 -5.68
N VAL A 76 15.02 0.49 -4.72
CA VAL A 76 15.92 -0.07 -3.70
C VAL A 76 15.54 -1.49 -3.35
N ARG A 77 16.50 -2.19 -2.77
CA ARG A 77 16.34 -3.54 -2.26
C ARG A 77 15.46 -3.47 -1.00
N TYR A 78 14.42 -4.31 -0.96
CA TYR A 78 13.59 -4.56 0.24
C TYR A 78 13.83 -5.98 0.73
N LEU A 79 13.82 -6.17 2.04
CA LEU A 79 13.91 -7.50 2.66
C LEU A 79 12.52 -8.00 2.98
N HIS A 80 12.18 -9.19 2.44
CA HIS A 80 10.89 -9.83 2.63
C HIS A 80 10.82 -10.41 4.05
N VAL A 81 10.16 -9.67 4.94
CA VAL A 81 10.10 -9.99 6.36
C VAL A 81 8.83 -10.74 6.75
N ALA A 82 7.72 -10.54 6.01
CA ALA A 82 6.43 -11.15 6.35
C ALA A 82 5.57 -11.43 5.11
N THR A 83 4.62 -12.36 5.27
CA THR A 83 3.57 -12.64 4.29
C THR A 83 2.23 -12.68 5.06
N LEU A 84 1.26 -11.89 4.59
CA LEU A 84 0.00 -11.66 5.28
C LEU A 84 -1.09 -12.49 4.58
N SER A 85 -1.48 -13.59 5.21
CA SER A 85 -2.40 -14.59 4.64
C SER A 85 -3.85 -14.32 5.08
N PHE A 86 -4.77 -14.22 4.10
CA PHE A 86 -6.19 -13.90 4.35
C PHE A 86 -7.06 -14.48 3.22
N ASP A 87 -8.35 -14.13 3.24
CA ASP A 87 -9.30 -14.42 2.15
C ASP A 87 -9.90 -13.10 1.66
N LEU A 88 -10.26 -13.04 0.37
CA LEU A 88 -10.89 -11.85 -0.23
C LEU A 88 -11.68 -12.24 -1.48
N ASP A 89 -12.87 -11.60 -1.66
CA ASP A 89 -13.73 -11.70 -2.85
C ASP A 89 -14.38 -13.10 -2.96
N GLY A 90 -13.59 -14.09 -3.40
CA GLY A 90 -14.05 -15.47 -3.53
C GLY A 90 -12.89 -16.47 -3.56
N GLU A 91 -11.69 -16.00 -3.17
CA GLU A 91 -10.47 -16.83 -3.15
C GLU A 91 -9.60 -16.49 -1.95
N SER A 92 -8.65 -17.39 -1.62
CA SER A 92 -7.60 -17.14 -0.63
C SER A 92 -6.55 -16.17 -1.24
N ARG A 93 -6.24 -15.09 -0.51
CA ARG A 93 -5.33 -14.03 -0.99
C ARG A 93 -4.20 -13.78 0.01
N ASP A 94 -3.03 -13.43 -0.52
CA ASP A 94 -1.85 -13.02 0.28
C ASP A 94 -1.41 -11.62 -0.12
N LEU A 95 -0.79 -10.89 0.83
CA LEU A 95 -0.03 -9.66 0.57
C LEU A 95 1.29 -9.75 1.33
N HIS A 96 2.41 -9.57 0.64
CA HIS A 96 3.73 -9.72 1.25
C HIS A 96 4.19 -8.36 1.81
N ALA A 97 4.70 -8.37 3.05
CA ALA A 97 5.18 -7.18 3.76
C ALA A 97 6.71 -7.14 3.74
N PHE A 98 7.26 -5.98 3.33
CA PHE A 98 8.72 -5.78 3.20
C PHE A 98 9.13 -4.50 3.92
N ARG A 99 10.45 -4.27 3.98
CA ARG A 99 11.06 -3.02 4.45
C ARG A 99 12.50 -2.97 3.94
N GLN A 100 12.98 -1.76 3.56
CA GLN A 100 14.17 -1.54 2.71
C GLN A 100 15.42 -2.36 3.18
N ALA A 101 16.06 -1.95 4.28
CA ALA A 101 17.21 -2.70 4.84
C ALA A 101 16.88 -3.26 6.23
N ALA A 102 16.96 -2.40 7.26
CA ALA A 102 16.85 -2.84 8.67
C ALA A 102 15.85 -1.96 9.45
N ASP A 103 14.74 -1.60 8.79
CA ASP A 103 13.73 -0.68 9.36
C ASP A 103 13.17 -1.18 10.71
N GLU A 104 13.00 -0.25 11.65
CA GLU A 104 12.35 -0.50 12.95
C GLU A 104 11.32 0.60 13.27
N SER A 105 11.01 1.42 12.25
CA SER A 105 10.04 2.53 12.33
C SER A 105 8.61 2.07 11.95
N ARG A 106 8.37 0.73 12.01
CA ARG A 106 7.05 0.09 11.76
C ARG A 106 6.64 0.14 10.27
N THR A 107 7.51 0.68 9.39
CA THR A 107 7.16 0.99 8.01
C THR A 107 7.22 -0.29 7.15
N LEU A 108 6.04 -0.89 6.91
CA LEU A 108 5.90 -2.11 6.12
C LEU A 108 5.20 -1.78 4.80
N PHE A 109 5.80 -2.21 3.69
CA PHE A 109 5.32 -1.94 2.34
C PHE A 109 4.58 -3.19 1.83
N VAL A 110 3.25 -3.08 1.62
CA VAL A 110 2.40 -4.20 1.14
C VAL A 110 1.74 -3.85 -0.22
N PRO A 111 2.34 -4.26 -1.36
CA PRO A 111 1.74 -4.05 -2.68
C PRO A 111 0.56 -5.04 -2.94
N PHE A 112 -0.49 -4.56 -3.65
CA PHE A 112 -1.55 -5.45 -4.15
C PHE A 112 -1.87 -5.09 -5.61
N ARG A 113 -1.71 -6.05 -6.53
CA ARG A 113 -1.93 -5.82 -7.97
C ARG A 113 -3.26 -6.47 -8.36
N ASP A 114 -4.27 -5.66 -8.68
CA ASP A 114 -5.67 -6.13 -8.78
C ASP A 114 -6.21 -5.92 -10.21
N LYS A 115 -7.56 -5.96 -10.38
CA LYS A 115 -8.21 -5.85 -11.71
C LYS A 115 -8.53 -4.40 -12.09
N THR A 116 -8.26 -3.41 -11.20
CA THR A 116 -8.27 -1.98 -11.62
C THR A 116 -7.00 -1.67 -12.44
N THR A 117 -5.94 -2.48 -12.20
CA THR A 117 -4.63 -2.34 -12.86
C THR A 117 -4.75 -2.48 -14.39
N GLY A 118 -4.58 -1.35 -15.09
CA GLY A 118 -4.62 -1.27 -16.55
C GLY A 118 -6.01 -1.43 -17.16
N GLN A 119 -7.08 -1.32 -16.34
CA GLN A 119 -8.47 -1.51 -16.80
C GLN A 119 -9.28 -0.21 -16.56
N GLN A 120 -9.83 -0.03 -15.33
CA GLN A 120 -10.57 1.20 -14.96
C GLN A 120 -9.66 2.18 -14.19
N SER A 121 -8.36 1.85 -14.19
CA SER A 121 -7.29 2.61 -13.53
C SER A 121 -5.98 2.27 -14.25
N TYR A 122 -4.89 2.97 -13.90
CA TYR A 122 -3.60 2.85 -14.59
C TYR A 122 -2.94 1.49 -14.24
N ASP A 123 -1.95 1.09 -15.05
CA ASP A 123 -1.24 -0.21 -14.89
C ASP A 123 -0.15 -0.13 -13.80
N GLY A 124 0.70 -1.19 -13.72
CA GLY A 124 1.75 -1.28 -12.70
C GLY A 124 1.29 -2.07 -11.49
N GLY A 125 0.12 -1.69 -10.96
CA GLY A 125 -0.43 -2.27 -9.73
C GLY A 125 -0.74 -1.20 -8.72
N ARG A 126 -1.38 -1.59 -7.61
CA ARG A 126 -1.62 -0.70 -6.47
C ARG A 126 -0.60 -1.09 -5.39
N TYR A 127 -0.24 -0.17 -4.50
CA TYR A 127 0.59 -0.51 -3.35
C TYR A 127 0.20 0.31 -2.13
N MET A 128 -0.04 -0.43 -1.04
CA MET A 128 -0.32 0.09 0.28
C MET A 128 0.96 0.13 1.11
N GLU A 129 0.89 0.87 2.21
CA GLU A 129 1.91 0.90 3.25
C GLU A 129 1.22 0.99 4.61
N LEU A 130 1.51 0.03 5.50
CA LEU A 130 0.93 -0.03 6.85
C LEU A 130 2.03 0.03 7.89
N GLU A 131 1.72 0.70 9.00
CA GLU A 131 2.62 0.86 10.14
C GLU A 131 1.88 0.39 11.40
N PRO A 132 2.08 -0.91 11.81
CA PRO A 132 1.40 -1.53 12.99
C PRO A 132 1.78 -0.88 14.33
N ASP A 133 1.08 -1.30 15.40
CA ASP A 133 1.31 -0.84 16.77
C ASP A 133 2.68 -1.35 17.24
N ARG A 134 2.84 -2.68 17.23
CA ARG A 134 4.11 -3.35 17.55
C ARG A 134 4.68 -4.04 16.31
N ASP A 135 5.84 -4.71 16.45
CA ASP A 135 6.50 -5.40 15.32
C ASP A 135 5.82 -6.75 15.09
N LEU A 136 5.29 -6.95 13.87
CA LEU A 136 4.46 -8.11 13.54
C LEU A 136 5.30 -9.40 13.53
N SER A 137 4.86 -10.37 14.33
CA SER A 137 5.56 -11.67 14.49
C SER A 137 4.66 -12.79 13.94
N ASP A 138 5.25 -13.98 13.70
CA ASP A 138 4.53 -15.11 13.10
C ASP A 138 3.46 -15.66 14.08
N GLY A 139 2.20 -15.32 13.80
CA GLY A 139 1.06 -15.68 14.64
C GLY A 139 0.17 -14.47 14.91
N ASP A 140 0.78 -13.26 14.91
CA ASP A 140 0.05 -11.98 14.96
C ASP A 140 -0.79 -11.79 13.70
N GLU A 141 -1.73 -10.84 13.76
CA GLU A 141 -2.52 -10.42 12.59
C GLU A 141 -2.41 -8.90 12.42
N ILE A 142 -2.85 -8.41 11.26
CA ILE A 142 -2.64 -7.01 10.82
C ILE A 142 -3.83 -6.54 9.98
N THR A 143 -4.19 -5.27 10.10
CA THR A 143 -5.30 -4.64 9.38
C THR A 143 -4.90 -4.29 7.92
N LEU A 144 -5.75 -4.69 6.96
CA LEU A 144 -5.53 -4.50 5.50
C LEU A 144 -6.80 -3.84 4.90
N ASP A 145 -6.80 -2.50 4.84
CA ASP A 145 -7.84 -1.75 4.10
C ASP A 145 -7.24 -1.33 2.75
N PHE A 146 -7.68 -2.01 1.68
CA PHE A 146 -7.20 -1.76 0.29
C PHE A 146 -7.54 -0.34 -0.22
N ASN A 147 -8.36 0.34 0.59
CA ASN A 147 -8.76 1.73 0.39
C ASN A 147 -7.56 2.68 0.54
N LEU A 148 -6.61 2.29 1.42
CA LEU A 148 -5.48 3.14 1.84
C LEU A 148 -4.31 3.04 0.82
N ALA A 149 -4.60 2.54 -0.39
CA ALA A 149 -3.63 2.41 -1.48
C ALA A 149 -3.23 3.79 -2.01
N TYR A 150 -1.93 4.10 -1.94
CA TYR A 150 -1.40 5.40 -2.34
C TYR A 150 -1.27 5.43 -3.86
N SER A 151 -1.71 6.55 -4.50
CA SER A 151 -1.63 6.77 -5.96
C SER A 151 -0.23 6.37 -6.50
N PRO A 152 -0.15 5.25 -7.32
CA PRO A 152 1.13 4.57 -7.61
C PRO A 152 2.19 5.51 -8.20
N PHE A 153 3.32 5.64 -7.47
CA PHE A 153 4.38 6.63 -7.75
C PHE A 153 5.01 6.43 -9.14
N CYS A 154 5.36 5.17 -9.47
CA CYS A 154 5.94 4.77 -10.78
C CYS A 154 4.98 5.06 -11.94
N ALA A 155 3.70 4.74 -11.71
CA ALA A 155 2.62 4.91 -12.70
C ALA A 155 2.47 6.38 -13.17
N TYR A 156 2.77 7.32 -12.27
CA TYR A 156 2.67 8.76 -12.53
C TYR A 156 4.04 9.39 -12.86
N SER A 157 5.12 8.87 -12.28
CA SER A 157 6.46 9.44 -12.42
C SER A 157 7.44 8.42 -13.00
N ASP A 158 8.12 8.80 -14.09
CA ASP A 158 9.12 7.98 -14.80
C ASP A 158 10.30 7.59 -13.90
N THR A 159 10.65 8.49 -12.95
CA THR A 159 11.88 8.39 -12.14
C THR A 159 11.90 7.15 -11.22
N PHE A 160 10.73 6.51 -10.97
CA PHE A 160 10.67 5.28 -10.15
C PHE A 160 10.66 4.08 -11.10
N SER A 161 11.66 3.19 -11.00
CA SER A 161 11.65 1.92 -11.72
C SER A 161 10.63 0.99 -11.04
N CYS A 162 9.78 0.32 -11.85
CA CYS A 162 8.62 -0.44 -11.35
C CYS A 162 9.07 -1.60 -10.44
N PRO A 163 8.34 -1.87 -9.30
CA PRO A 163 8.67 -2.98 -8.38
C PRO A 163 8.59 -4.35 -9.07
N LEU A 164 9.14 -5.36 -8.41
CA LEU A 164 9.00 -6.76 -8.84
C LEU A 164 8.14 -7.44 -7.77
N PRO A 165 6.78 -7.36 -7.87
CA PRO A 165 5.87 -7.86 -6.84
C PRO A 165 5.65 -9.37 -6.99
N PRO A 166 5.92 -10.20 -5.92
CA PRO A 166 5.67 -11.67 -5.94
C PRO A 166 4.21 -11.95 -6.36
N GLU A 167 4.01 -12.78 -7.39
CA GLU A 167 2.68 -13.01 -8.04
C GLU A 167 1.57 -13.43 -7.05
N SER A 168 1.96 -13.90 -5.85
CA SER A 168 1.04 -14.32 -4.78
C SER A 168 0.32 -13.12 -4.10
N ASN A 169 0.85 -11.87 -4.27
CA ASN A 169 0.25 -10.66 -3.68
C ASN A 169 -0.75 -10.00 -4.65
N TRP A 170 -0.93 -10.61 -5.84
CA TRP A 170 -1.81 -10.09 -6.88
C TRP A 170 -3.24 -10.60 -6.62
N LEU A 171 -4.19 -9.67 -6.45
CA LEU A 171 -5.59 -10.00 -6.14
C LEU A 171 -6.40 -10.02 -7.44
N GLU A 172 -6.97 -11.18 -7.85
CA GLU A 172 -7.75 -11.25 -9.11
C GLU A 172 -9.22 -10.82 -8.86
N THR A 173 -9.37 -9.54 -8.50
CA THR A 173 -10.66 -8.89 -8.21
C THR A 173 -10.50 -7.37 -8.33
N ALA A 174 -11.60 -6.66 -8.59
CA ALA A 174 -11.60 -5.20 -8.70
C ALA A 174 -11.88 -4.60 -7.32
N VAL A 175 -10.93 -3.80 -6.81
CA VAL A 175 -11.08 -3.16 -5.50
C VAL A 175 -11.87 -1.86 -5.71
N THR A 176 -13.21 -2.00 -5.65
CA THR A 176 -14.15 -0.89 -5.73
C THR A 176 -14.61 -0.52 -4.31
N ALA A 177 -13.95 0.50 -3.76
CA ALA A 177 -14.17 0.97 -2.39
C ALA A 177 -14.18 2.50 -2.37
N GLY A 178 -15.06 3.09 -1.55
CA GLY A 178 -15.15 4.53 -1.37
C GLY A 178 -15.26 5.32 -2.68
N GLU A 179 -14.65 6.51 -2.70
CA GLU A 179 -14.40 7.26 -3.95
C GLU A 179 -13.39 6.47 -4.82
N ARG A 180 -13.62 6.43 -6.14
CA ARG A 180 -12.82 5.61 -7.07
C ARG A 180 -11.75 6.47 -7.78
N THR A 181 -11.15 5.93 -8.86
CA THR A 181 -10.03 6.58 -9.57
C THR A 181 -10.00 6.12 -11.04
N ASP A 182 -9.54 7.00 -11.94
CA ASP A 182 -9.38 6.70 -13.38
C ASP A 182 -7.95 7.06 -13.85
N LEU A 183 -7.57 6.53 -15.03
CA LEU A 183 -6.21 6.64 -15.57
C LEU A 183 -6.04 7.82 -16.56
N GLU A 184 -7.04 8.06 -17.44
CA GLU A 184 -6.91 9.04 -18.56
C GLU A 184 -8.08 10.04 -18.59
N HIS A 185 -9.30 9.56 -18.88
CA HIS A 185 -10.50 10.43 -19.11
C HIS A 185 -11.71 9.86 -18.34
N MET A 1 -18.93 -3.65 14.97
CA MET A 1 -18.37 -3.21 16.26
C MET A 1 -17.92 -1.73 16.13
N ASP A 2 -18.57 -0.85 16.91
CA ASP A 2 -18.34 0.62 16.90
C ASP A 2 -16.92 0.94 17.39
N GLU A 3 -16.45 0.15 18.37
CA GLU A 3 -15.10 0.31 18.97
C GLU A 3 -14.02 0.22 17.88
N ASP A 4 -14.15 -0.79 17.01
CA ASP A 4 -13.25 -1.02 15.85
C ASP A 4 -13.25 0.20 14.91
N THR A 5 -14.45 0.62 14.52
CA THR A 5 -14.66 1.62 13.47
C THR A 5 -14.16 3.02 13.89
N GLU A 6 -14.53 3.45 15.10
CA GLU A 6 -14.15 4.77 15.63
C GLU A 6 -12.64 4.83 15.88
N ASP A 7 -12.03 3.71 16.32
CA ASP A 7 -10.58 3.62 16.59
C ASP A 7 -9.79 3.67 15.28
N TRP A 8 -10.25 2.89 14.30
CA TRP A 8 -9.78 2.98 12.90
C TRP A 8 -9.79 4.43 12.41
N GLU A 9 -10.87 5.17 12.75
CA GLU A 9 -11.01 6.59 12.36
C GLU A 9 -10.07 7.49 13.20
N THR A 10 -9.73 7.05 14.44
CA THR A 10 -8.84 7.80 15.33
C THR A 10 -7.40 7.80 14.78
N GLN A 11 -6.85 6.60 14.53
CA GLN A 11 -5.52 6.44 13.89
C GLN A 11 -5.48 7.02 12.45
N LEU A 12 -6.66 7.05 11.80
CA LEU A 12 -6.83 7.40 10.35
C LEU A 12 -6.34 8.82 10.03
N GLN A 13 -6.43 9.74 11.02
CA GLN A 13 -5.91 11.11 10.85
C GLN A 13 -4.38 11.09 10.69
N ALA A 14 -3.68 10.23 11.46
CA ALA A 14 -2.21 10.08 11.39
C ALA A 14 -1.80 9.45 10.06
N ASN A 15 -2.58 8.41 9.67
CA ASN A 15 -2.41 7.69 8.38
C ASN A 15 -2.46 8.63 7.17
N ARG A 16 -3.21 9.75 7.29
CA ARG A 16 -3.35 10.74 6.20
C ARG A 16 -2.43 11.97 6.41
N ASP A 17 -2.11 12.32 7.68
CA ASP A 17 -1.29 13.51 8.03
C ASP A 17 0.07 13.49 7.31
N GLU A 18 0.99 12.66 7.82
CA GLU A 18 2.37 12.60 7.31
C GLU A 18 2.42 12.16 5.84
N LYS A 19 1.48 11.30 5.43
CA LYS A 19 1.47 10.65 4.12
C LYS A 19 1.16 11.64 2.98
N ASP A 20 0.08 12.41 3.15
CA ASP A 20 -0.40 13.36 2.13
C ASP A 20 0.55 14.57 2.03
N ARG A 21 1.11 14.99 3.17
CA ARG A 21 2.07 16.11 3.21
C ARG A 21 3.49 15.63 2.83
N PHE A 22 3.70 14.30 2.76
CA PHE A 22 4.95 13.72 2.26
C PHE A 22 5.11 14.03 0.76
N PHE A 23 3.98 14.02 0.04
CA PHE A 23 3.96 14.37 -1.40
C PHE A 23 3.98 15.89 -1.61
N SER A 24 3.25 16.64 -0.77
CA SER A 24 3.09 18.10 -0.95
C SER A 24 4.30 18.91 -0.42
N GLU A 25 4.82 18.53 0.76
CA GLU A 25 5.80 19.36 1.51
C GLU A 25 7.22 18.76 1.48
N HIS A 26 7.32 17.45 1.74
CA HIS A 26 8.62 16.77 1.87
C HIS A 26 9.25 16.51 0.49
N ARG A 27 8.55 15.71 -0.31
CA ARG A 27 9.01 15.21 -1.63
C ARG A 27 8.46 16.06 -2.76
N GLN A 28 9.21 16.10 -3.88
CA GLN A 28 8.69 16.54 -5.19
C GLN A 28 7.49 15.63 -5.58
N SER A 29 6.27 16.20 -5.55
CA SER A 29 5.03 15.45 -5.83
C SER A 29 5.03 14.90 -7.28
N PRO A 30 4.84 13.54 -7.46
CA PRO A 30 4.78 12.90 -8.80
C PRO A 30 3.53 13.36 -9.57
N ILE A 31 2.48 13.74 -8.80
CA ILE A 31 1.22 14.28 -9.32
C ILE A 31 1.52 15.50 -10.23
N PRO A 32 1.39 15.38 -11.59
CA PRO A 32 1.78 16.45 -12.56
C PRO A 32 1.04 17.80 -12.33
N PRO A 33 1.56 18.95 -12.87
CA PRO A 33 0.91 20.29 -12.72
C PRO A 33 -0.57 20.29 -13.20
N GLU A 34 -0.87 19.45 -14.20
CA GLU A 34 -2.22 19.34 -14.80
C GLU A 34 -3.18 18.54 -13.88
N GLU A 35 -2.69 17.45 -13.26
CA GLU A 35 -3.46 16.67 -12.27
C GLU A 35 -3.71 17.49 -10.99
N ARG A 36 -2.64 18.05 -10.39
CA ARG A 36 -2.72 18.78 -9.11
C ARG A 36 -3.50 20.11 -9.24
N ASP A 37 -3.66 20.58 -10.49
CA ASP A 37 -4.52 21.73 -10.84
C ASP A 37 -5.94 21.52 -10.28
N ASP A 38 -6.53 20.36 -10.59
CA ASP A 38 -7.89 20.01 -10.14
C ASP A 38 -7.86 19.38 -8.73
N PHE A 39 -6.80 18.62 -8.40
CA PHE A 39 -6.68 17.92 -7.11
C PHE A 39 -5.53 18.53 -6.29
N ASP A 40 -5.88 19.35 -5.30
CA ASP A 40 -4.87 19.96 -4.40
C ASP A 40 -4.69 19.05 -3.16
N GLY A 41 -3.84 18.04 -3.36
CA GLY A 41 -3.57 17.02 -2.35
C GLY A 41 -3.17 15.70 -2.98
N LEU A 42 -2.73 14.73 -2.14
CA LEU A 42 -2.41 13.36 -2.59
C LEU A 42 -3.69 12.69 -3.15
N SER A 43 -3.71 12.41 -4.46
CA SER A 43 -4.80 11.64 -5.10
C SER A 43 -4.56 10.12 -4.90
N TYR A 44 -5.50 9.46 -4.19
CA TYR A 44 -5.44 8.01 -3.90
C TYR A 44 -6.82 7.48 -3.44
N PHE A 45 -6.84 6.23 -2.94
CA PHE A 45 -8.06 5.56 -2.44
C PHE A 45 -8.54 6.21 -1.13
N ASP A 46 -9.81 6.62 -1.09
CA ASP A 46 -10.39 7.31 0.08
C ASP A 46 -10.99 6.24 1.05
N PRO A 47 -10.74 6.37 2.41
CA PRO A 47 -11.19 5.41 3.46
C PRO A 47 -12.60 4.81 3.23
N ASP A 48 -12.61 3.53 2.84
CA ASP A 48 -13.81 2.78 2.51
C ASP A 48 -13.89 1.54 3.44
N PRO A 49 -14.98 1.37 4.24
CA PRO A 49 -15.07 0.32 5.31
C PRO A 49 -14.95 -1.14 4.77
N ASP A 50 -15.41 -1.35 3.53
CA ASP A 50 -15.53 -2.70 2.91
C ASP A 50 -14.17 -3.34 2.53
N TYR A 51 -13.06 -2.58 2.63
CA TYR A 51 -11.70 -3.10 2.31
C TYR A 51 -10.79 -3.08 3.53
N ARG A 52 -11.40 -3.04 4.71
CA ARG A 52 -10.71 -3.34 5.97
C ARG A 52 -10.97 -4.80 6.32
N VAL A 53 -9.94 -5.67 6.14
CA VAL A 53 -10.03 -7.11 6.48
C VAL A 53 -8.98 -7.45 7.55
N GLU A 54 -9.29 -8.43 8.40
CA GLU A 54 -8.35 -8.92 9.42
C GLU A 54 -7.52 -10.09 8.85
N ALA A 55 -6.23 -10.17 9.22
CA ALA A 55 -5.27 -11.10 8.61
C ALA A 55 -4.30 -11.68 9.65
N THR A 56 -3.71 -12.83 9.32
CA THR A 56 -2.69 -13.52 10.13
C THR A 56 -1.29 -13.30 9.52
N VAL A 57 -0.34 -12.86 10.36
CA VAL A 57 1.07 -12.65 9.98
C VAL A 57 1.81 -14.00 9.90
N THR A 58 2.46 -14.25 8.76
CA THR A 58 3.30 -15.44 8.53
C THR A 58 4.74 -14.99 8.24
N VAL A 59 5.60 -15.00 9.26
CA VAL A 59 6.94 -14.43 9.19
C VAL A 59 7.95 -15.48 8.71
N HIS A 60 8.68 -15.12 7.65
CA HIS A 60 9.74 -15.94 7.08
C HIS A 60 11.04 -15.69 7.87
N GLU A 61 11.33 -16.65 8.76
CA GLU A 61 12.57 -16.68 9.59
C GLU A 61 13.84 -16.79 8.74
N THR A 62 13.67 -17.16 7.46
CA THR A 62 14.71 -17.08 6.43
C THR A 62 14.32 -15.96 5.42
N PRO A 63 14.65 -14.66 5.71
CA PRO A 63 14.25 -13.53 4.84
C PRO A 63 15.12 -13.46 3.56
N GLU A 64 14.48 -13.52 2.38
CA GLU A 64 15.16 -13.51 1.07
C GLU A 64 15.10 -12.10 0.44
N SER A 65 15.97 -11.86 -0.55
CA SER A 65 16.21 -10.50 -1.09
C SER A 65 15.35 -10.21 -2.33
N VAL A 66 14.40 -9.27 -2.18
CA VAL A 66 13.49 -8.84 -3.27
C VAL A 66 13.86 -7.42 -3.69
N ASP A 67 14.19 -7.24 -4.98
CA ASP A 67 14.61 -5.94 -5.53
C ASP A 67 13.39 -5.06 -5.81
N LEU A 68 13.22 -4.04 -4.97
CA LEU A 68 12.21 -2.98 -5.14
C LEU A 68 12.98 -1.68 -5.42
N GLU A 69 12.27 -0.56 -5.54
CA GLU A 69 12.92 0.75 -5.74
C GLU A 69 12.66 1.67 -4.56
N THR A 70 13.35 2.81 -4.57
CA THR A 70 13.12 3.92 -3.64
C THR A 70 12.96 5.21 -4.46
N SER A 71 12.25 6.21 -3.92
CA SER A 71 11.79 7.40 -4.70
C SER A 71 12.95 8.23 -5.29
N ASP A 72 14.20 8.05 -4.77
CA ASP A 72 15.44 8.52 -5.45
C ASP A 72 15.80 7.67 -6.71
N ASP A 73 14.79 7.17 -7.50
CA ASP A 73 14.95 6.45 -8.80
C ASP A 73 15.98 5.27 -8.75
N ARG A 74 16.26 4.80 -7.54
CA ARG A 74 17.33 3.83 -7.26
C ARG A 74 16.73 2.42 -7.12
N THR A 75 17.58 1.39 -7.12
CA THR A 75 17.16 0.00 -6.88
C THR A 75 17.76 -0.42 -5.54
N VAL A 76 16.88 -0.87 -4.64
CA VAL A 76 17.22 -1.15 -3.24
C VAL A 76 16.66 -2.52 -2.83
N ARG A 77 17.53 -3.30 -2.17
CA ARG A 77 17.21 -4.63 -1.68
C ARG A 77 16.32 -4.54 -0.43
N TYR A 78 15.16 -5.18 -0.51
CA TYR A 78 14.29 -5.44 0.65
C TYR A 78 14.45 -6.90 1.07
N LEU A 79 14.21 -7.18 2.34
CA LEU A 79 14.16 -8.55 2.89
C LEU A 79 12.71 -8.94 3.14
N HIS A 80 12.32 -10.13 2.65
CA HIS A 80 10.97 -10.64 2.83
C HIS A 80 10.84 -11.19 4.26
N VAL A 81 10.26 -10.36 5.12
CA VAL A 81 10.15 -10.65 6.56
C VAL A 81 8.88 -11.42 6.86
N ALA A 82 7.78 -11.10 6.15
CA ALA A 82 6.45 -11.65 6.47
C ALA A 82 5.58 -11.71 5.22
N THR A 83 4.48 -12.46 5.35
CA THR A 83 3.39 -12.51 4.38
C THR A 83 2.08 -12.53 5.16
N LEU A 84 1.32 -11.44 5.05
CA LEU A 84 0.04 -11.27 5.72
C LEU A 84 -1.02 -12.05 4.93
N SER A 85 -1.36 -13.25 5.44
CA SER A 85 -2.31 -14.19 4.80
C SER A 85 -3.73 -13.89 5.31
N PHE A 86 -4.71 -13.87 4.38
CA PHE A 86 -6.12 -13.52 4.67
C PHE A 86 -7.04 -14.11 3.59
N ASP A 87 -8.31 -13.70 3.63
CA ASP A 87 -9.29 -13.96 2.56
C ASP A 87 -9.83 -12.62 2.03
N LEU A 88 -10.09 -12.54 0.72
CA LEU A 88 -10.66 -11.34 0.08
C LEU A 88 -11.48 -11.76 -1.15
N ASP A 89 -12.59 -11.05 -1.36
CA ASP A 89 -13.56 -11.26 -2.46
C ASP A 89 -14.35 -12.57 -2.26
N GLY A 90 -13.69 -13.71 -2.50
CA GLY A 90 -14.29 -15.04 -2.34
C GLY A 90 -13.25 -16.15 -2.31
N GLU A 91 -11.96 -15.77 -2.15
CA GLU A 91 -10.82 -16.71 -2.16
C GLU A 91 -9.76 -16.28 -1.12
N SER A 92 -8.84 -17.21 -0.82
CA SER A 92 -7.67 -16.95 0.03
C SER A 92 -6.66 -16.08 -0.74
N ARG A 93 -6.27 -14.94 -0.15
CA ARG A 93 -5.33 -13.96 -0.74
C ARG A 93 -4.23 -13.62 0.28
N ASP A 94 -3.00 -13.42 -0.19
CA ASP A 94 -1.83 -13.15 0.67
C ASP A 94 -1.03 -11.98 0.11
N LEU A 95 -0.51 -11.12 1.03
CA LEU A 95 0.32 -9.95 0.67
C LEU A 95 1.66 -10.05 1.39
N HIS A 96 2.74 -9.79 0.65
CA HIS A 96 4.10 -9.98 1.15
C HIS A 96 4.63 -8.65 1.70
N ALA A 97 5.06 -8.70 2.97
CA ALA A 97 5.54 -7.55 3.72
C ALA A 97 7.06 -7.58 3.74
N PHE A 98 7.68 -6.50 3.28
CA PHE A 98 9.14 -6.37 3.21
C PHE A 98 9.60 -5.17 4.00
N ARG A 99 10.89 -5.20 4.37
CA ARG A 99 11.58 -4.17 5.15
C ARG A 99 13.00 -4.09 4.61
N GLN A 100 13.54 -2.87 4.40
CA GLN A 100 14.83 -2.65 3.69
C GLN A 100 15.97 -3.59 4.17
N ALA A 101 16.56 -3.31 5.34
CA ALA A 101 17.59 -4.19 5.94
C ALA A 101 17.12 -4.73 7.31
N ALA A 102 17.17 -3.84 8.31
CA ALA A 102 16.90 -4.18 9.73
C ALA A 102 15.90 -3.20 10.35
N ASP A 103 14.83 -2.85 9.58
CA ASP A 103 13.81 -1.84 9.96
C ASP A 103 13.31 -1.99 11.41
N GLU A 104 13.51 -0.92 12.18
CA GLU A 104 13.05 -0.79 13.57
C GLU A 104 11.78 0.09 13.65
N SER A 105 11.40 0.72 12.52
CA SER A 105 10.28 1.70 12.44
C SER A 105 8.89 1.05 12.23
N ARG A 106 8.78 -0.28 12.44
CA ARG A 106 7.50 -1.06 12.35
C ARG A 106 6.93 -1.05 10.91
N THR A 107 7.72 -0.58 9.95
CA THR A 107 7.26 -0.28 8.59
C THR A 107 7.22 -1.55 7.73
N LEU A 108 6.03 -2.14 7.63
CA LEU A 108 5.74 -3.30 6.78
C LEU A 108 5.21 -2.83 5.43
N PHE A 109 6.03 -2.97 4.38
CA PHE A 109 5.68 -2.51 3.03
C PHE A 109 5.05 -3.66 2.24
N VAL A 110 3.73 -3.57 1.97
CA VAL A 110 2.98 -4.61 1.22
C VAL A 110 2.53 -4.09 -0.16
N PRO A 111 3.25 -4.46 -1.26
CA PRO A 111 2.71 -4.29 -2.61
C PRO A 111 1.49 -5.21 -2.79
N PHE A 112 0.47 -4.74 -3.49
CA PHE A 112 -0.67 -5.57 -3.91
C PHE A 112 -1.11 -5.10 -5.29
N ARG A 113 -1.21 -6.00 -6.26
CA ARG A 113 -1.73 -5.65 -7.59
C ARG A 113 -3.09 -6.31 -7.77
N ASP A 114 -4.13 -5.50 -8.06
CA ASP A 114 -5.51 -5.97 -8.18
C ASP A 114 -6.02 -5.71 -9.60
N LYS A 115 -7.31 -5.97 -9.86
CA LYS A 115 -7.88 -5.99 -11.22
C LYS A 115 -8.39 -4.62 -11.70
N THR A 116 -8.50 -3.61 -10.79
CA THR A 116 -8.77 -2.23 -11.23
C THR A 116 -7.60 -1.71 -12.09
N THR A 117 -6.38 -2.16 -11.72
CA THR A 117 -5.14 -1.76 -12.39
C THR A 117 -5.18 -2.27 -13.85
N GLY A 118 -4.95 -1.35 -14.79
CA GLY A 118 -5.02 -1.65 -16.24
C GLY A 118 -6.40 -2.02 -16.78
N GLN A 119 -7.47 -1.69 -16.05
CA GLN A 119 -8.86 -1.87 -16.52
C GLN A 119 -9.61 -0.54 -16.33
N GLN A 120 -10.12 -0.30 -15.12
CA GLN A 120 -10.84 0.97 -14.78
C GLN A 120 -9.90 1.94 -14.05
N SER A 121 -8.58 1.65 -14.11
CA SER A 121 -7.52 2.44 -13.44
C SER A 121 -6.25 2.39 -14.29
N TYR A 122 -5.29 3.26 -13.93
CA TYR A 122 -3.93 3.25 -14.51
C TYR A 122 -3.29 1.85 -14.44
N ASP A 123 -2.51 1.51 -15.47
CA ASP A 123 -1.85 0.19 -15.62
C ASP A 123 -0.44 0.20 -14.97
N GLY A 124 -0.22 1.17 -14.07
CA GLY A 124 1.03 1.30 -13.35
C GLY A 124 1.15 0.31 -12.20
N GLY A 125 1.65 0.80 -11.07
CA GLY A 125 1.81 -0.01 -9.88
C GLY A 125 0.61 0.11 -8.96
N ARG A 126 0.55 -0.76 -7.95
CA ARG A 126 -0.42 -0.66 -6.85
C ARG A 126 0.23 -1.21 -5.58
N TYR A 127 0.07 -0.50 -4.45
CA TYR A 127 0.72 -0.89 -3.19
C TYR A 127 0.05 -0.23 -1.98
N MET A 128 0.50 -0.67 -0.80
CA MET A 128 -0.03 -0.27 0.51
C MET A 128 1.10 -0.47 1.54
N GLU A 129 0.92 0.04 2.76
CA GLU A 129 1.92 -0.09 3.83
C GLU A 129 1.27 0.07 5.21
N LEU A 130 1.77 -0.69 6.21
CA LEU A 130 1.24 -0.72 7.59
C LEU A 130 2.35 -0.39 8.57
N GLU A 131 1.97 0.19 9.72
CA GLU A 131 2.85 0.40 10.87
C GLU A 131 2.10 -0.06 12.13
N PRO A 132 2.26 -1.37 12.54
CA PRO A 132 1.63 -1.92 13.77
C PRO A 132 2.14 -1.22 15.04
N ASP A 133 1.38 -1.39 16.14
CA ASP A 133 1.66 -0.74 17.44
C ASP A 133 3.03 -1.20 17.96
N ARG A 134 3.21 -2.50 17.96
CA ARG A 134 4.47 -3.16 18.32
C ARG A 134 4.96 -3.96 17.09
N ASP A 135 5.99 -4.80 17.25
CA ASP A 135 6.53 -5.59 16.13
C ASP A 135 5.85 -6.98 16.07
N LEU A 136 5.71 -7.52 14.86
CA LEU A 136 4.95 -8.75 14.60
C LEU A 136 5.91 -9.94 14.32
N SER A 137 5.46 -11.14 14.73
CA SER A 137 6.15 -12.43 14.48
C SER A 137 5.10 -13.45 13.97
N ASP A 138 5.57 -14.65 13.56
CA ASP A 138 4.70 -15.68 12.94
C ASP A 138 3.63 -16.17 13.94
N GLY A 139 2.36 -15.94 13.62
CA GLY A 139 1.22 -16.34 14.45
C GLY A 139 0.50 -15.16 15.09
N ASP A 140 1.08 -13.95 14.96
CA ASP A 140 0.39 -12.68 15.32
C ASP A 140 -0.61 -12.30 14.25
N GLU A 141 -1.45 -11.32 14.55
CA GLU A 141 -2.47 -10.80 13.62
C GLU A 141 -2.17 -9.33 13.22
N ILE A 142 -2.91 -8.85 12.20
CA ILE A 142 -2.75 -7.50 11.65
C ILE A 142 -3.99 -7.14 10.79
N THR A 143 -4.32 -5.85 10.69
CA THR A 143 -5.49 -5.36 9.91
C THR A 143 -5.02 -4.69 8.59
N LEU A 144 -5.63 -5.11 7.47
CA LEU A 144 -5.24 -4.75 6.10
C LEU A 144 -6.30 -3.81 5.49
N ASP A 145 -5.98 -2.52 5.42
CA ASP A 145 -6.82 -1.50 4.76
C ASP A 145 -6.32 -1.22 3.34
N PHE A 146 -6.95 -1.89 2.35
CA PHE A 146 -6.66 -1.68 0.89
C PHE A 146 -7.29 -0.36 0.41
N ASN A 147 -8.22 0.14 1.23
CA ASN A 147 -8.91 1.42 1.02
C ASN A 147 -8.02 2.63 1.35
N LEU A 148 -6.84 2.37 1.95
CA LEU A 148 -5.81 3.38 2.25
C LEU A 148 -4.61 3.21 1.31
N ALA A 149 -4.83 2.53 0.16
CA ALA A 149 -3.77 2.23 -0.82
C ALA A 149 -3.17 3.50 -1.43
N TYR A 150 -1.84 3.53 -1.55
CA TYR A 150 -1.09 4.69 -2.00
C TYR A 150 -0.98 4.62 -3.54
N SER A 151 -1.18 5.75 -4.22
CA SER A 151 -0.94 5.85 -5.67
C SER A 151 0.58 5.76 -5.96
N PRO A 152 0.99 5.03 -7.05
CA PRO A 152 2.41 4.90 -7.43
C PRO A 152 2.95 6.19 -8.06
N PHE A 153 4.10 6.63 -7.54
CA PHE A 153 4.91 7.70 -8.12
C PHE A 153 5.11 7.54 -9.65
N CYS A 154 5.26 6.27 -10.06
CA CYS A 154 5.56 5.86 -11.45
C CYS A 154 4.46 6.31 -12.45
N ALA A 155 3.18 6.01 -12.10
CA ALA A 155 2.00 6.28 -12.97
C ALA A 155 1.85 7.77 -13.31
N TYR A 156 2.26 8.62 -12.36
CA TYR A 156 2.15 10.08 -12.48
C TYR A 156 3.47 10.71 -12.97
N SER A 157 4.61 10.03 -12.73
CA SER A 157 5.95 10.48 -13.17
C SER A 157 6.86 9.27 -13.46
N ASP A 158 7.27 9.12 -14.74
CA ASP A 158 8.11 7.99 -15.22
C ASP A 158 9.60 8.14 -14.81
N THR A 159 9.92 9.28 -14.16
CA THR A 159 11.26 9.54 -13.58
C THR A 159 11.51 8.64 -12.35
N PHE A 160 10.44 8.00 -11.84
CA PHE A 160 10.51 6.98 -10.79
C PHE A 160 10.47 5.59 -11.44
N SER A 161 10.69 4.55 -10.63
CA SER A 161 10.69 3.16 -11.09
C SER A 161 9.47 2.42 -10.53
N CYS A 162 8.85 1.52 -11.31
CA CYS A 162 7.78 0.65 -10.81
C CYS A 162 8.40 -0.55 -10.08
N PRO A 163 8.20 -0.71 -8.71
CA PRO A 163 8.78 -1.85 -7.95
C PRO A 163 8.11 -3.15 -8.39
N LEU A 164 8.92 -4.12 -8.90
CA LEU A 164 8.42 -5.41 -9.36
C LEU A 164 7.78 -6.18 -8.17
N PRO A 165 6.42 -6.37 -8.17
CA PRO A 165 5.73 -7.04 -7.05
C PRO A 165 5.89 -8.58 -7.11
N PRO A 166 5.77 -9.29 -5.94
CA PRO A 166 5.70 -10.78 -5.92
C PRO A 166 4.41 -11.27 -6.60
N GLU A 167 4.50 -12.35 -7.40
CA GLU A 167 3.36 -12.85 -8.22
C GLU A 167 2.18 -13.33 -7.36
N SER A 168 2.48 -13.71 -6.11
CA SER A 168 1.50 -14.21 -5.13
C SER A 168 0.68 -13.08 -4.45
N ASN A 169 1.04 -11.80 -4.68
CA ASN A 169 0.37 -10.64 -4.02
C ASN A 169 -0.82 -10.13 -4.87
N TRP A 170 -1.05 -10.80 -6.01
CA TRP A 170 -2.10 -10.44 -6.95
C TRP A 170 -3.46 -10.76 -6.34
N LEU A 171 -4.22 -9.70 -6.04
CA LEU A 171 -5.60 -9.82 -5.58
C LEU A 171 -6.45 -9.86 -6.84
N GLU A 172 -6.90 -11.07 -7.26
CA GLU A 172 -7.69 -11.24 -8.49
C GLU A 172 -9.16 -10.83 -8.24
N THR A 173 -9.33 -9.52 -8.00
CA THR A 173 -10.59 -8.85 -7.75
C THR A 173 -10.42 -7.34 -7.94
N ALA A 174 -11.52 -6.66 -8.29
CA ALA A 174 -11.53 -5.20 -8.45
C ALA A 174 -11.61 -4.55 -7.06
N VAL A 175 -10.45 -4.22 -6.48
CA VAL A 175 -10.36 -3.47 -5.21
C VAL A 175 -10.66 -2.00 -5.54
N THR A 176 -11.96 -1.67 -5.45
CA THR A 176 -12.49 -0.35 -5.84
C THR A 176 -13.01 0.34 -4.57
N ALA A 177 -12.27 1.35 -4.11
CA ALA A 177 -12.49 1.97 -2.79
C ALA A 177 -12.33 3.50 -2.91
N GLY A 178 -13.15 4.25 -2.15
CA GLY A 178 -13.14 5.71 -2.20
C GLY A 178 -13.47 6.28 -3.56
N GLU A 179 -12.84 7.42 -3.90
CA GLU A 179 -12.98 8.04 -5.23
C GLU A 179 -12.44 7.12 -6.32
N ARG A 180 -13.08 7.14 -7.49
CA ARG A 180 -12.66 6.36 -8.64
C ARG A 180 -11.51 7.08 -9.37
N THR A 181 -10.81 6.34 -10.21
CA THR A 181 -9.48 6.70 -10.70
C THR A 181 -9.55 7.47 -12.03
N ASP A 182 -8.35 7.78 -12.56
CA ASP A 182 -8.11 8.53 -13.79
C ASP A 182 -8.91 7.96 -15.01
N LEU A 183 -9.77 8.80 -15.60
CA LEU A 183 -10.44 8.47 -16.88
C LEU A 183 -9.60 9.04 -18.03
N GLU A 184 -9.06 10.27 -17.83
CA GLU A 184 -8.11 10.92 -18.77
C GLU A 184 -6.72 10.91 -18.11
N HIS A 185 -5.71 10.52 -18.89
CA HIS A 185 -4.33 10.33 -18.44
C HIS A 185 -3.37 10.38 -19.67
N MET A 1 -18.62 -3.16 21.13
CA MET A 1 -18.34 -1.71 21.21
C MET A 1 -17.68 -1.24 19.90
N ASP A 2 -18.42 -0.38 19.16
CA ASP A 2 -17.97 0.21 17.86
C ASP A 2 -16.78 1.18 18.05
N GLU A 3 -16.51 1.57 19.31
CA GLU A 3 -15.30 2.31 19.74
C GLU A 3 -13.98 1.70 19.17
N ASP A 4 -13.98 0.35 19.06
CA ASP A 4 -12.87 -0.44 18.50
C ASP A 4 -12.70 -0.17 16.99
N THR A 5 -13.82 -0.06 16.28
CA THR A 5 -13.85 0.14 14.82
C THR A 5 -13.52 1.61 14.46
N GLU A 6 -14.07 2.57 15.22
CA GLU A 6 -13.82 4.02 14.99
C GLU A 6 -12.40 4.43 15.39
N ASP A 7 -11.71 3.58 16.18
CA ASP A 7 -10.30 3.79 16.58
C ASP A 7 -9.43 4.02 15.32
N TRP A 8 -9.72 3.20 14.31
CA TRP A 8 -9.17 3.31 12.95
C TRP A 8 -9.35 4.73 12.36
N GLU A 9 -10.59 5.26 12.29
CA GLU A 9 -10.83 6.60 11.68
C GLU A 9 -10.28 7.75 12.58
N THR A 10 -10.17 7.47 13.89
CA THR A 10 -9.65 8.40 14.91
C THR A 10 -8.16 8.70 14.66
N GLN A 11 -7.35 7.63 14.54
CA GLN A 11 -5.93 7.75 14.18
C GLN A 11 -5.75 8.20 12.71
N LEU A 12 -6.65 7.71 11.82
CA LEU A 12 -6.51 7.84 10.35
C LEU A 12 -6.57 9.30 9.87
N GLN A 13 -7.43 10.13 10.50
CA GLN A 13 -7.57 11.55 10.11
C GLN A 13 -6.24 12.33 10.30
N ALA A 14 -5.39 11.86 11.26
CA ALA A 14 -4.06 12.43 11.54
C ALA A 14 -2.99 11.77 10.64
N ASN A 15 -3.06 10.42 10.54
CA ASN A 15 -2.15 9.58 9.72
C ASN A 15 -2.18 9.99 8.24
N ARG A 16 -3.40 10.36 7.78
CA ARG A 16 -3.68 10.77 6.39
C ARG A 16 -2.88 12.02 6.03
N ASP A 17 -2.96 13.02 6.92
CA ASP A 17 -2.40 14.36 6.70
C ASP A 17 -0.87 14.31 6.62
N GLU A 18 -0.25 13.56 7.55
CA GLU A 18 1.21 13.40 7.62
C GLU A 18 1.75 12.48 6.50
N LYS A 19 0.89 11.63 5.96
CA LYS A 19 1.27 10.72 4.85
C LYS A 19 1.11 11.43 3.49
N ASP A 20 0.15 12.37 3.44
CA ASP A 20 -0.16 13.17 2.24
C ASP A 20 0.94 14.20 1.96
N ARG A 21 1.46 14.78 3.05
CA ARG A 21 2.50 15.84 3.00
C ARG A 21 3.87 15.26 2.60
N PHE A 22 3.99 13.93 2.63
CA PHE A 22 5.18 13.19 2.18
C PHE A 22 5.50 13.50 0.69
N PHE A 23 4.43 13.56 -0.12
CA PHE A 23 4.50 13.86 -1.56
C PHE A 23 4.70 15.36 -1.84
N SER A 24 4.64 16.20 -0.79
CA SER A 24 4.84 17.66 -0.91
C SER A 24 6.22 18.06 -0.36
N GLU A 25 6.54 17.61 0.86
CA GLU A 25 7.59 18.21 1.71
C GLU A 25 8.84 17.31 1.78
N HIS A 26 8.63 15.99 1.98
CA HIS A 26 9.74 15.00 2.06
C HIS A 26 10.43 14.88 0.69
N ARG A 27 9.59 14.66 -0.32
CA ARG A 27 9.99 14.60 -1.73
C ARG A 27 9.08 15.52 -2.53
N GLN A 28 9.60 16.05 -3.64
CA GLN A 28 8.80 16.81 -4.61
C GLN A 28 7.76 15.87 -5.25
N SER A 29 6.57 16.43 -5.56
CA SER A 29 5.46 15.64 -6.13
C SER A 29 5.88 14.94 -7.44
N PRO A 30 5.76 13.57 -7.52
CA PRO A 30 6.04 12.82 -8.77
C PRO A 30 4.91 13.00 -9.79
N ILE A 31 3.74 13.41 -9.28
CA ILE A 31 2.54 13.65 -10.08
C ILE A 31 2.78 14.89 -11.00
N PRO A 32 2.92 14.70 -12.37
CA PRO A 32 3.28 15.80 -13.33
C PRO A 32 2.28 17.00 -13.31
N PRO A 33 2.67 18.21 -13.88
CA PRO A 33 1.97 19.53 -13.64
C PRO A 33 0.42 19.47 -13.74
N GLU A 34 -0.08 19.13 -14.95
CA GLU A 34 -1.52 19.07 -15.26
C GLU A 34 -2.28 18.06 -14.37
N GLU A 35 -1.61 16.94 -14.05
CA GLU A 35 -2.17 15.88 -13.20
C GLU A 35 -2.43 16.38 -11.78
N ARG A 36 -1.39 16.87 -11.09
CA ARG A 36 -1.52 17.38 -9.70
C ARG A 36 -2.31 18.69 -9.63
N ASP A 37 -2.43 19.40 -10.76
CA ASP A 37 -3.20 20.66 -10.86
C ASP A 37 -4.71 20.38 -10.65
N ASP A 38 -5.15 19.18 -11.08
CA ASP A 38 -6.54 18.71 -10.90
C ASP A 38 -6.69 17.78 -9.68
N PHE A 39 -5.67 16.94 -9.45
CA PHE A 39 -5.64 16.01 -8.30
C PHE A 39 -4.53 16.50 -7.36
N ASP A 40 -4.91 17.22 -6.29
CA ASP A 40 -3.90 17.85 -5.40
C ASP A 40 -3.85 17.07 -4.08
N GLY A 41 -3.09 15.97 -4.13
CA GLY A 41 -2.89 15.11 -2.98
C GLY A 41 -2.67 13.66 -3.42
N LEU A 42 -2.66 12.75 -2.44
CA LEU A 42 -2.74 11.32 -2.67
C LEU A 42 -4.18 10.93 -3.05
N SER A 43 -4.39 10.67 -4.34
CA SER A 43 -5.60 10.04 -4.84
C SER A 43 -5.59 8.56 -4.40
N TYR A 44 -6.58 8.18 -3.59
CA TYR A 44 -6.74 6.80 -3.10
C TYR A 44 -8.23 6.47 -2.95
N PHE A 45 -8.51 5.25 -2.48
CA PHE A 45 -9.87 4.74 -2.33
C PHE A 45 -10.43 5.28 -1.00
N ASP A 46 -11.65 5.86 -1.02
CA ASP A 46 -12.20 6.61 0.14
C ASP A 46 -12.30 5.68 1.38
N PRO A 47 -11.78 6.13 2.58
CA PRO A 47 -11.68 5.29 3.81
C PRO A 47 -13.01 4.59 4.18
N ASP A 48 -13.04 3.24 4.05
CA ASP A 48 -14.22 2.41 4.37
C ASP A 48 -13.87 1.36 5.46
N PRO A 49 -14.57 1.35 6.63
CA PRO A 49 -14.31 0.37 7.71
C PRO A 49 -14.71 -1.06 7.30
N ASP A 50 -15.78 -1.18 6.48
CA ASP A 50 -16.36 -2.50 6.10
C ASP A 50 -15.47 -3.27 5.12
N TYR A 51 -14.58 -2.55 4.39
CA TYR A 51 -13.66 -3.16 3.41
C TYR A 51 -12.34 -3.57 4.11
N ARG A 52 -12.23 -3.27 5.41
CA ARG A 52 -11.07 -3.67 6.22
C ARG A 52 -11.24 -5.13 6.66
N VAL A 53 -10.22 -5.97 6.40
CA VAL A 53 -10.22 -7.41 6.74
C VAL A 53 -9.12 -7.69 7.78
N GLU A 54 -9.08 -8.92 8.31
CA GLU A 54 -8.01 -9.39 9.20
C GLU A 54 -7.13 -10.41 8.46
N ALA A 55 -5.85 -10.52 8.85
CA ALA A 55 -4.86 -11.38 8.19
C ALA A 55 -3.83 -11.91 9.19
N THR A 56 -3.31 -13.11 8.91
CA THR A 56 -2.27 -13.77 9.70
C THR A 56 -0.90 -13.48 9.06
N VAL A 57 0.04 -12.98 9.87
CA VAL A 57 1.43 -12.70 9.47
C VAL A 57 2.21 -14.03 9.36
N THR A 58 3.03 -14.17 8.33
CA THR A 58 3.88 -15.34 8.13
C THR A 58 5.30 -14.85 7.78
N VAL A 59 6.16 -14.84 8.80
CA VAL A 59 7.51 -14.28 8.73
C VAL A 59 8.48 -15.34 8.16
N HIS A 60 9.41 -14.89 7.31
CA HIS A 60 10.44 -15.75 6.70
C HIS A 60 11.76 -15.59 7.48
N GLU A 61 12.33 -16.73 7.93
CA GLU A 61 13.58 -16.75 8.72
C GLU A 61 14.80 -16.32 7.88
N THR A 62 14.70 -16.54 6.55
CA THR A 62 15.72 -16.12 5.57
C THR A 62 15.08 -15.08 4.61
N PRO A 63 15.26 -13.74 4.87
CA PRO A 63 14.70 -12.67 4.00
C PRO A 63 15.37 -12.61 2.61
N GLU A 64 14.57 -12.68 1.53
CA GLU A 64 15.06 -12.67 0.13
C GLU A 64 15.08 -11.24 -0.43
N SER A 65 15.85 -11.06 -1.51
CA SER A 65 16.10 -9.75 -2.12
C SER A 65 15.05 -9.46 -3.21
N VAL A 66 14.19 -8.46 -2.94
CA VAL A 66 13.14 -8.00 -3.88
C VAL A 66 13.32 -6.49 -4.13
N ASP A 67 13.71 -6.11 -5.36
CA ASP A 67 14.05 -4.71 -5.70
C ASP A 67 12.78 -3.86 -5.91
N LEU A 68 12.56 -2.91 -4.99
CA LEU A 68 11.40 -1.98 -5.02
C LEU A 68 11.95 -0.53 -4.99
N GLU A 69 11.13 0.43 -5.42
CA GLU A 69 11.46 1.87 -5.32
C GLU A 69 11.53 2.32 -3.83
N THR A 70 12.51 3.18 -3.51
CA THR A 70 12.58 3.85 -2.20
C THR A 70 11.81 5.18 -2.26
N SER A 71 11.79 5.89 -1.13
CA SER A 71 11.16 7.19 -0.98
C SER A 71 11.87 8.24 -1.86
N ASP A 72 13.21 8.36 -1.68
CA ASP A 72 14.04 9.36 -2.39
C ASP A 72 14.45 8.90 -3.83
N ASP A 73 13.43 8.59 -4.66
CA ASP A 73 13.51 8.42 -6.15
C ASP A 73 14.58 7.44 -6.70
N ARG A 74 15.16 6.60 -5.84
CA ARG A 74 16.18 5.60 -6.25
C ARG A 74 15.52 4.18 -6.26
N THR A 75 16.31 3.15 -6.56
CA THR A 75 15.87 1.75 -6.58
C THR A 75 16.76 1.00 -5.59
N VAL A 76 16.16 0.23 -4.68
CA VAL A 76 16.89 -0.41 -3.56
C VAL A 76 16.34 -1.81 -3.28
N ARG A 77 17.21 -2.65 -2.74
CA ARG A 77 16.89 -4.02 -2.33
C ARG A 77 16.07 -3.98 -1.02
N TYR A 78 14.87 -4.58 -1.06
CA TYR A 78 14.05 -4.82 0.13
C TYR A 78 14.21 -6.28 0.56
N LEU A 79 14.11 -6.51 1.85
CA LEU A 79 14.15 -7.86 2.43
C LEU A 79 12.73 -8.32 2.72
N HIS A 80 12.39 -9.53 2.26
CA HIS A 80 11.07 -10.12 2.46
C HIS A 80 10.97 -10.64 3.89
N VAL A 81 10.31 -9.85 4.73
CA VAL A 81 10.21 -10.12 6.17
C VAL A 81 8.93 -10.88 6.55
N ALA A 82 7.81 -10.63 5.84
CA ALA A 82 6.50 -11.22 6.20
C ALA A 82 5.61 -11.42 4.97
N THR A 83 4.55 -12.22 5.15
CA THR A 83 3.47 -12.43 4.17
C THR A 83 2.14 -12.47 4.94
N LEU A 84 1.16 -11.65 4.52
CA LEU A 84 -0.10 -11.44 5.28
C LEU A 84 -1.21 -12.23 4.59
N SER A 85 -1.54 -13.41 5.13
CA SER A 85 -2.53 -14.33 4.56
C SER A 85 -3.95 -14.05 5.10
N PHE A 86 -4.92 -13.93 4.19
CA PHE A 86 -6.33 -13.63 4.49
C PHE A 86 -7.21 -14.22 3.39
N ASP A 87 -8.51 -13.95 3.46
CA ASP A 87 -9.49 -14.30 2.42
C ASP A 87 -10.10 -13.02 1.86
N LEU A 88 -10.03 -12.85 0.54
CA LEU A 88 -10.59 -11.70 -0.17
C LEU A 88 -11.12 -12.19 -1.51
N ASP A 89 -12.29 -11.64 -1.90
CA ASP A 89 -13.03 -12.00 -3.14
C ASP A 89 -13.70 -13.39 -2.97
N GLY A 90 -12.88 -14.45 -3.01
CA GLY A 90 -13.35 -15.81 -2.77
C GLY A 90 -12.20 -16.80 -2.65
N GLU A 91 -11.02 -16.29 -2.24
CA GLU A 91 -9.78 -17.08 -2.22
C GLU A 91 -8.83 -16.60 -1.10
N SER A 92 -7.89 -17.48 -0.71
CA SER A 92 -6.89 -17.18 0.32
C SER A 92 -5.79 -16.27 -0.28
N ARG A 93 -6.05 -14.96 -0.24
CA ARG A 93 -5.14 -13.91 -0.73
C ARG A 93 -4.02 -13.61 0.27
N ASP A 94 -2.81 -13.37 -0.25
CA ASP A 94 -1.64 -13.03 0.58
C ASP A 94 -0.90 -11.81 -0.01
N LEU A 95 -0.54 -10.86 0.87
CA LEU A 95 0.22 -9.65 0.51
C LEU A 95 1.53 -9.62 1.30
N HIS A 96 2.64 -9.49 0.59
CA HIS A 96 3.97 -9.67 1.17
C HIS A 96 4.46 -8.34 1.73
N ALA A 97 4.93 -8.36 2.97
CA ALA A 97 5.41 -7.19 3.69
C ALA A 97 6.94 -7.18 3.63
N PHE A 98 7.50 -6.08 3.14
CA PHE A 98 8.94 -5.89 3.00
C PHE A 98 9.37 -4.62 3.75
N ARG A 99 10.68 -4.46 3.85
CA ARG A 99 11.35 -3.25 4.33
C ARG A 99 12.83 -3.38 3.95
N GLN A 100 13.49 -2.25 3.61
CA GLN A 100 14.78 -2.22 2.88
C GLN A 100 15.81 -3.22 3.43
N ALA A 101 16.40 -2.93 4.61
CA ALA A 101 17.28 -3.90 5.30
C ALA A 101 16.68 -4.32 6.64
N ALA A 102 16.80 -3.43 7.65
CA ALA A 102 16.43 -3.72 9.05
C ALA A 102 15.58 -2.59 9.65
N ASP A 103 14.61 -2.08 8.87
CA ASP A 103 13.69 -1.01 9.35
C ASP A 103 12.98 -1.46 10.64
N GLU A 104 12.89 -0.56 11.62
CA GLU A 104 12.21 -0.81 12.90
C GLU A 104 11.19 0.30 13.21
N SER A 105 10.80 1.05 12.16
CA SER A 105 9.75 2.08 12.25
C SER A 105 8.34 1.47 12.14
N ARG A 106 8.25 0.10 12.23
CA ARG A 106 7.02 -0.69 12.06
C ARG A 106 6.48 -0.60 10.61
N THR A 107 7.31 -0.07 9.69
CA THR A 107 6.88 0.23 8.33
C THR A 107 6.92 -1.04 7.46
N LEU A 108 5.76 -1.72 7.39
CA LEU A 108 5.57 -2.88 6.51
C LEU A 108 5.01 -2.39 5.17
N PHE A 109 5.78 -2.61 4.12
CA PHE A 109 5.47 -2.15 2.77
C PHE A 109 4.86 -3.34 2.02
N VAL A 110 3.52 -3.31 1.81
CA VAL A 110 2.77 -4.41 1.15
C VAL A 110 2.29 -3.99 -0.26
N PRO A 111 3.10 -4.25 -1.34
CA PRO A 111 2.65 -4.08 -2.73
C PRO A 111 1.55 -5.10 -3.06
N PHE A 112 0.68 -4.72 -3.99
CA PHE A 112 -0.32 -5.62 -4.56
C PHE A 112 -0.54 -5.25 -6.03
N ARG A 113 -1.32 -6.08 -6.71
CA ARG A 113 -1.87 -5.79 -8.03
C ARG A 113 -3.28 -6.36 -8.06
N ASP A 114 -4.27 -5.54 -8.37
CA ASP A 114 -5.67 -5.95 -8.38
C ASP A 114 -6.22 -5.80 -9.80
N LYS A 115 -7.54 -5.88 -9.98
CA LYS A 115 -8.15 -5.90 -11.32
C LYS A 115 -8.40 -4.50 -11.88
N THR A 116 -8.39 -3.46 -11.01
CA THR A 116 -8.51 -2.05 -11.47
C THR A 116 -7.20 -1.58 -12.12
N THR A 117 -6.08 -2.22 -11.74
CA THR A 117 -4.72 -1.91 -12.23
C THR A 117 -4.67 -1.98 -13.78
N GLY A 118 -4.36 -0.82 -14.41
CA GLY A 118 -4.27 -0.70 -15.86
C GLY A 118 -5.63 -0.76 -16.57
N GLN A 119 -6.71 -0.41 -15.84
CA GLN A 119 -8.10 -0.42 -16.36
C GLN A 119 -8.76 0.95 -16.04
N GLN A 120 -9.40 1.06 -14.85
CA GLN A 120 -9.92 2.36 -14.33
C GLN A 120 -8.82 3.08 -13.52
N SER A 121 -7.75 2.32 -13.20
CA SER A 121 -6.51 2.82 -12.58
C SER A 121 -5.46 2.85 -13.68
N TYR A 122 -4.54 3.82 -13.63
CA TYR A 122 -3.40 3.90 -14.56
C TYR A 122 -2.46 2.67 -14.36
N ASP A 123 -1.66 2.34 -15.40
CA ASP A 123 -0.89 1.08 -15.44
C ASP A 123 0.26 1.08 -14.42
N GLY A 124 0.54 -0.11 -13.87
CA GLY A 124 1.44 -0.27 -12.73
C GLY A 124 0.64 -0.62 -11.49
N GLY A 125 1.02 -1.73 -10.80
CA GLY A 125 0.29 -2.22 -9.62
C GLY A 125 0.43 -1.29 -8.44
N ARG A 126 -0.38 -1.50 -7.40
CA ARG A 126 -0.55 -0.48 -6.35
C ARG A 126 0.02 -1.00 -5.05
N TYR A 127 0.81 -0.16 -4.37
CA TYR A 127 1.41 -0.49 -3.09
C TYR A 127 0.63 0.17 -1.95
N MET A 128 0.22 -0.68 -1.01
CA MET A 128 -0.44 -0.30 0.25
C MET A 128 0.62 -0.36 1.36
N GLU A 129 0.36 0.27 2.51
CA GLU A 129 1.28 0.25 3.65
C GLU A 129 0.50 0.17 4.97
N LEU A 130 1.01 -0.63 5.91
CA LEU A 130 0.50 -0.72 7.29
C LEU A 130 1.67 -0.72 8.27
N GLU A 131 1.41 -0.14 9.44
CA GLU A 131 2.37 -0.05 10.54
C GLU A 131 1.72 -0.60 11.82
N PRO A 132 2.03 -1.88 12.22
CA PRO A 132 1.48 -2.51 13.46
C PRO A 132 1.91 -1.78 14.75
N ASP A 133 1.19 -2.06 15.84
CA ASP A 133 1.50 -1.51 17.18
C ASP A 133 2.89 -1.98 17.64
N ARG A 134 3.05 -3.30 17.69
CA ARG A 134 4.29 -3.97 18.10
C ARG A 134 4.92 -4.71 16.92
N ASP A 135 6.06 -5.38 17.17
CA ASP A 135 6.80 -6.14 16.14
C ASP A 135 6.12 -7.50 15.92
N LEU A 136 5.91 -7.88 14.65
CA LEU A 136 5.11 -9.08 14.29
C LEU A 136 5.98 -10.34 14.12
N SER A 137 5.37 -11.49 14.42
CA SER A 137 5.98 -12.83 14.25
C SER A 137 5.09 -13.70 13.34
N ASP A 138 5.55 -14.93 13.04
CA ASP A 138 4.76 -15.89 12.24
C ASP A 138 3.66 -16.51 13.13
N GLY A 139 2.40 -16.25 12.74
CA GLY A 139 1.21 -16.64 13.53
C GLY A 139 0.63 -15.45 14.27
N ASP A 140 1.18 -14.24 14.03
CA ASP A 140 0.68 -12.96 14.61
C ASP A 140 -0.49 -12.45 13.74
N GLU A 141 -1.32 -11.55 14.26
CA GLU A 141 -2.44 -10.94 13.51
C GLU A 141 -2.09 -9.52 13.02
N ILE A 142 -2.78 -9.09 11.93
CA ILE A 142 -2.59 -7.76 11.29
C ILE A 142 -3.90 -7.37 10.55
N THR A 143 -4.18 -6.06 10.45
CA THR A 143 -5.46 -5.55 9.88
C THR A 143 -5.18 -4.81 8.54
N LEU A 144 -5.93 -5.18 7.47
CA LEU A 144 -5.66 -4.79 6.06
C LEU A 144 -6.86 -3.97 5.51
N ASP A 145 -6.72 -2.63 5.36
CA ASP A 145 -7.68 -1.85 4.54
C ASP A 145 -6.99 -1.25 3.32
N PHE A 146 -7.37 -1.80 2.17
CA PHE A 146 -6.80 -1.47 0.84
C PHE A 146 -7.22 -0.08 0.34
N ASN A 147 -8.06 0.59 1.15
CA ASN A 147 -8.52 1.98 0.95
C ASN A 147 -7.32 2.92 0.78
N LEU A 148 -6.31 2.70 1.64
CA LEU A 148 -5.17 3.61 1.83
C LEU A 148 -4.02 3.30 0.84
N ALA A 149 -4.37 2.71 -0.34
CA ALA A 149 -3.41 2.48 -1.43
C ALA A 149 -3.10 3.81 -2.14
N TYR A 150 -1.83 4.24 -2.08
CA TYR A 150 -1.42 5.62 -2.41
C TYR A 150 -1.29 5.82 -3.93
N SER A 151 -1.29 7.09 -4.37
CA SER A 151 -0.88 7.45 -5.75
C SER A 151 0.54 6.94 -6.06
N PRO A 152 0.80 6.39 -7.30
CA PRO A 152 2.13 5.87 -7.69
C PRO A 152 3.13 6.99 -7.99
N PHE A 153 4.27 7.00 -7.27
CA PHE A 153 5.48 7.68 -7.76
C PHE A 153 5.85 7.22 -9.19
N CYS A 154 6.00 5.88 -9.35
CA CYS A 154 6.54 5.23 -10.56
C CYS A 154 5.70 5.46 -11.83
N ALA A 155 4.39 5.20 -11.74
CA ALA A 155 3.47 5.33 -12.90
C ALA A 155 3.33 6.79 -13.36
N TYR A 156 3.55 7.75 -12.44
CA TYR A 156 3.47 9.20 -12.74
C TYR A 156 4.86 9.80 -13.02
N SER A 157 5.93 9.06 -12.71
CA SER A 157 7.32 9.44 -13.01
C SER A 157 8.18 8.19 -13.25
N ASP A 158 8.64 8.02 -14.50
CA ASP A 158 9.38 6.82 -14.97
C ASP A 158 10.78 6.70 -14.29
N THR A 159 11.20 7.78 -13.63
CA THR A 159 12.48 7.85 -12.89
C THR A 159 12.44 7.02 -11.57
N PHE A 160 11.27 6.47 -11.22
CA PHE A 160 11.13 5.49 -10.13
C PHE A 160 10.91 4.10 -10.76
N SER A 161 11.45 3.05 -10.14
CA SER A 161 11.24 1.66 -10.60
C SER A 161 10.09 1.04 -9.78
N CYS A 162 9.00 0.63 -10.46
CA CYS A 162 7.76 0.12 -9.82
C CYS A 162 8.08 -1.12 -8.97
N PRO A 163 7.49 -1.26 -7.72
CA PRO A 163 7.82 -2.38 -6.82
C PRO A 163 7.48 -3.72 -7.47
N LEU A 164 8.53 -4.55 -7.67
CA LEU A 164 8.44 -5.91 -8.21
C LEU A 164 7.38 -6.75 -7.44
N PRO A 165 6.17 -6.99 -8.04
CA PRO A 165 5.09 -7.75 -7.38
C PRO A 165 5.18 -9.25 -7.70
N PRO A 166 5.24 -10.15 -6.65
CA PRO A 166 5.13 -11.61 -6.87
C PRO A 166 3.72 -11.99 -7.38
N GLU A 167 3.61 -13.08 -8.16
CA GLU A 167 2.31 -13.59 -8.66
C GLU A 167 1.35 -13.95 -7.49
N SER A 168 1.96 -14.16 -6.31
CA SER A 168 1.28 -14.46 -5.05
C SER A 168 0.39 -13.29 -4.56
N ASN A 169 0.82 -12.03 -4.83
CA ASN A 169 0.18 -10.81 -4.27
C ASN A 169 -0.90 -10.23 -5.22
N TRP A 170 -1.14 -10.93 -6.35
CA TRP A 170 -2.13 -10.52 -7.35
C TRP A 170 -3.55 -10.85 -6.83
N LEU A 171 -4.29 -9.80 -6.44
CA LEU A 171 -5.66 -9.91 -5.94
C LEU A 171 -6.61 -10.00 -7.15
N GLU A 172 -7.31 -11.16 -7.35
CA GLU A 172 -8.31 -11.28 -8.44
C GLU A 172 -9.67 -10.72 -7.97
N THR A 173 -9.66 -9.40 -7.73
CA THR A 173 -10.83 -8.59 -7.39
C THR A 173 -10.50 -7.13 -7.69
N ALA A 174 -11.51 -6.34 -8.04
CA ALA A 174 -11.33 -4.92 -8.35
C ALA A 174 -11.42 -4.13 -7.04
N VAL A 175 -10.25 -3.92 -6.40
CA VAL A 175 -10.12 -3.11 -5.19
C VAL A 175 -10.52 -1.66 -5.49
N THR A 176 -11.73 -1.30 -5.04
CA THR A 176 -12.20 0.08 -4.99
C THR A 176 -13.03 0.27 -3.72
N ALA A 177 -12.93 1.45 -3.13
CA ALA A 177 -13.68 1.85 -1.95
C ALA A 177 -14.05 3.32 -2.13
N GLY A 178 -15.34 3.66 -1.90
CA GLY A 178 -15.83 5.01 -2.20
C GLY A 178 -15.75 5.36 -3.67
N GLU A 179 -15.43 6.64 -3.97
CA GLU A 179 -15.17 7.11 -5.34
C GLU A 179 -13.96 6.36 -5.94
N ARG A 180 -13.96 6.24 -7.27
CA ARG A 180 -13.05 5.36 -8.01
C ARG A 180 -11.69 6.05 -8.28
N THR A 181 -10.87 5.41 -9.12
CA THR A 181 -9.53 5.88 -9.51
C THR A 181 -9.62 6.80 -10.74
N ASP A 182 -8.44 7.25 -11.23
CA ASP A 182 -8.29 8.25 -12.32
C ASP A 182 -9.11 7.87 -13.58
N LEU A 183 -10.39 8.28 -13.57
CA LEU A 183 -11.33 8.03 -14.68
C LEU A 183 -11.05 8.97 -15.87
N GLU A 184 -10.63 10.21 -15.53
CA GLU A 184 -10.29 11.27 -16.51
C GLU A 184 -8.92 11.87 -16.18
N HIS A 185 -8.30 12.46 -17.20
CA HIS A 185 -7.07 13.28 -17.08
C HIS A 185 -7.33 14.63 -17.78
N MET A 1 -17.29 -2.35 21.80
CA MET A 1 -15.87 -1.92 21.62
C MET A 1 -15.76 -0.90 20.49
N ASP A 2 -16.69 0.07 20.52
CA ASP A 2 -16.78 1.18 19.55
C ASP A 2 -15.50 2.01 19.57
N GLU A 3 -15.02 2.32 20.79
CA GLU A 3 -13.76 3.04 21.03
C GLU A 3 -12.60 2.44 20.20
N ASP A 4 -12.51 1.11 20.21
CA ASP A 4 -11.46 0.34 19.50
C ASP A 4 -11.70 0.33 17.98
N THR A 5 -12.97 0.31 17.56
CA THR A 5 -13.34 0.20 16.14
C THR A 5 -13.09 1.53 15.40
N GLU A 6 -13.44 2.65 16.06
CA GLU A 6 -13.21 4.01 15.52
C GLU A 6 -11.77 4.49 15.82
N ASP A 7 -11.07 3.75 16.71
CA ASP A 7 -9.63 3.98 17.01
C ASP A 7 -8.79 3.91 15.72
N TRP A 8 -9.22 3.00 14.81
CA TRP A 8 -8.74 2.94 13.42
C TRP A 8 -8.67 4.33 12.77
N GLU A 9 -9.82 5.03 12.72
CA GLU A 9 -9.90 6.37 12.06
C GLU A 9 -9.39 7.50 12.97
N THR A 10 -9.20 7.20 14.27
CA THR A 10 -8.63 8.16 15.23
C THR A 10 -7.10 8.29 14.98
N GLN A 11 -6.37 7.16 15.05
CA GLN A 11 -4.92 7.13 14.75
C GLN A 11 -4.65 7.49 13.27
N LEU A 12 -5.62 7.14 12.39
CA LEU A 12 -5.55 7.41 10.94
C LEU A 12 -5.39 8.91 10.64
N GLN A 13 -5.95 9.78 11.50
CA GLN A 13 -5.87 11.25 11.31
C GLN A 13 -4.40 11.73 11.40
N ALA A 14 -3.62 11.11 12.32
CA ALA A 14 -2.20 11.43 12.51
C ALA A 14 -1.36 10.85 11.36
N ASN A 15 -1.68 9.59 11.02
CA ASN A 15 -1.06 8.84 9.91
C ASN A 15 -1.14 9.61 8.59
N ARG A 16 -2.35 10.09 8.26
CA ARG A 16 -2.64 10.73 6.96
C ARG A 16 -2.10 12.15 6.88
N ASP A 17 -2.05 12.84 8.05
CA ASP A 17 -1.82 14.29 8.13
C ASP A 17 -0.44 14.65 7.55
N GLU A 18 0.62 14.21 8.21
CA GLU A 18 2.00 14.48 7.77
C GLU A 18 2.39 13.63 6.53
N LYS A 19 1.58 12.60 6.23
CA LYS A 19 1.77 11.77 5.03
C LYS A 19 1.40 12.59 3.76
N ASP A 20 0.38 13.45 3.89
CA ASP A 20 -0.07 14.35 2.82
C ASP A 20 1.02 15.38 2.45
N ARG A 21 1.71 15.90 3.48
CA ARG A 21 2.76 16.93 3.29
C ARG A 21 4.08 16.28 2.86
N PHE A 22 4.20 14.94 3.04
CA PHE A 22 5.38 14.18 2.62
C PHE A 22 5.64 14.34 1.10
N PHE A 23 4.59 14.21 0.29
CA PHE A 23 4.65 14.40 -1.18
C PHE A 23 4.79 15.89 -1.56
N SER A 24 4.42 16.79 -0.64
CA SER A 24 4.31 18.23 -0.92
C SER A 24 5.57 19.01 -0.49
N GLU A 25 6.25 18.53 0.56
CA GLU A 25 7.33 19.28 1.25
C GLU A 25 8.63 18.43 1.30
N HIS A 26 8.50 17.20 1.82
CA HIS A 26 9.68 16.34 2.12
C HIS A 26 10.33 15.85 0.81
N ARG A 27 9.57 15.08 0.04
CA ARG A 27 9.98 14.57 -1.28
C ARG A 27 9.35 15.39 -2.38
N GLN A 28 10.04 15.47 -3.54
CA GLN A 28 9.51 16.07 -4.77
C GLN A 28 8.20 15.35 -5.18
N SER A 29 7.25 16.13 -5.72
CA SER A 29 5.93 15.64 -6.10
C SER A 29 6.02 14.40 -7.03
N PRO A 30 5.47 13.22 -6.60
CA PRO A 30 5.23 12.05 -7.49
C PRO A 30 4.06 12.32 -8.43
N ILE A 31 3.12 13.12 -7.94
CA ILE A 31 2.03 13.68 -8.74
C ILE A 31 2.58 14.94 -9.47
N PRO A 32 2.97 14.82 -10.79
CA PRO A 32 3.73 15.87 -11.52
C PRO A 32 2.89 17.14 -11.79
N PRO A 33 3.55 18.31 -12.19
CA PRO A 33 2.88 19.62 -12.44
C PRO A 33 1.50 19.53 -13.14
N GLU A 34 1.42 18.63 -14.13
CA GLU A 34 0.22 18.43 -14.96
C GLU A 34 -0.93 17.83 -14.14
N GLU A 35 -0.63 16.71 -13.45
CA GLU A 35 -1.62 15.98 -12.65
C GLU A 35 -2.09 16.80 -11.44
N ARG A 36 -1.14 17.31 -10.63
CA ARG A 36 -1.45 18.00 -9.36
C ARG A 36 -2.13 19.37 -9.58
N ASP A 37 -2.32 19.77 -10.85
CA ASP A 37 -3.11 20.97 -11.19
C ASP A 37 -4.60 20.75 -10.85
N ASP A 38 -5.13 19.55 -11.17
CA ASP A 38 -6.52 19.17 -10.82
C ASP A 38 -6.55 18.29 -9.56
N PHE A 39 -5.52 17.44 -9.39
CA PHE A 39 -5.41 16.54 -8.22
C PHE A 39 -4.77 17.28 -7.05
N ASP A 40 -5.20 16.96 -5.84
CA ASP A 40 -4.61 17.48 -4.59
C ASP A 40 -3.43 16.58 -4.17
N GLY A 41 -2.69 16.99 -3.12
CA GLY A 41 -1.58 16.20 -2.53
C GLY A 41 -1.86 14.71 -2.24
N LEU A 42 -1.17 14.14 -1.22
CA LEU A 42 -1.25 12.68 -0.97
C LEU A 42 -2.60 12.37 -0.30
N SER A 43 -3.59 12.12 -1.15
CA SER A 43 -4.85 11.48 -0.77
C SER A 43 -4.83 10.08 -1.36
N TYR A 44 -5.28 9.12 -0.57
CA TYR A 44 -5.36 7.71 -0.98
C TYR A 44 -6.81 7.37 -1.31
N PHE A 45 -7.07 6.08 -1.54
CA PHE A 45 -8.43 5.54 -1.67
C PHE A 45 -9.26 6.00 -0.45
N ASP A 46 -10.48 6.53 -0.67
CA ASP A 46 -11.25 7.17 0.40
C ASP A 46 -11.86 6.03 1.25
N PRO A 47 -11.70 6.06 2.61
CA PRO A 47 -12.09 4.95 3.53
C PRO A 47 -13.46 4.28 3.21
N ASP A 48 -13.39 3.10 2.57
CA ASP A 48 -14.51 2.15 2.44
C ASP A 48 -14.27 0.99 3.42
N PRO A 49 -14.76 1.11 4.71
CA PRO A 49 -14.40 0.17 5.80
C PRO A 49 -14.94 -1.26 5.60
N ASP A 50 -15.93 -1.41 4.69
CA ASP A 50 -16.52 -2.72 4.34
C ASP A 50 -15.55 -3.60 3.54
N TYR A 51 -14.61 -2.95 2.82
CA TYR A 51 -13.66 -3.64 1.91
C TYR A 51 -12.38 -4.04 2.68
N ARG A 52 -12.33 -3.63 3.95
CA ARG A 52 -11.22 -3.91 4.87
C ARG A 52 -11.30 -5.36 5.38
N VAL A 53 -10.17 -6.09 5.30
CA VAL A 53 -10.08 -7.48 5.80
C VAL A 53 -9.00 -7.57 6.90
N GLU A 54 -8.92 -8.74 7.55
CA GLU A 54 -7.88 -9.04 8.56
C GLU A 54 -7.07 -10.26 8.10
N ALA A 55 -5.80 -10.37 8.55
CA ALA A 55 -4.88 -11.43 8.10
C ALA A 55 -3.98 -11.91 9.24
N THR A 56 -3.53 -13.17 9.13
CA THR A 56 -2.51 -13.76 10.00
C THR A 56 -1.12 -13.55 9.36
N VAL A 57 -0.15 -13.13 10.17
CA VAL A 57 1.22 -12.89 9.72
C VAL A 57 2.03 -14.20 9.70
N THR A 58 2.71 -14.45 8.60
CA THR A 58 3.58 -15.60 8.39
C THR A 58 4.98 -15.08 8.04
N VAL A 59 5.85 -15.02 9.05
CA VAL A 59 7.17 -14.38 8.92
C VAL A 59 8.18 -15.39 8.39
N HIS A 60 8.91 -14.97 7.36
CA HIS A 60 9.97 -15.74 6.74
C HIS A 60 11.26 -15.58 7.54
N GLU A 61 11.69 -16.70 8.17
CA GLU A 61 12.90 -16.77 9.02
C GLU A 61 14.18 -16.40 8.24
N THR A 62 14.12 -16.55 6.91
CA THR A 62 15.19 -16.12 5.99
C THR A 62 14.62 -15.05 5.03
N PRO A 63 14.80 -13.71 5.33
CA PRO A 63 14.25 -12.62 4.50
C PRO A 63 14.95 -12.55 3.12
N GLU A 64 14.16 -12.65 2.04
CA GLU A 64 14.67 -12.68 0.66
C GLU A 64 14.69 -11.27 0.04
N SER A 65 15.57 -11.08 -0.97
CA SER A 65 15.82 -9.78 -1.58
C SER A 65 14.78 -9.48 -2.68
N VAL A 66 14.03 -8.37 -2.53
CA VAL A 66 12.99 -7.95 -3.48
C VAL A 66 13.23 -6.48 -3.93
N ASP A 67 13.34 -6.26 -5.25
CA ASP A 67 13.53 -4.90 -5.81
C ASP A 67 12.17 -4.17 -5.86
N LEU A 68 12.01 -3.16 -5.00
CA LEU A 68 10.82 -2.27 -5.02
C LEU A 68 11.29 -0.82 -5.17
N GLU A 69 10.35 0.09 -5.45
CA GLU A 69 10.66 1.52 -5.49
C GLU A 69 10.49 2.13 -4.09
N THR A 70 11.20 3.23 -3.87
CA THR A 70 11.06 4.07 -2.69
C THR A 70 10.54 5.46 -3.12
N SER A 71 10.42 6.38 -2.15
CA SER A 71 9.88 7.75 -2.38
C SER A 71 10.93 8.70 -3.02
N ASP A 72 11.98 8.12 -3.63
CA ASP A 72 13.18 8.84 -4.09
C ASP A 72 13.38 8.58 -5.59
N ASP A 73 12.30 8.07 -6.25
CA ASP A 73 12.28 7.58 -7.66
C ASP A 73 13.40 6.57 -7.96
N ARG A 74 13.94 5.97 -6.88
CA ARG A 74 15.08 5.05 -6.91
C ARG A 74 14.57 3.61 -6.76
N THR A 75 15.47 2.64 -6.96
CA THR A 75 15.19 1.22 -6.79
C THR A 75 16.06 0.76 -5.61
N VAL A 76 15.42 0.18 -4.59
CA VAL A 76 16.12 -0.23 -3.35
C VAL A 76 15.65 -1.63 -2.95
N ARG A 77 16.59 -2.40 -2.41
CA ARG A 77 16.36 -3.79 -2.01
C ARG A 77 15.64 -3.83 -0.66
N TYR A 78 14.45 -4.45 -0.66
CA TYR A 78 13.67 -4.71 0.55
C TYR A 78 13.89 -6.16 0.99
N LEU A 79 13.84 -6.39 2.29
CA LEU A 79 13.87 -7.73 2.87
C LEU A 79 12.44 -8.19 3.14
N HIS A 80 12.08 -9.34 2.54
CA HIS A 80 10.76 -9.93 2.72
C HIS A 80 10.72 -10.62 4.09
N VAL A 81 10.13 -9.92 5.06
CA VAL A 81 10.09 -10.36 6.45
C VAL A 81 8.81 -11.15 6.74
N ALA A 82 7.69 -10.80 6.07
CA ALA A 82 6.37 -11.36 6.41
C ALA A 82 5.50 -11.60 5.16
N THR A 83 4.50 -12.45 5.31
CA THR A 83 3.44 -12.67 4.31
C THR A 83 2.11 -12.75 5.04
N LEU A 84 1.13 -12.03 4.55
CA LEU A 84 -0.15 -11.84 5.21
C LEU A 84 -1.19 -12.74 4.55
N SER A 85 -1.53 -13.83 5.23
CA SER A 85 -2.49 -14.83 4.74
C SER A 85 -3.92 -14.42 5.15
N PHE A 86 -4.79 -14.26 4.15
CA PHE A 86 -6.18 -13.84 4.36
C PHE A 86 -7.09 -14.35 3.22
N ASP A 87 -8.35 -13.92 3.28
CA ASP A 87 -9.35 -14.15 2.22
C ASP A 87 -9.86 -12.80 1.71
N LEU A 88 -10.13 -12.73 0.40
CA LEU A 88 -10.67 -11.53 -0.26
C LEU A 88 -11.56 -11.99 -1.42
N ASP A 89 -12.73 -11.31 -1.61
CA ASP A 89 -13.71 -11.60 -2.70
C ASP A 89 -14.41 -12.96 -2.47
N GLY A 90 -13.67 -14.04 -2.70
CA GLY A 90 -14.14 -15.41 -2.46
C GLY A 90 -13.01 -16.42 -2.59
N GLU A 91 -11.76 -15.91 -2.50
CA GLU A 91 -10.53 -16.67 -2.73
C GLU A 91 -9.51 -16.36 -1.60
N SER A 92 -8.60 -17.30 -1.35
CA SER A 92 -7.48 -17.10 -0.43
C SER A 92 -6.41 -16.25 -1.14
N ARG A 93 -5.97 -15.15 -0.50
CA ARG A 93 -4.98 -14.23 -1.07
C ARG A 93 -3.81 -14.02 -0.08
N ASP A 94 -2.61 -13.85 -0.63
CA ASP A 94 -1.41 -13.46 0.12
C ASP A 94 -0.96 -12.06 -0.31
N LEU A 95 -0.55 -11.24 0.67
CA LEU A 95 0.19 -9.98 0.41
C LEU A 95 1.46 -9.99 1.24
N HIS A 96 2.60 -9.84 0.58
CA HIS A 96 3.91 -10.00 1.20
C HIS A 96 4.35 -8.64 1.77
N ALA A 97 4.72 -8.63 3.06
CA ALA A 97 5.08 -7.40 3.79
C ALA A 97 6.60 -7.30 3.88
N PHE A 98 7.13 -6.17 3.39
CA PHE A 98 8.56 -5.94 3.30
C PHE A 98 8.93 -4.69 4.11
N ARG A 99 10.23 -4.47 4.24
CA ARG A 99 10.82 -3.23 4.78
C ARG A 99 12.28 -3.20 4.30
N GLN A 100 12.82 -1.99 4.02
CA GLN A 100 14.10 -1.82 3.29
C GLN A 100 15.24 -2.68 3.86
N ALA A 101 15.78 -2.31 5.03
CA ALA A 101 16.86 -3.09 5.68
C ALA A 101 16.41 -3.68 7.02
N ALA A 102 16.41 -2.85 8.08
CA ALA A 102 16.25 -3.31 9.48
C ALA A 102 15.20 -2.50 10.24
N ASP A 103 14.08 -2.14 9.58
CA ASP A 103 13.05 -1.27 10.19
C ASP A 103 12.38 -1.97 11.40
N GLU A 104 12.05 -1.17 12.41
CA GLU A 104 11.28 -1.60 13.59
C GLU A 104 10.33 -0.46 14.02
N SER A 105 10.16 0.53 13.13
CA SER A 105 9.28 1.70 13.35
C SER A 105 7.84 1.39 12.84
N ARG A 106 7.56 0.08 12.65
CA ARG A 106 6.24 -0.49 12.27
C ARG A 106 5.92 -0.18 10.81
N THR A 107 6.90 0.27 10.04
CA THR A 107 6.68 0.71 8.65
C THR A 107 6.90 -0.48 7.71
N LEU A 108 5.78 -1.07 7.29
CA LEU A 108 5.73 -2.20 6.36
C LEU A 108 5.14 -1.74 5.03
N PHE A 109 5.76 -2.16 3.94
CA PHE A 109 5.36 -1.76 2.58
C PHE A 109 4.79 -2.98 1.87
N VAL A 110 3.49 -2.94 1.56
CA VAL A 110 2.79 -4.00 0.81
C VAL A 110 2.22 -3.43 -0.51
N PRO A 111 3.00 -3.49 -1.63
CA PRO A 111 2.44 -3.21 -2.96
C PRO A 111 1.60 -4.41 -3.41
N PHE A 112 0.36 -4.17 -3.84
CA PHE A 112 -0.50 -5.24 -4.38
C PHE A 112 -0.87 -4.92 -5.82
N ARG A 113 -1.27 -5.94 -6.58
CA ARG A 113 -1.65 -5.77 -7.98
C ARG A 113 -2.91 -6.60 -8.26
N ASP A 114 -4.00 -5.93 -8.61
CA ASP A 114 -5.31 -6.55 -8.80
C ASP A 114 -5.76 -6.36 -10.26
N LYS A 115 -7.06 -6.56 -10.55
CA LYS A 115 -7.58 -6.52 -11.93
C LYS A 115 -8.04 -5.11 -12.35
N THR A 116 -7.92 -4.10 -11.45
CA THR A 116 -8.11 -2.68 -11.83
C THR A 116 -6.79 -2.12 -12.40
N THR A 117 -5.67 -2.73 -11.97
CA THR A 117 -4.32 -2.39 -12.47
C THR A 117 -4.17 -2.88 -13.93
N GLY A 118 -3.65 -2.00 -14.79
CA GLY A 118 -3.53 -2.24 -16.22
C GLY A 118 -4.86 -2.28 -16.96
N GLN A 119 -6.00 -2.13 -16.24
CA GLN A 119 -7.35 -2.29 -16.81
C GLN A 119 -8.26 -1.08 -16.45
N GLN A 120 -8.85 -1.10 -15.23
CA GLN A 120 -9.91 -0.15 -14.82
C GLN A 120 -9.37 1.19 -14.28
N SER A 121 -8.04 1.39 -14.31
CA SER A 121 -7.38 2.54 -13.68
C SER A 121 -5.88 2.50 -14.00
N TYR A 122 -5.58 2.30 -15.32
CA TYR A 122 -4.21 2.23 -15.91
C TYR A 122 -3.17 1.38 -15.11
N ASP A 123 -1.92 1.39 -15.60
CA ASP A 123 -0.85 0.48 -15.13
C ASP A 123 -0.11 1.08 -13.90
N GLY A 124 1.08 0.53 -13.56
CA GLY A 124 1.86 0.96 -12.42
C GLY A 124 1.73 -0.03 -11.27
N GLY A 125 0.55 -0.03 -10.66
CA GLY A 125 0.21 -0.93 -9.57
C GLY A 125 -0.62 -0.24 -8.51
N ARG A 126 -0.94 -0.97 -7.44
CA ARG A 126 -1.57 -0.41 -6.24
C ARG A 126 -0.56 -0.51 -5.09
N TYR A 127 -0.39 0.55 -4.30
CA TYR A 127 0.53 0.54 -3.16
C TYR A 127 -0.24 0.69 -1.86
N MET A 128 0.16 -0.08 -0.86
CA MET A 128 -0.34 0.06 0.51
C MET A 128 0.85 0.05 1.47
N GLU A 129 0.64 0.66 2.64
CA GLU A 129 1.61 0.68 3.72
C GLU A 129 0.88 0.40 5.04
N LEU A 130 1.39 -0.56 5.78
CA LEU A 130 0.87 -0.95 7.09
C LEU A 130 1.75 -0.36 8.16
N GLU A 131 1.13 0.31 9.13
CA GLU A 131 1.78 0.63 10.40
C GLU A 131 0.99 -0.07 11.52
N PRO A 132 1.33 -1.36 11.86
CA PRO A 132 0.69 -2.10 12.96
C PRO A 132 0.95 -1.46 14.33
N ASP A 133 0.19 -1.91 15.34
CA ASP A 133 0.30 -1.43 16.73
C ASP A 133 1.69 -1.79 17.26
N ARG A 134 1.97 -3.09 17.21
CA ARG A 134 3.26 -3.67 17.58
C ARG A 134 3.90 -4.27 16.33
N ASP A 135 5.13 -4.81 16.43
CA ASP A 135 5.83 -5.38 15.26
C ASP A 135 5.23 -6.76 14.96
N LEU A 136 5.30 -7.18 13.69
CA LEU A 136 4.67 -8.42 13.24
C LEU A 136 5.69 -9.57 13.19
N SER A 137 5.38 -10.64 13.92
CA SER A 137 6.11 -11.91 13.86
C SER A 137 5.14 -13.01 13.43
N ASP A 138 5.66 -14.21 13.18
CA ASP A 138 4.88 -15.35 12.70
C ASP A 138 3.83 -15.78 13.75
N GLY A 139 2.58 -15.33 13.54
CA GLY A 139 1.47 -15.65 14.44
C GLY A 139 0.67 -14.43 14.85
N ASP A 140 1.27 -13.23 14.74
CA ASP A 140 0.60 -11.95 15.02
C ASP A 140 -0.49 -11.66 13.97
N GLU A 141 -1.36 -10.69 14.27
CA GLU A 141 -2.45 -10.28 13.37
C GLU A 141 -2.18 -8.89 12.77
N ILE A 142 -2.83 -8.61 11.63
CA ILE A 142 -2.67 -7.35 10.87
C ILE A 142 -3.97 -7.06 10.10
N THR A 143 -4.27 -5.78 9.88
CA THR A 143 -5.43 -5.33 9.10
C THR A 143 -4.98 -4.87 7.70
N LEU A 144 -5.65 -5.35 6.64
CA LEU A 144 -5.32 -5.00 5.23
C LEU A 144 -6.37 -4.03 4.69
N ASP A 145 -6.01 -2.75 4.71
CA ASP A 145 -6.85 -1.66 4.22
C ASP A 145 -6.56 -1.37 2.73
N PHE A 146 -7.32 -2.03 1.85
CA PHE A 146 -7.30 -1.74 0.39
C PHE A 146 -7.98 -0.39 0.15
N ASN A 147 -8.83 -0.03 1.12
CA ASN A 147 -9.58 1.22 1.18
C ASN A 147 -8.71 2.41 1.63
N LEU A 148 -7.41 2.19 1.89
CA LEU A 148 -6.44 3.28 2.20
C LEU A 148 -5.24 3.19 1.22
N ALA A 149 -5.44 2.51 0.06
CA ALA A 149 -4.37 2.28 -0.93
C ALA A 149 -3.98 3.57 -1.69
N TYR A 150 -2.66 3.77 -1.87
CA TYR A 150 -2.10 4.94 -2.56
C TYR A 150 -2.07 4.70 -4.08
N SER A 151 -2.30 5.76 -4.86
CA SER A 151 -2.17 5.75 -6.32
C SER A 151 -0.68 5.59 -6.76
N PRO A 152 -0.40 4.94 -7.95
CA PRO A 152 0.97 4.54 -8.32
C PRO A 152 1.88 5.70 -8.80
N PHE A 153 3.00 5.93 -8.05
CA PHE A 153 4.10 6.86 -8.43
C PHE A 153 4.47 6.76 -9.93
N CYS A 154 4.86 5.54 -10.35
CA CYS A 154 5.41 5.25 -11.67
C CYS A 154 4.44 5.58 -12.82
N ALA A 155 3.12 5.48 -12.55
CA ALA A 155 2.07 5.76 -13.55
C ALA A 155 1.86 7.28 -13.77
N TYR A 156 2.16 8.09 -12.75
CA TYR A 156 2.06 9.56 -12.83
C TYR A 156 3.36 10.16 -13.38
N SER A 157 4.49 9.62 -12.90
CA SER A 157 5.83 10.08 -13.26
C SER A 157 6.71 8.85 -13.50
N ASP A 158 7.14 8.67 -14.76
CA ASP A 158 7.91 7.49 -15.20
C ASP A 158 9.36 7.51 -14.67
N THR A 159 9.77 8.68 -14.11
CA THR A 159 11.08 8.85 -13.45
C THR A 159 11.21 7.92 -12.23
N PHE A 160 10.06 7.43 -11.72
CA PHE A 160 10.01 6.46 -10.62
C PHE A 160 10.24 5.05 -11.16
N SER A 161 10.35 4.09 -10.23
CA SER A 161 10.73 2.71 -10.55
C SER A 161 9.48 1.82 -10.61
N CYS A 162 9.49 0.85 -11.54
CA CYS A 162 8.47 -0.19 -11.62
C CYS A 162 8.92 -1.36 -10.71
N PRO A 163 8.31 -1.53 -9.49
CA PRO A 163 8.70 -2.58 -8.50
C PRO A 163 8.56 -4.01 -9.04
N LEU A 164 9.12 -4.97 -8.32
CA LEU A 164 9.06 -6.40 -8.69
C LEU A 164 8.17 -7.12 -7.65
N PRO A 165 6.82 -7.18 -7.87
CA PRO A 165 5.90 -7.84 -6.95
C PRO A 165 5.82 -9.37 -7.22
N PRO A 166 6.04 -10.24 -6.19
CA PRO A 166 5.93 -11.71 -6.33
C PRO A 166 4.50 -12.12 -6.81
N GLU A 167 4.40 -13.07 -7.75
CA GLU A 167 3.12 -13.46 -8.40
C GLU A 167 2.02 -13.92 -7.39
N SER A 168 2.44 -14.24 -6.16
CA SER A 168 1.54 -14.64 -5.05
C SER A 168 0.75 -13.45 -4.46
N ASN A 169 1.16 -12.20 -4.79
CA ASN A 169 0.50 -10.98 -4.27
C ASN A 169 -0.58 -10.48 -5.24
N TRP A 170 -0.66 -11.14 -6.41
CA TRP A 170 -1.63 -10.80 -7.46
C TRP A 170 -3.03 -11.20 -7.01
N LEU A 171 -3.89 -10.20 -6.79
CA LEU A 171 -5.28 -10.43 -6.42
C LEU A 171 -6.07 -10.63 -7.70
N GLU A 172 -6.58 -11.86 -7.95
CA GLU A 172 -7.32 -12.18 -9.19
C GLU A 172 -8.80 -11.77 -9.02
N THR A 173 -8.98 -10.47 -8.75
CA THR A 173 -10.26 -9.83 -8.52
C THR A 173 -10.06 -8.30 -8.60
N ALA A 174 -11.14 -7.55 -8.84
CA ALA A 174 -11.09 -6.08 -8.94
C ALA A 174 -11.46 -5.46 -7.60
N VAL A 175 -10.64 -4.51 -7.12
CA VAL A 175 -10.85 -3.86 -5.83
C VAL A 175 -11.65 -2.57 -6.10
N THR A 176 -12.99 -2.71 -6.04
CA THR A 176 -13.92 -1.59 -6.22
C THR A 176 -14.07 -0.82 -4.89
N ALA A 177 -13.09 0.04 -4.61
CA ALA A 177 -12.99 0.79 -3.35
C ALA A 177 -12.23 2.10 -3.56
N GLY A 178 -12.52 3.06 -2.69
CA GLY A 178 -11.91 4.37 -2.70
C GLY A 178 -12.04 5.16 -4.00
N GLU A 179 -11.05 6.04 -4.23
CA GLU A 179 -11.04 6.95 -5.37
C GLU A 179 -10.47 6.26 -6.61
N ARG A 180 -11.17 6.41 -7.75
CA ARG A 180 -10.78 5.78 -9.02
C ARG A 180 -10.54 6.86 -10.08
N THR A 181 -9.36 6.82 -10.71
CA THR A 181 -9.09 7.52 -11.96
C THR A 181 -9.34 6.61 -13.19
N ASP A 182 -9.17 7.22 -14.38
CA ASP A 182 -9.33 6.56 -15.71
C ASP A 182 -10.74 5.96 -15.96
N LEU A 183 -11.67 6.16 -15.01
CA LEU A 183 -13.04 5.60 -15.07
C LEU A 183 -13.77 6.06 -16.35
N GLU A 184 -13.55 7.34 -16.71
CA GLU A 184 -14.06 7.94 -17.95
C GLU A 184 -12.86 8.49 -18.74
N HIS A 185 -12.21 7.61 -19.51
CA HIS A 185 -11.07 8.00 -20.36
C HIS A 185 -11.59 8.80 -21.58
N MET A 1 -18.02 1.66 13.12
CA MET A 1 -16.99 1.87 14.16
C MET A 1 -17.66 2.41 15.42
N ASP A 2 -17.39 1.80 16.59
CA ASP A 2 -17.96 2.27 17.86
C ASP A 2 -16.87 2.95 18.71
N GLU A 3 -16.10 2.14 19.47
CA GLU A 3 -14.95 2.61 20.27
C GLU A 3 -13.66 1.95 19.80
N ASP A 4 -13.64 0.61 19.93
CA ASP A 4 -12.46 -0.24 19.63
C ASP A 4 -11.92 -0.01 18.22
N THR A 5 -12.86 0.10 17.27
CA THR A 5 -12.57 0.06 15.84
C THR A 5 -12.57 1.49 15.21
N GLU A 6 -12.81 2.54 16.03
CA GLU A 6 -12.74 3.95 15.56
C GLU A 6 -11.27 4.45 15.58
N ASP A 7 -10.46 3.84 16.50
CA ASP A 7 -9.01 4.13 16.63
C ASP A 7 -8.26 3.88 15.31
N TRP A 8 -8.75 2.88 14.55
CA TRP A 8 -8.34 2.56 13.17
C TRP A 8 -8.27 3.84 12.29
N GLU A 9 -9.34 4.66 12.34
CA GLU A 9 -9.43 5.90 11.55
C GLU A 9 -8.51 7.00 12.14
N THR A 10 -8.25 6.93 13.46
CA THR A 10 -7.43 7.91 14.18
C THR A 10 -5.95 7.83 13.73
N GLN A 11 -5.37 6.61 13.79
CA GLN A 11 -4.00 6.36 13.31
C GLN A 11 -3.92 6.62 11.79
N LEU A 12 -5.00 6.24 11.05
CA LEU A 12 -5.07 6.36 9.59
C LEU A 12 -4.98 7.81 9.12
N GLN A 13 -5.81 8.68 9.73
CA GLN A 13 -5.95 10.09 9.31
C GLN A 13 -4.62 10.84 9.47
N ALA A 14 -3.82 10.40 10.47
CA ALA A 14 -2.47 10.91 10.72
C ALA A 14 -1.48 10.31 9.70
N ASN A 15 -1.60 8.98 9.44
CA ASN A 15 -0.77 8.22 8.47
C ASN A 15 -0.85 8.83 7.05
N ARG A 16 -2.01 9.43 6.72
CA ARG A 16 -2.23 10.07 5.40
C ARG A 16 -2.09 11.60 5.49
N ASP A 17 -2.15 12.19 6.71
CA ASP A 17 -1.90 13.64 6.93
C ASP A 17 -0.44 13.97 6.66
N GLU A 18 0.44 13.21 7.32
CA GLU A 18 1.89 13.30 7.13
C GLU A 18 2.27 12.92 5.69
N LYS A 19 1.44 12.04 5.08
CA LYS A 19 1.60 11.61 3.68
C LYS A 19 1.15 12.73 2.70
N ASP A 20 0.19 13.55 3.15
CA ASP A 20 -0.39 14.67 2.37
C ASP A 20 0.62 15.84 2.27
N ARG A 21 1.56 15.93 3.22
CA ARG A 21 2.69 16.87 3.14
C ARG A 21 3.96 16.17 2.64
N PHE A 22 4.01 14.83 2.75
CA PHE A 22 5.17 14.00 2.36
C PHE A 22 5.61 14.24 0.90
N PHE A 23 4.63 14.16 -0.03
CA PHE A 23 4.90 14.31 -1.49
C PHE A 23 5.23 15.77 -1.86
N SER A 24 4.87 16.74 -1.00
CA SER A 24 4.98 18.17 -1.32
C SER A 24 6.13 18.87 -0.58
N GLU A 25 6.52 18.35 0.60
CA GLU A 25 7.43 19.06 1.53
C GLU A 25 8.66 18.18 1.82
N HIS A 26 8.39 16.93 2.27
CA HIS A 26 9.45 15.96 2.66
C HIS A 26 10.27 15.55 1.42
N ARG A 27 9.55 15.29 0.35
CA ARG A 27 10.09 14.87 -0.95
C ARG A 27 9.47 15.70 -2.07
N GLN A 28 10.21 15.84 -3.17
CA GLN A 28 9.72 16.41 -4.43
C GLN A 28 8.47 15.64 -4.93
N SER A 29 7.52 16.38 -5.50
CA SER A 29 6.24 15.81 -5.97
C SER A 29 6.47 14.76 -7.09
N PRO A 30 6.01 13.49 -6.87
CA PRO A 30 6.03 12.44 -7.91
C PRO A 30 4.93 12.67 -8.96
N ILE A 31 3.88 13.38 -8.53
CA ILE A 31 2.85 13.94 -9.41
C ILE A 31 3.44 15.21 -10.06
N PRO A 32 3.96 15.12 -11.34
CA PRO A 32 4.72 16.22 -11.98
C PRO A 32 3.83 17.44 -12.26
N PRO A 33 4.42 18.66 -12.55
CA PRO A 33 3.65 19.90 -12.85
C PRO A 33 2.50 19.68 -13.83
N GLU A 34 2.71 18.74 -14.77
CA GLU A 34 1.76 18.42 -15.84
C GLU A 34 0.50 17.77 -15.25
N GLU A 35 0.69 16.70 -14.46
CA GLU A 35 -0.41 15.99 -13.80
C GLU A 35 -1.09 16.86 -12.75
N ARG A 36 -0.31 17.43 -11.80
CA ARG A 36 -0.88 18.14 -10.62
C ARG A 36 -1.58 19.47 -11.01
N ASP A 37 -1.53 19.82 -12.31
CA ASP A 37 -2.30 20.93 -12.87
C ASP A 37 -3.80 20.54 -12.93
N ASP A 38 -4.08 19.34 -13.47
CA ASP A 38 -5.45 18.77 -13.51
C ASP A 38 -5.85 18.15 -12.17
N PHE A 39 -4.87 17.55 -11.48
CA PHE A 39 -5.07 16.89 -10.18
C PHE A 39 -5.18 17.93 -9.06
N ASP A 40 -6.07 17.65 -8.12
CA ASP A 40 -6.26 18.44 -6.90
C ASP A 40 -5.23 17.99 -5.85
N GLY A 41 -5.06 18.77 -4.77
CA GLY A 41 -4.19 18.41 -3.63
C GLY A 41 -4.39 16.95 -3.18
N LEU A 42 -3.28 16.31 -2.74
CA LEU A 42 -3.13 14.84 -2.65
C LEU A 42 -4.36 14.09 -2.12
N SER A 43 -5.15 13.58 -3.07
CA SER A 43 -6.31 12.73 -2.80
C SER A 43 -5.85 11.30 -2.49
N TYR A 44 -6.37 10.74 -1.39
CA TYR A 44 -6.07 9.37 -0.95
C TYR A 44 -7.36 8.58 -0.81
N PHE A 45 -7.25 7.26 -1.02
CA PHE A 45 -8.40 6.34 -1.11
C PHE A 45 -9.25 6.40 0.17
N ASP A 46 -10.58 6.43 0.02
CA ASP A 46 -11.50 6.71 1.13
C ASP A 46 -11.69 5.44 1.99
N PRO A 47 -11.59 5.53 3.36
CA PRO A 47 -11.80 4.38 4.26
C PRO A 47 -13.27 3.86 4.26
N ASP A 48 -13.49 2.70 3.63
CA ASP A 48 -14.72 1.90 3.77
C ASP A 48 -14.37 0.60 4.53
N PRO A 49 -14.67 0.53 5.87
CA PRO A 49 -14.38 -0.66 6.73
C PRO A 49 -15.19 -1.93 6.32
N ASP A 50 -16.16 -1.74 5.40
CA ASP A 50 -16.91 -2.85 4.79
C ASP A 50 -16.00 -3.91 4.15
N TYR A 51 -14.96 -3.44 3.41
CA TYR A 51 -14.07 -4.32 2.62
C TYR A 51 -12.82 -4.73 3.47
N ARG A 52 -12.93 -4.58 4.80
CA ARG A 52 -11.82 -4.83 5.72
C ARG A 52 -11.79 -6.31 6.16
N VAL A 53 -10.62 -6.93 6.06
CA VAL A 53 -10.39 -8.34 6.44
C VAL A 53 -9.33 -8.40 7.56
N GLU A 54 -9.12 -9.60 8.10
CA GLU A 54 -8.01 -9.89 9.04
C GLU A 54 -7.08 -10.92 8.38
N ALA A 55 -5.80 -10.91 8.77
CA ALA A 55 -4.77 -11.81 8.20
C ALA A 55 -3.75 -12.24 9.26
N THR A 56 -3.17 -13.43 9.07
CA THR A 56 -2.11 -13.96 9.95
C THR A 56 -0.74 -13.78 9.25
N VAL A 57 0.23 -13.27 10.01
CA VAL A 57 1.57 -12.92 9.52
C VAL A 57 2.44 -14.18 9.34
N THR A 58 2.90 -14.40 8.10
CA THR A 58 3.76 -15.53 7.73
C THR A 58 5.18 -15.01 7.47
N VAL A 59 6.05 -15.07 8.48
CA VAL A 59 7.40 -14.46 8.40
C VAL A 59 8.37 -15.48 7.81
N HIS A 60 9.09 -15.03 6.77
CA HIS A 60 10.06 -15.86 6.06
C HIS A 60 11.42 -15.80 6.75
N GLU A 61 11.85 -16.98 7.23
CA GLU A 61 13.16 -17.20 7.90
C GLU A 61 14.34 -16.72 7.01
N THR A 62 14.14 -16.79 5.68
CA THR A 62 15.10 -16.31 4.68
C THR A 62 14.43 -15.20 3.82
N PRO A 63 14.50 -13.89 4.27
CA PRO A 63 13.91 -12.76 3.52
C PRO A 63 14.64 -12.49 2.18
N GLU A 64 13.89 -12.53 1.07
CA GLU A 64 14.45 -12.27 -0.27
C GLU A 64 14.53 -10.76 -0.55
N SER A 65 15.36 -10.41 -1.53
CA SER A 65 15.57 -9.01 -1.95
C SER A 65 14.58 -8.66 -3.08
N VAL A 66 13.62 -7.79 -2.75
CA VAL A 66 12.54 -7.35 -3.67
C VAL A 66 12.71 -5.87 -4.01
N ASP A 67 12.90 -5.56 -5.30
CA ASP A 67 13.09 -4.18 -5.77
C ASP A 67 11.74 -3.45 -5.82
N LEU A 68 11.55 -2.49 -4.91
CA LEU A 68 10.35 -1.65 -4.86
C LEU A 68 10.75 -0.17 -4.94
N GLU A 69 9.75 0.69 -5.20
CA GLU A 69 9.94 2.13 -5.31
C GLU A 69 10.17 2.76 -3.92
N THR A 70 10.96 3.83 -3.89
CA THR A 70 11.09 4.74 -2.73
C THR A 70 10.70 6.15 -3.17
N SER A 71 10.74 7.10 -2.23
CA SER A 71 10.36 8.49 -2.45
C SER A 71 11.58 9.38 -2.74
N ASP A 72 12.74 8.73 -2.87
CA ASP A 72 14.07 9.38 -2.83
C ASP A 72 14.64 9.51 -4.25
N ASP A 73 13.72 9.73 -5.24
CA ASP A 73 14.01 9.80 -6.70
C ASP A 73 14.91 8.63 -7.17
N ARG A 74 14.72 7.47 -6.54
CA ARG A 74 15.62 6.32 -6.64
C ARG A 74 14.77 5.02 -6.52
N THR A 75 15.46 3.89 -6.46
CA THR A 75 14.89 2.55 -6.26
C THR A 75 15.74 1.89 -5.18
N VAL A 76 15.11 1.12 -4.29
CA VAL A 76 15.80 0.52 -3.13
C VAL A 76 15.33 -0.92 -2.92
N ARG A 77 16.25 -1.72 -2.39
CA ARG A 77 15.99 -3.10 -2.03
C ARG A 77 15.17 -3.15 -0.73
N TYR A 78 14.05 -3.87 -0.79
CA TYR A 78 13.25 -4.23 0.38
C TYR A 78 13.52 -5.71 0.74
N LEU A 79 13.35 -6.04 2.02
CA LEU A 79 13.45 -7.42 2.49
C LEU A 79 12.02 -7.96 2.66
N HIS A 80 11.74 -9.11 2.03
CA HIS A 80 10.47 -9.79 2.19
C HIS A 80 10.45 -10.48 3.55
N VAL A 81 9.88 -9.79 4.53
CA VAL A 81 9.92 -10.21 5.93
C VAL A 81 8.68 -11.02 6.31
N ALA A 82 7.52 -10.66 5.74
CA ALA A 82 6.24 -11.25 6.13
C ALA A 82 5.34 -11.50 4.93
N THR A 83 4.29 -12.31 5.15
CA THR A 83 3.22 -12.55 4.18
C THR A 83 1.89 -12.65 4.95
N LEU A 84 1.11 -11.59 4.89
CA LEU A 84 -0.16 -11.47 5.59
C LEU A 84 -1.22 -12.30 4.83
N SER A 85 -1.48 -13.51 5.33
CA SER A 85 -2.31 -14.53 4.66
C SER A 85 -3.76 -14.50 5.20
N PHE A 86 -4.72 -14.48 4.28
CA PHE A 86 -6.17 -14.32 4.59
C PHE A 86 -7.01 -15.00 3.50
N ASP A 87 -8.34 -14.77 3.54
CA ASP A 87 -9.28 -15.22 2.50
C ASP A 87 -9.99 -14.00 1.92
N LEU A 88 -10.34 -14.07 0.63
CA LEU A 88 -10.93 -12.96 -0.12
C LEU A 88 -11.64 -13.48 -1.38
N ASP A 89 -12.87 -12.96 -1.64
CA ASP A 89 -13.73 -13.30 -2.79
C ASP A 89 -14.22 -14.77 -2.70
N GLY A 90 -13.34 -15.72 -3.08
CA GLY A 90 -13.69 -17.14 -3.13
C GLY A 90 -12.45 -18.03 -3.05
N GLU A 91 -11.32 -17.44 -2.60
CA GLU A 91 -10.04 -18.14 -2.44
C GLU A 91 -9.19 -17.50 -1.34
N SER A 92 -8.26 -18.29 -0.80
CA SER A 92 -7.29 -17.82 0.19
C SER A 92 -6.25 -16.94 -0.53
N ARG A 93 -6.16 -15.67 -0.11
CA ARG A 93 -5.26 -14.66 -0.71
C ARG A 93 -4.23 -14.20 0.30
N ASP A 94 -3.00 -14.00 -0.16
CA ASP A 94 -1.87 -13.60 0.69
C ASP A 94 -1.18 -12.35 0.12
N LEU A 95 -0.84 -11.39 1.00
CA LEU A 95 -0.12 -10.15 0.62
C LEU A 95 1.20 -10.10 1.36
N HIS A 96 2.27 -9.82 0.63
CA HIS A 96 3.63 -9.88 1.16
C HIS A 96 4.02 -8.51 1.72
N ALA A 97 4.49 -8.49 2.98
CA ALA A 97 4.88 -7.28 3.70
C ALA A 97 6.38 -7.14 3.66
N PHE A 98 6.85 -5.97 3.22
CA PHE A 98 8.27 -5.67 3.07
C PHE A 98 8.61 -4.41 3.88
N ARG A 99 9.91 -4.20 4.04
CA ARG A 99 10.49 -3.00 4.65
C ARG A 99 11.96 -2.94 4.22
N GLN A 100 12.46 -1.71 3.96
CA GLN A 100 13.69 -1.48 3.17
C GLN A 100 14.89 -2.36 3.61
N ALA A 101 15.57 -2.01 4.71
CA ALA A 101 16.68 -2.83 5.24
C ALA A 101 16.37 -3.31 6.66
N ALA A 102 16.54 -2.41 7.64
CA ALA A 102 16.45 -2.73 9.08
C ALA A 102 15.36 -1.89 9.77
N ASP A 103 14.23 -1.69 9.06
CA ASP A 103 13.12 -0.87 9.56
C ASP A 103 12.47 -1.55 10.78
N GLU A 104 12.27 -0.73 11.83
CA GLU A 104 11.60 -1.14 13.07
C GLU A 104 10.55 -0.09 13.45
N SER A 105 10.26 0.82 12.48
CA SER A 105 9.25 1.89 12.63
C SER A 105 7.84 1.38 12.25
N ARG A 106 7.67 0.03 12.24
CA ARG A 106 6.38 -0.68 12.03
C ARG A 106 5.90 -0.56 10.57
N THR A 107 6.73 0.06 9.71
CA THR A 107 6.30 0.47 8.36
C THR A 107 6.37 -0.72 7.40
N LEU A 108 5.28 -1.51 7.41
CA LEU A 108 5.10 -2.66 6.52
C LEU A 108 4.40 -2.19 5.25
N PHE A 109 5.14 -2.21 4.13
CA PHE A 109 4.63 -1.77 2.84
C PHE A 109 4.12 -3.01 2.09
N VAL A 110 2.79 -3.09 1.86
CA VAL A 110 2.18 -4.19 1.10
C VAL A 110 1.57 -3.64 -0.22
N PRO A 111 2.37 -3.61 -1.33
CA PRO A 111 1.80 -3.37 -2.66
C PRO A 111 1.05 -4.65 -3.08
N PHE A 112 -0.21 -4.53 -3.46
CA PHE A 112 -1.00 -5.68 -3.93
C PHE A 112 -1.38 -5.45 -5.39
N ARG A 113 -1.49 -6.52 -6.17
CA ARG A 113 -2.02 -6.42 -7.54
C ARG A 113 -3.40 -7.08 -7.58
N ASP A 114 -4.38 -6.38 -8.12
CA ASP A 114 -5.79 -6.80 -8.16
C ASP A 114 -6.23 -7.01 -9.63
N LYS A 115 -7.55 -7.05 -9.89
CA LYS A 115 -8.07 -7.21 -11.27
C LYS A 115 -8.55 -5.87 -11.87
N THR A 116 -8.91 -4.91 -11.01
CA THR A 116 -9.41 -3.58 -11.43
C THR A 116 -8.24 -2.62 -11.80
N THR A 117 -7.00 -3.03 -11.49
CA THR A 117 -5.78 -2.35 -11.94
C THR A 117 -5.61 -2.56 -13.46
N GLY A 118 -5.14 -1.51 -14.16
CA GLY A 118 -5.04 -1.56 -15.62
C GLY A 118 -6.38 -1.31 -16.32
N GLN A 119 -7.45 -1.14 -15.51
CA GLN A 119 -8.82 -0.89 -16.00
C GLN A 119 -9.30 0.49 -15.52
N GLN A 120 -9.75 0.55 -14.25
CA GLN A 120 -10.21 1.80 -13.61
C GLN A 120 -9.03 2.52 -12.92
N SER A 121 -7.86 1.88 -12.95
CA SER A 121 -6.64 2.37 -12.30
C SER A 121 -5.44 2.06 -13.20
N TYR A 122 -4.27 2.62 -12.85
CA TYR A 122 -3.01 2.34 -13.57
C TYR A 122 -2.52 0.92 -13.26
N ASP A 123 -1.84 0.32 -14.25
CA ASP A 123 -1.34 -1.07 -14.21
C ASP A 123 -0.26 -1.26 -13.12
N GLY A 124 -0.30 -2.40 -12.42
CA GLY A 124 0.70 -2.75 -11.39
C GLY A 124 0.05 -3.21 -10.11
N GLY A 125 -1.16 -2.69 -9.85
CA GLY A 125 -1.90 -2.97 -8.63
C GLY A 125 -2.29 -1.70 -7.91
N ARG A 126 -2.74 -1.84 -6.65
CA ARG A 126 -2.93 -0.73 -5.69
C ARG A 126 -2.11 -1.05 -4.44
N TYR A 127 -1.53 -0.03 -3.80
CA TYR A 127 -0.37 -0.22 -2.89
C TYR A 127 -0.68 0.37 -1.52
N MET A 128 -0.45 -0.43 -0.48
CA MET A 128 -0.85 -0.13 0.90
C MET A 128 0.37 -0.05 1.83
N GLU A 129 0.16 0.61 2.98
CA GLU A 129 1.13 0.75 4.06
C GLU A 129 0.40 0.61 5.41
N LEU A 130 0.90 -0.28 6.28
CA LEU A 130 0.36 -0.48 7.65
C LEU A 130 1.47 -0.21 8.66
N GLU A 131 1.07 0.28 9.84
CA GLU A 131 1.94 0.42 11.01
C GLU A 131 1.20 -0.19 12.22
N PRO A 132 1.42 -1.52 12.50
CA PRO A 132 0.74 -2.26 13.59
C PRO A 132 1.02 -1.71 15.01
N ASP A 133 0.27 -2.24 16.00
CA ASP A 133 0.31 -1.80 17.41
C ASP A 133 1.68 -2.10 18.00
N ARG A 134 2.17 -3.33 17.76
CA ARG A 134 3.57 -3.73 18.01
C ARG A 134 4.16 -4.31 16.72
N ASP A 135 5.46 -4.69 16.75
CA ASP A 135 6.16 -5.15 15.52
C ASP A 135 5.88 -6.65 15.35
N LEU A 136 5.55 -7.08 14.12
CA LEU A 136 4.93 -8.39 13.88
C LEU A 136 5.96 -9.49 13.62
N SER A 137 5.54 -10.72 13.93
CA SER A 137 6.32 -11.96 13.74
C SER A 137 5.39 -13.09 13.28
N ASP A 138 6.00 -14.24 12.92
CA ASP A 138 5.28 -15.44 12.47
C ASP A 138 4.37 -15.98 13.61
N GLY A 139 3.07 -15.66 13.50
CA GLY A 139 2.08 -16.07 14.49
C GLY A 139 1.16 -14.92 14.90
N ASP A 140 1.65 -13.67 14.71
CA ASP A 140 0.84 -12.45 14.94
C ASP A 140 -0.25 -12.32 13.89
N GLU A 141 -1.26 -11.50 14.18
CA GLU A 141 -2.33 -11.14 13.22
C GLU A 141 -2.20 -9.65 12.85
N ILE A 142 -2.98 -9.22 11.84
CA ILE A 142 -2.90 -7.86 11.27
C ILE A 142 -4.17 -7.57 10.42
N THR A 143 -4.66 -6.33 10.50
CA THR A 143 -5.88 -5.89 9.80
C THR A 143 -5.51 -5.35 8.39
N LEU A 144 -6.20 -5.85 7.33
CA LEU A 144 -5.92 -5.50 5.92
C LEU A 144 -7.19 -4.91 5.29
N ASP A 145 -7.24 -3.57 5.11
CA ASP A 145 -8.31 -2.94 4.31
C ASP A 145 -7.70 -2.09 3.18
N PHE A 146 -8.00 -2.55 1.96
CA PHE A 146 -7.47 -2.04 0.68
C PHE A 146 -7.93 -0.59 0.37
N ASN A 147 -8.78 -0.04 1.24
CA ASN A 147 -9.30 1.33 1.15
C ASN A 147 -8.26 2.37 1.64
N LEU A 148 -7.10 1.90 2.12
CA LEU A 148 -6.03 2.77 2.66
C LEU A 148 -4.85 2.90 1.68
N ALA A 149 -5.09 2.49 0.41
CA ALA A 149 -4.06 2.49 -0.63
C ALA A 149 -3.71 3.93 -1.07
N TYR A 150 -2.43 4.13 -1.43
CA TYR A 150 -1.89 5.44 -1.85
C TYR A 150 -1.41 5.35 -3.31
N SER A 151 -1.43 6.49 -4.02
CA SER A 151 -0.91 6.61 -5.40
C SER A 151 0.63 6.38 -5.46
N PRO A 152 1.13 5.70 -6.56
CA PRO A 152 2.57 5.34 -6.70
C PRO A 152 3.42 6.50 -7.26
N PHE A 153 4.55 6.77 -6.61
CA PHE A 153 5.60 7.69 -7.09
C PHE A 153 6.03 7.39 -8.54
N CYS A 154 6.26 6.10 -8.81
CA CYS A 154 6.82 5.59 -10.07
C CYS A 154 5.94 5.88 -11.30
N ALA A 155 4.63 5.58 -11.19
CA ALA A 155 3.69 5.71 -12.33
C ALA A 155 3.65 7.11 -12.93
N TYR A 156 3.77 8.12 -12.07
CA TYR A 156 3.64 9.53 -12.49
C TYR A 156 5.01 10.19 -12.77
N SER A 157 6.11 9.53 -12.36
CA SER A 157 7.48 10.01 -12.66
C SER A 157 8.40 8.83 -13.02
N ASP A 158 8.90 8.84 -14.26
CA ASP A 158 9.83 7.81 -14.81
C ASP A 158 11.20 7.85 -14.11
N THR A 159 11.48 8.99 -13.42
CA THR A 159 12.71 9.16 -12.60
C THR A 159 12.63 8.34 -11.28
N PHE A 160 11.53 7.59 -11.11
CA PHE A 160 11.38 6.54 -10.09
C PHE A 160 11.08 5.24 -10.86
N SER A 161 11.91 4.19 -10.68
CA SER A 161 11.64 2.87 -11.30
C SER A 161 10.50 2.17 -10.56
N CYS A 162 9.61 1.50 -11.31
CA CYS A 162 8.38 0.89 -10.76
C CYS A 162 8.69 -0.37 -9.91
N PRO A 163 7.88 -0.62 -8.83
CA PRO A 163 8.02 -1.82 -7.99
C PRO A 163 7.48 -3.08 -8.71
N LEU A 164 8.03 -4.26 -8.39
CA LEU A 164 7.52 -5.53 -8.91
C LEU A 164 6.64 -6.19 -7.83
N PRO A 165 5.33 -6.48 -8.12
CA PRO A 165 4.48 -7.25 -7.19
C PRO A 165 4.74 -8.77 -7.35
N PRO A 166 5.13 -9.51 -6.26
CA PRO A 166 5.32 -10.98 -6.31
C PRO A 166 4.01 -11.66 -6.71
N GLU A 167 4.05 -12.59 -7.68
CA GLU A 167 2.84 -13.16 -8.33
C GLU A 167 1.84 -13.81 -7.34
N SER A 168 2.28 -14.10 -6.12
CA SER A 168 1.45 -14.67 -5.05
C SER A 168 0.47 -13.62 -4.43
N ASN A 169 0.76 -12.32 -4.61
CA ASN A 169 -0.02 -11.21 -3.99
C ASN A 169 -1.16 -10.76 -4.89
N TRP A 170 -1.37 -11.49 -5.99
CA TRP A 170 -2.40 -11.18 -6.98
C TRP A 170 -3.77 -11.61 -6.44
N LEU A 171 -4.61 -10.62 -6.12
CA LEU A 171 -5.98 -10.82 -5.66
C LEU A 171 -6.84 -11.05 -6.91
N GLU A 172 -7.35 -12.27 -7.11
CA GLU A 172 -8.18 -12.59 -8.30
C GLU A 172 -9.64 -12.14 -8.06
N THR A 173 -9.80 -10.84 -7.79
CA THR A 173 -11.08 -10.19 -7.56
C THR A 173 -10.98 -8.70 -7.91
N ALA A 174 -12.10 -8.13 -8.33
CA ALA A 174 -12.17 -6.71 -8.67
C ALA A 174 -12.25 -5.88 -7.38
N VAL A 175 -11.07 -5.45 -6.89
CA VAL A 175 -10.97 -4.71 -5.62
C VAL A 175 -11.38 -3.24 -5.85
N THR A 176 -12.67 -2.98 -5.63
CA THR A 176 -13.24 -1.64 -5.73
C THR A 176 -13.20 -0.99 -4.34
N ALA A 177 -12.11 -0.28 -4.07
CA ALA A 177 -11.81 0.30 -2.75
C ALA A 177 -11.19 1.69 -2.93
N GLY A 178 -11.70 2.65 -2.13
CA GLY A 178 -11.29 4.04 -2.22
C GLY A 178 -11.67 4.71 -3.54
N GLU A 179 -10.87 5.71 -3.93
CA GLU A 179 -11.00 6.40 -5.22
C GLU A 179 -10.27 5.59 -6.30
N ARG A 180 -10.75 5.66 -7.55
CA ARG A 180 -10.10 5.01 -8.70
C ARG A 180 -9.01 5.96 -9.26
N THR A 181 -8.53 5.70 -10.47
CA THR A 181 -7.66 6.63 -11.20
C THR A 181 -8.34 6.94 -12.53
N ASP A 182 -8.97 8.13 -12.62
CA ASP A 182 -9.75 8.55 -13.81
C ASP A 182 -8.83 8.99 -14.97
N LEU A 183 -8.16 8.01 -15.58
CA LEU A 183 -7.23 8.24 -16.71
C LEU A 183 -8.00 8.23 -18.05
N GLU A 184 -9.13 7.52 -18.08
CA GLU A 184 -9.97 7.36 -19.30
C GLU A 184 -11.02 8.48 -19.41
N HIS A 185 -11.48 9.01 -18.27
CA HIS A 185 -12.40 10.16 -18.20
C HIS A 185 -11.58 11.39 -17.76
N MET A 1 -15.81 -4.11 20.94
CA MET A 1 -15.21 -3.01 21.72
C MET A 1 -15.00 -1.80 20.80
N ASP A 2 -15.48 -0.62 21.25
CA ASP A 2 -15.59 0.60 20.42
C ASP A 2 -14.22 1.05 19.89
N GLU A 3 -13.31 1.41 20.83
CA GLU A 3 -11.96 1.91 20.51
C GLU A 3 -11.20 0.95 19.59
N ASP A 4 -11.19 -0.35 19.97
CA ASP A 4 -10.47 -1.43 19.24
C ASP A 4 -10.73 -1.37 17.72
N THR A 5 -12.00 -1.14 17.37
CA THR A 5 -12.45 -1.02 15.99
C THR A 5 -12.07 0.36 15.40
N GLU A 6 -12.40 1.46 16.12
CA GLU A 6 -12.27 2.85 15.59
C GLU A 6 -10.85 3.42 15.70
N ASP A 7 -9.90 2.63 16.26
CA ASP A 7 -8.45 3.03 16.37
C ASP A 7 -7.91 3.33 14.97
N TRP A 8 -8.38 2.49 14.04
CA TRP A 8 -8.17 2.61 12.60
C TRP A 8 -8.48 4.02 12.06
N GLU A 9 -9.64 4.58 12.48
CA GLU A 9 -10.13 5.90 12.02
C GLU A 9 -9.51 7.05 12.85
N THR A 10 -9.23 6.77 14.13
CA THR A 10 -8.67 7.73 15.07
C THR A 10 -7.26 8.18 14.63
N GLN A 11 -6.46 7.20 14.20
CA GLN A 11 -5.16 7.48 13.56
C GLN A 11 -5.37 8.11 12.16
N LEU A 12 -6.43 7.68 11.45
CA LEU A 12 -6.63 7.96 10.02
C LEU A 12 -6.99 9.42 9.73
N GLN A 13 -7.65 10.09 10.69
CA GLN A 13 -7.92 11.54 10.59
C GLN A 13 -6.61 12.35 10.62
N ALA A 14 -5.55 11.73 11.17
CA ALA A 14 -4.18 12.26 11.16
C ALA A 14 -3.39 11.75 9.93
N ASN A 15 -3.64 10.46 9.56
CA ASN A 15 -2.96 9.80 8.40
C ASN A 15 -3.23 10.54 7.09
N ARG A 16 -4.48 10.97 6.89
CA ARG A 16 -4.87 11.71 5.68
C ARG A 16 -4.06 13.01 5.54
N ASP A 17 -3.75 13.63 6.69
CA ASP A 17 -3.06 14.93 6.76
C ASP A 17 -1.57 14.75 6.43
N GLU A 18 -0.90 13.82 7.13
CA GLU A 18 0.55 13.57 6.99
C GLU A 18 0.92 13.07 5.58
N LYS A 19 0.03 12.28 4.94
CA LYS A 19 0.27 11.76 3.58
C LYS A 19 0.00 12.84 2.53
N ASP A 20 -0.94 13.75 2.85
CA ASP A 20 -1.30 14.89 2.00
C ASP A 20 -0.14 15.89 1.92
N ARG A 21 0.56 16.09 3.06
CA ARG A 21 1.71 17.02 3.15
C ARG A 21 3.03 16.30 2.81
N PHE A 22 3.03 14.95 2.86
CA PHE A 22 4.18 14.12 2.39
C PHE A 22 4.51 14.46 0.94
N PHE A 23 3.48 14.36 0.09
CA PHE A 23 3.58 14.61 -1.37
C PHE A 23 3.76 16.12 -1.69
N SER A 24 3.63 16.98 -0.65
CA SER A 24 3.75 18.45 -0.79
C SER A 24 5.10 18.97 -0.23
N GLU A 25 5.67 18.30 0.79
CA GLU A 25 6.81 18.84 1.58
C GLU A 25 7.99 17.85 1.57
N HIS A 26 7.72 16.59 1.97
CA HIS A 26 8.77 15.54 2.09
C HIS A 26 9.30 15.21 0.68
N ARG A 27 8.39 14.74 -0.16
CA ARG A 27 8.59 14.55 -1.58
C ARG A 27 8.01 15.75 -2.34
N GLN A 28 8.59 16.02 -3.51
CA GLN A 28 7.92 16.81 -4.56
C GLN A 28 6.77 15.96 -5.14
N SER A 29 5.72 16.64 -5.64
CA SER A 29 4.53 15.97 -6.21
C SER A 29 4.91 14.99 -7.34
N PRO A 30 4.57 13.67 -7.20
CA PRO A 30 4.74 12.67 -8.29
C PRO A 30 3.62 12.78 -9.33
N ILE A 31 2.60 13.61 -9.03
CA ILE A 31 1.58 14.03 -9.99
C ILE A 31 2.27 14.62 -11.26
N PRO A 32 1.94 14.09 -12.49
CA PRO A 32 2.67 14.42 -13.75
C PRO A 32 2.82 15.94 -14.00
N PRO A 33 3.94 16.42 -14.68
CA PRO A 33 4.15 17.84 -15.05
C PRO A 33 2.91 18.48 -15.69
N GLU A 34 2.38 17.78 -16.71
CA GLU A 34 1.12 18.13 -17.41
C GLU A 34 -0.08 18.29 -16.46
N GLU A 35 -0.14 17.48 -15.40
CA GLU A 35 -1.34 17.36 -14.54
C GLU A 35 -1.20 18.25 -13.28
N ARG A 36 0.05 18.48 -12.84
CA ARG A 36 0.34 19.08 -11.51
C ARG A 36 -0.03 20.58 -11.48
N ASP A 37 -0.16 21.17 -12.67
CA ASP A 37 -0.62 22.55 -12.84
C ASP A 37 -2.02 22.76 -12.22
N ASP A 38 -2.93 21.82 -12.54
CA ASP A 38 -4.37 21.90 -12.18
C ASP A 38 -4.73 20.90 -11.06
N PHE A 39 -3.72 20.24 -10.47
CA PHE A 39 -3.92 19.04 -9.63
C PHE A 39 -4.78 19.28 -8.38
N ASP A 40 -5.44 18.22 -7.93
CA ASP A 40 -6.04 18.13 -6.58
C ASP A 40 -4.97 17.60 -5.61
N GLY A 41 -5.11 17.94 -4.30
CA GLY A 41 -4.20 17.43 -3.26
C GLY A 41 -4.19 15.91 -3.15
N LEU A 42 -3.42 15.34 -2.21
CA LEU A 42 -3.21 13.90 -2.14
C LEU A 42 -4.43 13.26 -1.48
N SER A 43 -5.38 12.87 -2.33
CA SER A 43 -6.53 12.09 -1.93
C SER A 43 -6.22 10.59 -2.10
N TYR A 44 -6.89 9.80 -1.30
CA TYR A 44 -6.72 8.34 -1.27
C TYR A 44 -8.12 7.68 -1.37
N PHE A 45 -8.16 6.35 -1.27
CA PHE A 45 -9.42 5.58 -1.33
C PHE A 45 -10.24 5.83 -0.03
N ASP A 46 -11.56 5.54 -0.03
CA ASP A 46 -12.45 5.95 1.08
C ASP A 46 -12.32 5.00 2.28
N PRO A 47 -12.49 5.50 3.54
CA PRO A 47 -12.51 4.62 4.71
C PRO A 47 -13.81 3.76 4.74
N ASP A 48 -13.68 2.48 4.35
CA ASP A 48 -14.77 1.50 4.42
C ASP A 48 -14.33 0.34 5.33
N PRO A 49 -14.92 0.20 6.55
CA PRO A 49 -14.51 -0.84 7.54
C PRO A 49 -14.78 -2.28 7.06
N ASP A 50 -15.75 -2.45 6.15
CA ASP A 50 -16.16 -3.77 5.63
C ASP A 50 -15.25 -4.25 4.50
N TYR A 51 -14.54 -3.30 3.83
CA TYR A 51 -13.58 -3.63 2.74
C TYR A 51 -12.21 -3.93 3.36
N ARG A 52 -12.03 -3.40 4.57
CA ARG A 52 -10.89 -3.67 5.45
C ARG A 52 -10.95 -5.15 5.91
N VAL A 53 -9.92 -5.94 5.54
CA VAL A 53 -9.86 -7.39 5.84
C VAL A 53 -8.73 -7.65 6.85
N GLU A 54 -8.65 -8.87 7.40
CA GLU A 54 -7.64 -9.22 8.42
C GLU A 54 -6.89 -10.50 8.02
N ALA A 55 -5.63 -10.64 8.47
CA ALA A 55 -4.70 -11.67 8.00
C ALA A 55 -3.82 -12.22 9.14
N THR A 56 -3.28 -13.44 8.95
CA THR A 56 -2.31 -14.03 9.87
C THR A 56 -0.89 -13.88 9.28
N VAL A 57 0.06 -13.42 10.11
CA VAL A 57 1.45 -13.15 9.73
C VAL A 57 2.27 -14.45 9.70
N THR A 58 2.96 -14.70 8.58
CA THR A 58 3.81 -15.87 8.39
C THR A 58 5.25 -15.38 8.16
N VAL A 59 6.10 -15.43 9.21
CA VAL A 59 7.45 -14.86 9.15
C VAL A 59 8.45 -15.93 8.72
N HIS A 60 9.34 -15.55 7.80
CA HIS A 60 10.42 -16.40 7.30
C HIS A 60 11.68 -16.17 8.14
N GLU A 61 12.23 -17.26 8.70
CA GLU A 61 13.44 -17.22 9.55
C GLU A 61 14.65 -16.67 8.75
N THR A 62 14.68 -16.96 7.44
CA THR A 62 15.71 -16.48 6.52
C THR A 62 15.08 -15.44 5.57
N PRO A 63 15.24 -14.11 5.83
CA PRO A 63 14.65 -13.05 4.98
C PRO A 63 15.36 -12.96 3.61
N GLU A 64 14.60 -13.09 2.53
CA GLU A 64 15.12 -13.14 1.15
C GLU A 64 14.98 -11.78 0.45
N SER A 65 15.85 -11.54 -0.54
CA SER A 65 15.98 -10.22 -1.20
C SER A 65 14.92 -10.03 -2.30
N VAL A 66 14.00 -9.05 -2.10
CA VAL A 66 12.96 -8.66 -3.07
C VAL A 66 13.06 -7.14 -3.31
N ASP A 67 13.35 -6.73 -4.56
CA ASP A 67 13.55 -5.30 -4.91
C ASP A 67 12.20 -4.59 -5.02
N LEU A 68 11.99 -3.46 -4.30
CA LEU A 68 10.75 -2.66 -4.39
C LEU A 68 11.09 -1.17 -4.59
N GLU A 69 10.06 -0.35 -4.93
CA GLU A 69 10.22 1.11 -5.09
C GLU A 69 10.34 1.79 -3.71
N THR A 70 10.97 2.96 -3.72
CA THR A 70 11.12 3.82 -2.55
C THR A 70 10.94 5.30 -2.96
N SER A 71 11.07 6.22 -1.99
CA SER A 71 10.91 7.68 -2.21
C SER A 71 12.22 8.32 -2.72
N ASP A 72 13.14 7.49 -3.25
CA ASP A 72 14.48 7.91 -3.70
C ASP A 72 14.56 7.80 -5.23
N ASP A 73 13.37 7.66 -5.90
CA ASP A 73 13.23 7.54 -7.39
C ASP A 73 13.90 6.27 -7.92
N ARG A 74 14.17 5.33 -7.03
CA ARG A 74 15.01 4.16 -7.30
C ARG A 74 14.27 2.87 -6.86
N THR A 75 14.91 1.72 -7.07
CA THR A 75 14.44 0.42 -6.64
C THR A 75 15.57 -0.12 -5.73
N VAL A 76 15.19 -0.66 -4.59
CA VAL A 76 16.12 -1.00 -3.51
C VAL A 76 15.76 -2.37 -2.92
N ARG A 77 16.76 -3.04 -2.36
CA ARG A 77 16.60 -4.37 -1.79
C ARG A 77 15.80 -4.29 -0.48
N TYR A 78 14.66 -4.99 -0.49
CA TYR A 78 13.85 -5.25 0.72
C TYR A 78 14.09 -6.70 1.15
N LEU A 79 13.82 -6.97 2.42
CA LEU A 79 13.84 -8.33 2.97
C LEU A 79 12.42 -8.81 3.19
N HIS A 80 12.15 -10.04 2.70
CA HIS A 80 10.86 -10.69 2.90
C HIS A 80 10.86 -11.27 4.31
N VAL A 81 10.26 -10.53 5.23
CA VAL A 81 10.20 -10.90 6.64
C VAL A 81 8.89 -11.64 6.93
N ALA A 82 7.79 -11.22 6.29
CA ALA A 82 6.44 -11.74 6.61
C ALA A 82 5.62 -11.99 5.36
N THR A 83 4.58 -12.85 5.50
CA THR A 83 3.59 -13.13 4.46
C THR A 83 2.20 -13.13 5.12
N LEU A 84 1.32 -12.24 4.66
CA LEU A 84 0.03 -12.00 5.30
C LEU A 84 -1.05 -12.82 4.57
N SER A 85 -1.49 -13.90 5.23
CA SER A 85 -2.44 -14.88 4.67
C SER A 85 -3.89 -14.47 5.03
N PHE A 86 -4.72 -14.21 4.02
CA PHE A 86 -6.12 -13.74 4.19
C PHE A 86 -7.00 -14.18 3.00
N ASP A 87 -8.27 -13.77 3.04
CA ASP A 87 -9.24 -14.00 1.95
C ASP A 87 -9.62 -12.65 1.32
N LEU A 88 -9.95 -12.66 0.03
CA LEU A 88 -10.48 -11.48 -0.68
C LEU A 88 -11.30 -11.95 -1.90
N ASP A 89 -12.52 -11.36 -2.07
CA ASP A 89 -13.46 -11.67 -3.18
C ASP A 89 -14.08 -13.08 -3.03
N GLY A 90 -13.28 -14.11 -3.35
CA GLY A 90 -13.70 -15.50 -3.26
C GLY A 90 -12.52 -16.47 -3.34
N GLU A 91 -11.30 -15.92 -3.13
CA GLU A 91 -10.04 -16.66 -3.28
C GLU A 91 -9.12 -16.42 -2.06
N SER A 92 -8.10 -17.27 -1.92
CA SER A 92 -7.07 -17.13 -0.88
C SER A 92 -5.95 -16.22 -1.42
N ARG A 93 -5.66 -15.13 -0.70
CA ARG A 93 -4.68 -14.10 -1.11
C ARG A 93 -3.56 -13.98 -0.09
N ASP A 94 -2.33 -13.80 -0.59
CA ASP A 94 -1.16 -13.46 0.25
C ASP A 94 -0.59 -12.12 -0.21
N LEU A 95 -0.31 -11.23 0.75
CA LEU A 95 0.50 -10.02 0.49
C LEU A 95 1.74 -10.12 1.38
N HIS A 96 2.91 -10.04 0.76
CA HIS A 96 4.17 -10.26 1.44
C HIS A 96 4.61 -8.92 2.05
N ALA A 97 4.93 -8.93 3.36
CA ALA A 97 5.26 -7.73 4.11
C ALA A 97 6.78 -7.64 4.25
N PHE A 98 7.34 -6.54 3.76
CA PHE A 98 8.80 -6.35 3.66
C PHE A 98 9.27 -5.14 4.47
N ARG A 99 10.59 -5.01 4.55
CA ARG A 99 11.31 -3.80 4.99
C ARG A 99 12.76 -3.92 4.52
N GLN A 100 13.37 -2.76 4.16
CA GLN A 100 14.64 -2.70 3.38
C GLN A 100 15.75 -3.60 3.97
N ALA A 101 16.28 -3.24 5.14
CA ALA A 101 17.26 -4.07 5.85
C ALA A 101 16.72 -4.54 7.21
N ALA A 102 16.77 -3.66 8.22
CA ALA A 102 16.45 -4.01 9.62
C ALA A 102 15.50 -2.98 10.25
N ASP A 103 14.53 -2.50 9.46
CA ASP A 103 13.64 -1.38 9.86
C ASP A 103 12.78 -1.78 11.08
N GLU A 104 12.72 -0.86 12.08
CA GLU A 104 11.99 -1.09 13.36
C GLU A 104 10.94 0.02 13.55
N SER A 105 10.66 0.79 12.47
CA SER A 105 9.62 1.85 12.46
C SER A 105 8.20 1.25 12.23
N ARG A 106 8.07 -0.09 12.44
CA ARG A 106 6.80 -0.85 12.28
C ARG A 106 6.34 -0.81 10.81
N THR A 107 7.26 -0.42 9.92
CA THR A 107 6.94 -0.16 8.52
C THR A 107 7.03 -1.47 7.71
N LEU A 108 5.84 -1.99 7.37
CA LEU A 108 5.67 -3.17 6.52
C LEU A 108 5.08 -2.72 5.18
N PHE A 109 5.83 -2.91 4.10
CA PHE A 109 5.44 -2.45 2.78
C PHE A 109 4.88 -3.65 2.00
N VAL A 110 3.60 -3.57 1.58
CA VAL A 110 2.95 -4.62 0.77
C VAL A 110 2.48 -4.03 -0.59
N PRO A 111 3.32 -4.14 -1.67
CA PRO A 111 2.91 -3.76 -3.03
C PRO A 111 1.92 -4.79 -3.60
N PHE A 112 0.88 -4.33 -4.30
CA PHE A 112 -0.12 -5.23 -4.90
C PHE A 112 -0.64 -4.67 -6.22
N ARG A 113 -1.21 -5.55 -7.04
CA ARG A 113 -1.81 -5.18 -8.33
C ARG A 113 -3.11 -5.97 -8.54
N ASP A 114 -4.22 -5.27 -8.74
CA ASP A 114 -5.56 -5.86 -8.83
C ASP A 114 -6.17 -5.50 -10.21
N LYS A 115 -7.50 -5.63 -10.36
CA LYS A 115 -8.19 -5.40 -11.66
C LYS A 115 -8.58 -3.91 -11.88
N THR A 116 -8.35 -3.02 -10.89
CA THR A 116 -8.59 -1.56 -11.09
C THR A 116 -7.31 -0.87 -11.59
N THR A 117 -6.15 -1.40 -11.18
CA THR A 117 -4.85 -0.93 -11.66
C THR A 117 -4.74 -1.16 -13.19
N GLY A 118 -4.40 -0.10 -13.93
CA GLY A 118 -4.32 -0.16 -15.40
C GLY A 118 -5.66 -0.07 -16.12
N GLN A 119 -6.79 -0.16 -15.37
CA GLN A 119 -8.15 -0.21 -15.95
C GLN A 119 -8.99 1.01 -15.49
N GLN A 120 -9.28 1.05 -14.18
CA GLN A 120 -10.00 2.19 -13.52
C GLN A 120 -8.98 3.19 -12.91
N SER A 121 -7.71 2.88 -13.15
CA SER A 121 -6.54 3.65 -12.70
C SER A 121 -5.43 3.45 -13.75
N TYR A 122 -4.25 4.08 -13.56
CA TYR A 122 -3.11 3.88 -14.46
C TYR A 122 -2.31 2.62 -14.03
N ASP A 123 -1.46 2.14 -14.95
CA ASP A 123 -0.66 0.91 -14.77
C ASP A 123 0.73 1.21 -14.16
N GLY A 124 1.57 0.18 -14.04
CA GLY A 124 2.86 0.27 -13.33
C GLY A 124 2.79 -0.48 -12.02
N GLY A 125 1.63 -0.38 -11.36
CA GLY A 125 1.34 -1.12 -10.13
C GLY A 125 0.70 -0.24 -9.07
N ARG A 126 0.47 -0.81 -7.89
CA ARG A 126 0.03 -0.05 -6.70
C ARG A 126 0.65 -0.69 -5.44
N TYR A 127 0.33 -0.10 -4.29
CA TYR A 127 0.93 -0.46 -3.02
C TYR A 127 -0.03 -0.17 -1.87
N MET A 128 0.30 -0.75 -0.73
CA MET A 128 -0.40 -0.54 0.54
C MET A 128 0.68 -0.53 1.63
N GLU A 129 0.56 0.39 2.59
CA GLU A 129 1.54 0.54 3.68
C GLU A 129 0.88 0.25 5.03
N LEU A 130 1.49 -0.66 5.78
CA LEU A 130 1.04 -1.06 7.11
C LEU A 130 2.05 -0.55 8.14
N GLU A 131 1.56 0.03 9.22
CA GLU A 131 2.34 0.22 10.45
C GLU A 131 1.49 -0.28 11.63
N PRO A 132 1.68 -1.58 12.05
CA PRO A 132 1.03 -2.15 13.26
C PRO A 132 1.42 -1.38 14.53
N ASP A 133 0.65 -1.62 15.61
CA ASP A 133 0.86 -0.93 16.92
C ASP A 133 2.09 -1.54 17.65
N ARG A 134 2.64 -2.60 17.06
CA ARG A 134 3.79 -3.36 17.55
C ARG A 134 4.61 -3.81 16.34
N ASP A 135 5.70 -4.53 16.58
CA ASP A 135 6.44 -5.19 15.48
C ASP A 135 6.00 -6.66 15.43
N LEU A 136 5.76 -7.20 14.22
CA LEU A 136 5.07 -8.50 14.05
C LEU A 136 6.06 -9.66 13.89
N SER A 137 5.69 -10.81 14.48
CA SER A 137 6.38 -12.10 14.32
C SER A 137 5.36 -13.15 13.84
N ASP A 138 5.81 -14.39 13.60
CA ASP A 138 4.95 -15.45 13.04
C ASP A 138 3.85 -15.85 14.05
N GLY A 139 2.59 -15.65 13.66
CA GLY A 139 1.44 -16.01 14.49
C GLY A 139 0.63 -14.80 14.94
N ASP A 140 1.18 -13.58 14.73
CA ASP A 140 0.44 -12.32 14.96
C ASP A 140 -0.63 -12.12 13.87
N GLU A 141 -1.50 -11.13 14.07
CA GLU A 141 -2.49 -10.72 13.05
C GLU A 141 -2.21 -9.28 12.61
N ILE A 142 -2.77 -8.92 11.44
CA ILE A 142 -2.56 -7.62 10.79
C ILE A 142 -3.78 -7.34 9.90
N THR A 143 -4.15 -6.07 9.75
CA THR A 143 -5.36 -5.67 9.02
C THR A 143 -4.98 -4.98 7.70
N LEU A 144 -5.48 -5.53 6.56
CA LEU A 144 -5.17 -5.09 5.19
C LEU A 144 -6.35 -4.26 4.66
N ASP A 145 -6.26 -2.93 4.80
CA ASP A 145 -7.30 -1.99 4.32
C ASP A 145 -6.85 -1.34 3.01
N PHE A 146 -7.21 -1.99 1.89
CA PHE A 146 -6.89 -1.53 0.51
C PHE A 146 -7.67 -0.27 0.14
N ASN A 147 -8.71 -0.03 0.93
CA ASN A 147 -9.54 1.16 0.85
C ASN A 147 -8.85 2.38 1.50
N LEU A 148 -7.58 2.23 1.96
CA LEU A 148 -6.75 3.36 2.44
C LEU A 148 -5.46 3.47 1.61
N ALA A 149 -5.36 2.71 0.51
CA ALA A 149 -4.19 2.72 -0.38
C ALA A 149 -3.98 4.12 -0.99
N TYR A 150 -2.71 4.45 -1.28
CA TYR A 150 -2.34 5.79 -1.80
C TYR A 150 -2.19 5.72 -3.32
N SER A 151 -2.33 6.88 -3.98
CA SER A 151 -2.03 7.04 -5.41
C SER A 151 -0.57 6.64 -5.73
N PRO A 152 -0.33 5.72 -6.73
CA PRO A 152 1.00 5.13 -6.98
C PRO A 152 1.98 6.13 -7.63
N PHE A 153 3.12 6.37 -6.95
CA PHE A 153 4.28 7.11 -7.50
C PHE A 153 4.60 6.72 -8.96
N CYS A 154 4.68 5.40 -9.22
CA CYS A 154 5.00 4.83 -10.54
C CYS A 154 3.93 5.17 -11.60
N ALA A 155 2.64 5.05 -11.23
CA ALA A 155 1.49 5.29 -12.15
C ALA A 155 1.34 6.78 -12.53
N TYR A 156 2.05 7.66 -11.83
CA TYR A 156 2.03 9.12 -12.12
C TYR A 156 3.41 9.64 -12.54
N SER A 157 4.48 8.88 -12.26
CA SER A 157 5.85 9.21 -12.66
C SER A 157 6.68 7.92 -12.79
N ASP A 158 7.19 7.65 -14.01
CA ASP A 158 8.04 6.47 -14.30
C ASP A 158 9.49 6.70 -13.83
N THR A 159 9.77 7.94 -13.36
CA THR A 159 11.08 8.30 -12.77
C THR A 159 11.34 7.50 -11.48
N PHE A 160 10.26 6.99 -10.86
CA PHE A 160 10.35 6.03 -9.76
C PHE A 160 10.34 4.65 -10.42
N SER A 161 11.49 3.98 -10.45
CA SER A 161 11.60 2.65 -11.06
C SER A 161 10.74 1.66 -10.26
N CYS A 162 9.84 0.94 -10.96
CA CYS A 162 8.75 0.16 -10.35
C CYS A 162 9.29 -1.09 -9.63
N PRO A 163 8.53 -1.64 -8.61
CA PRO A 163 8.98 -2.81 -7.81
C PRO A 163 9.04 -4.10 -8.64
N LEU A 164 9.72 -5.11 -8.08
CA LEU A 164 9.73 -6.48 -8.59
C LEU A 164 8.60 -7.17 -7.81
N PRO A 165 7.41 -7.40 -8.44
CA PRO A 165 6.23 -7.90 -7.73
C PRO A 165 6.34 -9.40 -7.40
N PRO A 166 6.23 -9.80 -6.09
CA PRO A 166 6.07 -11.22 -5.71
C PRO A 166 4.70 -11.70 -6.21
N GLU A 167 4.67 -12.70 -7.12
CA GLU A 167 3.47 -13.12 -7.90
C GLU A 167 2.17 -13.32 -7.07
N SER A 168 2.33 -13.53 -5.74
CA SER A 168 1.21 -13.66 -4.79
C SER A 168 0.43 -12.32 -4.61
N ASN A 169 1.03 -11.20 -5.06
CA ASN A 169 0.51 -9.84 -4.81
C ASN A 169 -0.50 -9.45 -5.88
N TRP A 170 -0.57 -10.26 -6.96
CA TRP A 170 -1.53 -10.06 -8.04
C TRP A 170 -2.89 -10.56 -7.55
N LEU A 171 -3.75 -9.63 -7.13
CA LEU A 171 -5.09 -9.94 -6.64
C LEU A 171 -5.98 -10.11 -7.89
N GLU A 172 -6.54 -11.31 -8.11
CA GLU A 172 -7.35 -11.60 -9.31
C GLU A 172 -8.82 -11.15 -9.06
N THR A 173 -8.95 -9.88 -8.69
CA THR A 173 -10.21 -9.24 -8.29
C THR A 173 -10.02 -7.72 -8.30
N ALA A 174 -11.13 -6.97 -8.41
CA ALA A 174 -11.10 -5.50 -8.47
C ALA A 174 -11.31 -4.92 -7.07
N VAL A 175 -10.45 -3.97 -6.68
CA VAL A 175 -10.55 -3.25 -5.40
C VAL A 175 -11.22 -1.90 -5.69
N THR A 176 -12.56 -1.92 -5.64
CA THR A 176 -13.39 -0.76 -5.90
C THR A 176 -13.59 0.03 -4.59
N ALA A 177 -12.86 1.12 -4.44
CA ALA A 177 -12.90 1.96 -3.24
C ALA A 177 -12.65 3.43 -3.61
N GLY A 178 -13.18 4.31 -2.76
CA GLY A 178 -12.99 5.75 -2.89
C GLY A 178 -13.65 6.39 -4.08
N GLU A 179 -13.34 7.66 -4.24
CA GLU A 179 -13.65 8.45 -5.42
C GLU A 179 -12.63 8.07 -6.52
N ARG A 180 -13.00 8.25 -7.79
CA ARG A 180 -12.20 7.76 -8.94
C ARG A 180 -11.06 8.74 -9.27
N THR A 181 -10.25 8.37 -10.26
CA THR A 181 -9.06 9.14 -10.68
C THR A 181 -9.49 10.39 -11.49
N ASP A 182 -8.51 11.24 -11.89
CA ASP A 182 -8.84 12.52 -12.56
C ASP A 182 -9.27 12.26 -14.01
N LEU A 183 -10.59 12.26 -14.24
CA LEU A 183 -11.18 11.90 -15.54
C LEU A 183 -10.93 12.99 -16.62
N GLU A 184 -10.68 14.23 -16.18
CA GLU A 184 -10.80 15.44 -17.02
C GLU A 184 -9.47 15.86 -17.68
N HIS A 185 -8.32 15.32 -17.23
CA HIS A 185 -6.99 15.68 -17.82
C HIS A 185 -6.83 15.08 -19.24
N MET A 1 -19.12 -0.69 19.72
CA MET A 1 -17.82 -0.72 20.46
C MET A 1 -16.76 0.05 19.63
N ASP A 2 -16.87 1.39 19.61
CA ASP A 2 -15.96 2.28 18.85
C ASP A 2 -14.56 2.32 19.48
N GLU A 3 -14.45 1.91 20.75
CA GLU A 3 -13.15 1.83 21.45
C GLU A 3 -12.16 0.91 20.69
N ASP A 4 -12.72 -0.12 20.03
CA ASP A 4 -12.00 -1.00 19.10
C ASP A 4 -12.08 -0.43 17.65
N THR A 5 -13.32 -0.15 17.21
CA THR A 5 -13.63 0.20 15.81
C THR A 5 -12.95 1.50 15.34
N GLU A 6 -13.24 2.63 16.02
CA GLU A 6 -12.70 3.96 15.65
C GLU A 6 -11.18 4.02 15.87
N ASP A 7 -10.65 3.16 16.78
CA ASP A 7 -9.21 3.07 17.10
C ASP A 7 -8.39 2.72 15.84
N TRP A 8 -8.91 1.76 15.05
CA TRP A 8 -8.40 1.46 13.69
C TRP A 8 -8.24 2.76 12.87
N GLU A 9 -9.31 3.56 12.79
CA GLU A 9 -9.31 4.82 12.02
C GLU A 9 -8.37 5.87 12.67
N THR A 10 -8.23 5.83 14.00
CA THR A 10 -7.47 6.82 14.79
C THR A 10 -5.95 6.72 14.51
N GLN A 11 -5.38 5.52 14.69
CA GLN A 11 -3.96 5.23 14.36
C GLN A 11 -3.68 5.46 12.86
N LEU A 12 -4.64 5.06 12.03
CA LEU A 12 -4.52 5.01 10.57
C LEU A 12 -4.49 6.41 9.94
N GLN A 13 -5.40 7.28 10.40
CA GLN A 13 -5.50 8.66 9.90
C GLN A 13 -4.20 9.41 10.22
N ALA A 14 -3.65 9.16 11.43
CA ALA A 14 -2.41 9.79 11.90
C ALA A 14 -1.21 9.43 11.00
N ASN A 15 -1.15 8.15 10.60
CA ASN A 15 -0.10 7.62 9.68
C ASN A 15 -0.10 8.38 8.34
N ARG A 16 -1.26 8.45 7.70
CA ARG A 16 -1.41 9.04 6.34
C ARG A 16 -1.49 10.59 6.37
N ASP A 17 -1.80 11.17 7.55
CA ASP A 17 -2.04 12.63 7.68
C ASP A 17 -0.72 13.41 7.60
N GLU A 18 0.28 12.96 8.38
CA GLU A 18 1.66 13.50 8.28
C GLU A 18 2.33 13.12 6.94
N LYS A 19 1.76 12.13 6.23
CA LYS A 19 2.23 11.75 4.89
C LYS A 19 1.56 12.56 3.78
N ASP A 20 0.64 13.46 4.17
CA ASP A 20 0.13 14.54 3.28
C ASP A 20 1.28 15.49 2.89
N ARG A 21 2.24 15.69 3.84
CA ARG A 21 3.45 16.53 3.60
C ARG A 21 4.64 15.66 3.16
N PHE A 22 4.44 14.33 3.02
CA PHE A 22 5.45 13.40 2.45
C PHE A 22 5.59 13.65 0.93
N PHE A 23 4.44 13.68 0.24
CA PHE A 23 4.35 13.95 -1.22
C PHE A 23 4.54 15.44 -1.56
N SER A 24 4.59 16.31 -0.53
CA SER A 24 4.64 17.79 -0.73
C SER A 24 5.97 18.41 -0.23
N GLU A 25 6.47 17.98 0.94
CA GLU A 25 7.57 18.67 1.68
C GLU A 25 8.80 17.76 1.87
N HIS A 26 8.56 16.46 2.16
CA HIS A 26 9.62 15.44 2.28
C HIS A 26 10.33 15.31 0.94
N ARG A 27 9.49 15.15 -0.09
CA ARG A 27 9.89 15.21 -1.49
C ARG A 27 8.94 16.11 -2.24
N GLN A 28 9.48 16.82 -3.26
CA GLN A 28 8.69 17.54 -4.25
C GLN A 28 7.81 16.53 -4.99
N SER A 29 6.57 16.95 -5.28
CA SER A 29 5.50 16.05 -5.76
C SER A 29 5.93 15.21 -6.99
N PRO A 30 5.87 13.84 -6.89
CA PRO A 30 6.04 12.94 -8.06
C PRO A 30 4.87 13.10 -9.04
N ILE A 31 3.68 13.37 -8.46
CA ILE A 31 2.46 13.67 -9.22
C ILE A 31 2.72 14.97 -10.02
N PRO A 32 2.61 14.95 -11.39
CA PRO A 32 2.99 16.10 -12.24
C PRO A 32 2.12 17.34 -11.98
N PRO A 33 2.67 18.59 -12.20
CA PRO A 33 1.94 19.86 -11.93
C PRO A 33 0.61 19.99 -12.71
N GLU A 34 0.45 19.17 -13.77
CA GLU A 34 -0.79 19.11 -14.55
C GLU A 34 -1.86 18.31 -13.77
N GLU A 35 -1.46 17.10 -13.33
CA GLU A 35 -2.35 16.16 -12.61
C GLU A 35 -2.79 16.67 -11.24
N ARG A 36 -1.92 17.44 -10.55
CA ARG A 36 -2.23 17.98 -9.21
C ARG A 36 -2.67 19.48 -9.22
N ASP A 37 -2.77 20.10 -10.42
CA ASP A 37 -3.20 21.52 -10.58
C ASP A 37 -4.44 21.92 -9.73
N ASP A 38 -5.42 21.01 -9.65
CA ASP A 38 -6.67 21.22 -8.88
C ASP A 38 -6.90 20.08 -7.84
N PHE A 39 -6.02 19.06 -7.84
CA PHE A 39 -6.06 17.94 -6.86
C PHE A 39 -4.79 17.95 -6.01
N ASP A 40 -4.89 17.88 -4.67
CA ASP A 40 -3.70 17.72 -3.79
C ASP A 40 -3.15 16.29 -3.98
N GLY A 41 -2.15 16.16 -4.88
CA GLY A 41 -1.75 14.87 -5.44
C GLY A 41 -1.15 13.92 -4.41
N LEU A 42 -1.97 12.97 -4.00
CA LEU A 42 -1.60 11.80 -3.21
C LEU A 42 -2.70 10.76 -3.49
N SER A 43 -2.67 10.15 -4.68
CA SER A 43 -3.74 9.27 -5.15
C SER A 43 -3.88 8.00 -4.29
N TYR A 44 -5.03 7.89 -3.60
CA TYR A 44 -5.45 6.69 -2.86
C TYR A 44 -6.98 6.73 -2.64
N PHE A 45 -7.49 5.78 -1.83
CA PHE A 45 -8.94 5.55 -1.64
C PHE A 45 -9.28 5.84 -0.16
N ASP A 46 -10.56 6.04 0.19
CA ASP A 46 -10.92 6.41 1.59
C ASP A 46 -10.94 5.14 2.48
N PRO A 47 -10.26 5.16 3.68
CA PRO A 47 -10.28 4.04 4.66
C PRO A 47 -11.73 3.58 4.98
N ASP A 48 -12.09 2.41 4.45
CA ASP A 48 -13.48 1.94 4.46
C ASP A 48 -13.57 0.59 5.19
N PRO A 49 -14.46 0.48 6.25
CA PRO A 49 -14.76 -0.81 6.93
C PRO A 49 -15.35 -1.90 5.98
N ASP A 50 -15.87 -1.47 4.81
CA ASP A 50 -16.45 -2.39 3.78
C ASP A 50 -15.38 -3.33 3.19
N TYR A 51 -14.23 -2.75 2.80
CA TYR A 51 -13.08 -3.51 2.21
C TYR A 51 -12.05 -3.88 3.29
N ARG A 52 -12.45 -3.71 4.56
CA ARG A 52 -11.60 -3.98 5.71
C ARG A 52 -11.78 -5.45 6.11
N VAL A 53 -10.75 -6.26 5.85
CA VAL A 53 -10.73 -7.69 6.19
C VAL A 53 -9.64 -7.91 7.25
N GLU A 54 -9.64 -9.08 7.90
CA GLU A 54 -8.59 -9.44 8.88
C GLU A 54 -7.60 -10.43 8.24
N ALA A 55 -6.34 -10.39 8.71
CA ALA A 55 -5.25 -11.26 8.23
C ALA A 55 -4.32 -11.62 9.40
N THR A 56 -3.72 -12.81 9.36
CA THR A 56 -2.73 -13.23 10.35
C THR A 56 -1.32 -13.06 9.75
N VAL A 57 -0.42 -12.47 10.55
CA VAL A 57 0.96 -12.14 10.16
C VAL A 57 1.82 -13.42 10.11
N THR A 58 2.64 -13.56 9.06
CA THR A 58 3.59 -14.67 8.88
C THR A 58 4.99 -14.07 8.67
N VAL A 59 5.74 -13.91 9.76
CA VAL A 59 7.06 -13.26 9.72
C VAL A 59 8.10 -14.26 9.24
N HIS A 60 8.87 -13.88 8.21
CA HIS A 60 9.94 -14.71 7.64
C HIS A 60 11.24 -14.46 8.41
N GLU A 61 11.77 -15.54 8.98
CA GLU A 61 13.00 -15.53 9.79
C GLU A 61 14.22 -15.23 8.89
N THR A 62 14.12 -15.63 7.61
CA THR A 62 15.09 -15.35 6.58
C THR A 62 14.41 -14.47 5.50
N PRO A 63 14.65 -13.12 5.51
CA PRO A 63 14.10 -12.21 4.49
C PRO A 63 14.88 -12.27 3.16
N GLU A 64 14.17 -12.22 2.02
CA GLU A 64 14.79 -12.16 0.68
C GLU A 64 14.80 -10.71 0.14
N SER A 65 15.64 -10.49 -0.88
CA SER A 65 15.82 -9.18 -1.52
C SER A 65 14.83 -9.02 -2.69
N VAL A 66 13.86 -8.11 -2.50
CA VAL A 66 12.83 -7.80 -3.50
C VAL A 66 13.00 -6.35 -3.95
N ASP A 67 13.24 -6.14 -5.27
CA ASP A 67 13.51 -4.82 -5.85
C ASP A 67 12.19 -4.05 -6.04
N LEU A 68 11.98 -3.00 -5.23
CA LEU A 68 10.79 -2.10 -5.32
C LEU A 68 11.29 -0.65 -5.51
N GLU A 69 10.37 0.34 -5.58
CA GLU A 69 10.76 1.78 -5.70
C GLU A 69 10.45 2.55 -4.41
N THR A 70 11.13 3.70 -4.26
CA THR A 70 10.91 4.65 -3.16
C THR A 70 10.54 6.03 -3.73
N SER A 71 10.39 7.05 -2.85
CA SER A 71 10.01 8.42 -3.23
C SER A 71 11.23 9.28 -3.61
N ASP A 72 12.39 8.65 -3.86
CA ASP A 72 13.70 9.35 -3.92
C ASP A 72 14.47 8.95 -5.19
N ASP A 73 13.71 8.87 -6.31
CA ASP A 73 14.20 8.65 -7.70
C ASP A 73 14.89 7.28 -7.95
N ARG A 74 15.14 6.50 -6.90
CA ARG A 74 16.04 5.34 -6.96
C ARG A 74 15.26 4.01 -6.91
N THR A 75 15.95 2.89 -7.22
CA THR A 75 15.41 1.53 -7.18
C THR A 75 16.07 0.87 -5.97
N VAL A 76 15.25 0.41 -5.03
CA VAL A 76 15.68 0.14 -3.66
C VAL A 76 15.29 -1.29 -3.24
N ARG A 77 16.22 -1.93 -2.53
CA ARG A 77 16.08 -3.28 -2.00
C ARG A 77 15.19 -3.24 -0.75
N TYR A 78 14.12 -4.04 -0.78
CA TYR A 78 13.27 -4.32 0.39
C TYR A 78 13.55 -5.76 0.85
N LEU A 79 13.47 -5.97 2.17
CA LEU A 79 13.59 -7.32 2.77
C LEU A 79 12.20 -7.87 3.07
N HIS A 80 11.98 -9.14 2.72
CA HIS A 80 10.69 -9.81 2.93
C HIS A 80 10.56 -10.20 4.41
N VAL A 81 9.87 -9.33 5.17
CA VAL A 81 9.75 -9.46 6.63
C VAL A 81 8.54 -10.31 7.03
N ALA A 82 7.45 -10.24 6.24
CA ALA A 82 6.20 -10.91 6.60
C ALA A 82 5.32 -11.17 5.37
N THR A 83 4.28 -11.98 5.58
CA THR A 83 3.19 -12.21 4.63
C THR A 83 1.89 -12.23 5.44
N LEU A 84 0.92 -11.44 4.99
CA LEU A 84 -0.36 -11.25 5.67
C LEU A 84 -1.38 -12.21 5.02
N SER A 85 -1.65 -13.33 5.70
CA SER A 85 -2.44 -14.44 5.18
C SER A 85 -3.93 -14.25 5.54
N PHE A 86 -4.80 -14.25 4.52
CA PHE A 86 -6.25 -14.01 4.68
C PHE A 86 -7.03 -14.67 3.53
N ASP A 87 -8.33 -14.38 3.44
CA ASP A 87 -9.18 -14.81 2.33
C ASP A 87 -10.08 -13.63 1.88
N LEU A 88 -10.35 -13.57 0.57
CA LEU A 88 -11.12 -12.50 -0.08
C LEU A 88 -11.76 -13.06 -1.36
N ASP A 89 -13.04 -12.70 -1.63
CA ASP A 89 -13.74 -13.01 -2.91
C ASP A 89 -14.01 -14.54 -3.08
N GLY A 90 -14.04 -15.26 -1.95
CA GLY A 90 -14.25 -16.72 -1.95
C GLY A 90 -13.00 -17.54 -2.26
N GLU A 91 -11.83 -16.89 -2.26
CA GLU A 91 -10.53 -17.55 -2.48
C GLU A 91 -9.53 -17.17 -1.38
N SER A 92 -8.44 -17.96 -1.26
CA SER A 92 -7.33 -17.68 -0.34
C SER A 92 -6.41 -16.63 -0.95
N ARG A 93 -6.16 -15.52 -0.21
CA ARG A 93 -5.33 -14.40 -0.67
C ARG A 93 -4.26 -14.06 0.36
N ASP A 94 -3.08 -13.67 -0.14
CA ASP A 94 -1.94 -13.28 0.71
C ASP A 94 -1.26 -12.03 0.11
N LEU A 95 -0.86 -11.12 1.01
CA LEU A 95 -0.10 -9.91 0.65
C LEU A 95 1.22 -9.87 1.41
N HIS A 96 2.34 -9.74 0.69
CA HIS A 96 3.66 -9.82 1.30
C HIS A 96 4.08 -8.43 1.78
N ALA A 97 4.47 -8.35 3.04
CA ALA A 97 4.87 -7.10 3.69
C ALA A 97 6.40 -7.04 3.70
N PHE A 98 6.94 -5.93 3.20
CA PHE A 98 8.38 -5.72 3.09
C PHE A 98 8.76 -4.44 3.81
N ARG A 99 10.04 -4.37 4.23
CA ARG A 99 10.62 -3.22 4.94
C ARG A 99 12.06 -3.07 4.45
N GLN A 100 12.43 -1.82 4.07
CA GLN A 100 13.65 -1.49 3.27
C GLN A 100 14.90 -2.32 3.65
N ALA A 101 15.55 -1.98 4.77
CA ALA A 101 16.67 -2.77 5.31
C ALA A 101 16.33 -3.29 6.70
N ALA A 102 16.39 -2.41 7.70
CA ALA A 102 16.23 -2.75 9.11
C ALA A 102 15.19 -1.82 9.77
N ASP A 103 14.11 -1.50 9.02
CA ASP A 103 13.04 -0.57 9.45
C ASP A 103 12.44 -1.03 10.79
N GLU A 104 12.40 -0.13 11.78
CA GLU A 104 11.75 -0.37 13.09
C GLU A 104 10.50 0.52 13.24
N SER A 105 10.20 1.33 12.19
CA SER A 105 9.01 2.22 12.12
C SER A 105 7.72 1.42 11.84
N ARG A 106 7.85 0.08 11.64
CA ARG A 106 6.73 -0.86 11.48
C ARG A 106 5.96 -0.61 10.18
N THR A 107 6.64 0.04 9.22
CA THR A 107 6.05 0.41 7.95
C THR A 107 5.97 -0.84 7.04
N LEU A 108 4.81 -1.50 7.07
CA LEU A 108 4.52 -2.71 6.30
C LEU A 108 4.09 -2.30 4.88
N PHE A 109 4.95 -2.60 3.93
CA PHE A 109 4.77 -2.23 2.54
C PHE A 109 4.23 -3.45 1.81
N VAL A 110 2.91 -3.46 1.51
CA VAL A 110 2.26 -4.60 0.81
C VAL A 110 1.82 -4.18 -0.61
N PRO A 111 2.70 -4.38 -1.64
CA PRO A 111 2.31 -4.22 -3.04
C PRO A 111 1.30 -5.33 -3.39
N PHE A 112 0.17 -4.95 -3.98
CA PHE A 112 -0.78 -5.90 -4.55
C PHE A 112 -1.05 -5.53 -5.99
N ARG A 113 -1.72 -6.42 -6.69
CA ARG A 113 -2.15 -6.21 -8.07
C ARG A 113 -3.48 -6.93 -8.27
N ASP A 114 -4.55 -6.18 -8.54
CA ASP A 114 -5.91 -6.74 -8.61
C ASP A 114 -6.42 -6.59 -10.06
N LYS A 115 -7.74 -6.78 -10.28
CA LYS A 115 -8.30 -6.76 -11.65
C LYS A 115 -8.54 -5.33 -12.17
N THR A 116 -8.67 -4.33 -11.27
CA THR A 116 -8.82 -2.91 -11.66
C THR A 116 -7.48 -2.37 -12.20
N THR A 117 -6.37 -2.94 -11.68
CA THR A 117 -4.99 -2.60 -12.08
C THR A 117 -4.82 -2.81 -13.60
N GLY A 118 -4.60 -1.71 -14.33
CA GLY A 118 -4.54 -1.71 -15.80
C GLY A 118 -5.82 -1.20 -16.45
N GLN A 119 -6.98 -1.60 -15.90
CA GLN A 119 -8.31 -1.21 -16.43
C GLN A 119 -8.68 0.21 -15.96
N GLN A 120 -9.27 0.31 -14.74
CA GLN A 120 -9.72 1.60 -14.15
C GLN A 120 -8.75 2.06 -13.04
N SER A 121 -7.58 1.40 -12.98
CA SER A 121 -6.43 1.83 -12.17
C SER A 121 -5.18 1.73 -13.05
N TYR A 122 -4.08 2.35 -12.61
CA TYR A 122 -2.77 2.25 -13.29
C TYR A 122 -2.26 0.79 -13.26
N ASP A 123 -1.55 0.39 -14.33
CA ASP A 123 -0.99 -0.98 -14.49
C ASP A 123 0.22 -1.22 -13.56
N GLY A 124 0.91 -2.36 -13.77
CA GLY A 124 1.98 -2.78 -12.87
C GLY A 124 1.44 -3.31 -11.56
N GLY A 125 1.19 -2.40 -10.63
CA GLY A 125 0.54 -2.72 -9.36
C GLY A 125 0.17 -1.47 -8.59
N ARG A 126 -0.49 -1.66 -7.46
CA ARG A 126 -0.84 -0.61 -6.48
C ARG A 126 -0.32 -1.07 -5.13
N TYR A 127 0.40 -0.22 -4.39
CA TYR A 127 0.94 -0.62 -3.08
C TYR A 127 0.08 -0.06 -1.97
N MET A 128 -0.33 -0.93 -1.07
CA MET A 128 -1.08 -0.60 0.13
C MET A 128 -0.08 -0.58 1.30
N GLU A 129 -0.27 0.31 2.29
CA GLU A 129 0.70 0.50 3.38
C GLU A 129 -0.01 0.53 4.76
N LEU A 130 0.50 -0.31 5.69
CA LEU A 130 0.00 -0.40 7.08
C LEU A 130 1.16 -0.02 8.01
N GLU A 131 0.82 0.55 9.17
CA GLU A 131 1.80 0.82 10.26
C GLU A 131 1.14 0.46 11.61
N PRO A 132 1.43 -0.75 12.18
CA PRO A 132 0.89 -1.19 13.49
C PRO A 132 1.42 -0.35 14.68
N ASP A 133 0.63 -0.35 15.77
CA ASP A 133 0.94 0.37 17.03
C ASP A 133 1.89 -0.47 17.91
N ARG A 134 2.17 -1.69 17.43
CA ARG A 134 3.04 -2.66 18.08
C ARG A 134 3.86 -3.39 17.01
N ASP A 135 4.92 -4.11 17.41
CA ASP A 135 5.69 -4.93 16.47
C ASP A 135 4.97 -6.28 16.28
N LEU A 136 4.84 -6.73 15.02
CA LEU A 136 4.05 -7.91 14.66
C LEU A 136 4.96 -9.13 14.48
N SER A 137 4.53 -10.26 15.06
CA SER A 137 5.21 -11.56 14.96
C SER A 137 4.30 -12.55 14.22
N ASP A 138 4.85 -13.72 13.85
CA ASP A 138 4.06 -14.80 13.24
C ASP A 138 3.03 -15.33 14.25
N GLY A 139 1.74 -15.16 13.93
CA GLY A 139 0.63 -15.59 14.80
C GLY A 139 -0.19 -14.41 15.29
N ASP A 140 0.41 -13.22 15.26
CA ASP A 140 -0.27 -11.94 15.57
C ASP A 140 -1.22 -11.60 14.41
N GLU A 141 -2.23 -10.74 14.64
CA GLU A 141 -3.21 -10.34 13.60
C GLU A 141 -2.98 -8.90 13.13
N ILE A 142 -3.54 -8.58 11.96
CA ILE A 142 -3.37 -7.27 11.29
C ILE A 142 -4.63 -6.97 10.42
N THR A 143 -5.02 -5.68 10.40
CA THR A 143 -6.22 -5.20 9.70
C THR A 143 -5.84 -4.71 8.28
N LEU A 144 -6.54 -5.25 7.24
CA LEU A 144 -6.20 -5.05 5.81
C LEU A 144 -7.39 -4.35 5.10
N ASP A 145 -7.37 -3.02 5.03
CA ASP A 145 -8.31 -2.27 4.17
C ASP A 145 -7.54 -1.75 2.95
N PHE A 146 -7.79 -2.43 1.81
CA PHE A 146 -7.09 -2.22 0.50
C PHE A 146 -7.29 -0.80 -0.10
N ASN A 147 -8.07 0.01 0.59
CA ASN A 147 -8.35 1.40 0.23
C ASN A 147 -7.16 2.33 0.53
N LEU A 148 -6.16 1.84 1.27
CA LEU A 148 -4.94 2.62 1.59
C LEU A 148 -3.89 2.49 0.47
N ALA A 149 -4.33 2.08 -0.74
CA ALA A 149 -3.46 1.83 -1.87
C ALA A 149 -3.06 3.13 -2.57
N TYR A 150 -1.77 3.47 -2.47
CA TYR A 150 -1.19 4.64 -3.12
C TYR A 150 -0.72 4.23 -4.52
N SER A 151 -0.79 5.17 -5.47
CA SER A 151 -0.32 4.96 -6.84
C SER A 151 1.22 5.07 -6.91
N PRO A 152 1.90 4.19 -7.72
CA PRO A 152 3.38 4.16 -7.82
C PRO A 152 3.94 5.38 -8.57
N PHE A 153 5.10 5.88 -8.11
CA PHE A 153 5.68 7.16 -8.53
C PHE A 153 6.12 7.13 -10.02
N CYS A 154 6.45 5.91 -10.51
CA CYS A 154 6.89 5.66 -11.89
C CYS A 154 5.90 6.22 -12.94
N ALA A 155 4.58 6.06 -12.65
CA ALA A 155 3.49 6.50 -13.53
C ALA A 155 3.51 8.01 -13.77
N TYR A 156 3.95 8.73 -12.75
CA TYR A 156 3.83 10.18 -12.66
C TYR A 156 5.19 10.86 -12.92
N SER A 157 6.29 10.13 -12.72
CA SER A 157 7.66 10.61 -12.99
C SER A 157 8.49 9.49 -13.64
N ASP A 158 9.01 9.78 -14.84
CA ASP A 158 9.76 8.81 -15.69
C ASP A 158 11.10 8.39 -15.06
N THR A 159 11.63 9.23 -14.15
CA THR A 159 12.93 9.01 -13.47
C THR A 159 12.82 7.94 -12.34
N PHE A 160 11.61 7.36 -12.14
CA PHE A 160 11.38 6.27 -11.17
C PHE A 160 11.08 4.99 -11.99
N SER A 161 11.19 3.82 -11.36
CA SER A 161 10.87 2.52 -11.99
C SER A 161 9.86 1.76 -11.11
N CYS A 162 8.81 1.16 -11.72
CA CYS A 162 7.68 0.55 -10.97
C CYS A 162 8.12 -0.71 -10.21
N PRO A 163 7.50 -1.00 -9.02
CA PRO A 163 7.80 -2.25 -8.28
C PRO A 163 7.15 -3.46 -8.98
N LEU A 164 7.97 -4.44 -9.37
CA LEU A 164 7.50 -5.71 -9.94
C LEU A 164 6.75 -6.49 -8.83
N PRO A 165 5.39 -6.66 -8.94
CA PRO A 165 4.61 -7.39 -7.93
C PRO A 165 4.67 -8.92 -8.20
N PRO A 166 5.09 -9.75 -7.18
CA PRO A 166 5.07 -11.23 -7.28
C PRO A 166 3.64 -11.77 -7.54
N GLU A 167 3.57 -12.95 -8.20
CA GLU A 167 2.30 -13.60 -8.61
C GLU A 167 1.38 -13.93 -7.41
N SER A 168 1.99 -14.02 -6.24
CA SER A 168 1.33 -14.34 -4.98
C SER A 168 0.39 -13.21 -4.50
N ASN A 169 0.75 -11.94 -4.78
CA ASN A 169 -0.04 -10.76 -4.33
C ASN A 169 -1.07 -10.37 -5.40
N TRP A 170 -1.12 -11.15 -6.50
CA TRP A 170 -2.06 -10.90 -7.60
C TRP A 170 -3.45 -11.39 -7.17
N LEU A 171 -4.30 -10.45 -6.75
CA LEU A 171 -5.66 -10.72 -6.31
C LEU A 171 -6.53 -10.89 -7.56
N GLU A 172 -7.13 -12.07 -7.78
CA GLU A 172 -8.00 -12.32 -8.95
C GLU A 172 -9.44 -11.85 -8.64
N THR A 173 -9.53 -10.58 -8.23
CA THR A 173 -10.76 -9.92 -7.80
C THR A 173 -10.64 -8.41 -8.04
N ALA A 174 -11.76 -7.76 -8.39
CA ALA A 174 -11.81 -6.32 -8.63
C ALA A 174 -12.07 -5.59 -7.30
N VAL A 175 -11.14 -4.70 -6.92
CA VAL A 175 -11.24 -3.87 -5.71
C VAL A 175 -11.81 -2.52 -6.13
N THR A 176 -13.15 -2.40 -6.11
CA THR A 176 -13.85 -1.17 -6.46
C THR A 176 -13.84 -0.20 -5.27
N ALA A 177 -12.83 0.68 -5.24
CA ALA A 177 -12.61 1.63 -4.15
C ALA A 177 -11.95 2.91 -4.68
N GLY A 178 -12.35 4.07 -4.09
CA GLY A 178 -11.76 5.38 -4.39
C GLY A 178 -11.74 5.78 -5.86
N GLU A 179 -10.70 6.56 -6.22
CA GLU A 179 -10.60 7.19 -7.54
C GLU A 179 -9.99 6.27 -8.61
N ARG A 180 -10.38 6.54 -9.86
CA ARG A 180 -9.92 5.83 -11.06
C ARG A 180 -8.55 6.35 -11.54
N THR A 181 -8.02 5.69 -12.60
CA THR A 181 -6.79 6.12 -13.29
C THR A 181 -7.02 7.45 -14.02
N ASP A 182 -5.90 8.15 -14.35
CA ASP A 182 -5.91 9.45 -15.05
C ASP A 182 -6.78 10.47 -14.27
N LEU A 183 -6.43 10.62 -12.98
CA LEU A 183 -7.20 11.42 -11.98
C LEU A 183 -7.62 12.81 -12.49
N GLU A 184 -6.75 13.45 -13.31
CA GLU A 184 -7.01 14.80 -13.84
C GLU A 184 -7.91 14.70 -15.07
N HIS A 185 -9.22 14.57 -14.80
CA HIS A 185 -10.33 14.63 -15.77
C HIS A 185 -11.62 14.20 -15.04
#